data_2XFC
#
_entry.id   2XFC
#
_cell.length_a   1.000
_cell.length_b   1.000
_cell.length_c   1.000
_cell.angle_alpha   90.00
_cell.angle_beta   90.00
_cell.angle_gamma   90.00
#
_symmetry.space_group_name_H-M   'P 1'
#
loop_
_entity.id
_entity.type
_entity.pdbx_description
1 polymer 'E1 ENVELOPE GLYCOPROTEIN'
2 polymer 'E2 ENVELOPE GLYCOPROTEIN'
#
loop_
_entity_poly.entity_id
_entity_poly.type
_entity_poly.pdbx_seq_one_letter_code
_entity_poly.pdbx_strand_id
1 'polypeptide(L)'
;YEHVTVIPNTVGVPYKTLVNRPGYSPMVLEMELLSVTLEPTLSLDYITCEYKTVIPSPYVKCCGTAECKDKNLPDYSCKV
FTGVYPFMWGGAYCFCDAENTQLSEAHVEKSESCKTEFASAYRAHTASASAKLRVLYQGNNITVTAYANGDHAVTVKDAK
FIVGPMSSAWTPFDNKIVVYKGDVYNMDYPPFGAGRPGQFGDIQSRTPESKDVYANTQLVLQRPAAGTVHVPYSQAPSGF
KYWLKERGASLQHTAPFGCQIATNPVRAVNCAVGNMPISIDIPEAAFTRVVDAPSLTDMSCEVPACTHSSDFGGVAIIKY
AASKKGKCAVHSMTNAVTIREAEIEVEGNSQLQISFSTALASAEFRVQVCSTQVHCAAECHPPKDHIVNYPASHTTLGVQ
DISATAMSWVQKITGGVGLVVAVAALILIVVLCVSFSRH
;
A,D,F,H
2 'polypeptide(L)'
;STKDNFNVYKATRPYLAHCPDCGEGHSCHSPVALERIRNEATDGTLKIQVSLQIGIKTDDSHDWTKLRYMDNHMPADAER
AGLFVRTSAPCTITGTMGHFILARCPKGETLTVGFTDSRKISHSCTHPFHHDPPVIGREKFHSRPQHGKELPCSTYVQST
AATTEEIEVHMPPDTPDRTLMSQQSGNVKITVNGQTVRYKCNCGGSNEGLTTTDKVINNCKVDQCHAAVTNHKKWQYNSP
LVPRNAELGDRKGKIHIPFPLANVTCRVPKARNPTVTYGKNQVIMLLYPDHPTLLSYRNMGEEPNYQEEWVMHKKEVVLT
VPTEGLEVTWGNNEPYKYWPQLSTNGTAHGHPHEIILYYYELYPTMTVVVVSVATFILLSMVGMAAGMCMCARRRCITPY
ELTPGATVPFLLSLICCIRTAKA
;
B,E,G,I
#
# COMPACT_ATOMS: atom_id res chain seq x y z
N TYR A 1 29.77 -24.41 -12.67
CA TYR A 1 30.89 -23.75 -13.31
C TYR A 1 30.45 -22.98 -14.54
N GLU A 2 30.79 -21.67 -14.58
CA GLU A 2 30.42 -20.80 -15.69
C GLU A 2 31.51 -20.78 -16.77
N HIS A 3 31.14 -21.21 -17.99
CA HIS A 3 32.03 -21.22 -19.15
C HIS A 3 31.62 -20.05 -20.06
N VAL A 4 32.56 -19.12 -20.28
CA VAL A 4 32.35 -17.93 -21.11
C VAL A 4 33.20 -18.05 -22.38
N THR A 5 32.56 -17.94 -23.56
CA THR A 5 33.20 -18.01 -24.86
C THR A 5 32.54 -17.04 -25.86
N VAL A 6 33.22 -16.78 -26.98
CA VAL A 6 32.73 -15.87 -28.04
C VAL A 6 32.86 -16.56 -29.40
N ILE A 7 31.73 -16.65 -30.13
CA ILE A 7 31.70 -17.24 -31.47
C ILE A 7 31.28 -16.18 -32.50
N PRO A 8 31.77 -16.23 -33.77
CA PRO A 8 31.31 -15.23 -34.75
C PRO A 8 29.83 -15.42 -35.08
N ASN A 9 29.12 -14.33 -35.39
CA ASN A 9 27.69 -14.36 -35.72
C ASN A 9 27.49 -14.92 -37.14
N THR A 10 27.70 -16.24 -37.29
CA THR A 10 27.58 -16.96 -38.57
C THR A 10 26.79 -18.25 -38.33
N VAL A 11 25.67 -18.38 -39.03
CA VAL A 11 24.74 -19.51 -38.95
C VAL A 11 25.23 -20.69 -39.81
N GLY A 12 25.03 -21.91 -39.31
CA GLY A 12 25.38 -23.15 -40.00
C GLY A 12 26.84 -23.57 -39.88
N VAL A 13 27.57 -22.99 -38.92
CA VAL A 13 28.98 -23.30 -38.68
C VAL A 13 29.14 -23.87 -37.26
N PRO A 14 29.44 -25.17 -37.11
CA PRO A 14 29.62 -25.73 -35.75
C PRO A 14 30.97 -25.33 -35.15
N TYR A 15 30.95 -24.79 -33.92
CA TYR A 15 32.14 -24.35 -33.19
C TYR A 15 32.40 -25.22 -31.97
N LYS A 16 33.66 -25.60 -31.76
CA LYS A 16 34.07 -26.45 -30.64
C LYS A 16 34.67 -25.59 -29.53
N THR A 17 34.17 -25.79 -28.30
CA THR A 17 34.65 -25.06 -27.13
C THR A 17 35.10 -26.03 -26.02
N LEU A 18 36.33 -25.81 -25.51
CA LEU A 18 36.90 -26.64 -24.46
C LEU A 18 36.60 -26.06 -23.08
N VAL A 19 35.84 -26.83 -22.27
CA VAL A 19 35.47 -26.47 -20.92
C VAL A 19 36.46 -27.15 -19.98
N ASN A 20 37.31 -26.35 -19.33
CA ASN A 20 38.30 -26.86 -18.39
C ASN A 20 38.05 -26.35 -16.98
N ARG A 21 37.36 -27.17 -16.18
CA ARG A 21 37.06 -26.88 -14.77
C ARG A 21 38.23 -27.48 -13.98
N PRO A 22 38.96 -26.67 -13.16
CA PRO A 22 40.11 -27.22 -12.41
C PRO A 22 39.77 -28.40 -11.52
N GLY A 23 40.53 -29.49 -11.66
CA GLY A 23 40.34 -30.73 -10.93
C GLY A 23 39.30 -31.65 -11.52
N TYR A 24 38.80 -31.31 -12.73
CA TYR A 24 37.77 -32.08 -13.44
C TYR A 24 38.20 -32.31 -14.89
N SER A 25 37.84 -33.49 -15.44
CA SER A 25 38.17 -33.89 -16.81
C SER A 25 37.64 -32.87 -17.85
N PRO A 26 38.44 -32.52 -18.89
CA PRO A 26 37.97 -31.54 -19.89
C PRO A 26 36.69 -31.95 -20.58
N MET A 27 35.85 -30.96 -20.92
CA MET A 27 34.55 -31.14 -21.57
C MET A 27 34.52 -30.39 -22.90
N VAL A 28 34.16 -31.08 -23.99
CA VAL A 28 34.07 -30.45 -25.31
C VAL A 28 32.61 -30.26 -25.69
N LEU A 29 32.22 -29.00 -25.92
CA LEU A 29 30.86 -28.65 -26.33
C LEU A 29 30.86 -28.11 -27.75
N GLU A 30 29.99 -28.66 -28.60
CA GLU A 30 29.82 -28.21 -29.98
C GLU A 30 28.62 -27.25 -29.99
N MET A 31 28.83 -26.03 -30.48
CA MET A 31 27.79 -25.00 -30.55
C MET A 31 27.60 -24.54 -31.99
N GLU A 32 26.34 -24.49 -32.44
CA GLU A 32 25.98 -24.07 -33.78
C GLU A 32 24.76 -23.16 -33.76
N LEU A 33 24.88 -21.98 -34.33
CA LEU A 33 23.78 -21.02 -34.38
C LEU A 33 22.95 -21.19 -35.65
N LEU A 34 21.65 -21.37 -35.48
CA LEU A 34 20.75 -21.53 -36.62
C LEU A 34 20.87 -20.37 -37.60
N SER A 35 20.00 -19.38 -37.44
CA SER A 35 20.00 -18.20 -38.31
C SER A 35 19.79 -16.93 -37.51
N VAL A 36 20.33 -15.82 -38.02
CA VAL A 36 20.20 -14.53 -37.35
C VAL A 36 19.18 -13.65 -38.06
N THR A 37 18.28 -13.05 -37.28
CA THR A 37 17.24 -12.19 -37.83
C THR A 37 17.31 -10.79 -37.22
N LEU A 38 17.33 -9.77 -38.07
CA LEU A 38 17.38 -8.38 -37.61
C LEU A 38 16.06 -7.73 -38.02
N GLU A 39 15.10 -7.70 -37.09
CA GLU A 39 13.77 -7.14 -37.33
C GLU A 39 13.66 -5.72 -36.74
N PRO A 40 13.66 -4.66 -37.60
CA PRO A 40 13.54 -3.29 -37.07
C PRO A 40 12.10 -2.94 -36.67
N THR A 41 11.95 -2.00 -35.72
CA THR A 41 10.64 -1.53 -35.28
C THR A 41 10.13 -0.54 -36.32
N LEU A 42 8.95 -0.80 -36.88
CA LEU A 42 8.36 0.04 -37.93
C LEU A 42 7.25 0.97 -37.46
N SER A 43 7.22 2.18 -38.03
CA SER A 43 6.20 3.19 -37.78
C SER A 43 5.75 3.71 -39.14
N LEU A 44 4.52 3.33 -39.56
CA LEU A 44 3.96 3.71 -40.85
C LEU A 44 3.63 5.20 -40.92
N ASP A 45 4.30 5.90 -41.85
CA ASP A 45 4.09 7.32 -42.11
C ASP A 45 2.91 7.49 -43.07
N TYR A 46 2.96 6.77 -44.22
CA TYR A 46 1.92 6.77 -45.25
C TYR A 46 2.03 5.61 -46.24
N ILE A 47 0.99 5.47 -47.07
CA ILE A 47 0.84 4.50 -48.15
C ILE A 47 0.79 5.32 -49.44
N THR A 48 1.40 4.80 -50.51
CA THR A 48 1.34 5.41 -51.84
C THR A 48 0.96 4.37 -52.88
N CYS A 49 0.27 4.80 -53.93
CA CYS A 49 -0.25 3.94 -54.99
C CYS A 49 -0.56 4.80 -56.23
N GLU A 50 -1.15 4.20 -57.27
CA GLU A 50 -1.53 4.91 -58.48
C GLU A 50 -2.75 5.79 -58.17
N TYR A 51 -2.75 7.03 -58.65
CA TYR A 51 -3.86 7.95 -58.39
C TYR A 51 -5.00 7.74 -59.40
N LYS A 52 -6.18 8.30 -59.10
CA LYS A 52 -7.35 8.28 -59.97
C LYS A 52 -7.85 9.71 -60.13
N THR A 53 -8.28 10.10 -61.72
CA THR A 53 -8.63 11.48 -62.06
C THR A 53 -10.15 11.54 -62.15
N VAL A 54 -10.80 12.03 -61.08
CA VAL A 54 -12.26 12.14 -61.04
C VAL A 54 -12.71 13.36 -61.82
N ILE A 55 -13.36 13.09 -62.96
CA ILE A 55 -13.85 14.13 -63.85
C ILE A 55 -15.38 14.00 -63.99
N PRO A 56 -16.16 14.90 -63.35
CA PRO A 56 -17.62 14.82 -63.52
C PRO A 56 -18.05 15.41 -64.86
N SER A 57 -19.35 15.39 -65.15
CA SER A 57 -19.93 15.97 -66.37
C SER A 57 -19.61 17.48 -66.37
N PRO A 58 -19.08 18.05 -67.48
CA PRO A 58 -18.76 19.49 -67.47
C PRO A 58 -20.00 20.38 -67.40
N TYR A 59 -19.90 21.48 -66.64
CA TYR A 59 -21.01 22.41 -66.51
C TYR A 59 -21.02 23.39 -67.69
N VAL A 60 -21.84 23.07 -68.71
CA VAL A 60 -22.00 23.90 -69.89
C VAL A 60 -23.13 24.89 -69.58
N LYS A 61 -22.77 26.13 -69.23
CA LYS A 61 -23.73 27.18 -68.93
C LYS A 61 -24.12 27.90 -70.21
N CYS A 62 -25.29 27.54 -70.76
CA CYS A 62 -25.83 28.14 -71.98
C CYS A 62 -26.33 29.54 -71.68
N CYS A 63 -25.91 30.51 -72.52
CA CYS A 63 -26.26 31.94 -72.43
C CYS A 63 -25.76 32.66 -71.16
N GLY A 64 -24.81 32.05 -70.45
CA GLY A 64 -24.25 32.61 -69.24
C GLY A 64 -22.79 32.28 -68.99
N THR A 65 -22.21 32.91 -67.96
CA THR A 65 -20.81 32.70 -67.57
C THR A 65 -20.73 31.92 -66.26
N ALA A 66 -20.10 30.74 -66.30
CA ALA A 66 -19.91 29.88 -65.13
C ALA A 66 -18.78 30.44 -64.25
N GLU A 67 -18.81 30.13 -62.95
CA GLU A 67 -17.81 30.62 -61.99
C GLU A 67 -17.11 29.49 -61.25
N CYS A 68 -15.76 29.49 -61.27
CA CYS A 68 -14.93 28.49 -60.59
C CYS A 68 -14.76 28.86 -59.12
N LYS A 69 -15.07 27.90 -58.23
CA LYS A 69 -14.91 28.07 -56.79
C LYS A 69 -13.76 27.20 -56.27
N ASP A 70 -12.95 27.74 -55.34
CA ASP A 70 -11.79 27.03 -54.78
C ASP A 70 -12.24 25.89 -53.85
N LYS A 71 -12.11 24.65 -54.35
CA LYS A 71 -12.48 23.44 -53.62
C LYS A 71 -11.27 22.77 -52.99
N ASN A 72 -11.36 22.42 -51.70
CA ASN A 72 -10.28 21.76 -50.97
C ASN A 72 -10.26 20.26 -51.29
N LEU A 73 -9.73 19.93 -52.48
CA LEU A 73 -9.61 18.57 -53.00
C LEU A 73 -8.18 18.35 -53.55
N PRO A 74 -7.63 17.12 -53.53
CA PRO A 74 -6.26 16.91 -54.04
C PRO A 74 -6.16 17.13 -55.55
N ASP A 75 -5.19 17.97 -55.98
CA ASP A 75 -4.96 18.38 -57.37
C ASP A 75 -6.21 18.97 -58.03
N TYR A 76 -7.00 19.75 -57.25
CA TYR A 76 -8.22 20.38 -57.76
C TYR A 76 -7.92 21.38 -58.86
N SER A 77 -8.56 21.18 -60.01
CA SER A 77 -8.39 22.01 -61.20
C SER A 77 -9.75 22.46 -61.71
N CYS A 78 -9.89 23.76 -61.97
CA CYS A 78 -11.11 24.38 -62.48
C CYS A 78 -10.76 25.44 -63.51
N LYS A 79 -11.48 25.41 -64.64
CA LYS A 79 -11.28 26.36 -65.74
C LYS A 79 -12.59 26.62 -66.48
N VAL A 80 -12.92 27.91 -66.70
CA VAL A 80 -14.11 28.32 -67.42
C VAL A 80 -13.68 28.79 -68.82
N PHE A 81 -14.17 28.10 -69.87
CA PHE A 81 -13.85 28.40 -71.26
C PHE A 81 -14.98 29.19 -71.93
N THR A 82 -14.64 30.35 -72.53
CA THR A 82 -15.59 31.24 -73.21
C THR A 82 -15.65 30.99 -74.71
N GLY A 83 -16.77 31.37 -75.34
CA GLY A 83 -17.00 31.22 -76.77
C GLY A 83 -17.19 29.79 -77.21
N VAL A 84 -17.85 28.99 -76.37
CA VAL A 84 -18.11 27.56 -76.59
C VAL A 84 -19.51 27.41 -77.23
N TYR A 85 -19.61 26.56 -78.27
CA TYR A 85 -20.87 26.27 -78.96
C TYR A 85 -20.93 24.74 -79.17
N PRO A 86 -21.31 23.97 -78.12
CA PRO A 86 -21.31 22.51 -78.26
C PRO A 86 -22.53 21.90 -78.92
N PHE A 87 -22.31 20.75 -79.59
CA PHE A 87 -23.35 20.01 -80.29
C PHE A 87 -23.56 18.62 -79.69
N MET A 88 -24.80 18.15 -79.75
CA MET A 88 -25.21 16.80 -79.37
C MET A 88 -25.73 16.15 -80.66
N TRP A 89 -26.26 14.90 -80.61
CA TRP A 89 -26.75 14.20 -81.80
C TRP A 89 -27.84 14.94 -82.59
N GLY A 90 -28.75 15.61 -81.87
CA GLY A 90 -29.87 16.34 -82.45
C GLY A 90 -29.69 17.85 -82.55
N GLY A 91 -28.47 18.29 -82.80
CA GLY A 91 -28.13 19.69 -82.94
C GLY A 91 -27.41 20.31 -81.76
N ALA A 92 -27.36 21.66 -81.72
CA ALA A 92 -26.71 22.45 -80.69
C ALA A 92 -27.39 22.31 -79.32
N TYR A 93 -26.56 22.22 -78.26
CA TYR A 93 -27.01 22.10 -76.88
C TYR A 93 -27.47 23.45 -76.30
N CYS A 94 -26.87 24.56 -76.78
CA CYS A 94 -27.20 25.92 -76.31
C CYS A 94 -28.03 26.71 -77.32
N PHE A 95 -28.95 27.55 -76.81
CA PHE A 95 -29.81 28.42 -77.61
C PHE A 95 -29.02 29.59 -78.20
N CYS A 96 -28.07 30.13 -77.43
CA CYS A 96 -27.21 31.25 -77.83
C CYS A 96 -26.06 30.82 -78.73
N ASP A 97 -25.66 31.70 -79.66
CA ASP A 97 -24.54 31.46 -80.57
C ASP A 97 -23.24 31.78 -79.83
N ALA A 98 -23.19 32.95 -79.18
CA ALA A 98 -22.07 33.44 -78.36
C ALA A 98 -22.52 33.44 -76.89
N GLU A 99 -21.63 33.82 -75.95
CA GLU A 99 -21.90 33.92 -74.51
C GLU A 99 -22.22 32.60 -73.77
N ASN A 100 -21.78 31.45 -74.32
CA ASN A 100 -21.94 30.15 -73.67
C ASN A 100 -20.59 29.75 -73.12
N THR A 101 -20.56 29.30 -71.85
CA THR A 101 -19.32 28.89 -71.19
C THR A 101 -19.33 27.46 -70.72
N GLN A 102 -18.15 26.81 -70.72
CA GLN A 102 -18.00 25.45 -70.20
C GLN A 102 -17.08 25.46 -68.99
N LEU A 103 -17.58 24.97 -67.85
CA LEU A 103 -16.81 24.85 -66.62
C LEU A 103 -16.28 23.42 -66.55
N SER A 104 -14.95 23.27 -66.67
CA SER A 104 -14.28 21.97 -66.58
C SER A 104 -13.76 21.78 -65.16
N GLU A 105 -14.13 20.65 -64.54
CA GLU A 105 -13.78 20.30 -63.16
C GLU A 105 -13.02 18.97 -63.11
N ALA A 106 -12.01 18.88 -62.23
CA ALA A 106 -11.20 17.68 -62.04
C ALA A 106 -10.44 17.71 -60.71
N HIS A 107 -10.30 16.51 -60.09
CA HIS A 107 -9.55 16.29 -58.85
C HIS A 107 -8.98 14.88 -58.83
N VAL A 108 -7.92 14.67 -58.04
CA VAL A 108 -7.25 13.37 -57.92
C VAL A 108 -7.56 12.73 -56.57
N GLU A 109 -8.09 11.21 -56.16
CA GLU A 109 -8.31 10.28 -55.05
C GLU A 109 -7.58 8.96 -55.34
N LYS A 110 -7.59 8.03 -54.36
CA LYS A 110 -6.92 6.74 -54.52
C LYS A 110 -7.61 5.91 -55.60
N SER A 111 -6.88 5.21 -56.44
CA SER A 111 -7.40 4.34 -57.48
C SER A 111 -7.94 3.06 -56.83
N GLU A 112 -8.76 2.29 -57.57
CA GLU A 112 -9.35 1.02 -57.13
C GLU A 112 -8.24 0.00 -56.83
N SER A 113 -7.08 0.20 -57.47
CA SER A 113 -5.87 -0.62 -57.35
C SER A 113 -5.09 -0.45 -56.05
N CYS A 114 -5.33 0.65 -55.31
CA CYS A 114 -4.63 1.00 -54.06
C CYS A 114 -4.64 -0.05 -52.95
N LYS A 115 -5.64 -0.93 -52.92
CA LYS A 115 -5.76 -2.02 -51.94
C LYS A 115 -4.87 -3.21 -52.35
N THR A 116 -4.61 -3.35 -53.67
CA THR A 116 -3.82 -4.43 -54.27
C THR A 116 -2.38 -3.99 -54.58
N GLU A 117 -2.22 -2.88 -55.32
CA GLU A 117 -0.93 -2.34 -55.73
C GLU A 117 -0.58 -1.08 -54.94
N PHE A 118 0.32 -1.20 -53.96
CA PHE A 118 0.73 -0.08 -53.10
C PHE A 118 2.13 -0.25 -52.51
N ALA A 119 2.75 0.88 -52.14
CA ALA A 119 4.05 0.97 -51.48
C ALA A 119 3.84 1.62 -50.12
N SER A 120 4.53 1.11 -49.09
CA SER A 120 4.41 1.64 -47.73
C SER A 120 5.67 2.36 -47.27
N ALA A 121 5.51 3.59 -46.75
CA ALA A 121 6.62 4.40 -46.25
C ALA A 121 6.71 4.23 -44.72
N TYR A 122 7.80 3.57 -44.26
CA TYR A 122 8.03 3.28 -42.85
C TYR A 122 9.23 4.00 -42.26
N ARG A 123 9.17 4.28 -40.95
CA ARG A 123 10.26 4.85 -40.16
C ARG A 123 10.87 3.69 -39.38
N ALA A 124 12.07 3.24 -39.79
CA ALA A 124 12.78 2.11 -39.17
C ALA A 124 13.73 2.60 -38.08
N HIS A 125 13.62 2.00 -36.88
CA HIS A 125 14.45 2.35 -35.71
C HIS A 125 14.66 1.18 -34.77
N THR A 126 15.88 1.09 -34.17
CA THR A 126 16.34 0.08 -33.21
C THR A 126 15.98 -1.37 -33.58
N ALA A 127 16.83 -2.02 -34.39
CA ALA A 127 16.63 -3.40 -34.84
C ALA A 127 16.85 -4.40 -33.71
N SER A 128 15.89 -5.34 -33.57
CA SER A 128 15.95 -6.40 -32.55
C SER A 128 16.58 -7.64 -33.18
N ALA A 129 17.75 -8.04 -32.66
CA ALA A 129 18.51 -9.19 -33.16
C ALA A 129 18.08 -10.49 -32.49
N SER A 130 17.80 -11.52 -33.29
CA SER A 130 17.40 -12.81 -32.75
C SER A 130 18.00 -13.96 -33.55
N ALA A 131 17.81 -15.19 -33.06
CA ALA A 131 18.34 -16.37 -33.72
C ALA A 131 18.13 -17.63 -32.89
N LYS A 132 18.47 -18.78 -33.45
CA LYS A 132 18.33 -20.06 -32.76
C LYS A 132 19.67 -20.55 -32.22
N LEU A 133 19.80 -21.87 -32.11
CA LEU A 133 21.04 -22.45 -31.61
C LEU A 133 20.96 -23.98 -31.51
N ARG A 134 22.09 -24.60 -31.20
CA ARG A 134 22.17 -26.06 -31.06
C ARG A 134 23.45 -26.36 -30.26
N VAL A 135 23.32 -27.07 -29.15
CA VAL A 135 24.45 -27.44 -28.28
C VAL A 135 24.53 -28.96 -28.14
N LEU A 136 25.71 -29.55 -28.48
CA LEU A 136 25.96 -30.98 -28.31
C LEU A 136 26.34 -31.11 -26.82
N TYR A 137 25.34 -31.41 -25.98
CA TYR A 137 25.47 -31.52 -24.53
C TYR A 137 25.15 -32.94 -24.06
N GLN A 138 26.16 -33.61 -23.48
CA GLN A 138 26.10 -34.99 -22.94
C GLN A 138 25.71 -36.03 -24.01
N GLY A 139 26.29 -35.89 -25.21
CA GLY A 139 26.06 -36.76 -26.35
C GLY A 139 24.73 -36.57 -27.05
N ASN A 140 23.96 -35.53 -26.65
CA ASN A 140 22.66 -35.20 -27.20
C ASN A 140 22.60 -33.74 -27.65
N ASN A 141 21.79 -33.47 -28.69
CA ASN A 141 21.62 -32.12 -29.21
C ASN A 141 20.49 -31.40 -28.49
N ILE A 142 20.82 -30.26 -27.85
CA ILE A 142 19.84 -29.43 -27.14
C ILE A 142 19.66 -28.09 -27.84
N THR A 143 18.41 -27.62 -27.93
CA THR A 143 18.09 -26.35 -28.58
C THR A 143 17.79 -25.28 -27.53
N VAL A 144 18.51 -24.14 -27.62
CA VAL A 144 18.35 -23.01 -26.71
C VAL A 144 17.90 -21.78 -27.51
N THR A 145 16.73 -21.23 -27.17
CA THR A 145 16.18 -20.04 -27.81
C THR A 145 16.18 -18.92 -26.77
N ALA A 146 17.04 -17.92 -26.97
CA ALA A 146 17.20 -16.79 -26.05
C ALA A 146 17.45 -15.46 -26.76
N TYR A 147 17.08 -14.36 -26.10
CA TYR A 147 17.32 -13.01 -26.60
C TYR A 147 18.81 -12.70 -26.43
N ALA A 148 19.48 -12.29 -27.53
CA ALA A 148 20.91 -11.99 -27.57
C ALA A 148 21.23 -10.60 -26.99
N ASN A 149 20.74 -10.34 -25.77
CA ASN A 149 20.91 -9.08 -25.03
C ASN A 149 21.84 -9.22 -23.82
N GLY A 150 22.15 -10.45 -23.44
CA GLY A 150 23.00 -10.76 -22.29
C GLY A 150 22.27 -10.65 -20.96
N ASP A 151 20.93 -10.55 -20.99
CA ASP A 151 20.07 -10.43 -19.81
C ASP A 151 18.79 -11.27 -19.95
N HIS A 152 18.95 -12.52 -20.45
CA HIS A 152 17.87 -13.48 -20.63
C HIS A 152 18.43 -14.88 -20.44
N ALA A 153 18.27 -15.42 -19.23
CA ALA A 153 18.77 -16.73 -18.85
C ALA A 153 17.77 -17.82 -19.22
N VAL A 154 18.20 -18.77 -20.05
CA VAL A 154 17.39 -19.92 -20.49
C VAL A 154 18.08 -21.19 -19.99
N THR A 155 17.36 -21.98 -19.18
CA THR A 155 17.89 -23.21 -18.59
C THR A 155 17.33 -24.46 -19.28
N VAL A 156 18.24 -25.26 -19.88
CA VAL A 156 17.94 -26.51 -20.57
C VAL A 156 18.88 -27.58 -19.97
N LYS A 157 18.28 -28.66 -19.41
CA LYS A 157 18.97 -29.79 -18.76
C LYS A 157 19.89 -29.31 -17.61
N ASP A 158 19.37 -28.35 -16.81
CA ASP A 158 20.03 -27.71 -15.66
C ASP A 158 21.20 -26.76 -16.00
N ALA A 159 21.53 -26.61 -17.30
CA ALA A 159 22.58 -25.71 -17.77
C ALA A 159 21.98 -24.35 -18.14
N LYS A 160 22.39 -23.28 -17.44
CA LYS A 160 21.90 -21.91 -17.65
C LYS A 160 22.65 -21.22 -18.79
N PHE A 161 21.90 -20.75 -19.79
CA PHE A 161 22.47 -20.09 -20.97
C PHE A 161 22.14 -18.60 -21.01
N ILE A 162 23.18 -17.77 -21.20
CA ILE A 162 23.08 -16.32 -21.34
C ILE A 162 23.75 -15.98 -22.68
N VAL A 163 22.94 -15.62 -23.67
CA VAL A 163 23.35 -15.30 -25.04
C VAL A 163 23.47 -13.79 -25.22
N GLY A 164 24.58 -13.35 -25.83
CA GLY A 164 24.86 -11.95 -26.12
C GLY A 164 25.54 -11.21 -24.96
N PRO A 165 25.56 -9.86 -24.99
CA PRO A 165 25.01 -8.94 -26.01
C PRO A 165 25.80 -8.92 -27.33
N MET A 166 25.08 -8.73 -28.45
CA MET A 166 25.62 -8.66 -29.81
C MET A 166 26.69 -7.58 -29.93
N SER A 167 27.83 -7.91 -30.57
CA SER A 167 28.93 -6.95 -30.76
C SER A 167 28.54 -5.83 -31.72
N SER A 168 27.67 -6.15 -32.68
CA SER A 168 27.14 -5.21 -33.67
C SER A 168 25.65 -4.99 -33.45
N ALA A 169 25.23 -3.71 -33.37
CA ALA A 169 23.83 -3.31 -33.20
C ALA A 169 23.21 -2.95 -34.57
N TRP A 170 23.88 -3.37 -35.66
CA TRP A 170 23.47 -3.14 -37.04
C TRP A 170 22.16 -3.84 -37.40
N THR A 171 21.30 -3.15 -38.15
CA THR A 171 20.03 -3.71 -38.57
C THR A 171 19.69 -3.25 -39.99
N PRO A 172 20.34 -3.85 -40.97
CA PRO A 172 20.13 -3.49 -42.38
C PRO A 172 18.84 -2.70 -42.57
N PHE A 173 18.96 -1.39 -42.79
CA PHE A 173 17.80 -0.53 -43.00
C PHE A 173 18.03 0.87 -42.43
N ASP A 174 18.11 1.85 -43.32
CA ASP A 174 18.32 3.24 -42.91
C ASP A 174 17.13 3.68 -42.03
N ASN A 175 17.08 4.96 -41.62
CA ASN A 175 16.00 5.50 -40.79
C ASN A 175 14.66 5.49 -41.52
N LYS A 176 14.68 5.75 -42.84
CA LYS A 176 13.50 5.77 -43.69
C LYS A 176 13.54 4.64 -44.72
N ILE A 177 12.50 3.78 -44.74
CA ILE A 177 12.40 2.65 -45.67
C ILE A 177 11.06 2.62 -46.42
N VAL A 178 11.06 2.00 -47.62
CA VAL A 178 9.90 1.84 -48.48
C VAL A 178 9.70 0.36 -48.82
N VAL A 179 8.49 -0.17 -48.58
CA VAL A 179 8.16 -1.59 -48.80
C VAL A 179 7.13 -1.77 -49.90
N TYR A 180 7.48 -2.60 -50.91
CA TYR A 180 6.59 -2.97 -52.02
C TYR A 180 6.59 -4.50 -52.14
N LYS A 181 5.46 -5.12 -51.73
CA LYS A 181 5.23 -6.57 -51.73
C LYS A 181 6.34 -7.32 -50.94
N GLY A 182 7.24 -7.99 -51.65
CA GLY A 182 8.34 -8.73 -51.05
C GLY A 182 9.68 -8.01 -51.12
N ASP A 183 9.68 -6.74 -51.57
CA ASP A 183 10.88 -5.92 -51.72
C ASP A 183 10.93 -4.72 -50.78
N VAL A 184 12.10 -4.50 -50.16
CA VAL A 184 12.35 -3.38 -49.25
C VAL A 184 13.42 -2.46 -49.88
N TYR A 185 13.21 -1.15 -49.78
CA TYR A 185 14.12 -0.15 -50.33
C TYR A 185 14.51 0.90 -49.30
N ASN A 186 15.80 1.28 -49.28
CA ASN A 186 16.29 2.35 -48.42
C ASN A 186 16.02 3.63 -49.20
N MET A 187 15.05 4.42 -48.75
CA MET A 187 14.67 5.65 -49.45
C MET A 187 14.28 6.77 -48.50
N ASP A 188 14.87 7.96 -48.72
CA ASP A 188 14.57 9.16 -47.95
C ASP A 188 13.32 9.76 -48.61
N TYR A 189 12.17 9.07 -48.42
CA TYR A 189 10.87 9.43 -48.99
C TYR A 189 10.40 10.82 -48.54
N PRO A 190 9.68 11.59 -49.39
CA PRO A 190 9.22 12.91 -48.94
C PRO A 190 8.19 12.79 -47.82
N PRO A 191 8.17 13.71 -46.83
CA PRO A 191 7.15 13.60 -45.75
C PRO A 191 5.72 13.80 -46.27
N PHE A 192 4.72 13.46 -45.45
CA PHE A 192 3.30 13.61 -45.83
C PHE A 192 3.00 15.09 -46.07
N GLY A 193 2.36 15.36 -47.21
CA GLY A 193 2.01 16.71 -47.63
C GLY A 193 3.14 17.46 -48.30
N ALA A 194 4.18 16.73 -48.76
CA ALA A 194 5.35 17.31 -49.41
C ALA A 194 5.76 16.56 -50.71
N GLY A 195 4.91 15.64 -51.15
CA GLY A 195 5.11 14.85 -52.35
C GLY A 195 5.03 15.67 -53.62
N ARG A 196 5.95 15.40 -54.58
CA ARG A 196 6.06 16.11 -55.85
C ARG A 196 5.31 15.42 -57.01
N PRO A 197 4.84 16.17 -58.04
CA PRO A 197 4.14 15.53 -59.18
C PRO A 197 5.04 14.63 -60.01
N GLY A 198 4.49 13.49 -60.45
CA GLY A 198 5.22 12.51 -61.26
C GLY A 198 6.29 11.74 -60.51
N GLN A 199 6.37 11.93 -59.19
CA GLN A 199 7.37 11.31 -58.33
C GLN A 199 6.70 10.52 -57.21
N PHE A 200 7.48 9.67 -56.50
CA PHE A 200 7.03 8.88 -55.36
C PHE A 200 6.44 9.82 -54.31
N GLY A 201 5.15 9.65 -54.04
CA GLY A 201 4.42 10.47 -53.07
C GLY A 201 3.55 11.54 -53.67
N ASP A 202 3.29 11.50 -55.00
CA ASP A 202 2.41 12.45 -55.70
C ASP A 202 1.00 12.38 -55.10
N ILE A 203 0.64 11.19 -54.58
CA ILE A 203 -0.57 10.88 -53.84
C ILE A 203 -0.13 10.16 -52.55
N GLN A 204 -0.55 10.70 -51.39
CA GLN A 204 -0.19 10.14 -50.09
C GLN A 204 -1.42 9.88 -49.24
N SER A 205 -1.55 8.64 -48.74
CA SER A 205 -2.63 8.20 -47.87
C SER A 205 -2.00 7.69 -46.58
N ARG A 206 -2.33 8.30 -45.42
CA ARG A 206 -1.79 7.93 -44.10
C ARG A 206 -1.93 6.44 -43.78
N THR A 207 -3.09 5.85 -44.11
CA THR A 207 -3.43 4.43 -43.92
C THR A 207 -4.12 3.92 -45.21
N PRO A 208 -4.14 2.59 -45.52
CA PRO A 208 -4.84 2.16 -46.74
C PRO A 208 -6.38 2.29 -46.69
N GLU A 209 -6.93 2.57 -45.50
CA GLU A 209 -8.37 2.74 -45.25
C GLU A 209 -8.78 4.22 -45.19
N SER A 210 -7.80 5.15 -45.11
CA SER A 210 -7.97 6.60 -45.03
C SER A 210 -8.90 7.19 -46.10
N LYS A 211 -9.75 8.15 -45.70
CA LYS A 211 -10.70 8.81 -46.59
C LYS A 211 -10.09 10.01 -47.30
N ASP A 212 -9.47 10.93 -46.53
CA ASP A 212 -8.82 12.12 -47.07
C ASP A 212 -7.37 11.82 -47.41
N VAL A 213 -7.00 12.01 -48.69
CA VAL A 213 -5.64 11.77 -49.19
C VAL A 213 -4.97 13.07 -49.64
N TYR A 214 -3.63 13.11 -49.63
CA TYR A 214 -2.89 14.27 -50.11
C TYR A 214 -2.62 14.06 -51.60
N ALA A 215 -2.75 15.11 -52.41
CA ALA A 215 -2.48 15.02 -53.85
C ALA A 215 -1.84 16.28 -54.42
N ASN A 216 -0.77 16.08 -55.20
CA ASN A 216 -0.02 17.10 -55.89
C ASN A 216 0.43 16.48 -57.21
N THR A 217 -0.48 16.47 -58.20
CA THR A 217 -0.27 15.85 -59.51
C THR A 217 -0.19 16.86 -60.67
N GLN A 218 0.47 16.96 -61.85
CA GLN A 218 0.54 17.99 -62.89
C GLN A 218 -0.73 18.01 -63.77
N LEU A 219 -1.90 17.99 -63.11
CA LEU A 219 -3.21 18.03 -63.76
C LEU A 219 -3.44 19.43 -64.32
N VAL A 220 -3.60 19.54 -65.64
CA VAL A 220 -3.86 20.80 -66.35
C VAL A 220 -5.01 20.56 -67.32
N LEU A 221 -6.14 21.28 -67.13
CA LEU A 221 -7.31 21.16 -67.99
C LEU A 221 -7.14 21.97 -69.27
N GLN A 222 -7.53 21.37 -70.41
CA GLN A 222 -7.41 21.98 -71.74
C GLN A 222 -8.76 22.44 -72.29
N ARG A 223 -8.73 23.38 -73.26
CA ARG A 223 -9.94 23.90 -73.90
C ARG A 223 -10.59 22.80 -74.76
N PRO A 224 -11.91 22.55 -74.61
CA PRO A 224 -12.56 21.50 -75.42
C PRO A 224 -12.58 21.83 -76.91
N ALA A 225 -12.64 20.77 -77.74
CA ALA A 225 -12.71 20.86 -79.21
C ALA A 225 -14.01 21.53 -79.64
N ALA A 226 -13.98 22.22 -80.79
CA ALA A 226 -15.12 22.94 -81.36
C ALA A 226 -16.35 22.04 -81.53
N GLY A 227 -17.45 22.44 -80.90
CA GLY A 227 -18.73 21.73 -80.93
C GLY A 227 -18.70 20.36 -80.28
N THR A 228 -17.75 20.14 -79.35
CA THR A 228 -17.57 18.85 -78.68
C THR A 228 -17.69 18.97 -77.16
N VAL A 229 -18.53 18.12 -76.55
CA VAL A 229 -18.69 18.05 -75.10
C VAL A 229 -17.76 16.94 -74.61
N HIS A 230 -16.67 17.35 -73.95
CA HIS A 230 -15.65 16.49 -73.36
C HIS A 230 -14.75 17.33 -72.46
N VAL A 231 -13.96 16.68 -71.59
CA VAL A 231 -13.05 17.39 -70.68
C VAL A 231 -11.61 16.98 -71.00
N PRO A 232 -10.96 17.65 -71.99
CA PRO A 232 -9.56 17.30 -72.30
C PRO A 232 -8.61 17.82 -71.23
N TYR A 233 -7.57 17.04 -70.93
CA TYR A 233 -6.58 17.37 -69.90
C TYR A 233 -5.21 16.76 -70.19
N SER A 234 -4.17 17.35 -69.59
CA SER A 234 -2.79 16.88 -69.65
C SER A 234 -2.38 16.52 -68.23
N GLN A 235 -1.84 15.31 -68.05
CA GLN A 235 -1.44 14.80 -66.73
C GLN A 235 -0.30 13.82 -66.87
N ALA A 236 0.65 15.39 -64.56
CA ALA A 236 1.91 14.64 -64.48
C ALA A 236 1.57 13.15 -64.27
N PRO A 237 2.16 12.23 -65.07
CA PRO A 237 1.82 10.79 -64.91
C PRO A 237 2.13 10.21 -63.54
N SER A 238 1.44 9.12 -63.16
CA SER A 238 1.55 8.41 -61.88
C SER A 238 2.98 8.25 -61.35
N GLY A 239 3.22 8.81 -60.17
CA GLY A 239 4.51 8.77 -59.48
C GLY A 239 4.84 7.37 -58.99
N PHE A 240 3.80 6.60 -58.58
CA PHE A 240 3.94 5.22 -58.13
C PHE A 240 4.33 4.32 -59.30
N LYS A 241 3.68 4.50 -60.47
CA LYS A 241 3.99 3.75 -61.70
C LYS A 241 5.41 4.08 -62.15
N TYR A 242 5.81 5.36 -62.00
CA TYR A 242 7.14 5.85 -62.34
C TYR A 242 8.17 5.24 -61.39
N TRP A 243 7.87 5.20 -60.07
CA TRP A 243 8.77 4.60 -59.08
C TRP A 243 8.95 3.10 -59.32
N LEU A 244 7.87 2.38 -59.70
CA LEU A 244 7.91 0.93 -59.98
C LEU A 244 8.97 0.53 -61.01
N LYS A 245 9.26 1.42 -61.98
CA LYS A 245 10.28 1.16 -63.01
C LYS A 245 11.62 1.82 -62.69
N GLU A 246 11.64 2.87 -61.82
CA GLU A 246 12.83 3.62 -61.44
C GLU A 246 13.44 3.23 -60.08
N ARG A 247 12.77 2.35 -59.32
CA ARG A 247 13.20 1.90 -57.99
C ARG A 247 14.58 1.26 -57.93
N GLY A 248 14.97 0.56 -59.00
CA GLY A 248 16.24 -0.15 -59.08
C GLY A 248 16.18 -1.46 -58.32
N ALA A 249 17.34 -2.04 -58.01
CA ALA A 249 17.42 -3.29 -57.27
C ALA A 249 17.12 -3.08 -55.79
N SER A 250 16.34 -4.00 -55.19
CA SER A 250 15.97 -3.95 -53.77
C SER A 250 17.13 -4.33 -52.85
N LEU A 251 16.96 -4.14 -51.53
CA LEU A 251 17.98 -4.45 -50.52
C LEU A 251 18.47 -5.91 -50.54
N GLN A 252 17.61 -6.85 -50.97
CA GLN A 252 17.92 -8.29 -51.13
C GLN A 252 19.11 -8.50 -52.08
N HIS A 253 19.28 -7.57 -53.04
CA HIS A 253 20.32 -7.60 -54.07
C HIS A 253 21.48 -6.63 -53.80
N THR A 254 21.23 -5.49 -53.13
CA THR A 254 22.25 -4.46 -52.90
C THR A 254 22.93 -4.43 -51.54
N ALA A 255 22.28 -4.99 -50.49
CA ALA A 255 22.82 -4.98 -49.13
C ALA A 255 24.17 -5.68 -48.95
N PRO A 256 25.11 -5.06 -48.19
CA PRO A 256 26.41 -5.71 -47.93
C PRO A 256 26.28 -6.92 -47.00
N PHE A 257 27.38 -7.66 -46.81
CA PHE A 257 27.51 -8.85 -45.94
C PHE A 257 26.57 -10.03 -46.28
N GLY A 258 26.11 -10.09 -47.53
CA GLY A 258 25.24 -11.13 -48.05
C GLY A 258 23.88 -11.22 -47.39
N CYS A 259 23.31 -10.06 -46.97
CA CYS A 259 21.99 -9.99 -46.33
C CYS A 259 20.87 -10.49 -47.23
N GLN A 260 19.96 -11.28 -46.65
CA GLN A 260 18.76 -11.77 -47.32
C GLN A 260 17.63 -10.93 -46.73
N ILE A 261 16.79 -10.34 -47.59
CA ILE A 261 15.71 -9.47 -47.12
C ILE A 261 14.34 -10.13 -47.31
N ALA A 262 13.55 -10.19 -46.23
CA ALA A 262 12.22 -10.78 -46.20
C ALA A 262 11.19 -9.73 -45.74
N THR A 263 9.90 -9.99 -46.02
CA THR A 263 8.77 -9.13 -45.65
C THR A 263 7.75 -9.89 -44.81
N ASN A 264 6.79 -9.15 -44.19
CA ASN A 264 5.71 -9.64 -43.33
C ASN A 264 6.21 -10.53 -42.15
N PRO A 265 6.98 -10.00 -41.16
CA PRO A 265 7.46 -8.61 -41.01
C PRO A 265 8.78 -8.36 -41.76
N VAL A 266 9.13 -7.08 -42.02
CA VAL A 266 10.39 -6.77 -42.70
C VAL A 266 11.59 -7.09 -41.80
N ARG A 267 12.56 -7.85 -42.35
CA ARG A 267 13.72 -8.30 -41.60
C ARG A 267 14.96 -8.58 -42.46
N ALA A 268 16.13 -8.45 -41.85
CA ALA A 268 17.43 -8.74 -42.48
C ALA A 268 17.84 -10.12 -41.96
N VAL A 269 18.02 -11.07 -42.87
CA VAL A 269 18.41 -12.43 -42.50
C VAL A 269 19.81 -12.75 -43.00
N ASN A 270 20.52 -13.59 -42.26
CA ASN A 270 21.87 -13.98 -42.63
C ASN A 270 22.78 -12.78 -42.85
N CYS A 271 22.64 -11.77 -42.01
CA CYS A 271 23.45 -10.56 -42.10
C CYS A 271 24.84 -10.77 -41.51
N ALA A 272 25.19 -12.04 -41.29
CA ALA A 272 26.49 -12.38 -40.72
C ALA A 272 27.29 -11.14 -40.36
N VAL A 273 26.91 -10.50 -39.25
CA VAL A 273 27.60 -9.29 -38.79
C VAL A 273 28.03 -9.40 -37.32
N GLY A 274 29.32 -9.14 -37.09
CA GLY A 274 29.92 -9.18 -35.76
C GLY A 274 30.04 -10.56 -35.15
N ASN A 275 30.19 -10.59 -33.81
CA ASN A 275 30.33 -11.82 -33.02
C ASN A 275 29.28 -11.93 -31.92
N MET A 276 29.20 -13.10 -31.28
CA MET A 276 28.22 -13.36 -30.23
C MET A 276 28.83 -14.02 -28.97
N PRO A 277 28.85 -13.33 -27.82
CA PRO A 277 29.34 -13.96 -26.58
C PRO A 277 28.32 -14.96 -26.04
N ILE A 278 28.82 -16.09 -25.52
CA ILE A 278 27.99 -17.16 -24.95
C ILE A 278 28.48 -17.53 -23.54
N SER A 279 27.54 -17.49 -22.57
CA SER A 279 27.80 -17.85 -21.18
C SER A 279 26.98 -19.10 -20.83
N ILE A 280 27.66 -20.18 -20.41
CA ILE A 280 27.02 -21.43 -20.03
C ILE A 280 27.38 -21.82 -18.59
N ASP A 281 26.38 -21.82 -17.70
CA ASP A 281 26.57 -22.21 -16.31
C ASP A 281 26.27 -23.71 -16.23
N ILE A 282 27.31 -24.53 -16.43
CA ILE A 282 27.23 -26.00 -16.45
C ILE A 282 27.10 -26.57 -15.02
N PRO A 283 26.07 -27.39 -14.74
CA PRO A 283 25.93 -27.95 -13.38
C PRO A 283 27.02 -28.94 -13.00
N GLU A 284 17.64 -37.09 -8.79
CA GLU A 284 18.30 -38.24 -8.13
C GLU A 284 17.79 -39.60 -8.66
N ALA A 285 26.93 -31.96 -11.70
CA ALA A 285 26.65 -33.34 -12.12
C ALA A 285 27.17 -33.71 -13.51
N ALA A 286 27.25 -32.73 -14.42
CA ALA A 286 27.74 -32.92 -15.78
C ALA A 286 29.24 -33.19 -15.83
N PHE A 287 29.99 -32.69 -14.83
CA PHE A 287 31.43 -32.85 -14.73
C PHE A 287 31.84 -34.18 -14.09
N THR A 288 32.95 -34.73 -14.58
CA THR A 288 33.57 -35.97 -14.07
C THR A 288 34.98 -35.66 -13.62
N ARG A 289 35.35 -36.09 -12.41
CA ARG A 289 36.69 -35.86 -11.84
C ARG A 289 37.79 -36.56 -12.63
N VAL A 290 39.01 -35.98 -12.62
CA VAL A 290 40.19 -36.50 -13.32
C VAL A 290 40.54 -37.94 -12.90
N VAL A 291 40.33 -38.27 -11.61
CA VAL A 291 40.57 -39.60 -11.03
C VAL A 291 39.46 -40.56 -11.53
N ASP A 292 38.20 -40.06 -11.63
CA ASP A 292 37.04 -40.83 -12.11
C ASP A 292 37.08 -41.05 -13.63
N ALA A 293 37.88 -40.24 -14.34
CA ALA A 293 38.06 -40.32 -15.79
C ALA A 293 39.30 -41.17 -16.13
N PRO A 294 39.35 -41.88 -17.29
CA PRO A 294 40.55 -42.69 -17.60
C PRO A 294 41.81 -41.88 -17.84
N SER A 295 42.98 -42.47 -17.52
CA SER A 295 44.30 -41.85 -17.69
C SER A 295 44.93 -42.31 -18.99
N LEU A 296 45.36 -41.36 -19.84
CA LEU A 296 45.95 -41.63 -21.15
C LEU A 296 47.48 -41.65 -21.09
N THR A 297 48.08 -42.74 -21.58
CA THR A 297 49.53 -42.97 -21.62
C THR A 297 49.95 -43.67 -22.93
N ASP A 298 51.26 -43.60 -23.27
CA ASP A 298 51.88 -44.19 -24.46
C ASP A 298 51.13 -43.86 -25.76
N MET A 299 50.88 -42.56 -25.98
CA MET A 299 50.14 -42.07 -27.14
C MET A 299 51.00 -41.75 -28.35
N SER A 300 50.50 -42.12 -29.53
CA SER A 300 51.13 -41.88 -30.83
C SER A 300 50.04 -41.50 -31.85
N CYS A 301 50.39 -40.64 -32.82
CA CYS A 301 49.45 -40.17 -33.83
C CYS A 301 49.98 -40.29 -35.26
N GLU A 302 49.15 -40.85 -36.15
CA GLU A 302 49.46 -41.01 -37.56
C GLU A 302 48.33 -40.48 -38.44
N VAL A 303 48.70 -39.77 -39.53
CA VAL A 303 47.75 -39.18 -40.47
C VAL A 303 47.85 -39.92 -41.83
N PRO A 304 46.97 -40.93 -42.08
CA PRO A 304 47.06 -41.67 -43.34
C PRO A 304 46.49 -40.93 -44.55
N ALA A 305 45.59 -39.96 -44.33
CA ALA A 305 44.95 -39.19 -45.41
C ALA A 305 44.60 -37.76 -44.98
N CYS A 306 44.99 -36.76 -45.79
CA CYS A 306 44.68 -35.36 -45.55
C CYS A 306 44.55 -34.50 -46.80
N THR A 307 43.52 -33.65 -46.79
CA THR A 307 43.20 -32.66 -47.81
C THR A 307 42.83 -31.37 -47.08
N HIS A 308 43.60 -30.29 -47.31
CA HIS A 308 43.31 -29.01 -46.67
C HIS A 308 42.14 -28.29 -47.36
N SER A 309 40.98 -28.26 -46.68
CA SER A 309 39.74 -27.66 -47.18
C SER A 309 38.85 -27.14 -46.05
N SER A 310 37.67 -26.58 -46.40
CA SER A 310 36.68 -26.04 -45.48
C SER A 310 36.03 -27.14 -44.61
N ASP A 311 35.83 -28.34 -45.19
CA ASP A 311 35.24 -29.49 -44.50
C ASP A 311 36.32 -30.39 -43.86
N PHE A 312 35.91 -31.49 -43.22
CA PHE A 312 36.81 -32.41 -42.56
C PHE A 312 37.49 -33.36 -43.56
N GLY A 313 38.52 -32.85 -44.22
CA GLY A 313 39.30 -33.57 -45.22
C GLY A 313 40.46 -34.38 -44.66
N GLY A 314 40.75 -34.20 -43.38
CA GLY A 314 41.83 -34.89 -42.69
C GLY A 314 41.35 -36.06 -41.84
N VAL A 315 42.14 -37.15 -41.83
CA VAL A 315 41.88 -38.38 -41.08
C VAL A 315 43.11 -38.65 -40.20
N ALA A 316 42.90 -38.88 -38.88
CA ALA A 316 44.01 -39.17 -37.96
C ALA A 316 43.70 -40.37 -37.07
N ILE A 317 44.67 -41.30 -36.94
CA ILE A 317 44.56 -42.50 -36.11
C ILE A 317 45.48 -42.33 -34.90
N ILE A 318 44.86 -42.31 -33.69
CA ILE A 318 45.58 -42.12 -32.43
C ILE A 318 45.57 -43.42 -31.62
N LYS A 319 46.77 -43.99 -31.38
CA LYS A 319 46.95 -45.20 -30.58
C LYS A 319 47.15 -44.79 -29.12
N TYR A 320 46.55 -45.55 -28.19
CA TYR A 320 46.59 -45.23 -26.76
C TYR A 320 46.68 -46.44 -25.82
N ALA A 321 46.93 -46.16 -24.54
CA ALA A 321 47.00 -47.12 -23.44
C ALA A 321 46.32 -46.46 -22.23
N ALA A 322 29.92 -58.97 -18.90
CA ALA A 322 29.10 -58.23 -17.94
C ALA A 322 28.76 -59.07 -16.70
N SER A 323 28.86 -58.46 -15.50
CA SER A 323 28.56 -59.10 -14.22
C SER A 323 27.07 -59.44 -14.06
N LYS A 324 41.52 -47.45 -17.40
CA LYS A 324 40.13 -47.94 -17.33
C LYS A 324 39.26 -47.55 -18.56
N LYS A 325 38.05 -48.12 -18.63
CA LYS A 325 37.06 -47.85 -19.69
C LYS A 325 36.24 -46.62 -19.28
N GLY A 326 35.93 -45.77 -20.25
CA GLY A 326 35.15 -44.55 -20.04
C GLY A 326 35.18 -43.58 -21.20
N LYS A 327 34.36 -42.52 -21.13
CA LYS A 327 34.27 -41.50 -22.15
C LYS A 327 35.38 -40.46 -22.01
N CYS A 328 36.02 -40.11 -23.14
CA CYS A 328 37.09 -39.10 -23.21
C CYS A 328 36.76 -38.02 -24.21
N ALA A 329 37.04 -36.75 -23.85
CA ALA A 329 36.81 -35.60 -24.72
C ALA A 329 37.98 -35.42 -25.68
N VAL A 330 37.67 -35.10 -26.96
CA VAL A 330 38.67 -34.89 -28.01
C VAL A 330 38.66 -33.39 -28.38
N HIS A 331 39.85 -32.76 -28.33
CA HIS A 331 40.00 -31.34 -28.66
C HIS A 331 41.37 -31.01 -29.22
N SER A 332 41.39 -30.17 -30.25
CA SER A 332 42.62 -29.70 -30.90
C SER A 332 43.20 -28.54 -30.10
N MET A 333 44.46 -28.68 -29.68
CA MET A 333 45.18 -27.67 -28.89
C MET A 333 45.78 -26.59 -29.80
N THR A 334 45.74 -26.82 -31.13
CA THR A 334 46.21 -25.90 -32.15
C THR A 334 44.99 -25.29 -32.83
N ASN A 335 44.90 -23.96 -32.83
CA ASN A 335 43.79 -23.20 -33.39
C ASN A 335 43.68 -23.29 -34.93
N ALA A 336 44.76 -23.75 -35.59
CA ALA A 336 44.85 -23.92 -37.04
C ALA A 336 43.99 -25.10 -37.53
N VAL A 337 43.78 -26.13 -36.68
CA VAL A 337 42.98 -27.31 -37.01
C VAL A 337 41.79 -27.53 -36.05
N THR A 338 40.67 -28.09 -36.56
CA THR A 338 39.48 -28.38 -35.76
C THR A 338 39.04 -29.83 -35.96
N ILE A 339 38.72 -30.54 -34.85
CA ILE A 339 38.31 -31.94 -34.86
C ILE A 339 36.77 -32.06 -34.83
N ARG A 340 36.22 -32.93 -35.71
CA ARG A 340 34.79 -33.20 -35.89
C ARG A 340 34.13 -33.79 -34.64
N GLU A 341 34.74 -34.83 -34.04
CA GLU A 341 34.18 -35.49 -32.86
C GLU A 341 34.58 -34.82 -31.54
N ALA A 342 33.60 -34.70 -30.63
CA ALA A 342 33.76 -34.08 -29.31
C ALA A 342 34.02 -35.12 -28.21
N GLU A 343 33.50 -36.36 -28.37
CA GLU A 343 33.64 -37.42 -27.39
C GLU A 343 33.84 -38.79 -28.05
N ILE A 344 34.74 -39.62 -27.46
CA ILE A 344 35.04 -40.98 -27.92
C ILE A 344 35.02 -41.97 -26.76
N GLU A 345 34.60 -43.23 -27.03
CA GLU A 345 34.57 -44.27 -26.02
C GLU A 345 35.95 -44.94 -25.96
N VAL A 346 36.63 -44.78 -24.82
CA VAL A 346 37.97 -45.33 -24.56
C VAL A 346 37.87 -46.75 -23.96
N GLU A 347 38.77 -47.67 -24.35
CA GLU A 347 38.75 -49.07 -23.88
C GLU A 347 39.96 -49.50 -23.04
N GLY A 348 41.06 -49.87 -23.71
CA GLY A 348 42.29 -50.32 -23.08
C GLY A 348 43.51 -50.00 -23.93
N ASN A 349 44.14 -51.06 -24.48
CA ASN A 349 45.30 -50.95 -25.38
C ASN A 349 44.81 -50.95 -26.83
N SER A 350 43.90 -50.01 -27.14
CA SER A 350 43.24 -49.85 -28.45
C SER A 350 43.65 -48.54 -29.16
N GLN A 351 42.98 -48.23 -30.28
CA GLN A 351 43.22 -47.04 -31.10
C GLN A 351 41.91 -46.32 -31.45
N LEU A 352 41.97 -44.99 -31.67
CA LEU A 352 40.82 -44.17 -32.05
C LEU A 352 41.05 -43.45 -33.39
N GLN A 353 39.96 -43.19 -34.14
CA GLN A 353 40.01 -42.48 -35.43
C GLN A 353 39.24 -41.17 -35.36
N ILE A 354 39.89 -40.06 -35.72
CA ILE A 354 39.29 -38.72 -35.73
C ILE A 354 39.30 -38.07 -37.11
N SER A 355 38.35 -37.15 -37.34
CA SER A 355 38.22 -36.38 -38.57
C SER A 355 38.57 -34.92 -38.24
N PHE A 356 39.48 -34.31 -39.01
CA PHE A 356 39.90 -32.93 -38.78
C PHE A 356 39.85 -32.03 -40.01
N SER A 357 39.70 -30.72 -39.79
CA SER A 357 39.66 -29.70 -40.84
C SER A 357 40.78 -28.69 -40.63
N THR A 358 41.54 -28.40 -41.70
CA THR A 358 42.66 -27.46 -41.70
C THR A 358 42.83 -26.77 -43.08
N ALA A 359 43.52 -25.62 -43.11
CA ALA A 359 43.81 -24.87 -44.34
C ALA A 359 45.30 -24.96 -44.69
N LEU A 360 46.13 -25.37 -43.70
CA LEU A 360 47.57 -25.51 -43.83
C LEU A 360 48.00 -26.75 -44.60
N ALA A 361 49.02 -26.62 -45.48
CA ALA A 361 49.57 -27.71 -46.27
C ALA A 361 50.40 -28.64 -45.36
N SER A 362 51.13 -28.04 -44.39
CA SER A 362 51.94 -28.74 -43.39
C SER A 362 51.26 -28.48 -42.05
N ALA A 363 50.40 -29.42 -41.62
CA ALA A 363 49.63 -29.31 -40.39
C ALA A 363 50.28 -29.95 -39.16
N GLU A 364 50.74 -29.09 -38.23
CA GLU A 364 51.35 -29.49 -36.97
C GLU A 364 50.34 -29.19 -35.88
N PHE A 365 49.76 -30.25 -35.26
CA PHE A 365 48.73 -30.07 -34.23
C PHE A 365 48.79 -31.06 -33.08
N ARG A 366 48.33 -30.60 -31.90
CA ARG A 366 48.27 -31.40 -30.67
C ARG A 366 46.81 -31.77 -30.39
N VAL A 367 46.55 -33.06 -30.13
CA VAL A 367 45.20 -33.55 -29.83
C VAL A 367 45.14 -33.95 -28.34
N GLN A 368 44.20 -33.35 -27.61
CA GLN A 368 44.02 -33.67 -26.19
C GLN A 368 42.86 -34.65 -26.02
N VAL A 369 43.19 -35.91 -25.72
CA VAL A 369 42.22 -36.98 -25.46
C VAL A 369 42.22 -37.10 -23.94
N CYS A 370 41.09 -36.71 -23.31
CA CYS A 370 40.89 -36.62 -21.86
C CYS A 370 41.85 -35.54 -21.29
N SER A 371 42.86 -35.92 -20.48
CA SER A 371 43.82 -34.97 -19.90
C SER A 371 45.26 -35.07 -20.43
N THR A 372 45.50 -35.89 -21.47
CA THR A 372 46.83 -36.06 -22.07
C THR A 372 46.86 -35.61 -23.53
N GLN A 373 47.96 -34.95 -23.94
CA GLN A 373 48.17 -34.44 -25.30
C GLN A 373 49.04 -35.34 -26.17
N VAL A 374 48.73 -35.40 -27.48
CA VAL A 374 49.48 -36.18 -28.47
C VAL A 374 49.74 -35.32 -29.73
N HIS A 375 50.99 -35.31 -30.22
CA HIS A 375 51.39 -34.56 -31.41
C HIS A 375 51.07 -35.32 -32.69
N CYS A 376 50.42 -34.62 -33.65
CA CYS A 376 50.04 -35.15 -34.95
C CYS A 376 50.77 -34.39 -36.06
N ALA A 377 51.42 -35.12 -36.97
CA ALA A 377 52.13 -34.57 -38.12
C ALA A 377 51.35 -34.91 -39.38
N ALA A 378 50.89 -33.87 -40.11
CA ALA A 378 50.07 -34.05 -41.31
C ALA A 378 50.57 -33.27 -42.52
N GLU A 379 50.64 -33.96 -43.67
CA GLU A 379 51.01 -33.38 -44.95
C GLU A 379 49.72 -33.37 -45.79
N CYS A 380 48.98 -32.26 -45.73
CA CYS A 380 47.70 -32.09 -46.41
C CYS A 380 47.86 -31.54 -47.81
N HIS A 381 47.09 -32.11 -48.76
CA HIS A 381 47.14 -31.76 -50.18
C HIS A 381 45.98 -30.85 -50.64
N PRO A 382 46.16 -30.07 -51.73
CA PRO A 382 45.07 -29.16 -52.17
C PRO A 382 43.81 -29.84 -52.69
N PRO A 383 42.61 -29.24 -52.50
CA PRO A 383 41.39 -29.85 -53.04
C PRO A 383 41.16 -29.52 -54.51
N LYS A 384 40.14 -30.13 -55.12
CA LYS A 384 39.84 -29.89 -56.53
C LYS A 384 39.21 -28.51 -56.73
N ASP A 385 37.93 -28.39 -56.37
CA ASP A 385 37.21 -27.13 -56.49
C ASP A 385 37.88 -26.03 -55.68
N HIS A 386 37.89 -24.82 -56.23
CA HIS A 386 37.32 -24.55 -57.54
C HIS A 386 35.90 -24.00 -57.42
N ILE A 387 34.91 -24.85 -57.61
CA ILE A 387 33.51 -24.44 -57.52
C ILE A 387 32.67 -25.51 -56.84
N VAL A 388 31.80 -25.07 -55.92
CA VAL A 388 30.93 -25.99 -55.19
C VAL A 388 29.56 -25.34 -54.88
N ASN A 389 28.50 -26.16 -54.73
CA ASN A 389 27.14 -25.72 -54.42
C ASN A 389 26.72 -26.05 -52.97
N TYR A 390 27.73 -26.21 -52.08
CA TYR A 390 27.61 -26.54 -50.64
C TYR A 390 26.96 -27.91 -50.36
N PRO A 391 25.73 -28.05 -50.50
N VAL B 8 -31.11 -2.40 -60.82
CA VAL B 8 -30.57 -1.04 -60.89
C VAL B 8 -30.76 -0.43 -62.30
N TYR B 9 -30.90 -1.29 -63.32
CA TYR B 9 -31.07 -0.91 -64.73
C TYR B 9 -32.44 -0.32 -65.08
N LYS B 10 -33.40 -0.35 -64.13
CA LYS B 10 -34.72 0.26 -64.33
C LYS B 10 -34.59 1.80 -64.24
N ALA B 11 -33.62 2.29 -63.44
CA ALA B 11 -33.34 3.71 -63.23
C ALA B 11 -32.29 4.23 -64.21
N THR B 12 -31.29 3.41 -64.57
CA THR B 12 -30.22 3.78 -65.49
C THR B 12 -30.61 3.52 -66.96
N ARG B 13 -29.86 4.08 -67.91
CA ARG B 13 -30.11 3.92 -69.34
C ARG B 13 -28.82 4.00 -70.19
N PRO B 14 -28.77 3.35 -71.39
CA PRO B 14 -27.59 3.53 -72.25
C PRO B 14 -27.62 4.93 -72.86
N TYR B 15 -26.47 5.47 -73.27
CA TYR B 15 -26.42 6.83 -73.80
C TYR B 15 -25.48 7.04 -74.99
N LEU B 16 -25.57 8.22 -75.63
CA LEU B 16 -24.72 8.65 -76.72
C LEU B 16 -23.71 9.65 -76.14
N ALA B 17 -22.42 9.44 -76.43
CA ALA B 17 -21.35 10.30 -75.95
C ALA B 17 -20.26 10.46 -77.00
N HIS B 18 -19.40 11.49 -76.83
CA HIS B 18 -18.31 11.79 -77.76
C HIS B 18 -17.27 10.68 -77.86
N CYS B 19 -16.88 10.36 -79.10
CA CYS B 19 -15.86 9.40 -79.46
C CYS B 19 -14.94 10.07 -80.51
N PRO B 20 -13.60 10.08 -80.30
CA PRO B 20 -12.73 10.75 -81.29
C PRO B 20 -12.60 10.02 -82.63
N ASP B 21 -12.82 8.69 -82.65
CA ASP B 21 -12.71 7.87 -83.85
C ASP B 21 -13.81 6.81 -83.93
N CYS B 22 -14.83 7.08 -84.75
CA CYS B 22 -15.97 6.17 -84.99
C CYS B 22 -15.74 5.32 -86.24
N GLY B 23 -14.58 5.49 -86.87
CA GLY B 23 -14.17 4.82 -88.09
C GLY B 23 -13.52 5.78 -89.04
N GLU B 24 -12.31 5.42 -89.55
CA GLU B 24 -11.49 6.21 -90.47
C GLU B 24 -11.04 7.58 -89.92
N GLY B 25 -10.83 7.65 -88.61
CA GLY B 25 -10.38 8.84 -87.91
C GLY B 25 -11.40 9.96 -87.74
N HIS B 26 -12.69 9.69 -88.01
CA HIS B 26 -13.76 10.69 -87.89
C HIS B 26 -14.54 10.58 -86.58
N SER B 27 -14.73 11.73 -85.91
CA SER B 27 -15.43 11.85 -84.64
C SER B 27 -16.96 11.77 -84.83
N CYS B 28 -17.69 11.23 -83.82
CA CYS B 28 -19.14 11.08 -83.84
C CYS B 28 -19.75 10.99 -82.43
N HIS B 29 -21.09 11.09 -82.35
CA HIS B 29 -21.88 10.92 -81.13
C HIS B 29 -22.17 9.43 -81.12
N SER B 30 -21.30 8.66 -80.46
CA SER B 30 -21.30 7.20 -80.43
C SER B 30 -22.21 6.51 -79.41
N PRO B 31 -22.92 5.44 -79.84
CA PRO B 31 -23.71 4.65 -78.87
C PRO B 31 -22.87 3.57 -78.18
N VAL B 32 -21.57 3.50 -78.52
CA VAL B 32 -20.57 2.56 -78.02
C VAL B 32 -19.29 3.35 -77.58
N ALA B 33 -19.48 4.61 -77.13
CA ALA B 33 -18.41 5.50 -76.70
C ALA B 33 -17.62 4.96 -75.51
N LEU B 34 -16.27 5.10 -75.57
CA LEU B 34 -15.39 4.63 -74.52
C LEU B 34 -15.23 5.69 -73.44
N GLU B 35 -15.47 5.28 -72.18
CA GLU B 35 -15.39 6.16 -71.01
C GLU B 35 -14.05 6.06 -70.31
N ARG B 36 -13.66 4.84 -69.91
CA ARG B 36 -12.43 4.56 -69.15
C ARG B 36 -11.97 3.13 -69.37
N ILE B 37 -10.66 2.94 -69.54
CA ILE B 37 -10.03 1.62 -69.68
C ILE B 37 -9.15 1.43 -68.44
N ARG B 38 -9.47 0.40 -67.64
CA ARG B 38 -8.74 0.07 -66.43
C ARG B 38 -7.81 -1.12 -66.67
N ASN B 39 -6.53 -0.97 -66.28
CA ASN B 39 -5.50 -1.99 -66.47
C ASN B 39 -4.64 -2.20 -65.21
N GLU B 40 -5.31 -2.27 -64.04
CA GLU B 40 -4.63 -2.46 -62.76
C GLU B 40 -4.34 -3.93 -62.47
N ALA B 41 -5.08 -4.85 -63.14
CA ALA B 41 -4.93 -6.29 -63.03
C ALA B 41 -3.59 -6.73 -63.59
N THR B 42 -2.75 -7.34 -62.75
CA THR B 42 -1.42 -7.81 -63.14
C THR B 42 -1.46 -9.00 -64.12
N ASP B 43 -2.59 -9.74 -64.15
CA ASP B 43 -2.78 -10.87 -65.07
C ASP B 43 -3.03 -10.43 -66.54
N GLY B 44 -3.16 -9.12 -66.75
CA GLY B 44 -3.35 -8.52 -68.07
C GLY B 44 -4.78 -8.20 -68.46
N THR B 45 -5.76 -8.59 -67.62
CA THR B 45 -7.20 -8.36 -67.86
C THR B 45 -7.53 -6.87 -67.87
N LEU B 46 -8.28 -6.43 -68.90
CA LEU B 46 -8.70 -5.04 -69.05
C LEU B 46 -10.16 -4.88 -68.68
N LYS B 47 -10.47 -3.90 -67.81
CA LYS B 47 -11.83 -3.56 -67.41
C LYS B 47 -12.20 -2.32 -68.23
N ILE B 48 -13.04 -2.51 -69.25
CA ILE B 48 -13.45 -1.46 -70.18
C ILE B 48 -14.84 -0.92 -69.88
N GLN B 49 -14.98 0.43 -69.78
CA GLN B 49 -16.26 1.09 -69.57
C GLN B 49 -16.76 1.71 -70.86
N VAL B 50 -18.00 1.37 -71.24
CA VAL B 50 -18.64 1.81 -72.47
C VAL B 50 -19.97 2.56 -72.22
N SER B 51 -20.47 3.33 -73.20
CA SER B 51 -21.72 4.10 -73.07
C SER B 51 -23.01 3.24 -73.13
N LEU B 52 -22.94 2.05 -73.76
CA LEU B 52 -24.09 1.12 -73.84
C LEU B 52 -24.15 0.16 -72.66
N GLN B 53 -25.23 -0.65 -72.57
CA GLN B 53 -25.44 -1.62 -71.50
C GLN B 53 -25.67 -3.04 -72.03
N ILE B 54 -24.75 -3.96 -71.70
CA ILE B 54 -24.78 -5.38 -72.15
C ILE B 54 -25.49 -6.26 -71.12
N GLY B 55 -26.30 -7.19 -71.60
CA GLY B 55 -27.03 -8.15 -70.78
C GLY B 55 -28.36 -7.66 -70.25
N ILE B 56 -28.84 -6.49 -70.74
CA ILE B 56 -30.09 -5.88 -70.32
C ILE B 56 -30.87 -5.46 -71.56
N LYS B 57 -32.19 -5.76 -71.58
CA LYS B 57 -33.10 -5.39 -72.67
C LYS B 57 -33.72 -4.01 -72.37
N THR B 58 -34.42 -3.41 -73.36
CA THR B 58 -35.09 -2.11 -73.23
C THR B 58 -36.16 -2.08 -72.13
N ASP B 59 -36.80 -3.23 -71.88
CA ASP B 59 -37.83 -3.40 -70.84
C ASP B 59 -37.22 -3.64 -69.44
N ASP B 60 -35.88 -3.47 -69.32
CA ASP B 60 -35.03 -3.61 -68.12
C ASP B 60 -34.66 -5.05 -67.71
N SER B 61 -35.32 -6.07 -68.32
CA SER B 61 -35.06 -7.48 -68.03
C SER B 61 -33.64 -7.91 -68.40
N HIS B 62 -33.06 -8.80 -67.59
CA HIS B 62 -31.71 -9.32 -67.80
C HIS B 62 -31.70 -10.49 -68.79
N ASP B 63 -30.92 -10.34 -69.86
CA ASP B 63 -30.77 -11.35 -70.92
C ASP B 63 -29.35 -11.25 -71.47
N TRP B 64 -28.51 -12.27 -71.16
CA TRP B 64 -27.10 -12.32 -71.57
C TRP B 64 -26.86 -12.31 -73.09
N THR B 65 -27.85 -12.76 -73.89
CA THR B 65 -27.75 -12.78 -75.36
C THR B 65 -28.09 -11.42 -75.98
N LYS B 66 -28.60 -10.48 -75.16
CA LYS B 66 -29.02 -9.14 -75.61
C LYS B 66 -28.11 -8.01 -75.13
N LEU B 67 -28.22 -6.85 -75.79
CA LEU B 67 -27.45 -5.63 -75.56
C LEU B 67 -28.37 -4.43 -75.81
N ARG B 68 -28.30 -3.40 -74.95
CA ARG B 68 -29.08 -2.18 -75.17
C ARG B 68 -28.21 -0.94 -75.36
N TYR B 69 -28.48 -0.20 -76.42
CA TYR B 69 -27.76 1.00 -76.84
C TYR B 69 -28.75 2.13 -77.12
N MET B 70 -28.29 3.39 -77.06
CA MET B 70 -29.14 4.54 -77.35
C MET B 70 -29.25 4.75 -78.88
N ASP B 71 -30.43 4.46 -79.44
CA ASP B 71 -30.70 4.60 -80.87
C ASP B 71 -31.33 5.97 -81.11
N ASN B 72 -30.47 6.98 -81.34
CA ASN B 72 -30.81 8.39 -81.55
C ASN B 72 -31.63 8.98 -80.38
N HIS B 73 -32.97 8.86 -80.44
CA HIS B 73 -33.89 9.38 -79.42
C HIS B 73 -34.19 8.42 -78.27
N MET B 74 -34.41 7.12 -78.57
CA MET B 74 -34.76 6.12 -77.57
C MET B 74 -33.85 4.88 -77.59
N PRO B 75 -33.69 4.15 -76.45
CA PRO B 75 -32.84 2.94 -76.46
C PRO B 75 -33.44 1.79 -77.29
N ALA B 76 -32.57 0.99 -77.93
CA ALA B 76 -32.96 -0.16 -78.75
C ALA B 76 -32.15 -1.41 -78.41
N ASP B 77 -32.69 -2.60 -78.75
CA ASP B 77 -32.03 -3.88 -78.51
C ASP B 77 -31.11 -4.31 -79.65
N ALA B 78 -29.99 -4.94 -79.29
CA ALA B 78 -28.96 -5.46 -80.19
C ALA B 78 -28.44 -6.80 -79.66
N GLU B 79 -27.79 -7.60 -80.54
CA GLU B 79 -27.26 -8.91 -80.18
C GLU B 79 -25.91 -8.81 -79.48
N ARG B 80 -25.69 -9.67 -78.46
CA ARG B 80 -24.45 -9.74 -77.70
C ARG B 80 -23.33 -10.39 -78.53
N ALA B 81 -23.71 -11.29 -79.46
CA ALA B 81 -22.78 -12.00 -80.36
C ALA B 81 -22.04 -11.03 -81.30
N GLY B 82 -22.72 -9.93 -81.66
CA GLY B 82 -22.17 -8.90 -82.54
C GLY B 82 -21.19 -7.96 -81.87
N LEU B 83 -21.11 -8.00 -80.52
CA LEU B 83 -20.20 -7.18 -79.73
C LEU B 83 -18.75 -7.68 -79.91
N PHE B 84 -17.82 -6.75 -80.18
CA PHE B 84 -16.41 -7.07 -80.39
C PHE B 84 -15.47 -6.07 -79.72
N VAL B 85 -14.31 -6.56 -79.28
CA VAL B 85 -13.24 -5.76 -78.66
C VAL B 85 -11.95 -6.13 -79.41
N ARG B 86 -11.17 -5.11 -79.81
CA ARG B 86 -9.91 -5.31 -80.54
C ARG B 86 -8.87 -4.22 -80.28
N THR B 87 -7.58 -4.58 -80.34
CA THR B 87 -6.45 -3.67 -80.19
C THR B 87 -5.75 -3.61 -81.55
N SER B 88 -4.70 -4.43 -81.74
CA SER B 88 -3.99 -4.55 -83.01
C SER B 88 -4.61 -5.74 -83.76
N ALA B 89 -5.29 -6.63 -83.01
CA ALA B 89 -5.97 -7.85 -83.43
C ALA B 89 -7.18 -8.09 -82.48
N PRO B 90 -8.16 -8.99 -82.80
CA PRO B 90 -9.29 -9.19 -81.90
C PRO B 90 -8.94 -9.68 -80.49
N CYS B 91 -9.72 -9.24 -79.48
CA CYS B 91 -9.54 -9.60 -78.07
C CYS B 91 -10.47 -10.76 -77.69
N THR B 92 -10.17 -11.40 -76.55
CA THR B 92 -10.98 -12.48 -75.99
C THR B 92 -11.79 -11.87 -74.85
N ILE B 93 -13.11 -11.76 -75.04
CA ILE B 93 -14.01 -11.19 -74.04
C ILE B 93 -14.29 -12.24 -72.98
N THR B 94 -13.95 -11.96 -71.71
CA THR B 94 -14.10 -12.87 -70.58
C THR B 94 -15.35 -12.63 -69.71
N GLY B 95 -15.99 -11.48 -69.87
CA GLY B 95 -17.18 -11.10 -69.12
C GLY B 95 -17.79 -9.79 -69.57
N THR B 96 -19.14 -9.72 -69.54
CA THR B 96 -19.92 -8.53 -69.92
C THR B 96 -21.14 -8.37 -69.02
N MET B 97 -21.36 -7.12 -68.52
CA MET B 97 -22.50 -6.74 -67.67
C MET B 97 -22.59 -5.21 -67.62
N GLY B 98 -23.73 -4.68 -68.08
CA GLY B 98 -24.00 -3.24 -68.13
C GLY B 98 -23.00 -2.48 -68.97
N HIS B 99 -22.43 -1.42 -68.39
CA HIS B 99 -21.42 -0.57 -69.04
C HIS B 99 -20.02 -1.21 -69.09
N PHE B 100 -19.84 -2.40 -68.47
CA PHE B 100 -18.54 -3.02 -68.35
C PHE B 100 -18.25 -4.28 -69.18
N ILE B 101 -17.02 -4.35 -69.70
CA ILE B 101 -16.49 -5.44 -70.51
C ILE B 101 -15.12 -5.86 -69.94
N LEU B 102 -14.91 -7.18 -69.82
CA LEU B 102 -13.64 -7.75 -69.40
C LEU B 102 -13.02 -8.38 -70.64
N ALA B 103 -11.76 -8.03 -70.94
CA ALA B 103 -11.10 -8.57 -72.13
C ALA B 103 -9.60 -8.83 -71.96
N ARG B 104 -9.13 -9.89 -72.62
CA ARG B 104 -7.72 -10.27 -72.69
C ARG B 104 -7.29 -9.90 -74.11
N CYS B 105 -6.46 -8.86 -74.22
CA CYS B 105 -6.04 -8.28 -75.48
C CYS B 105 -4.57 -8.50 -75.83
N PRO B 106 -4.23 -8.68 -77.14
CA PRO B 106 -2.80 -8.76 -77.51
C PRO B 106 -2.17 -7.36 -77.51
N LYS B 107 -0.84 -7.26 -77.68
CA LYS B 107 -0.09 -6.00 -77.70
C LYS B 107 -0.67 -5.03 -78.75
N GLY B 108 -0.91 -3.77 -78.36
CA GLY B 108 -1.45 -2.76 -79.23
C GLY B 108 -1.22 -1.32 -78.81
N GLU B 109 -1.64 -0.37 -79.66
CA GLU B 109 -1.49 1.07 -79.45
C GLU B 109 -2.84 1.80 -79.40
N THR B 110 -3.93 1.09 -79.76
CA THR B 110 -5.31 1.59 -79.76
C THR B 110 -6.26 0.54 -79.16
N LEU B 111 -7.46 0.96 -78.75
CA LEU B 111 -8.48 0.06 -78.21
C LEU B 111 -9.82 0.38 -78.86
N THR B 112 -10.41 -0.62 -79.53
CA THR B 112 -11.68 -0.50 -80.24
C THR B 112 -12.75 -1.44 -79.65
N VAL B 113 -13.95 -0.88 -79.40
CA VAL B 113 -15.12 -1.61 -78.90
C VAL B 113 -16.27 -1.29 -79.85
N GLY B 114 -16.88 -2.34 -80.41
CA GLY B 114 -17.98 -2.20 -81.36
C GLY B 114 -19.10 -3.20 -81.23
N PHE B 115 -20.16 -3.02 -82.05
CA PHE B 115 -21.38 -3.84 -82.10
C PHE B 115 -22.17 -3.64 -83.42
N THR B 116 -23.30 -4.39 -83.57
CA THR B 116 -24.22 -4.34 -84.71
C THR B 116 -25.64 -4.01 -84.19
N ASP B 117 -26.37 -3.09 -84.86
CA ASP B 117 -27.72 -2.64 -84.47
C ASP B 117 -28.82 -3.70 -84.66
N SER B 118 -29.75 -3.44 -85.59
CA SER B 118 -30.88 -4.27 -85.98
C SER B 118 -30.92 -4.28 -87.52
N ARG B 119 -30.67 -3.11 -88.13
CA ARG B 119 -30.61 -2.89 -89.57
C ARG B 119 -29.12 -2.92 -89.98
N LYS B 120 -28.36 -3.82 -89.33
CA LYS B 120 -26.91 -4.02 -89.42
C LYS B 120 -26.17 -2.80 -88.89
N ILE B 121 -25.48 -2.01 -89.75
CA ILE B 121 -24.73 -0.78 -89.43
C ILE B 121 -23.80 -0.93 -88.20
N SER B 122 -22.52 -1.23 -88.45
CA SER B 122 -21.53 -1.40 -87.40
C SER B 122 -21.12 -0.07 -86.76
N HIS B 123 -21.14 -0.01 -85.43
CA HIS B 123 -20.73 1.16 -84.66
C HIS B 123 -19.54 0.77 -83.80
N SER B 124 -18.42 1.49 -83.97
CA SER B 124 -17.19 1.22 -83.22
C SER B 124 -16.62 2.52 -82.66
N CYS B 125 -15.82 2.41 -81.58
CA CYS B 125 -15.16 3.54 -80.95
C CYS B 125 -13.71 3.22 -80.65
N THR B 126 -12.79 3.95 -81.31
CA THR B 126 -11.36 3.78 -81.17
C THR B 126 -10.74 4.90 -80.35
N HIS B 127 -9.98 4.51 -79.30
CA HIS B 127 -9.27 5.40 -78.39
C HIS B 127 -7.79 5.02 -78.35
N PRO B 128 -6.84 6.00 -78.30
CA PRO B 128 -5.42 5.62 -78.21
C PRO B 128 -5.10 5.04 -76.83
N PHE B 129 -4.68 3.77 -76.79
CA PHE B 129 -4.37 3.09 -75.54
C PHE B 129 -3.18 2.14 -75.71
N HIS B 130 -2.09 2.40 -74.99
CA HIS B 130 -0.89 1.56 -75.05
C HIS B 130 -1.11 0.30 -74.19
N HIS B 131 -1.27 -0.85 -74.86
CA HIS B 131 -1.47 -2.12 -74.19
C HIS B 131 -0.32 -3.08 -74.49
N ASP B 132 0.45 -3.39 -73.45
CA ASP B 132 1.57 -4.32 -73.46
C ASP B 132 1.68 -4.79 -72.00
N PRO B 133 0.84 -5.77 -71.57
CA PRO B 133 0.83 -6.17 -70.16
C PRO B 133 2.14 -6.76 -69.64
N PRO B 134 2.60 -6.36 -68.42
CA PRO B 134 3.86 -6.90 -67.89
C PRO B 134 3.79 -8.39 -67.56
N VAL B 135 4.95 -9.05 -67.61
CA VAL B 135 5.10 -10.48 -67.34
C VAL B 135 4.84 -10.81 -65.86
N ILE B 136 4.02 -11.87 -65.62
CA ILE B 136 3.76 -12.38 -64.29
C ILE B 136 4.78 -13.49 -64.07
N GLY B 137 5.69 -13.25 -63.14
CA GLY B 137 6.77 -14.17 -62.82
C GLY B 137 8.05 -13.82 -63.53
N ARG B 138 8.78 -14.85 -63.98
CA ARG B 138 10.08 -14.71 -64.65
C ARG B 138 10.14 -15.42 -66.02
N GLU B 139 8.96 -15.80 -66.57
CA GLU B 139 8.86 -16.48 -67.87
C GLU B 139 7.75 -15.88 -68.72
N LYS B 140 8.08 -15.46 -69.95
CA LYS B 140 7.12 -14.88 -70.89
C LYS B 140 6.44 -15.99 -71.71
N PHE B 141 5.33 -16.53 -71.18
CA PHE B 141 4.56 -17.62 -71.79
C PHE B 141 3.31 -17.11 -72.52
N HIS B 142 2.73 -17.96 -73.40
CA HIS B 142 1.56 -17.64 -74.21
C HIS B 142 0.24 -18.11 -73.59
N SER B 143 0.11 -19.42 -73.31
CA SER B 143 -1.11 -20.02 -72.74
C SER B 143 -0.99 -20.32 -71.24
N ARG B 144 -2.10 -20.17 -70.50
CA ARG B 144 -2.15 -20.42 -69.05
C ARG B 144 -2.11 -21.92 -68.69
N PRO B 145 -1.17 -22.38 -67.82
CA PRO B 145 -1.12 -23.81 -67.48
C PRO B 145 -2.02 -24.21 -66.32
N GLN B 146 -2.33 -25.53 -66.23
CA GLN B 146 -3.13 -26.10 -65.14
C GLN B 146 -2.28 -26.17 -63.87
N HIS B 147 -1.04 -26.66 -63.99
CA HIS B 147 -0.07 -26.79 -62.90
C HIS B 147 1.09 -25.81 -63.09
N GLY B 148 1.59 -25.30 -61.97
CA GLY B 148 2.71 -24.38 -61.94
C GLY B 148 2.92 -23.73 -60.59
N LYS B 149 3.89 -22.79 -60.51
CA LYS B 149 4.21 -22.03 -59.31
C LYS B 149 3.08 -21.04 -59.02
N GLU B 150 2.58 -21.03 -57.78
CA GLU B 150 1.51 -20.11 -57.37
C GLU B 150 2.10 -18.76 -57.00
N LEU B 151 1.83 -17.74 -57.83
CA LEU B 151 2.32 -16.38 -57.61
C LEU B 151 1.17 -15.40 -57.39
N PRO B 152 1.31 -14.42 -56.45
CA PRO B 152 0.21 -13.46 -56.24
C PRO B 152 0.00 -12.53 -57.43
N CYS B 153 -1.27 -12.43 -57.89
CA CYS B 153 -1.67 -11.58 -59.01
C CYS B 153 -3.08 -11.02 -58.78
N SER B 154 -3.43 -9.94 -59.50
CA SER B 154 -4.76 -9.34 -59.41
C SER B 154 -5.51 -9.51 -60.71
N THR B 155 -6.84 -9.62 -60.61
CA THR B 155 -7.75 -9.78 -61.74
C THR B 155 -9.11 -9.14 -61.43
N TYR B 156 -9.94 -8.93 -62.45
CA TYR B 156 -11.30 -8.45 -62.27
C TYR B 156 -12.15 -9.73 -62.32
N VAL B 157 -12.80 -10.07 -61.20
CA VAL B 157 -13.59 -11.29 -61.06
C VAL B 157 -14.73 -11.44 -62.08
N GLN B 158 -14.89 -12.66 -62.64
CA GLN B 158 -15.89 -13.01 -63.67
C GLN B 158 -17.34 -12.88 -63.18
N SER B 159 -17.55 -12.89 -61.84
CA SER B 159 -18.86 -12.81 -61.17
C SER B 159 -19.71 -11.60 -61.55
N THR B 160 -21.02 -11.85 -61.73
CA THR B 160 -22.06 -10.87 -62.09
C THR B 160 -22.28 -9.86 -60.94
N ALA B 161 -22.31 -10.37 -59.68
CA ALA B 161 -22.54 -9.62 -58.44
C ALA B 161 -21.77 -8.30 -58.33
N ALA B 162 -22.47 -7.26 -57.87
CA ALA B 162 -21.94 -5.90 -57.68
C ALA B 162 -22.11 -5.52 -56.20
N THR B 163 -21.01 -5.59 -55.41
CA THR B 163 -21.03 -5.33 -53.98
C THR B 163 -19.97 -4.36 -53.43
N THR B 164 -18.80 -4.24 -54.11
CA THR B 164 -17.71 -3.38 -53.62
C THR B 164 -17.50 -2.07 -54.41
N GLU B 165 -17.03 -2.16 -55.67
CA GLU B 165 -16.76 -1.01 -56.53
C GLU B 165 -18.03 -0.27 -56.96
N GLU B 166 -17.90 1.03 -57.28
CA GLU B 166 -19.04 1.89 -57.67
C GLU B 166 -18.70 3.00 -58.68
N ILE B 167 -19.75 3.58 -59.29
CA ILE B 167 -19.68 4.70 -60.23
C ILE B 167 -20.70 5.76 -59.86
N GLU B 168 -20.43 7.03 -60.22
CA GLU B 168 -21.33 8.14 -59.96
C GLU B 168 -22.35 8.26 -61.09
N VAL B 169 -23.62 8.49 -60.73
CA VAL B 169 -24.72 8.64 -61.67
C VAL B 169 -25.54 9.90 -61.35
N HIS B 170 -26.20 10.48 -62.38
CA HIS B 170 -27.07 11.64 -62.25
C HIS B 170 -28.06 11.71 -63.41
N MET B 171 -29.07 12.61 -63.29
CA MET B 171 -30.08 12.83 -64.32
C MET B 171 -29.41 13.34 -65.61
N PRO B 172 -29.88 12.86 -66.76
CA PRO B 172 -29.18 12.97 -68.04
C PRO B 172 -28.98 14.37 -68.62
N PRO B 173 -28.55 14.41 -69.88
CA PRO B 173 -28.23 15.67 -70.57
C PRO B 173 -29.25 16.03 -71.65
N ASP B 174 -28.85 15.98 -72.92
CA ASP B 174 -29.76 16.40 -74.00
C ASP B 174 -29.43 15.90 -75.42
N THR B 175 -30.39 15.18 -75.98
CA THR B 175 -30.44 14.83 -77.40
C THR B 175 -30.96 16.00 -78.26
N PRO B 176 -30.10 16.68 -79.06
CA PRO B 176 -30.58 17.81 -79.86
C PRO B 176 -31.56 17.40 -80.96
N ASP B 177 -32.66 18.16 -81.09
CA ASP B 177 -33.72 17.92 -82.07
C ASP B 177 -34.33 19.25 -82.51
N ARG B 178 -34.07 19.64 -83.76
CA ARG B 178 -34.56 20.90 -84.33
C ARG B 178 -36.04 20.85 -84.75
N THR B 179 -36.64 19.65 -84.84
CA THR B 179 -38.05 19.46 -85.18
C THR B 179 -39.00 19.90 -84.06
N LEU B 180 -38.46 20.08 -82.82
CA LEU B 180 -39.20 20.54 -81.64
C LEU B 180 -39.65 22.00 -81.79
N MET B 181 -38.92 22.79 -82.60
CA MET B 181 -39.19 24.20 -82.86
C MET B 181 -39.74 24.50 -84.26
N SER B 182 -40.69 25.45 -84.31
CA SER B 182 -41.35 25.92 -85.53
C SER B 182 -41.64 27.43 -85.44
N GLN B 183 -41.88 28.09 -86.59
CA GLN B 183 -42.15 29.53 -86.68
C GLN B 183 -43.64 29.89 -86.61
N GLN B 184 -44.08 30.60 -85.55
CA GLN B 184 -45.48 31.03 -85.39
C GLN B 184 -45.71 32.52 -85.02
N SER B 185 -45.92 33.40 -86.03
CA SER B 185 -45.84 33.12 -87.47
C SER B 185 -44.43 33.51 -87.92
N GLY B 186 -43.83 34.43 -87.20
CA GLY B 186 -42.47 34.92 -87.36
C GLY B 186 -41.73 34.91 -86.03
N ASN B 187 -42.22 34.08 -85.09
CA ASN B 187 -41.69 33.88 -83.73
C ASN B 187 -41.32 32.40 -83.53
N VAL B 188 -40.80 32.01 -82.34
CA VAL B 188 -40.39 30.62 -82.08
C VAL B 188 -41.40 29.88 -81.20
N LYS B 189 -41.87 28.71 -81.67
CA LYS B 189 -42.81 27.83 -80.97
C LYS B 189 -42.09 26.52 -80.63
N ILE B 190 -42.01 26.19 -79.34
CA ILE B 190 -41.38 24.95 -78.85
C ILE B 190 -42.47 24.00 -78.34
N THR B 191 -42.75 22.95 -79.13
CA THR B 191 -43.75 21.92 -78.81
C THR B 191 -43.08 20.72 -78.15
N VAL B 192 -43.28 20.60 -76.83
CA VAL B 192 -42.72 19.60 -75.92
C VAL B 192 -43.06 18.11 -76.22
N ASN B 193 -44.31 17.81 -76.64
CA ASN B 193 -44.82 16.46 -76.94
C ASN B 193 -44.66 15.44 -75.80
N GLY B 194 -45.02 15.85 -74.59
CA GLY B 194 -44.97 15.02 -73.38
C GLY B 194 -43.58 14.62 -72.92
N GLN B 195 -42.57 15.44 -73.24
CA GLN B 195 -41.17 15.21 -72.89
C GLN B 195 -40.59 16.39 -72.10
N THR B 196 -39.35 16.26 -71.60
CA THR B 196 -38.64 17.32 -70.91
C THR B 196 -37.64 17.87 -71.94
N VAL B 197 -37.82 19.15 -72.31
CA VAL B 197 -36.98 19.77 -73.35
C VAL B 197 -36.16 20.95 -72.78
N ARG B 198 -34.85 20.92 -73.01
CA ARG B 198 -33.94 21.98 -72.60
C ARG B 198 -33.76 22.92 -73.80
N TYR B 199 -34.16 24.19 -73.63
CA TYR B 199 -34.08 25.18 -74.70
C TYR B 199 -33.27 26.43 -74.34
N LYS B 200 -32.59 26.99 -75.35
CA LYS B 200 -31.78 28.21 -75.25
C LYS B 200 -31.96 29.01 -76.53
N CYS B 201 -32.37 30.28 -76.39
CA CYS B 201 -32.61 31.19 -77.51
C CYS B 201 -31.72 32.43 -77.40
N ASN B 202 -31.22 32.91 -78.56
CA ASN B 202 -30.37 34.11 -78.64
C ASN B 202 -31.26 35.38 -78.69
N CYS B 203 -32.26 35.44 -77.79
CA CYS B 203 -33.24 36.52 -77.64
C CYS B 203 -33.50 36.83 -76.16
N GLY B 204 -34.07 37.99 -75.89
CA GLY B 204 -34.39 38.45 -74.54
C GLY B 204 -35.60 37.80 -73.93
N GLY B 205 -35.89 38.16 -72.68
CA GLY B 205 -37.03 37.65 -71.93
C GLY B 205 -36.76 36.32 -71.25
N SER B 206 -37.26 35.23 -71.85
CA SER B 206 -37.09 33.87 -71.33
C SER B 206 -36.32 33.00 -72.34
N ASN B 207 -35.20 32.41 -71.90
CA ASN B 207 -34.34 31.55 -72.72
C ASN B 207 -33.72 30.38 -71.94
N GLU B 208 -34.27 30.06 -70.74
CA GLU B 208 -33.79 28.96 -69.90
C GLU B 208 -34.82 27.81 -69.84
N GLY B 209 -34.52 26.76 -69.08
CA GLY B 209 -35.35 25.56 -68.95
C GLY B 209 -35.01 24.55 -70.03
N LEU B 210 -35.33 23.24 -69.91
CA LEU B 210 -36.03 22.49 -68.86
C LEU B 210 -37.49 22.86 -68.61
N THR B 211 -38.36 22.35 -69.49
CA THR B 211 -39.81 22.55 -69.47
C THR B 211 -40.55 21.26 -69.79
N THR B 212 -41.71 21.06 -69.14
CA THR B 212 -42.58 19.90 -69.35
C THR B 212 -43.85 20.34 -70.09
N THR B 213 -43.92 21.63 -70.45
CA THR B 213 -45.02 22.27 -71.17
C THR B 213 -44.52 23.06 -72.38
N ASP B 214 -45.41 23.40 -73.33
CA ASP B 214 -45.11 24.16 -74.55
C ASP B 214 -44.75 25.60 -74.23
N LYS B 215 -43.72 26.14 -74.91
CA LYS B 215 -43.23 27.50 -74.71
C LYS B 215 -43.12 28.28 -76.02
N VAL B 216 -43.40 29.59 -75.97
CA VAL B 216 -43.35 30.49 -77.12
C VAL B 216 -42.39 31.67 -76.85
N ILE B 217 -41.53 31.98 -77.85
CA ILE B 217 -40.56 33.09 -77.76
C ILE B 217 -40.91 34.11 -78.85
N ASN B 218 -41.55 35.23 -78.45
CA ASN B 218 -41.99 36.30 -79.35
C ASN B 218 -40.83 37.14 -79.88
N ASN B 219 -40.93 37.55 -81.16
CA ASN B 219 -39.94 38.35 -81.92
C ASN B 219 -38.54 37.75 -81.91
N CYS B 220 -38.46 36.43 -82.16
CA CYS B 220 -37.22 35.65 -82.21
C CYS B 220 -37.24 34.75 -83.45
N LYS B 221 -36.05 34.46 -84.01
CA LYS B 221 -35.91 33.61 -85.19
C LYS B 221 -35.59 32.16 -84.80
N VAL B 222 -36.06 31.18 -85.59
CA VAL B 222 -35.86 29.74 -85.36
C VAL B 222 -34.36 29.32 -85.39
N ASP B 223 -33.53 30.05 -86.16
CA ASP B 223 -32.10 29.80 -86.28
C ASP B 223 -31.33 30.25 -85.02
N GLN B 224 -31.89 31.21 -84.27
CA GLN B 224 -31.33 31.77 -83.04
C GLN B 224 -31.56 30.85 -81.81
N CYS B 225 -32.36 29.80 -81.97
CA CYS B 225 -32.72 28.88 -80.88
C CYS B 225 -32.11 27.48 -80.99
N HIS B 226 -31.96 26.81 -79.83
CA HIS B 226 -31.41 25.45 -79.69
C HIS B 226 -32.34 24.62 -78.80
N ALA B 227 -32.77 23.44 -79.28
CA ALA B 227 -33.65 22.53 -78.55
C ALA B 227 -33.04 21.15 -78.41
N ALA B 228 -33.21 20.54 -77.23
CA ALA B 228 -32.70 19.21 -76.92
C ALA B 228 -33.59 18.46 -75.93
N VAL B 229 -33.85 17.17 -76.21
CA VAL B 229 -34.69 16.29 -75.38
C VAL B 229 -33.85 15.76 -74.20
N THR B 230 -34.33 16.02 -72.97
CA THR B 230 -33.72 15.56 -71.73
C THR B 230 -34.14 14.11 -71.48
N ASN B 231 -35.41 15.05 -69.40
CA ASN B 231 -35.44 13.67 -68.94
C ASN B 231 -36.01 13.55 -67.51
N HIS B 232 -35.20 13.83 -66.47
CA HIS B 232 -35.56 13.81 -65.03
C HIS B 232 -36.05 12.48 -64.43
N LYS B 233 -36.57 11.56 -65.26
CA LYS B 233 -37.09 10.26 -64.82
C LYS B 233 -36.02 9.17 -64.83
N LYS B 234 -34.89 9.40 -65.52
CA LYS B 234 -33.81 8.41 -65.64
C LYS B 234 -32.47 8.88 -65.04
N TRP B 235 -31.56 7.91 -64.84
CA TRP B 235 -30.20 8.12 -64.35
C TRP B 235 -29.21 7.78 -65.45
N GLN B 236 -28.04 8.41 -65.40
CA GLN B 236 -26.97 8.23 -66.39
C GLN B 236 -25.63 8.38 -65.69
N TYR B 237 -24.61 7.62 -66.13
CA TYR B 237 -23.26 7.72 -65.57
C TYR B 237 -22.74 9.15 -65.67
N ASN B 238 -22.11 9.65 -64.59
CA ASN B 238 -21.52 11.00 -64.51
C ASN B 238 -20.33 11.06 -65.49
N SER B 239 -20.66 11.14 -66.78
CA SER B 239 -19.74 11.13 -67.92
C SER B 239 -19.16 12.49 -68.25
N PRO B 240 -17.82 12.62 -68.40
CA PRO B 240 -17.25 13.91 -68.81
C PRO B 240 -17.47 14.20 -70.30
N LEU B 241 -18.04 13.23 -71.05
CA LEU B 241 -18.34 13.32 -72.48
C LEU B 241 -19.79 13.78 -72.76
N VAL B 242 -20.59 13.95 -71.69
CA VAL B 242 -21.99 14.37 -71.73
C VAL B 242 -22.13 15.62 -70.83
N PRO B 243 -22.85 16.70 -71.22
CA PRO B 243 -22.93 17.88 -70.32
C PRO B 243 -23.76 17.65 -69.05
N ARG B 244 -23.49 18.45 -68.01
CA ARG B 244 -24.18 18.39 -66.72
C ARG B 244 -25.57 19.03 -66.87
N ASN B 245 -26.54 18.63 -66.03
CA ASN B 245 -27.88 19.22 -66.06
C ASN B 245 -27.78 20.60 -65.40
N ALA B 246 -28.06 21.67 -66.20
CA ALA B 246 -27.97 23.06 -65.79
C ALA B 246 -28.93 23.49 -64.69
N GLU B 247 -30.19 23.00 -64.72
CA GLU B 247 -31.26 23.33 -63.76
C GLU B 247 -30.89 22.93 -62.33
N LEU B 248 -30.59 21.63 -62.11
CA LEU B 248 -30.19 21.11 -60.79
C LEU B 248 -28.71 21.40 -60.52
N GLY B 249 -28.35 21.50 -59.24
CA GLY B 249 -27.00 21.78 -58.79
C GLY B 249 -26.03 20.61 -58.93
N ASP B 250 -25.34 20.28 -57.84
CA ASP B 250 -24.38 19.16 -57.82
C ASP B 250 -25.04 17.87 -57.29
N ARG B 251 -26.25 17.58 -57.80
CA ARG B 251 -27.04 16.39 -57.42
C ARG B 251 -26.41 15.14 -58.03
N LYS B 252 -26.00 14.21 -57.16
CA LYS B 252 -25.33 12.96 -57.53
C LYS B 252 -26.01 11.74 -56.93
N GLY B 253 -25.87 10.62 -57.61
CA GLY B 253 -26.31 9.30 -57.21
C GLY B 253 -25.15 8.34 -57.38
N LYS B 254 -25.22 7.14 -56.79
CA LYS B 254 -24.17 6.13 -56.94
C LYS B 254 -24.70 4.71 -57.03
N ILE B 255 -24.11 3.89 -57.89
CA ILE B 255 -24.53 2.50 -58.10
C ILE B 255 -23.33 1.55 -58.06
N HIS B 256 -23.52 0.33 -57.54
CA HIS B 256 -22.46 -0.69 -57.50
C HIS B 256 -22.20 -1.23 -58.90
N ILE B 257 -20.95 -1.61 -59.20
CA ILE B 257 -20.56 -2.09 -60.52
C ILE B 257 -20.02 -3.53 -60.52
N PRO B 258 -20.22 -4.32 -61.62
CA PRO B 258 -19.69 -5.68 -61.63
C PRO B 258 -18.18 -5.73 -61.88
N PHE B 259 -17.60 -6.93 -61.75
CA PHE B 259 -16.18 -7.24 -61.97
C PHE B 259 -15.16 -6.39 -61.16
N PRO B 260 -15.20 -6.37 -59.81
CA PRO B 260 -14.19 -5.59 -59.08
C PRO B 260 -12.82 -6.25 -59.05
N LEU B 261 -11.77 -5.44 -58.83
CA LEU B 261 -10.40 -5.95 -58.74
C LEU B 261 -10.19 -6.64 -57.39
N ALA B 262 -9.56 -7.83 -57.41
CA ALA B 262 -9.28 -8.63 -56.22
C ALA B 262 -7.97 -9.41 -56.33
N ASN B 263 -7.33 -9.70 -55.18
CA ASN B 263 -6.09 -10.46 -55.09
C ASN B 263 -6.40 -11.95 -55.27
N VAL B 264 -5.77 -12.58 -56.27
CA VAL B 264 -5.93 -14.00 -56.61
C VAL B 264 -4.56 -14.66 -56.81
N THR B 265 -4.55 -15.88 -57.40
CA THR B 265 -3.32 -16.62 -57.71
C THR B 265 -3.23 -16.93 -59.20
N CYS B 266 -2.04 -16.72 -59.79
CA CYS B 266 -1.76 -16.98 -61.19
C CYS B 266 -0.78 -18.16 -61.30
N ARG B 267 -1.14 -19.17 -62.10
CA ARG B 267 -0.30 -20.34 -62.32
C ARG B 267 0.73 -20.02 -63.40
N VAL B 268 2.03 -20.21 -63.08
CA VAL B 268 3.13 -19.93 -64.00
C VAL B 268 3.98 -21.20 -64.25
N PRO B 269 4.37 -21.49 -65.51
CA PRO B 269 5.18 -22.69 -65.74
C PRO B 269 6.63 -22.53 -65.28
N LYS B 270 8.68 -24.76 -65.06
CA LYS B 270 10.06 -24.54 -64.65
C LYS B 270 10.96 -24.95 -65.80
N ALA B 271 11.78 -24.00 -66.29
CA ALA B 271 12.70 -24.22 -67.41
C ALA B 271 13.73 -25.29 -67.04
N ARG B 272 14.09 -26.16 -68.00
CA ARG B 272 15.04 -27.26 -67.77
C ARG B 272 16.41 -26.79 -67.29
N ASN B 273 16.97 -27.48 -66.28
CA ASN B 273 18.26 -27.16 -65.67
C ASN B 273 19.39 -27.17 -66.70
N PRO B 274 20.11 -26.04 -66.87
CA PRO B 274 21.18 -25.99 -67.88
C PRO B 274 22.40 -26.85 -67.55
N THR B 275 23.15 -27.26 -68.59
CA THR B 275 24.37 -28.05 -68.43
C THR B 275 25.45 -27.13 -67.85
N VAL B 276 25.86 -27.44 -66.60
CA VAL B 276 26.80 -26.62 -65.85
C VAL B 276 28.26 -27.11 -65.87
N THR B 277 29.20 -26.18 -66.18
CA THR B 277 30.64 -26.39 -66.22
C THR B 277 31.32 -25.32 -65.36
N TYR B 278 32.32 -25.72 -64.56
CA TYR B 278 33.03 -24.82 -63.64
C TYR B 278 34.45 -24.46 -64.06
N GLY B 279 34.91 -23.30 -63.58
CA GLY B 279 36.25 -22.76 -63.81
C GLY B 279 36.75 -21.98 -62.60
N LYS B 280 38.00 -21.47 -62.68
CA LYS B 280 38.64 -20.69 -61.61
C LYS B 280 37.85 -19.39 -61.32
N ASN B 281 37.13 -19.38 -60.17
CA ASN B 281 36.28 -18.29 -59.68
C ASN B 281 35.18 -17.86 -60.68
N GLN B 282 34.70 -18.83 -61.51
CA GLN B 282 33.67 -18.59 -62.52
C GLN B 282 32.81 -19.82 -62.82
N VAL B 283 31.55 -19.57 -63.24
CA VAL B 283 30.58 -20.59 -63.61
C VAL B 283 30.10 -20.39 -65.07
N ILE B 284 30.06 -21.48 -65.86
CA ILE B 284 29.65 -21.45 -67.26
C ILE B 284 28.36 -22.28 -67.44
N MET B 285 27.29 -21.63 -67.93
CA MET B 285 25.99 -22.25 -68.15
C MET B 285 25.57 -22.21 -69.62
N LEU B 286 25.17 -23.37 -70.18
CA LEU B 286 24.69 -23.50 -71.54
C LEU B 286 23.15 -23.51 -71.46
N LEU B 287 22.54 -22.33 -71.68
CA LEU B 287 21.09 -22.15 -71.59
C LEU B 287 20.37 -22.55 -72.87
N TYR B 288 19.37 -23.44 -72.74
CA TYR B 288 18.54 -23.94 -73.84
C TYR B 288 17.05 -23.65 -73.55
N PRO B 289 16.57 -22.40 -73.75
CA PRO B 289 15.17 -22.11 -73.45
C PRO B 289 14.20 -22.47 -74.59
N ASP B 290 13.01 -22.98 -74.22
CA ASP B 290 11.95 -23.35 -75.16
C ASP B 290 11.02 -22.15 -75.40
N HIS B 291 11.13 -21.13 -74.53
CA HIS B 291 10.35 -19.89 -74.54
C HIS B 291 11.12 -18.78 -73.78
N PRO B 292 10.79 -17.46 -73.89
CA PRO B 292 11.55 -16.44 -73.13
C PRO B 292 11.62 -16.73 -71.63
N THR B 293 12.86 -16.76 -71.10
CA THR B 293 13.15 -17.11 -69.71
C THR B 293 14.04 -16.04 -69.06
N LEU B 294 13.63 -15.55 -67.87
CA LEU B 294 14.38 -14.54 -67.12
C LEU B 294 15.56 -15.19 -66.42
N LEU B 295 16.77 -14.63 -66.62
CA LEU B 295 18.00 -15.07 -65.99
C LEU B 295 18.49 -13.91 -65.12
N SER B 296 18.54 -14.14 -63.80
CA SER B 296 18.99 -13.13 -62.83
C SER B 296 20.09 -13.69 -61.93
N TYR B 297 21.01 -12.81 -61.48
CA TYR B 297 22.12 -13.18 -60.61
C TYR B 297 22.59 -12.05 -59.70
N ARG B 298 23.17 -12.43 -58.54
CA ARG B 298 23.67 -11.49 -57.53
C ARG B 298 24.79 -12.10 -56.68
N ASN B 299 25.72 -11.26 -56.21
CA ASN B 299 26.80 -11.66 -55.31
C ASN B 299 26.22 -11.71 -53.90
N GLY B 301 27.56 -10.98 -51.05
CA GLY B 301 28.35 -10.12 -50.19
C GLY B 301 27.77 -8.72 -50.05
N GLU B 302 28.61 -7.75 -49.64
CA GLU B 302 28.25 -6.35 -49.41
C GLU B 302 27.77 -5.65 -50.69
N GLU B 303 28.40 -5.97 -51.84
CA GLU B 303 28.03 -5.43 -53.15
C GLU B 303 27.36 -6.54 -53.96
N PRO B 304 26.00 -6.62 -53.96
CA PRO B 304 25.32 -7.70 -54.70
C PRO B 304 25.42 -7.59 -56.23
N ASN B 305 25.43 -6.34 -56.77
CA ASN B 305 25.52 -6.03 -58.20
C ASN B 305 24.51 -6.85 -59.03
N TYR B 306 23.21 -6.62 -58.77
CA TYR B 306 22.12 -7.32 -59.43
C TYR B 306 22.07 -7.05 -60.94
N GLN B 307 21.99 -8.13 -61.72
CA GLN B 307 21.91 -8.09 -63.18
C GLN B 307 20.84 -9.06 -63.66
N GLU B 308 20.08 -8.65 -64.68
CA GLU B 308 19.01 -9.47 -65.27
C GLU B 308 18.95 -9.35 -66.79
N GLU B 309 18.57 -10.45 -67.45
CA GLU B 309 18.41 -10.55 -68.91
C GLU B 309 17.42 -11.63 -69.29
N TRP B 310 16.54 -11.32 -70.28
CA TRP B 310 15.57 -12.28 -70.79
C TRP B 310 16.26 -13.09 -71.90
N VAL B 311 16.39 -14.41 -71.67
CA VAL B 311 17.05 -15.33 -72.60
C VAL B 311 15.98 -15.88 -73.57
N MET B 312 16.15 -15.59 -74.87
CA MET B 312 15.22 -15.99 -75.93
C MET B 312 15.58 -17.30 -76.60
N HIS B 313 16.87 -17.47 -77.00
CA HIS B 313 17.36 -18.67 -77.66
C HIS B 313 18.65 -19.19 -76.99
N LYS B 314 19.36 -20.15 -77.63
CA LYS B 314 20.60 -20.77 -77.15
C LYS B 314 21.67 -19.72 -76.86
N LYS B 315 22.11 -19.63 -75.59
CA LYS B 315 23.12 -18.66 -75.15
C LYS B 315 23.99 -19.23 -74.03
N GLU B 316 25.32 -19.06 -74.16
CA GLU B 316 26.30 -19.48 -73.16
C GLU B 316 26.62 -18.27 -72.27
N VAL B 317 26.48 -18.42 -70.95
CA VAL B 317 26.74 -17.35 -69.99
C VAL B 317 27.91 -17.65 -69.06
N VAL B 318 28.88 -16.72 -69.00
CA VAL B 318 30.07 -16.83 -68.15
C VAL B 318 29.90 -15.82 -66.99
N LEU B 319 29.74 -16.35 -65.78
CA LEU B 319 29.51 -15.57 -64.56
C LEU B 319 30.65 -15.75 -63.56
N THR B 320 31.13 -14.63 -62.98
CA THR B 320 32.21 -14.66 -61.99
C THR B 320 31.64 -14.99 -60.60
N VAL B 321 32.19 -16.03 -59.95
CA VAL B 321 31.77 -16.47 -58.63
C VAL B 321 32.72 -15.90 -57.57
N PRO B 322 32.29 -14.88 -56.78
CA PRO B 322 33.20 -14.32 -55.76
C PRO B 322 33.26 -15.21 -54.50
N THR B 323 34.26 -14.97 -53.62
CA THR B 323 34.48 -15.71 -52.37
C THR B 323 33.26 -15.75 -51.47
N GLU B 324 32.48 -14.64 -51.45
CA GLU B 324 31.24 -14.49 -50.67
C GLU B 324 30.11 -15.37 -51.20
N GLY B 325 30.15 -15.68 -52.50
CA GLY B 325 29.16 -16.53 -53.15
C GLY B 325 28.33 -15.84 -54.23
N LEU B 326 27.75 -16.65 -55.14
CA LEU B 326 26.91 -16.19 -56.23
C LEU B 326 25.59 -16.96 -56.28
N GLU B 327 24.47 -16.23 -56.33
CA GLU B 327 23.11 -16.77 -56.41
C GLU B 327 22.58 -16.53 -57.82
N VAL B 328 22.16 -17.60 -58.53
CA VAL B 328 21.65 -17.52 -59.90
C VAL B 328 20.22 -18.09 -59.99
N THR B 329 19.29 -17.30 -60.56
CA THR B 329 17.89 -17.71 -60.75
C THR B 329 17.59 -17.82 -62.23
N TRP B 330 17.23 -19.02 -62.69
CA TRP B 330 16.91 -19.34 -64.07
C TRP B 330 15.42 -19.66 -64.20
N GLY B 331 14.65 -18.66 -64.61
CA GLY B 331 13.20 -18.75 -64.77
C GLY B 331 12.48 -18.98 -63.47
N ASN B 332 11.49 -19.89 -63.48
CA ASN B 332 10.68 -20.24 -62.31
C ASN B 332 11.33 -21.27 -61.37
N ASN B 333 12.58 -21.69 -61.67
CA ASN B 333 13.33 -22.63 -60.84
C ASN B 333 13.80 -21.96 -59.56
N GLU B 334 14.05 -22.76 -58.50
CA GLU B 334 14.57 -22.29 -57.22
C GLU B 334 16.02 -21.78 -57.45
N PRO B 335 16.46 -20.69 -56.79
CA PRO B 335 17.81 -20.16 -57.07
C PRO B 335 18.97 -21.12 -56.80
N TYR B 336 19.95 -21.16 -57.73
CA TYR B 336 21.15 -21.99 -57.61
C TYR B 336 22.20 -21.16 -56.86
N LYS B 337 22.92 -21.79 -55.92
CA LYS B 337 23.96 -21.11 -55.15
C LYS B 337 25.33 -21.69 -55.47
N TYR B 338 26.30 -20.82 -55.76
CA TYR B 338 27.67 -21.20 -56.12
C TYR B 338 28.70 -20.54 -55.21
N TRP B 339 29.72 -21.32 -54.81
CA TRP B 339 30.83 -20.86 -53.96
C TRP B 339 32.17 -21.39 -54.48
N PRO B 340 33.27 -20.60 -54.42
CA PRO B 340 34.57 -21.13 -54.89
C PRO B 340 35.21 -22.07 -53.88
N GLN B 341 36.10 -22.95 -54.36
CA GLN B 341 36.83 -23.91 -53.53
C GLN B 341 38.07 -23.27 -52.92
N LEU B 342 38.31 -23.50 -51.61
CA LEU B 342 39.45 -22.94 -50.89
C LEU B 342 40.74 -23.69 -51.25
N SER B 343 40.72 -24.94 -51.28
N TYR C 1 15.60 54.21 70.20
CA TYR C 1 16.79 53.84 69.45
C TYR C 1 16.43 53.15 68.14
N GLU C 2 16.94 53.67 67.01
CA GLU C 2 16.68 53.12 65.69
C GLU C 2 17.74 52.09 65.28
N HIS C 3 17.31 50.84 65.07
CA HIS C 3 18.15 49.74 64.64
C HIS C 3 17.90 49.49 63.15
N VAL C 4 18.95 49.66 62.33
CA VAL C 4 18.88 49.47 60.88
C VAL C 4 19.69 48.23 60.49
N THR C 5 19.03 47.29 59.78
CA THR C 5 19.65 46.05 59.31
C THR C 5 19.11 45.66 57.92
N VAL C 6 19.80 44.72 57.24
CA VAL C 6 19.41 44.25 55.91
C VAL C 6 19.42 42.72 55.89
N ILE C 7 18.28 42.11 55.51
CA ILE C 7 18.15 40.66 55.41
C ILE C 7 17.85 40.26 53.95
N PRO C 8 18.31 39.07 53.47
CA PRO C 8 17.98 38.69 52.09
C PRO C 8 16.48 38.43 51.94
N ASN C 9 15.91 38.71 50.75
CA ASN C 9 14.49 38.50 50.47
C ASN C 9 14.19 37.01 50.28
N THR C 10 14.23 36.25 51.39
CA THR C 10 13.98 34.80 51.43
C THR C 10 13.03 34.49 52.58
N VAL C 11 11.89 33.89 52.26
CA VAL C 11 10.82 33.51 53.18
C VAL C 11 11.13 32.17 53.88
N GLY C 12 10.79 32.08 55.16
CA GLY C 12 10.96 30.88 55.97
C GLY C 12 12.34 30.69 56.56
N VAL C 13 13.16 31.75 56.56
CA VAL C 13 14.52 31.71 57.11
C VAL C 13 14.64 32.69 58.28
N PRO C 14 14.76 32.22 59.54
CA PRO C 14 14.89 33.16 60.68
C PRO C 14 16.28 33.76 60.75
N TYR C 15 16.35 35.10 60.84
CA TYR C 15 17.61 35.85 60.92
C TYR C 15 17.77 36.51 62.28
N LYS C 16 18.97 36.44 62.85
CA LYS C 16 19.29 37.02 64.15
C LYS C 16 20.00 38.34 63.97
N THR C 17 19.51 39.38 64.67
CA THR C 17 20.10 40.72 64.62
C THR C 17 20.44 41.22 66.02
N LEU C 18 21.69 41.68 66.21
CA LEU C 18 22.17 42.19 67.50
C LEU C 18 21.97 43.69 67.59
N VAL C 19 21.13 44.11 68.56
CA VAL C 19 20.84 45.52 68.82
C VAL C 19 21.74 45.96 69.96
N ASN C 20 22.70 46.84 69.66
CA ASN C 20 23.64 47.36 70.65
C ASN C 20 23.48 48.87 70.82
N ARG C 21 22.70 49.25 71.83
CA ARG C 21 22.47 50.64 72.21
C ARG C 21 23.56 51.00 73.23
N PRO C 22 24.41 52.03 72.97
CA PRO C 22 25.48 52.36 73.92
C PRO C 22 25.00 52.65 75.35
N GLY C 23 25.61 51.96 76.31
CA GLY C 23 25.28 52.05 77.72
C GLY C 23 24.10 51.19 78.15
N TYR C 24 23.62 50.31 77.24
CA TYR C 24 22.50 49.41 77.47
C TYR C 24 22.87 47.99 77.06
N SER C 25 22.34 46.99 77.78
CA SER C 25 22.59 45.56 77.54
C SER C 25 22.18 45.14 76.12
N PRO C 26 23.01 44.32 75.41
CA PRO C 26 22.65 43.93 74.03
C PRO C 26 21.32 43.21 73.94
N MET C 27 20.62 43.43 72.82
CA MET C 27 19.30 42.87 72.54
C MET C 27 19.35 42.04 71.26
N VAL C 28 18.88 40.79 71.31
CA VAL C 28 18.85 39.92 70.14
C VAL C 28 17.42 39.78 69.64
N LEU C 29 17.19 40.17 68.38
CA LEU C 29 15.89 40.08 67.73
C LEU C 29 15.93 39.06 66.61
N GLU C 30 14.97 38.13 66.60
CA GLU C 30 14.84 37.12 65.54
C GLU C 30 13.79 37.64 64.58
N MET C 31 14.15 37.75 63.28
CA MET C 31 13.25 38.23 62.23
C MET C 31 13.10 37.18 61.14
N GLU C 32 11.85 36.90 60.75
CA GLU C 32 11.54 35.92 59.72
C GLU C 32 10.44 36.45 58.80
N LEU C 33 10.71 36.47 57.49
CA LEU C 33 9.73 36.91 56.51
C LEU C 33 8.99 35.71 55.93
N LEU C 34 7.73 35.56 56.28
CA LEU C 34 6.92 34.44 55.82
C LEU C 34 7.06 34.22 54.32
N SER C 35 6.01 34.55 53.58
CA SER C 35 6.01 34.37 52.13
C SER C 35 6.39 35.65 51.40
N VAL C 36 6.62 35.54 50.10
CA VAL C 36 6.99 36.70 49.29
C VAL C 36 6.11 36.79 48.04
N THR C 37 5.29 37.84 47.97
CA THR C 37 4.40 38.05 46.84
C THR C 37 4.77 39.29 46.01
N LEU C 38 4.90 39.10 44.68
CA LEU C 38 5.18 40.16 43.71
C LEU C 38 3.95 40.27 42.81
N GLU C 39 3.06 41.21 43.15
CA GLU C 39 1.81 41.45 42.41
C GLU C 39 1.94 42.64 41.46
N PRO C 40 2.05 42.40 40.12
CA PRO C 40 2.17 43.54 39.19
C PRO C 40 0.82 44.22 38.94
N THR C 41 0.86 45.53 38.58
CA THR C 41 -0.34 46.29 38.26
C THR C 41 -0.75 45.93 36.84
N LEU C 42 -2.00 45.45 36.67
CA LEU C 42 -2.51 45.02 35.37
C LEU C 42 -3.44 46.01 34.69
N SER C 43 -3.33 46.09 33.37
CA SER C 43 -4.17 46.92 32.50
C SER C 43 -4.63 46.04 31.34
N LEU C 44 -5.91 45.65 31.34
CA LEU C 44 -6.49 44.78 30.33
C LEU C 44 -6.60 45.46 28.96
N ASP C 45 -5.89 44.91 27.97
CA ASP C 45 -5.91 45.41 26.59
C ASP C 45 -7.09 44.79 25.85
N TYR C 46 -7.22 43.44 25.91
CA TYR C 46 -8.31 42.67 25.30
C TYR C 46 -8.41 41.24 25.83
N ILE C 47 -9.50 40.58 25.44
CA ILE C 47 -9.87 39.19 25.73
C ILE C 47 -9.86 38.47 24.38
N THR C 48 -9.40 37.22 24.36
CA THR C 48 -9.44 36.36 23.18
C THR C 48 -10.04 35.01 23.54
N CYS C 49 -10.71 34.38 22.58
CA CYS C 49 -11.40 33.11 22.74
C CYS C 49 -11.66 32.49 21.36
N GLU C 50 -12.39 31.37 21.30
CA GLU C 50 -12.73 30.70 20.06
C GLU C 50 -13.78 31.55 19.34
N TYR C 51 -13.63 31.72 18.02
CA TYR C 51 -14.59 32.52 17.24
C TYR C 51 -15.79 31.67 16.80
N LYS C 52 -16.86 32.34 16.35
CA LYS C 52 -18.06 31.72 15.83
C LYS C 52 -18.36 32.33 14.46
N THR C 53 -17.99 29.04 13.44
CA THR C 53 -18.21 29.38 12.04
C THR C 53 -19.71 29.48 11.82
N VAL C 54 -20.25 30.70 11.84
CA VAL C 54 -21.68 30.93 11.66
C VAL C 54 -22.05 30.82 10.19
N ILE C 55 -22.78 29.75 9.86
CA ILE C 55 -23.22 29.48 8.50
C ILE C 55 -24.74 29.44 8.43
N PRO C 56 -25.39 30.49 7.87
CA PRO C 56 -26.86 30.44 7.77
C PRO C 56 -27.29 29.55 6.61
N SER C 57 -28.61 29.41 6.41
CA SER C 57 -29.17 28.64 5.29
C SER C 57 -28.71 29.29 3.98
N PRO C 58 -28.18 28.50 3.00
CA PRO C 58 -27.70 29.12 1.76
C PRO C 58 -28.83 29.70 0.90
N TYR C 59 -28.57 30.86 0.28
CA TYR C 59 -29.56 31.50 -0.58
C TYR C 59 -29.54 30.89 -1.98
N VAL C 60 -30.43 29.91 -2.21
CA VAL C 60 -30.58 29.25 -3.50
C VAL C 60 -31.57 30.07 -4.32
N LYS C 61 -31.06 30.91 -5.24
CA LYS C 61 -31.90 31.74 -6.10
C LYS C 61 -32.27 30.96 -7.35
N CYS C 62 -33.51 30.43 -7.36
CA CYS C 62 -34.03 29.66 -8.49
C CYS C 62 -34.37 30.59 -9.63
N CYS C 63 -33.89 30.26 -10.84
CA CYS C 63 -34.09 31.00 -12.09
C CYS C 63 -33.44 32.40 -12.12
N GLY C 64 -32.53 32.66 -11.20
CA GLY C 64 -31.84 33.95 -11.10
C GLY C 64 -30.41 33.88 -10.59
N THR C 65 -29.72 35.02 -10.64
CA THR C 65 -28.33 35.15 -10.18
C THR C 65 -28.27 35.95 -8.89
N ALA C 66 -27.77 35.32 -7.80
CA ALA C 66 -27.60 35.96 -6.50
C ALA C 66 -26.38 36.88 -6.52
N GLU C 67 -26.38 37.92 -5.65
CA GLU C 67 -25.27 38.88 -5.58
C GLU C 67 -24.66 38.97 -4.19
N CYS C 68 -23.32 38.82 -4.10
CA CYS C 68 -22.57 38.91 -2.85
C CYS C 68 -22.29 40.36 -2.50
N LYS C 69 -22.63 40.75 -1.26
CA LYS C 69 -22.39 42.09 -0.75
C LYS C 69 -21.32 42.05 0.34
N ASP C 70 -20.40 43.04 0.34
CA ASP C 70 -19.30 43.13 1.31
C ASP C 70 -19.82 43.47 2.70
N LYS C 71 -19.85 42.47 3.59
CA LYS C 71 -20.31 42.60 4.97
C LYS C 71 -19.14 42.75 5.93
N ASN C 72 -19.21 43.75 6.84
CA ASN C 72 -18.16 44.01 7.83
C ASN C 72 -18.32 43.04 9.01
N LEU C 73 -17.89 41.79 8.80
CA LEU C 73 -17.94 40.70 9.78
C LEU C 73 -16.58 39.99 9.83
N PRO C 74 -16.16 39.39 10.98
CA PRO C 74 -14.84 38.72 11.02
C PRO C 74 -14.81 37.47 10.15
N ASP C 75 -13.78 37.38 9.28
CA ASP C 75 -13.57 36.29 8.30
C ASP C 75 -14.79 36.09 7.38
N TYR C 76 -15.45 37.20 6.99
CA TYR C 76 -16.62 37.15 6.11
C TYR C 76 -16.28 36.59 4.75
N SER C 77 -16.99 35.54 4.36
CA SER C 77 -16.80 34.83 3.10
C SER C 77 -18.14 34.71 2.37
N CYS C 78 -18.14 35.08 1.08
CA CYS C 78 -19.32 35.02 0.22
C CYS C 78 -18.92 34.55 -1.17
N LYS C 79 -19.69 33.59 -1.72
CA LYS C 79 -19.44 33.02 -3.04
C LYS C 79 -20.76 32.60 -3.69
N VAL C 80 -20.96 33.02 -4.96
CA VAL C 80 -22.14 32.67 -5.76
C VAL C 80 -21.74 31.60 -6.76
N PHE C 81 -22.35 30.41 -6.67
CA PHE C 81 -22.08 29.27 -7.54
C PHE C 81 -23.14 29.13 -8.62
N THR C 82 -22.72 29.09 -9.90
CA THR C 82 -23.60 28.98 -11.07
C THR C 82 -23.77 27.53 -11.54
N GLY C 83 -24.87 27.25 -12.24
CA GLY C 83 -25.19 25.93 -12.77
C GLY C 83 -25.56 24.91 -11.72
N VAL C 84 -26.25 25.38 -10.66
CA VAL C 84 -26.68 24.56 -9.53
C VAL C 84 -28.11 24.06 -9.77
N TYR C 85 -28.36 22.76 -9.50
CA TYR C 85 -29.67 22.14 -9.64
C TYR C 85 -29.92 21.28 -8.39
N PRO C 86 -30.31 21.90 -7.24
CA PRO C 86 -30.47 21.13 -6.01
C PRO C 86 -31.80 20.38 -5.87
N PHE C 87 -31.74 19.25 -5.13
CA PHE C 87 -32.88 18.39 -4.86
C PHE C 87 -33.20 18.33 -3.37
N MET C 88 -34.50 18.18 -3.07
CA MET C 88 -35.02 17.95 -1.73
C MET C 88 -35.67 16.57 -1.77
N TRP C 89 -36.33 16.11 -0.68
CA TRP C 89 -36.95 14.77 -0.64
C TRP C 89 -38.00 14.51 -1.73
N GLY C 90 -38.79 15.53 -2.06
CA GLY C 90 -39.86 15.46 -3.05
C GLY C 90 -39.52 16.03 -4.42
N GLY C 91 -38.27 15.88 -4.83
CA GLY C 91 -37.80 16.35 -6.13
C GLY C 91 -36.96 17.61 -6.09
N ALA C 92 -36.77 18.24 -7.27
CA ALA C 92 -35.98 19.45 -7.45
C ALA C 92 -36.59 20.67 -6.76
N TYR C 93 -35.73 21.49 -6.14
CA TYR C 93 -36.11 22.71 -5.42
C TYR C 93 -36.39 23.87 -6.40
N CYS C 94 -35.71 23.89 -7.55
CA CYS C 94 -35.86 24.93 -8.58
C CYS C 94 -36.66 24.48 -9.79
N PHE C 95 -37.44 25.40 -10.37
CA PHE C 95 -38.26 25.16 -11.58
C PHE C 95 -37.38 25.07 -12.83
N CYS C 96 -36.33 25.92 -12.89
CA CYS C 96 -35.39 25.98 -14.00
C CYS C 96 -34.34 24.88 -13.95
N ASP C 97 -33.89 24.40 -15.12
CA ASP C 97 -32.85 23.38 -15.25
C ASP C 97 -31.49 24.05 -15.11
N ALA C 98 -31.28 25.15 -15.84
CA ALA C 98 -30.08 25.99 -15.81
C ALA C 98 -30.44 27.35 -15.19
N GLU C 99 -29.47 28.26 -15.04
CA GLU C 99 -29.65 29.62 -14.48
C GLU C 99 -30.07 29.72 -13.00
N ASN C 100 -29.78 28.67 -12.20
CA ASN C 100 -30.05 28.69 -10.77
C ASN C 100 -28.72 28.87 -10.05
N THR C 101 -28.68 29.78 -9.08
CA THR C 101 -27.45 30.07 -8.34
C THR C 101 -27.60 29.85 -6.84
N GLN C 102 -26.49 29.46 -6.18
CA GLN C 102 -26.46 29.29 -4.73
C GLN C 102 -25.48 30.29 -4.12
N LEU C 103 -25.97 31.12 -3.21
CA LEU C 103 -25.15 32.09 -2.49
C LEU C 103 -24.77 31.46 -1.15
N SER C 104 -23.47 31.16 -0.98
CA SER C 104 -22.94 30.60 0.27
C SER C 104 -22.37 31.73 1.12
N GLU C 105 -22.83 31.81 2.38
CA GLU C 105 -22.44 32.84 3.34
C GLU C 105 -21.83 32.22 4.59
N ALA C 106 -20.77 32.87 5.14
CA ALA C 106 -20.09 32.43 6.36
C ALA C 106 -19.27 33.55 7.00
N HIS C 107 -19.22 33.55 8.34
CA HIS C 107 -18.44 34.47 9.15
C HIS C 107 -18.01 33.81 10.46
N VAL C 108 -16.95 34.32 11.08
CA VAL C 108 -16.42 33.78 12.33
C VAL C 108 -16.72 34.73 13.50
N GLU C 109 -18.15 36.53 15.11
CA GLU C 109 -18.44 37.08 16.43
C GLU C 109 -17.93 36.11 17.50
N LYS C 110 -18.02 36.51 18.79
CA LYS C 110 -17.56 35.67 19.89
C LYS C 110 -18.43 34.42 19.99
N SER C 111 -17.85 33.28 20.27
CA SER C 111 -18.56 32.00 20.45
C SER C 111 -19.24 32.02 21.83
N GLU C 112 -20.21 31.11 22.04
CA GLU C 112 -20.94 30.95 23.31
C GLU C 112 -19.98 30.59 24.44
N SER C 113 -18.84 29.99 24.08
CA SER C 113 -17.77 29.54 24.96
C SER C 113 -16.90 30.68 25.53
N CYS C 114 -16.93 31.87 24.91
CA CYS C 114 -16.12 33.02 25.30
C CYS C 114 -16.21 33.50 26.76
N LYS C 115 -17.34 33.22 27.44
CA LYS C 115 -17.55 33.57 28.84
C LYS C 115 -16.87 32.53 29.76
N THR C 116 -16.70 31.29 29.26
CA THR C 116 -16.13 30.15 29.98
C THR C 116 -14.66 29.92 29.59
N GLU C 117 -14.38 29.79 28.28
CA GLU C 117 -13.04 29.54 27.74
C GLU C 117 -12.47 30.79 27.07
N PHE C 118 -11.54 31.47 27.75
CA PHE C 118 -10.92 32.70 27.24
C PHE C 118 -9.54 32.97 27.82
N ALA C 119 -8.74 33.76 27.09
CA ALA C 119 -7.40 34.20 27.47
C ALA C 119 -7.44 35.74 27.56
N SER C 120 -6.77 36.30 28.56
CA SER C 120 -6.74 37.75 28.77
C SER C 120 -5.37 38.34 28.49
N ALA C 121 -5.31 39.40 27.68
CA ALA C 121 -4.07 40.10 27.33
C ALA C 121 -3.91 41.33 28.24
N TYR C 122 -2.92 41.27 29.14
CA TYR C 122 -2.65 42.34 30.12
C TYR C 122 -1.32 43.06 29.90
N ARG C 123 -1.27 44.33 30.30
CA ARG C 123 -0.06 45.15 30.30
C ARG C 123 0.42 45.20 31.75
N ALA C 124 1.51 44.48 32.06
CA ALA C 124 2.08 44.40 33.40
C ALA C 124 3.16 45.46 33.63
N HIS C 125 3.04 46.24 34.72
CA HIS C 125 3.96 47.31 35.07
C HIS C 125 4.06 47.56 36.57
N THR C 126 5.27 47.87 37.06
CA THR C 126 5.64 48.17 38.46
C THR C 126 5.04 47.20 39.49
N ALA C 127 5.75 46.09 39.74
CA ALA C 127 5.34 45.06 40.69
C ALA C 127 5.46 45.52 42.14
N SER C 128 4.39 45.31 42.92
CA SER C 128 4.35 45.68 44.34
C SER C 128 4.76 44.46 45.17
N ALA C 129 5.88 44.58 45.90
CA ALA C 129 6.42 43.50 46.72
C ALA C 129 5.86 43.51 48.12
N SER C 130 5.37 42.36 48.59
CA SER C 130 4.79 42.16 49.92
C SER C 130 5.34 40.88 50.55
N ALA C 131 5.50 40.86 51.86
CA ALA C 131 6.01 39.69 52.57
C ALA C 131 5.77 39.80 54.07
N LYS C 132 5.11 38.79 54.64
CA LYS C 132 4.83 38.77 56.07
C LYS C 132 6.08 39.11 56.87
N LEU C 133 5.90 39.31 58.18
CA LEU C 133 7.01 39.64 59.06
C LEU C 133 6.77 39.15 60.48
N ARG C 134 7.66 38.28 60.96
CA ARG C 134 7.55 37.73 62.31
C ARG C 134 8.78 38.20 63.08
N VAL C 135 8.57 38.87 64.21
CA VAL C 135 9.66 39.38 65.06
C VAL C 135 9.54 38.80 66.47
N LEU C 136 10.62 38.16 66.96
CA LEU C 136 10.68 37.64 68.33
C LEU C 136 11.07 38.86 69.17
N TYR C 137 10.04 39.55 69.71
CA TYR C 137 10.20 40.77 70.50
C TYR C 137 9.69 40.58 71.92
N GLN C 138 10.62 40.71 72.90
CA GLN C 138 10.39 40.55 74.35
C GLN C 138 9.84 39.16 74.73
N GLY C 139 10.42 38.13 74.12
CA GLY C 139 10.04 36.73 74.34
C GLY C 139 8.75 36.29 73.70
N ASN C 140 8.13 37.18 72.88
CA ASN C 140 6.86 36.94 72.19
C ASN C 140 7.00 37.22 70.70
N ASN C 141 6.21 36.48 69.88
CA ASN C 141 6.22 36.65 68.44
C ASN C 141 5.21 37.70 68.01
N ILE C 142 5.69 38.76 67.34
CA ILE C 142 4.85 39.85 66.84
C ILE C 142 4.84 39.85 65.31
N THR C 143 3.66 40.09 64.71
CA THR C 143 3.49 40.11 63.26
C THR C 143 3.36 41.55 62.76
N VAL C 144 4.22 41.93 61.81
CA VAL C 144 4.23 43.27 61.21
C VAL C 144 3.94 43.15 59.72
N THR C 145 2.85 43.79 59.26
CA THR C 145 2.45 43.81 57.85
C THR C 145 2.62 45.25 57.35
N ALA C 146 3.62 45.46 56.47
CA ALA C 146 3.93 46.78 55.92
C ALA C 146 4.34 46.73 54.45
N TYR C 147 4.14 47.86 53.75
CA TYR C 147 4.55 48.01 52.35
C TYR C 147 6.07 48.17 52.33
N ALA C 148 6.76 47.34 51.53
CA ALA C 148 8.22 47.33 51.40
C ALA C 148 8.74 48.45 50.48
N ASN C 149 8.31 49.70 50.76
CA ASN C 149 8.66 50.91 50.02
C ASN C 149 9.57 51.86 50.79
N GLY C 150 9.73 51.60 52.09
CA GLY C 150 10.54 52.42 52.99
C GLY C 150 9.86 53.71 53.42
N ASP C 151 8.55 53.82 53.18
CA ASP C 151 7.73 54.99 53.53
C ASP C 151 6.35 54.58 54.06
N HIS C 152 6.33 53.55 54.93
CA HIS C 152 5.13 53.04 55.59
C HIS C 152 5.51 52.52 56.97
N ALA C 153 5.30 53.37 57.98
CA ALA C 153 5.62 53.07 59.37
C ALA C 153 4.47 52.33 60.05
N VAL C 154 4.76 51.12 60.55
CA VAL C 154 3.81 50.27 61.26
C VAL C 154 4.32 50.08 62.69
N THR C 155 3.53 50.49 63.68
CA THR C 155 3.89 50.42 65.10
C THR C 155 3.17 49.27 65.82
N VAL C 156 3.95 48.32 66.34
CA VAL C 156 3.47 47.14 67.09
C VAL C 156 4.25 47.11 68.41
N LYS C 157 3.54 47.16 69.55
CA LYS C 157 4.08 47.18 70.92
C LYS C 157 5.07 48.34 71.13
N ASP C 158 4.71 49.53 70.60
CA ASP C 158 5.46 50.80 70.64
C ASP C 158 6.74 50.84 69.78
N ALA C 159 7.06 49.73 69.08
CA ALA C 159 8.22 49.63 68.19
C ALA C 159 7.80 49.98 66.75
N LYS C 160 8.37 51.06 66.18
CA LYS C 160 8.05 51.53 64.83
C LYS C 160 8.87 50.77 63.78
N PHE C 161 8.18 50.16 62.81
CA PHE C 161 8.80 49.38 61.74
C PHE C 161 8.68 50.04 60.39
N ILE C 162 9.82 50.18 59.69
CA ILE C 162 9.91 50.71 58.32
C ILE C 162 10.59 49.63 57.50
N VAL C 163 9.81 48.98 56.62
CA VAL C 163 10.25 47.88 55.76
C VAL C 163 10.57 48.40 54.35
N GLY C 164 11.70 47.97 53.81
CA GLY C 164 12.16 48.33 52.47
C GLY C 164 12.96 49.64 52.43
N PRO C 165 13.16 50.24 51.23
CA PRO C 165 12.72 49.79 49.89
C PRO C 165 13.48 48.57 49.35
N MET C 166 12.77 47.72 48.59
CA MET C 166 13.29 46.50 47.96
C MET C 166 14.49 46.81 47.08
N SER C 167 15.57 46.00 47.18
CA SER C 167 16.79 46.20 46.38
C SER C 167 16.53 45.88 44.90
N SER C 168 15.63 44.94 44.64
CA SER C 168 15.29 44.55 43.28
C SER C 168 13.79 44.58 43.04
N ALA C 169 13.37 45.32 42.02
CA ALA C 169 11.95 45.43 41.69
C ALA C 169 11.63 44.66 40.41
N TRP C 170 12.27 43.51 40.24
CA TRP C 170 12.06 42.69 39.07
C TRP C 170 10.75 41.90 39.18
N THR C 171 10.58 40.93 38.28
CA THR C 171 9.37 40.10 38.28
C THR C 171 9.29 39.25 37.03
N PRO C 172 9.58 37.96 37.18
CA PRO C 172 9.54 37.02 36.05
C PRO C 172 8.60 37.50 34.95
N PHE C 173 7.73 38.46 35.28
CA PHE C 173 6.78 38.99 34.31
C PHE C 173 7.39 40.07 33.44
N ASP C 174 7.08 40.02 32.13
CA ASP C 174 7.50 41.01 31.15
C ASP C 174 6.45 42.14 31.09
N ASN C 175 6.61 43.12 30.17
CA ASN C 175 5.68 44.24 30.01
C ASN C 175 4.31 43.75 29.52
N LYS C 176 4.29 42.73 28.65
CA LYS C 176 3.07 42.14 28.09
C LYS C 176 2.89 40.70 28.57
N ILE C 177 1.74 40.40 29.19
CA ILE C 177 1.42 39.06 29.71
C ILE C 177 0.06 38.55 29.23
N VAL C 178 -0.10 37.21 29.17
CA VAL C 178 -1.33 36.53 28.77
C VAL C 178 -1.75 35.55 29.88
N VAL C 179 -3.02 35.65 30.33
CA VAL C 179 -3.56 34.82 31.41
C VAL C 179 -4.67 33.90 30.93
N TYR C 180 -4.51 32.58 31.18
CA TYR C 180 -5.50 31.55 30.88
C TYR C 180 -5.73 30.72 32.13
N LYS C 181 -6.92 30.91 32.76
CA LYS C 181 -7.35 30.24 33.99
C LYS C 181 -6.33 30.42 35.13
N GLY C 182 -5.57 29.38 35.45
CA GLY C 182 -4.55 29.42 36.50
C GLY C 182 -3.14 29.53 35.98
N ASP C 183 -2.98 29.76 34.65
CA ASP C 183 -1.68 29.87 34.00
C ASP C 183 -1.41 31.25 33.42
N VAL C 184 -0.17 31.76 33.65
CA VAL C 184 0.30 33.07 33.16
C VAL C 184 1.44 32.82 32.17
N TYR C 185 1.43 33.57 31.05
CA TYR C 185 2.45 33.44 30.01
C TYR C 185 3.04 34.80 29.65
N ASN C 186 4.37 34.85 29.46
CA ASN C 186 5.06 36.05 29.01
C ASN C 186 4.94 36.02 27.49
N MET C 187 4.12 36.92 26.93
CA MET C 187 3.88 36.94 25.48
C MET C 187 3.73 38.35 24.94
N ASP C 188 4.47 38.65 23.87
CA ASP C 188 4.38 39.93 23.18
C ASP C 188 3.20 39.80 22.20
N TYR C 189 1.98 39.78 22.78
CA TYR C 189 0.72 39.61 22.05
C TYR C 189 0.48 40.73 21.03
N PRO C 190 -0.17 40.44 19.88
CA PRO C 190 -0.40 41.53 18.90
C PRO C 190 -1.37 42.57 19.46
N PRO C 191 -1.20 43.88 19.15
CA PRO C 191 -2.16 44.87 19.67
C PRO C 191 -3.57 44.69 19.10
N PHE C 192 -4.57 45.36 19.70
CA PHE C 192 -5.97 45.29 19.25
C PHE C 192 -6.07 45.81 17.81
N GLY C 193 -6.71 45.03 16.96
CA GLY C 193 -6.88 45.36 15.55
C GLY C 193 -5.70 45.01 14.68
N ALA C 194 -4.80 44.13 15.18
CA ALA C 194 -3.60 43.70 14.48
C ALA C 194 -3.38 42.17 14.53
N GLY C 195 -4.39 41.45 15.03
CA GLY C 195 -4.37 39.99 15.14
C GLY C 195 -4.39 39.28 13.79
N ARG C 196 -3.59 38.23 13.65
CA ARG C 196 -3.45 37.45 12.43
C ARG C 196 -4.35 36.19 12.37
N PRO C 197 -4.76 35.71 11.17
CA PRO C 197 -5.61 34.51 11.10
C PRO C 197 -4.90 33.24 11.56
N GLY C 198 -5.63 32.37 12.26
CA GLY C 198 -5.11 31.12 12.80
C GLY C 198 -4.12 31.26 13.94
N GLN C 199 -3.93 32.50 14.43
CA GLN C 199 -2.99 32.82 15.49
C GLN C 199 -3.71 33.51 16.65
N PHE C 200 -3.02 33.61 17.81
CA PHE C 200 -3.52 34.27 19.02
C PHE C 200 -3.91 35.71 18.66
N GLY C 201 -5.19 36.03 18.81
CA GLY C 201 -5.72 37.34 18.51
C GLY C 201 -6.48 37.45 17.20
N ASP C 202 -6.80 36.30 16.55
CA ASP C 202 -7.58 36.26 15.30
C ASP C 202 -8.95 36.92 15.52
N ILE C 203 -9.45 36.83 16.77
CA ILE C 203 -10.64 37.48 17.27
C ILE C 203 -10.24 38.21 18.57
N GLN C 204 -10.51 39.52 18.63
CA GLN C 204 -10.16 40.33 19.79
C GLN C 204 -11.37 41.11 20.32
N SER C 205 -11.65 40.95 21.62
CA SER C 205 -12.74 41.63 22.33
C SER C 205 -12.11 42.43 23.47
N ARG C 206 -12.29 43.76 23.47
CA ARG C 206 -11.73 44.67 24.48
C ARG C 206 -12.07 44.26 25.93
N THR C 207 -13.32 43.83 26.16
CA THR C 207 -13.85 43.35 27.45
C THR C 207 -14.68 42.06 27.18
N PRO C 208 -14.92 41.16 28.17
CA PRO C 208 -15.74 39.98 27.88
C PRO C 208 -17.23 40.27 27.64
N GLU C 209 -17.67 41.52 27.93
CA GLU C 209 -19.05 41.98 27.76
C GLU C 209 -19.25 42.79 26.46
N SER C 210 -18.12 43.19 25.80
CA SER C 210 -18.08 43.97 24.56
C SER C 210 -18.97 43.45 23.43
N LYS C 211 -19.65 44.36 22.71
CA LYS C 211 -20.55 44.01 21.62
C LYS C 211 -19.80 43.90 20.29
N ASP C 212 -19.01 44.94 19.94
CA ASP C 212 -18.23 44.95 18.70
C ASP C 212 -16.85 44.34 18.93
N VAL C 213 -16.53 43.28 18.18
CA VAL C 213 -15.25 42.56 18.28
C VAL C 213 -14.44 42.71 17.01
N TYR C 214 -13.10 42.58 17.11
CA TYR C 214 -12.23 42.62 15.94
C TYR C 214 -12.06 41.20 15.43
N ALA C 215 -12.09 41.01 14.09
CA ALA C 215 -11.92 39.69 13.49
C ALA C 215 -11.13 39.73 12.19
N ASN C 216 -10.15 38.82 12.10
CA ASN C 216 -9.30 38.62 10.93
C ASN C 216 -9.03 37.12 10.87
N THR C 217 -9.98 36.36 10.30
CA THR C 217 -9.94 34.90 10.22
C THR C 217 -9.78 34.37 8.78
N GLN C 218 -8.58 31.15 7.92
CA GLN C 218 -8.45 30.68 6.53
C GLN C 218 -9.75 30.04 6.03
N LEU C 219 -10.89 30.72 6.26
CA LEU C 219 -12.21 30.28 5.84
C LEU C 219 -12.33 30.43 4.32
N VAL C 220 -12.54 29.32 3.61
CA VAL C 220 -12.70 29.28 2.15
C VAL C 220 -13.92 28.42 1.83
N LEU C 221 -14.95 29.02 1.20
CA LEU C 221 -16.18 28.32 0.83
C LEU C 221 -15.99 27.52 -0.45
N GLN C 222 -16.52 26.28 -0.47
CA GLN C 222 -16.40 25.37 -1.59
C GLN C 222 -17.71 25.20 -2.35
N ARG C 223 -17.63 24.76 -3.62
CA ARG C 223 -18.81 24.54 -4.47
C ARG C 223 -19.62 23.34 -3.93
N PRO C 224 -20.95 23.49 -3.73
CA PRO C 224 -21.74 22.36 -3.22
C PRO C 224 -21.82 21.18 -4.18
N ALA C 225 -22.03 19.98 -3.62
CA ALA C 225 -22.17 18.72 -4.37
C ALA C 225 -23.40 18.76 -5.25
N ALA C 226 -23.37 18.04 -6.39
CA ALA C 226 -24.46 17.96 -7.37
C ALA C 226 -25.77 17.53 -6.72
N GLY C 227 -26.80 18.37 -6.88
CA GLY C 227 -28.14 18.15 -6.36
C GLY C 227 -28.23 18.11 -4.84
N THR C 228 -27.27 18.75 -4.16
CA THR C 228 -27.18 18.76 -2.70
C THR C 228 -27.20 20.17 -2.12
N VAL C 229 -28.11 20.41 -1.14
CA VAL C 229 -28.19 21.69 -0.44
C VAL C 229 -27.37 21.54 0.84
N HIS C 230 -26.20 22.20 0.86
CA HIS C 230 -25.23 22.25 1.96
C HIS C 230 -24.21 23.34 1.69
N VAL C 231 -23.45 23.75 2.70
CA VAL C 231 -22.43 24.79 2.56
C VAL C 231 -21.04 24.19 2.88
N PRO C 232 -20.38 23.53 1.88
CA PRO C 232 -19.05 22.97 2.16
C PRO C 232 -17.99 24.07 2.25
N TYR C 233 -17.03 23.89 3.15
CA TYR C 233 -15.96 24.86 3.39
C TYR C 233 -14.69 24.20 3.90
N SER C 234 -13.55 24.88 3.71
CA SER C 234 -12.24 24.49 4.21
C SER C 234 -11.79 25.56 5.20
N GLN C 235 -11.36 25.12 6.39
CA GLN C 235 -10.96 26.02 7.47
C GLN C 235 -9.94 25.35 8.37
N ALA C 236 -9.38 30.18 8.21
CA ALA C 236 -8.25 29.74 9.04
C ALA C 236 -8.79 29.25 10.39
N PRO C 237 -8.38 28.04 10.86
CA PRO C 237 -8.92 27.53 12.14
C PRO C 237 -8.62 28.41 13.35
N SER C 238 -9.44 28.29 14.42
CA SER C 238 -9.36 29.06 15.67
C SER C 238 -7.94 29.27 16.21
N GLY C 239 -7.56 30.53 16.32
CA GLY C 239 -6.26 30.95 16.84
C GLY C 239 -6.11 30.66 18.32
N PHE C 240 -7.22 30.77 19.07
CA PHE C 240 -7.26 30.49 20.51
C PHE C 240 -7.07 28.99 20.76
N LYS C 241 -7.76 28.14 19.96
CA LYS C 241 -7.63 26.68 20.02
C LYS C 241 -6.21 26.28 19.66
N TYR C 242 -5.62 26.97 18.66
CA TYR C 242 -4.24 26.75 18.22
C TYR C 242 -3.27 27.15 19.31
N TRP C 243 -3.49 28.32 19.97
CA TRP C 243 -2.64 28.78 21.06
C TRP C 243 -2.69 27.84 22.27
N LEU C 244 -3.88 27.28 22.59
CA LEU C 244 -4.07 26.35 23.71
C LEU C 244 -3.15 25.13 23.66
N LYS C 245 -2.78 24.67 22.45
CA LYS C 245 -1.87 23.54 22.25
C LYS C 245 -0.43 23.97 21.98
N GLU C 246 -0.22 25.22 21.50
CA GLU C 246 1.10 25.77 21.15
C GLU C 246 1.72 26.69 22.22
N ARG C 247 0.97 27.01 23.30
CA ARG C 247 1.40 27.89 24.38
C ARG C 247 2.68 27.47 25.11
N GLY C 248 2.89 26.17 25.21
CA GLY C 248 4.04 25.60 25.92
C GLY C 248 3.83 25.63 27.41
N ALA C 249 4.91 25.48 28.19
CA ALA C 249 4.85 25.51 29.64
C ALA C 249 4.67 26.94 30.16
N SER C 250 3.80 27.11 31.17
CA SER C 250 3.52 28.42 31.79
C SER C 250 4.67 28.89 32.68
N LEU C 251 4.60 30.15 33.15
CA LEU C 251 5.61 30.76 34.02
C LEU C 251 5.89 29.98 35.32
N GLN C 252 4.87 29.25 35.85
CA GLN C 252 4.95 28.40 37.04
C GLN C 252 6.05 27.32 36.86
N HIS C 253 6.30 26.91 35.61
CA HIS C 253 7.27 25.88 35.24
C HIS C 253 8.57 26.43 34.65
N THR C 254 8.52 27.60 33.97
CA THR C 254 9.70 28.16 33.28
C THR C 254 10.46 29.28 34.01
N ALA C 255 9.79 30.00 34.94
CA ALA C 255 10.40 31.14 35.64
C ALA C 255 11.64 30.79 36.48
N PRO C 256 12.70 31.63 36.41
CA PRO C 256 13.90 31.37 37.24
C PRO C 256 13.65 31.62 38.73
N PHE C 257 14.64 31.29 39.58
CA PHE C 257 14.64 31.47 41.04
C PHE C 257 13.52 30.72 41.80
N GLY C 258 12.99 29.67 41.19
CA GLY C 258 11.94 28.82 41.74
C GLY C 258 10.62 29.51 42.01
N CYS C 259 10.26 30.50 41.16
CA CYS C 259 9.01 31.26 41.28
C CYS C 259 7.78 30.37 41.16
N GLN C 260 6.79 30.60 42.03
CA GLN C 260 5.49 29.93 42.01
C GLN C 260 4.54 30.98 41.46
N ILE C 261 3.75 30.63 40.43
CA ILE C 261 2.83 31.58 39.82
C ILE C 261 1.37 31.26 40.15
N ALA C 262 0.65 32.27 40.66
CA ALA C 262 -0.76 32.17 41.04
C ALA C 262 -1.59 33.20 40.27
N THR C 263 -2.92 32.99 40.23
CA THR C 263 -3.89 33.87 39.54
C THR C 263 -4.96 34.36 40.51
N ASN C 264 -5.76 35.36 40.08
CA ASN C 264 -6.85 35.99 40.83
C ASN C 264 -6.42 36.54 42.22
N PRO C 265 -5.53 37.56 42.32
CA PRO C 265 -4.84 38.30 41.24
C PRO C 265 -3.55 37.61 40.79
N VAL C 266 -3.03 37.95 39.59
CA VAL C 266 -1.77 37.36 39.11
C VAL C 266 -0.59 37.83 39.96
N ARG C 267 0.22 36.89 40.44
CA ARG C 267 1.36 37.17 41.32
C ARG C 267 2.47 36.14 41.26
N ALA C 268 3.70 36.59 41.56
CA ALA C 268 4.90 35.76 41.63
C ALA C 268 5.14 35.50 43.13
N VAL C 269 5.04 34.22 43.53
CA VAL C 269 5.19 33.81 44.93
C VAL C 269 6.49 33.03 45.13
N ASN C 270 7.23 33.38 46.20
CA ASN C 270 8.48 32.73 46.63
C ASN C 270 9.63 32.70 45.61
N CYS C 271 9.88 33.83 44.96
CA CYS C 271 10.93 33.94 43.97
C CYS C 271 12.18 34.60 44.56
N ALA C 272 12.35 34.46 45.87
CA ALA C 272 13.50 35.05 46.55
C ALA C 272 14.45 35.72 45.56
N VAL C 273 14.40 37.03 45.49
CA VAL C 273 15.26 37.79 44.58
C VAL C 273 15.61 39.16 45.15
N GLY C 274 16.84 39.31 45.64
CA GLY C 274 17.28 40.55 46.20
C GLY C 274 17.24 40.56 47.72
N ASN C 275 17.50 41.72 48.32
CA ASN C 275 17.49 41.85 49.77
C ASN C 275 16.45 42.87 50.26
N MET C 276 16.22 42.90 51.58
CA MET C 276 15.24 43.80 52.19
C MET C 276 15.77 44.55 53.42
N PRO C 277 15.90 45.89 53.34
CA PRO C 277 16.34 46.65 54.52
C PRO C 277 15.20 46.78 55.55
N ILE C 278 15.55 46.68 56.83
CA ILE C 278 14.60 46.76 57.94
C ILE C 278 15.05 47.80 58.97
N SER C 279 14.16 48.75 59.28
CA SER C 279 14.38 49.80 60.28
C SER C 279 13.41 49.60 61.43
N ILE C 280 13.95 49.44 62.66
CA ILE C 280 13.14 49.24 63.88
C ILE C 280 13.49 50.32 64.91
N ASP C 281 12.51 51.18 65.22
CA ASP C 281 12.66 52.23 66.23
C ASP C 281 12.16 51.63 67.55
N ILE C 282 13.09 51.00 68.29
CA ILE C 282 12.82 50.32 69.56
C ILE C 282 12.64 51.34 70.70
N PRO C 283 11.51 51.30 71.46
CA PRO C 283 11.31 52.26 72.56
C PRO C 283 12.27 52.05 73.73
N GLU C 284 12.53 53.10 74.45
CA GLU C 284 13.41 53.18 75.63
C GLU C 284 13.11 52.12 76.70
N ALA C 285 11.81 51.84 76.98
CA ALA C 285 11.33 50.86 77.97
C ALA C 285 11.78 49.43 77.71
N ALA C 286 11.96 49.06 76.42
CA ALA C 286 12.40 47.72 76.01
C ALA C 286 13.85 47.44 76.39
N PHE C 287 14.68 48.50 76.50
CA PHE C 287 16.10 48.40 76.85
C PHE C 287 16.34 48.33 78.36
N THR C 288 17.35 47.56 78.75
CA THR C 288 17.80 47.41 80.14
C THR C 288 19.25 47.83 80.22
N ARG C 289 19.59 48.68 81.21
CA ARG C 289 20.95 49.19 81.42
C ARG C 289 21.92 48.09 81.78
N VAL C 290 23.22 48.26 81.41
CA VAL C 290 24.31 47.32 81.68
C VAL C 290 24.47 47.00 83.17
N VAL C 291 24.24 48.01 84.04
CA VAL C 291 24.30 47.90 85.51
C VAL C 291 23.08 47.11 86.00
N ASP C 292 21.90 47.34 85.38
CA ASP C 292 20.63 46.65 85.71
C ASP C 292 20.62 45.21 85.20
N ALA C 293 21.51 44.88 84.25
CA ALA C 293 21.65 43.54 83.66
C ALA C 293 22.76 42.76 84.39
N PRO C 294 22.70 41.40 84.49
CA PRO C 294 23.76 40.66 85.19
C PRO C 294 25.12 40.73 84.50
N SER C 295 26.21 40.66 85.30
CA SER C 295 27.59 40.70 84.82
C SER C 295 28.13 39.27 84.69
N LEU C 296 28.67 38.93 83.51
CA LEU C 296 29.21 37.60 83.21
C LEU C 296 30.72 37.52 83.43
N THR C 297 31.16 36.55 84.23
CA THR C 297 32.57 36.29 84.57
C THR C 297 32.86 34.78 84.63
N ASP C 298 34.16 34.41 84.55
CA ASP C 298 34.68 33.03 84.60
C ASP C 298 33.96 32.09 83.62
N MET C 299 33.87 32.51 82.35
CA MET C 299 33.19 31.76 81.30
C MET C 299 34.06 30.76 80.54
N SER C 300 33.50 29.59 80.27
CA SER C 300 34.13 28.50 79.54
C SER C 300 33.09 27.85 78.60
N CYS C 301 33.53 27.35 77.44
CA CYS C 301 32.64 26.75 76.45
C CYS C 301 33.12 25.39 75.96
N GLU C 302 32.21 24.40 75.95
CA GLU C 302 32.49 23.05 75.47
C GLU C 302 31.41 22.59 74.47
N VAL C 303 31.85 21.93 73.39
CA VAL C 303 30.97 21.44 72.33
C VAL C 303 30.95 19.89 72.37
N PRO C 304 29.94 19.28 73.04
CA PRO C 304 29.90 17.81 73.12
C PRO C 304 29.43 17.11 71.84
N ALA C 305 28.66 17.83 70.99
CA ALA C 305 28.12 17.28 69.74
C ALA C 305 27.97 18.33 68.65
N CYS C 306 28.47 18.03 67.44
CA CYS C 306 28.36 18.92 66.28
C CYS C 306 28.32 18.21 64.93
N THR C 307 27.41 18.69 64.08
CA THR C 307 27.21 18.25 62.70
C THR C 307 27.02 19.52 61.86
N HIS C 308 27.92 19.75 60.89
CA HIS C 308 27.82 20.93 60.03
C HIS C 308 26.75 20.73 58.95
N SER C 309 25.61 21.43 59.10
CA SER C 309 24.45 21.35 58.21
C SER C 309 23.66 22.67 58.17
N SER C 310 22.56 22.69 57.39
CA SER C 310 21.67 23.84 57.24
C SER C 310 20.90 24.16 58.52
N ASP C 311 20.53 23.10 59.30
CA ASP C 311 19.80 23.24 60.56
C ASP C 311 20.77 23.32 61.76
N PHE C 312 20.22 23.42 62.98
CA PHE C 312 21.01 23.52 64.21
C PHE C 312 21.53 22.15 64.65
N GLY C 313 22.62 21.71 64.00
CA GLY C 313 23.27 20.43 64.26
C GLY C 313 24.32 20.46 65.37
N GLY C 314 24.66 21.67 65.82
CA GLY C 314 25.64 21.88 66.87
C GLY C 314 25.04 22.14 68.24
N VAL C 315 25.67 21.58 69.29
CA VAL C 315 25.26 21.72 70.70
C VAL C 315 26.45 22.28 71.48
N ALA C 316 26.24 23.35 72.26
CA ALA C 316 27.32 23.95 73.07
C ALA C 316 26.87 24.23 74.50
N ILE C 317 27.70 23.83 75.48
CA ILE C 317 27.45 24.03 76.92
C ILE C 317 28.40 25.13 77.43
N ILE C 318 27.82 26.24 77.89
CA ILE C 318 28.57 27.39 78.40
C ILE C 318 28.40 27.52 79.91
N LYS C 319 29.51 27.38 80.65
CA LYS C 319 29.56 27.53 82.11
C LYS C 319 29.82 28.99 82.44
N TYR C 320 29.15 29.52 83.48
CA TYR C 320 29.26 30.93 83.86
C TYR C 320 29.20 31.21 85.37
N ALA C 321 29.51 32.45 85.75
CA ALA C 321 29.47 32.98 87.10
C ALA C 321 28.91 34.40 87.01
N ALA C 322 27.52 34.50 87.15
CA ALA C 322 26.67 35.69 87.06
C ALA C 322 26.56 36.42 88.39
N SER C 323 26.65 37.78 88.35
CA SER C 323 26.57 38.65 89.52
C SER C 323 25.18 38.64 90.17
N LYS C 324 24.09 38.60 89.58
CA LYS C 324 22.65 38.55 89.89
C LYS C 324 21.83 37.71 88.89
N LYS C 325 20.55 37.47 89.21
CA LYS C 325 19.59 36.73 88.39
C LYS C 325 18.94 37.72 87.40
N GLY C 326 18.73 37.26 86.16
CA GLY C 326 18.13 38.08 85.11
C GLY C 326 18.27 37.48 83.72
N LYS C 327 17.59 38.09 82.74
CA LYS C 327 17.62 37.66 81.35
C LYS C 327 18.86 38.18 80.61
N CYS C 328 19.53 37.29 79.86
CA CYS C 328 20.72 37.60 79.06
C CYS C 328 20.52 37.23 77.60
N ALA C 329 20.98 38.10 76.68
CA ALA C 329 20.89 37.89 75.25
C ALA C 329 22.05 37.01 74.77
N VAL C 330 21.76 36.06 73.87
CA VAL C 330 22.76 35.14 73.30
C VAL C 330 22.95 35.50 71.82
N HIS C 331 24.21 35.74 71.42
CA HIS C 331 24.55 36.08 70.03
C HIS C 331 25.93 35.63 69.64
N SER C 332 26.06 35.10 68.41
CA SER C 332 27.33 34.64 67.85
C SER C 332 28.06 35.84 67.26
N MET C 333 29.30 36.05 67.72
CA MET C 333 30.16 37.15 67.27
C MET C 333 30.88 36.79 65.96
N THR C 334 30.80 35.51 65.55
CA THR C 334 31.37 34.98 64.32
C THR C 334 30.21 34.76 63.34
N ASN C 335 30.31 35.38 62.15
CA ASN C 335 29.30 35.30 61.10
C ASN C 335 29.15 33.92 60.46
N ALA C 336 30.16 33.04 60.67
CA ALA C 336 30.19 31.66 60.17
C ALA C 336 29.18 30.76 60.88
N VAL C 337 28.85 31.06 62.16
CA VAL C 337 27.89 30.28 62.96
C VAL C 337 26.70 31.13 63.47
N THR C 338 25.51 30.51 63.61
CA THR C 338 24.29 31.17 64.09
C THR C 338 23.67 30.37 65.23
N ILE C 339 23.27 31.06 66.33
CA ILE C 339 22.68 30.43 67.51
C ILE C 339 21.14 30.52 67.45
N ARG C 340 20.46 29.40 67.75
CA ARG C 340 19.01 29.23 67.75
C ARG C 340 18.28 30.11 68.78
N GLU C 341 18.77 30.13 70.04
CA GLU C 341 18.16 30.92 71.11
C GLU C 341 18.67 32.36 71.17
N ALA C 342 17.73 33.29 71.37
CA ALA C 342 17.99 34.73 71.46
C ALA C 342 18.12 35.22 72.91
N GLU C 343 17.44 34.56 73.86
CA GLU C 343 17.45 34.93 75.28
C GLU C 343 17.46 33.71 76.20
N ILE C 344 18.25 33.77 77.29
CA ILE C 344 18.35 32.72 78.31
C ILE C 344 18.22 33.30 79.72
N GLU C 345 17.64 32.52 80.64
CA GLU C 345 17.49 32.95 82.04
C GLU C 345 18.77 32.59 82.80
N VAL C 346 19.48 33.62 83.26
CA VAL C 346 20.74 33.49 84.02
C VAL C 346 20.46 33.39 85.53
N GLU C 347 21.22 32.55 86.26
CA GLU C 347 21.02 32.33 87.70
C GLU C 347 22.19 32.78 88.60
N GLY C 348 23.21 31.94 88.74
CA GLY C 348 24.38 32.20 89.56
C GLY C 348 25.61 31.50 89.03
N ASN C 349 26.09 30.48 89.76
CA ASN C 349 27.23 29.65 89.39
C ASN C 349 26.72 28.39 88.66
N SER C 350 25.94 28.61 87.59
CA SER C 350 25.29 27.58 86.78
C SER C 350 25.87 27.51 85.34
N GLN C 351 25.23 26.71 84.48
CA GLN C 351 25.60 26.52 83.08
C GLN C 351 24.39 26.62 82.13
N LEU C 352 24.63 27.03 80.87
CA LEU C 352 23.59 27.17 79.84
C LEU C 352 23.88 26.29 78.62
N GLN C 353 22.83 25.82 77.92
CA GLN C 353 22.96 25.01 76.72
C GLN C 353 22.36 25.72 75.51
N ILE C 354 23.15 25.85 74.43
CA ILE C 354 22.73 26.51 73.18
C ILE C 354 22.81 25.58 71.98
N SER C 355 21.98 25.86 70.96
CA SER C 355 21.95 25.14 69.68
C SER C 355 22.48 26.07 68.60
N PHE C 356 23.46 25.59 67.80
CA PHE C 356 24.06 26.39 66.75
C PHE C 356 24.12 25.71 65.38
N SER C 357 24.13 26.53 64.31
CA SER C 357 24.21 26.07 62.92
C SER C 357 25.47 26.61 62.26
N THR C 358 26.23 25.74 61.59
CA THR C 358 27.47 26.08 60.87
C THR C 358 27.71 25.16 59.67
N ALA C 359 28.55 25.61 58.71
CA ALA C 359 28.91 24.84 57.52
C ALA C 359 30.37 24.37 57.60
N LEU C 360 31.15 24.99 58.50
CA LEU C 360 32.57 24.70 58.72
C LEU C 360 32.80 23.42 59.52
N ALA C 361 33.82 22.63 59.10
CA ALA C 361 34.21 21.39 59.77
C ALA C 361 34.92 21.71 61.08
N SER C 362 35.74 22.77 61.08
CA SER C 362 36.47 23.29 62.25
C SER C 362 35.85 24.65 62.57
N ALA C 363 34.88 24.66 63.50
CA ALA C 363 34.15 25.87 63.88
C ALA C 363 34.74 26.61 65.08
N GLU C 364 35.33 27.79 64.81
CA GLU C 364 35.91 28.69 65.81
C GLU C 364 34.95 29.88 65.94
N PHE C 365 34.26 29.98 67.10
CA PHE C 365 33.28 31.05 67.30
C PHE C 365 33.22 31.61 68.72
N ARG C 366 32.85 32.91 68.82
CA ARG C 366 32.70 33.64 70.07
C ARG C 366 31.21 33.83 70.36
N VAL C 367 30.78 33.49 71.58
CA VAL C 367 29.39 33.64 72.02
C VAL C 367 29.29 34.77 73.04
N GLN C 368 28.46 35.77 72.75
CA GLN C 368 28.26 36.90 73.66
C GLN C 368 26.98 36.70 74.48
N VAL C 369 27.15 36.36 75.77
CA VAL C 369 26.05 36.17 76.72
C VAL C 369 26.07 37.47 77.52
N CYS C 370 25.00 38.29 77.35
CA CYS C 370 24.85 39.64 77.92
C CYS C 370 25.94 40.55 77.34
N SER C 371 26.92 41.03 78.16
CA SER C 371 28.00 41.90 77.70
C SER C 371 29.41 41.28 77.69
N THR C 372 29.51 39.96 77.96
CA THR C 372 30.80 39.25 77.99
C THR C 372 30.86 38.15 76.91
N GLN C 373 32.03 38.00 76.28
CA GLN C 373 32.28 37.02 75.21
C GLN C 373 33.02 35.77 75.70
N VAL C 374 32.68 34.60 75.11
CA VAL C 374 33.30 33.31 75.42
C VAL C 374 33.65 32.57 74.12
N HIS C 375 34.89 32.05 74.03
CA HIS C 375 35.35 31.31 72.85
C HIS C 375 34.91 29.85 72.88
N CYS C 376 34.34 29.37 71.76
CA CYS C 376 33.87 28.00 71.58
C CYS C 376 34.68 27.30 70.48
N ALA C 377 35.21 26.10 70.79
CA ALA C 377 35.97 25.29 69.84
C ALA C 377 35.13 24.07 69.47
N ALA C 378 34.80 23.93 68.17
CA ALA C 378 33.95 22.85 67.68
C ALA C 378 34.52 22.10 66.50
N GLU C 379 34.48 20.76 66.57
CA GLU C 379 34.90 19.85 65.51
C GLU C 379 33.60 19.22 64.98
N CYS C 380 33.02 19.85 63.95
CA CYS C 380 31.78 19.41 63.34
C CYS C 380 31.97 18.41 62.22
N HIS C 381 31.13 17.37 62.21
CA HIS C 381 31.20 16.26 61.25
C HIS C 381 30.16 16.35 60.11
N PRO C 382 30.42 15.73 58.92
CA PRO C 382 29.46 15.84 57.81
C PRO C 382 28.10 15.16 58.03
N PRO C 383 27.04 15.73 57.47
CA PRO C 383 25.70 15.15 57.61
C PRO C 383 25.69 13.65 57.35
N LYS C 384 24.60 13.14 56.81
CA LYS C 384 24.47 11.71 56.52
C LYS C 384 23.56 11.47 55.33
N ASP C 385 22.66 12.42 55.08
CA ASP C 385 21.72 12.29 53.96
C ASP C 385 22.06 13.28 52.85
N HIS C 386 22.72 12.78 51.81
CA HIS C 386 23.10 13.61 50.67
C HIS C 386 21.98 14.58 50.31
N ILE C 387 20.81 14.03 49.99
CA ILE C 387 19.65 14.85 49.62
C ILE C 387 18.65 14.90 50.80
N VAL C 388 18.14 16.11 51.10
CA VAL C 388 17.17 16.36 52.17
C VAL C 388 15.84 16.95 51.60
N ASN C 389 14.71 16.71 52.31
CA ASN C 389 13.39 17.21 51.92
C ASN C 389 12.90 18.36 52.85
N TYR C 390 13.87 19.06 53.49
CA TYR C 390 13.67 20.18 54.42
C TYR C 390 12.91 19.81 55.70
N PRO C 391 11.67 19.65 55.65
N VAL D 8 -41.93 26.44 23.33
CA VAL D 8 -41.26 26.91 22.13
C VAL D 8 -41.46 25.97 20.93
N TYR D 9 -41.74 24.68 21.22
CA TYR D 9 -41.95 23.62 20.23
C TYR D 9 -43.26 23.70 19.46
N LYS D 10 -44.17 24.62 19.84
CA LYS D 10 -45.42 24.84 19.12
C LYS D 10 -45.14 25.60 17.81
N ALA D 11 -44.08 26.43 17.80
CA ALA D 11 -43.63 27.22 16.66
C ALA D 11 -42.58 26.49 15.81
N THR D 12 -41.70 25.71 16.46
CA THR D 12 -40.64 24.95 15.77
C THR D 12 -41.15 23.57 15.32
N ARG D 13 -40.38 22.91 14.45
CA ARG D 13 -40.73 21.58 13.91
C ARG D 13 -39.49 20.74 13.56
N PRO D 14 -39.57 19.38 13.59
CA PRO D 14 -38.42 18.58 13.12
C PRO D 14 -38.33 18.68 11.60
N TYR D 15 -37.15 18.43 11.02
CA TYR D 15 -36.99 18.56 9.57
C TYR D 15 -36.09 17.51 8.92
N LEU D 16 -36.09 17.48 7.57
CA LEU D 16 -35.26 16.62 6.74
C LEU D 16 -34.13 17.49 6.20
N ALA D 17 -32.88 17.02 6.34
CA ALA D 17 -31.70 17.73 5.87
C ALA D 17 -30.65 16.75 5.33
N HIS D 18 -29.69 17.28 4.55
CA HIS D 18 -28.62 16.50 3.94
C HIS D 18 -27.70 15.81 4.96
N CYS D 19 -27.42 14.53 4.70
CA CYS D 19 -26.52 13.67 5.47
C CYS D 19 -25.60 12.96 4.47
N PRO D 20 -24.26 13.01 4.64
CA PRO D 20 -23.38 12.35 3.67
C PRO D 20 -23.39 10.82 3.70
N ASP D 21 -23.75 10.23 4.87
CA ASP D 21 -23.80 8.78 5.06
C ASP D 21 -25.01 8.34 5.89
N CYS D 22 -26.04 7.82 5.21
CA CYS D 22 -27.27 7.32 5.82
C CYS D 22 -27.21 5.80 6.02
N GLY D 23 -26.07 5.22 5.66
CA GLY D 23 -25.80 3.79 5.74
C GLY D 23 -25.10 3.31 4.49
N GLU D 24 -23.97 2.58 4.67
CA GLU D 24 -23.12 2.03 3.61
C GLU D 24 -22.50 3.09 2.67
N GLY D 25 -22.22 4.27 3.22
CA GLY D 25 -21.60 5.39 2.51
C GLY D 25 -22.48 6.14 1.53
N HIS D 26 -23.81 5.90 1.55
CA HIS D 26 -24.75 6.55 0.64
C HIS D 26 -25.47 7.73 1.28
N SER D 27 -25.50 8.87 0.55
CA SER D 27 -26.12 10.13 0.97
C SER D 27 -27.66 10.06 0.85
N CYS D 28 -28.37 10.78 1.73
CA CYS D 28 -29.84 10.84 1.75
C CYS D 28 -30.38 12.11 2.43
N HIS D 29 -31.71 12.35 2.27
CA HIS D 29 -32.43 13.44 2.93
C HIS D 29 -32.88 12.81 4.25
N SER D 30 -32.05 12.98 5.29
CA SER D 30 -32.22 12.34 6.59
C SER D 30 -33.14 13.02 7.61
N PRO D 31 -33.99 12.24 8.32
CA PRO D 31 -34.81 12.83 9.40
C PRO D 31 -34.05 12.87 10.73
N VAL D 32 -32.77 12.41 10.72
CA VAL D 32 -31.85 12.35 11.86
C VAL D 32 -30.48 12.97 11.45
N ALA D 33 -30.52 13.95 10.53
CA ALA D 33 -29.33 14.64 10.00
C ALA D 33 -28.54 15.37 11.08
N LEU D 34 -27.20 15.24 11.02
CA LEU D 34 -26.30 15.90 11.98
C LEU D 34 -25.98 17.32 11.55
N GLU D 35 -26.20 18.27 12.46
CA GLU D 35 -25.96 19.69 12.22
C GLU D 35 -24.60 20.14 12.72
N ARG D 36 -24.32 19.91 14.01
CA ARG D 36 -23.10 20.34 14.69
C ARG D 36 -22.80 19.46 15.90
N ILE D 37 -21.52 19.11 16.09
CA ILE D 37 -21.05 18.34 17.23
C ILE D 37 -20.14 19.26 18.04
N ARG D 38 -20.51 19.54 19.29
CA ARG D 38 -19.76 20.40 20.18
C ARG D 38 -18.98 19.58 21.19
N ASN D 39 -17.68 19.87 21.33
CA ASN D 39 -16.76 19.14 22.21
C ASN D 39 -15.87 20.09 23.04
N GLU D 40 -16.48 21.15 23.58
CA GLU D 40 -15.76 22.15 24.39
C GLU D 40 -15.61 21.71 25.84
N ALA D 41 -16.48 20.78 26.29
CA ALA D 41 -16.48 20.22 27.64
C ALA D 41 -15.22 19.39 27.87
N THR D 42 -14.41 19.80 28.85
CA THR D 42 -13.16 19.12 29.20
C THR D 42 -13.37 17.72 29.79
N ASP D 43 -14.58 17.46 30.36
CA ASP D 43 -14.95 16.16 30.94
C ASP D 43 -15.22 15.07 29.86
N GLY D 44 -15.22 15.48 28.59
CA GLY D 44 -15.41 14.59 27.44
C GLY D 44 -16.82 14.53 26.88
N THR D 45 -17.80 15.20 27.54
CA THR D 45 -19.20 15.22 27.12
C THR D 45 -19.38 15.91 25.76
N LEU D 46 -20.13 15.26 24.86
CA LEU D 46 -20.41 15.78 23.53
C LEU D 46 -21.82 16.33 23.45
N LYS D 47 -21.98 17.57 22.96
CA LYS D 47 -23.27 18.21 22.74
C LYS D 47 -23.55 18.07 21.24
N ILE D 48 -24.46 17.16 20.87
CA ILE D 48 -24.80 16.83 19.49
C ILE D 48 -26.12 17.48 19.06
N GLN D 49 -26.09 18.19 17.89
CA GLN D 49 -27.30 18.79 17.31
C GLN D 49 -27.79 17.96 16.13
N VAL D 50 -29.08 17.60 16.18
CA VAL D 50 -29.74 16.75 15.18
C VAL D 50 -30.97 17.44 14.54
N SER D 51 -31.43 16.96 13.37
CA SER D 51 -32.58 17.55 12.66
C SER D 51 -33.94 17.23 13.31
N LEU D 52 -34.04 16.13 14.08
CA LEU D 52 -35.28 15.75 14.78
C LEU D 52 -35.39 16.39 16.17
N GLN D 53 -36.54 16.20 16.86
CA GLN D 53 -36.80 16.74 18.19
C GLN D 53 -37.21 15.66 19.20
N ILE D 54 -36.37 15.44 20.23
CA ILE D 54 -36.57 14.43 21.28
C ILE D 54 -37.32 15.00 22.48
N GLY D 55 -38.26 14.24 23.03
CA GLY D 55 -39.03 14.61 24.20
C GLY D 55 -40.27 15.43 23.92
N ILE D 56 -40.64 15.57 22.62
CA ILE D 56 -41.80 16.33 22.18
C ILE D 56 -42.60 15.49 21.18
N LYS D 57 -43.94 15.45 21.34
CA LYS D 57 -44.87 14.74 20.46
C LYS D 57 -45.31 15.68 19.33
N THR D 58 -46.00 15.14 18.30
CA THR D 58 -46.52 15.90 17.14
C THR D 58 -47.53 16.99 17.55
N ASP D 59 -48.27 16.76 18.65
CA ASP D 59 -49.25 17.72 19.19
C ASP D 59 -48.60 18.80 20.08
N ASP D 60 -47.23 18.84 20.08
CA ASP D 60 -46.35 19.77 20.81
C ASP D 60 -46.12 19.46 22.30
N SER D 61 -46.90 18.52 22.87
CA SER D 61 -46.79 18.12 24.29
C SER D 61 -45.44 17.47 24.60
N HIS D 62 -44.92 17.72 25.81
CA HIS D 62 -43.65 17.18 26.26
C HIS D 62 -43.81 15.79 26.85
N ASP D 63 -43.08 14.82 26.29
CA ASP D 63 -43.09 13.41 26.71
C ASP D 63 -41.70 12.83 26.48
N TRP D 64 -40.95 12.56 27.58
CA TRP D 64 -39.58 12.05 27.54
C TRP D 64 -39.42 10.68 26.86
N THR D 65 -40.49 9.86 26.82
CA THR D 65 -40.49 8.53 26.18
C THR D 65 -40.72 8.62 24.66
N LYS D 66 -41.07 9.82 24.17
CA LYS D 66 -41.36 10.06 22.75
C LYS D 66 -40.31 10.91 22.03
N LEU D 67 -40.34 10.85 20.69
CA LEU D 67 -39.43 11.54 19.77
C LEU D 67 -40.23 11.93 18.53
N ARG D 68 -40.01 13.15 18.00
CA ARG D 68 -40.66 13.58 16.76
C ARG D 68 -39.68 13.87 15.63
N TYR D 69 -39.93 13.29 14.47
CA TYR D 69 -39.10 13.38 13.27
C TYR D 69 -39.98 13.73 12.06
N MET D 70 -39.38 14.31 11.01
CA MET D 70 -40.13 14.65 9.79
C MET D 70 -40.28 13.40 8.92
N ASP D 71 -41.52 12.87 8.83
CA ASP D 71 -41.85 11.70 8.03
C ASP D 71 -42.34 12.15 6.66
N ASN D 72 -41.39 12.32 5.73
CA ASN D 72 -41.60 12.79 4.35
C ASN D 72 -42.28 14.16 4.30
N HIS D 73 -43.63 14.20 4.30
CA HIS D 73 -44.42 15.42 4.22
C HIS D 73 -44.78 16.04 5.58
N MET D 74 -45.14 15.22 6.57
CA MET D 74 -45.55 15.69 7.90
C MET D 74 -44.78 15.03 9.06
N PRO D 75 -44.63 15.71 10.24
CA PRO D 75 -43.93 15.06 11.35
C PRO D 75 -44.68 13.88 11.97
N ALA D 76 -43.94 12.87 12.44
CA ALA D 76 -44.49 11.66 13.06
C ALA D 76 -43.80 11.33 14.39
N ASP D 77 -44.47 10.53 15.24
CA ASP D 77 -43.96 10.12 16.55
C ASP D 77 -43.14 8.83 16.47
N ALA D 78 -42.08 8.76 17.28
CA ALA D 78 -41.15 7.63 17.40
C ALA D 78 -40.76 7.45 18.87
N GLU D 79 -40.25 6.25 19.22
CA GLU D 79 -39.84 5.94 20.60
C GLU D 79 -38.45 6.47 20.92
N ARG D 80 -38.27 6.98 22.16
CA ARG D 80 -37.01 7.50 22.66
C ARG D 80 -36.01 6.36 22.93
N ALA D 81 -36.53 5.16 23.29
CA ALA D 81 -35.73 3.96 23.57
C ALA D 81 -34.95 3.48 22.34
N GLY D 82 -35.52 3.72 21.16
CA GLY D 82 -34.91 3.36 19.87
C GLY D 82 -33.80 4.28 19.41
N LEU D 83 -33.66 5.45 20.07
CA LEU D 83 -32.61 6.43 19.76
C LEU D 83 -31.25 5.91 20.23
N PHE D 84 -30.24 5.99 19.35
CA PHE D 84 -28.89 5.53 19.63
C PHE D 84 -27.81 6.49 19.11
N VAL D 85 -26.68 6.54 19.83
CA VAL D 85 -25.50 7.36 19.49
C VAL D 85 -24.30 6.40 19.55
N ARG D 86 -23.44 6.42 18.52
CA ARG D 86 -22.24 5.57 18.46
C ARG D 86 -21.09 6.19 17.68
N THR D 87 -19.85 5.85 18.08
CA THR D 87 -18.62 6.28 17.41
C THR D 87 -17.99 5.04 16.80
N SER D 88 -17.04 4.39 17.51
CA SER D 88 -16.42 3.14 17.09
C SER D 88 -17.20 2.00 17.76
N ALA D 89 -17.92 2.34 18.84
CA ALA D 89 -18.76 1.48 19.68
C ALA D 89 -19.93 2.32 20.25
N PRO D 90 -21.02 1.74 20.82
CA PRO D 90 -22.13 2.57 21.33
C PRO D 90 -21.75 3.56 22.44
N CYS D 91 -22.42 4.73 22.44
CA CYS D 91 -22.22 5.81 23.42
C CYS D 91 -23.22 5.72 24.56
N THR D 92 -22.94 6.41 25.67
CA THR D 92 -23.83 6.50 26.83
C THR D 92 -24.52 7.87 26.74
N ILE D 93 -25.83 7.87 26.46
CA ILE D 93 -26.61 9.11 26.34
C ILE D 93 -26.94 9.61 27.75
N THR D 94 -26.49 10.83 28.09
CA THR D 94 -26.69 11.45 29.40
C THR D 94 -27.85 12.44 29.50
N GLY D 95 -28.37 12.87 28.35
CA GLY D 95 -29.49 13.82 28.28
C GLY D 95 -29.97 14.08 26.87
N THR D 96 -31.29 14.26 26.71
CA THR D 96 -31.97 14.53 25.43
C THR D 96 -33.12 15.52 25.61
N MET D 97 -33.18 16.53 24.72
CA MET D 97 -34.21 17.58 24.68
C MET D 97 -34.14 18.31 23.34
N GLY D 98 -35.23 18.25 22.58
CA GLY D 98 -35.36 18.87 21.27
C GLY D 98 -34.33 18.37 20.28
N HIS D 99 -33.61 19.30 19.63
CA HIS D 99 -32.56 19.00 18.66
C HIS D 99 -31.25 18.55 19.31
N PHE D 100 -31.17 18.55 20.65
CA PHE D 100 -29.93 18.25 21.35
C PHE D 100 -29.82 16.93 22.12
N ILE D 101 -28.63 16.31 22.02
CA ILE D 101 -28.26 15.05 22.67
C ILE D 101 -26.93 15.24 23.39
N LEU D 102 -26.85 14.74 24.63
CA LEU D 102 -25.62 14.73 25.42
C LEU D 102 -25.14 13.30 25.47
N ALA D 103 -23.87 13.06 25.11
CA ALA D 103 -23.33 11.70 25.10
C ALA D 103 -21.86 11.60 25.51
N ARG D 104 -21.54 10.49 26.18
CA ARG D 104 -20.19 10.12 26.60
C ARG D 104 -19.80 8.99 25.64
N CYS D 105 -18.87 9.27 24.74
CA CYS D 105 -18.45 8.37 23.67
C CYS D 105 -17.04 7.81 23.81
N PRO D 106 -16.79 6.55 23.40
CA PRO D 106 -15.40 6.04 23.41
C PRO D 106 -14.63 6.61 22.21
N LYS D 107 -13.29 6.37 22.14
CA LYS D 107 -12.42 6.84 21.06
C LYS D 107 -12.95 6.39 19.68
N GLY D 108 -13.03 7.33 18.73
CA GLY D 108 -13.51 7.07 17.39
C GLY D 108 -13.10 8.06 16.32
N GLU D 109 -13.47 7.76 15.06
CA GLU D 109 -13.15 8.59 13.90
C GLU D 109 -14.41 9.08 13.17
N THR D 110 -15.59 8.55 13.55
CA THR D 110 -16.91 8.91 13.00
C THR D 110 -17.92 9.05 14.15
N LEU D 111 -19.05 9.73 13.89
CA LEU D 111 -20.13 9.90 14.85
C LEU D 111 -21.47 9.60 14.18
N THR D 112 -22.20 8.61 14.73
CA THR D 112 -23.48 8.15 14.21
C THR D 112 -24.60 8.36 15.23
N VAL D 113 -25.73 8.94 14.77
CA VAL D 113 -26.93 9.18 15.55
C VAL D 113 -28.09 8.58 14.75
N GLY D 114 -28.85 7.67 15.39
CA GLY D 114 -29.97 7.01 14.75
C GLY D 114 -31.19 6.78 15.62
N PHE D 115 -32.26 6.23 15.01
CA PHE D 115 -33.55 5.93 15.64
C PHE D 115 -34.40 4.93 14.81
N THR D 116 -35.61 4.57 15.31
CA THR D 116 -36.57 3.66 14.69
C THR D 116 -37.91 4.40 14.54
N ASP D 117 -38.59 4.29 13.36
CA ASP D 117 -39.85 4.97 13.04
C ASP D 117 -41.07 4.44 13.83
N SER D 118 -42.02 3.80 13.10
CA SER D 118 -43.25 3.20 13.59
C SER D 118 -43.38 1.83 12.89
N ARG D 119 -43.04 1.79 11.59
CA ARG D 119 -43.02 0.59 10.74
C ARG D 119 -41.57 0.08 10.68
N LYS D 120 -40.87 0.18 11.85
CA LYS D 120 -39.47 -0.14 12.08
C LYS D 120 -38.56 0.82 11.28
N ILE D 121 -37.84 0.33 10.24
CA ILE D 121 -36.95 1.10 9.36
C ILE D 121 -35.98 2.03 10.11
N SER D 122 -34.76 1.56 10.35
CA SER D 122 -33.73 2.32 11.05
C SER D 122 -33.15 3.45 10.19
N HIS D 123 -33.09 4.66 10.74
CA HIS D 123 -32.52 5.83 10.08
C HIS D 123 -31.32 6.30 10.89
N SER D 124 -30.15 6.36 10.27
CA SER D 124 -28.92 6.79 10.93
C SER D 124 -28.18 7.83 10.08
N CYS D 125 -27.35 8.66 10.72
CA CYS D 125 -26.54 9.67 10.04
C CYS D 125 -25.12 9.64 10.57
N THR D 126 -24.17 9.30 9.68
CA THR D 126 -22.75 9.20 10.00
C THR D 126 -21.97 10.39 9.43
N HIS D 127 -21.21 11.07 10.30
CA HIS D 127 -20.35 12.21 9.97
C HIS D 127 -18.91 11.92 10.43
N PRO D 128 -17.88 12.31 9.65
CA PRO D 128 -16.51 12.08 10.13
C PRO D 128 -16.18 13.04 11.29
N PHE D 129 -15.89 12.47 12.47
CA PHE D 129 -15.58 13.23 13.68
C PHE D 129 -14.52 12.54 14.53
N HIS D 130 -13.37 13.21 14.68
CA HIS D 130 -12.27 12.66 15.50
C HIS D 130 -12.56 12.88 16.99
N HIS D 131 -12.89 11.78 17.69
CA HIS D 131 -13.18 11.83 19.12
C HIS D 131 -12.17 11.02 19.91
N ASP D 132 -11.38 11.74 20.72
CA ASP D 132 -10.37 11.20 21.62
C ASP D 132 -10.23 12.29 22.70
N PRO D 133 -11.14 12.30 23.70
CA PRO D 133 -11.12 13.39 24.71
C PRO D 133 -9.85 13.46 25.55
N PRO D 134 -9.30 14.68 25.79
CA PRO D 134 -8.07 14.79 26.59
C PRO D 134 -8.28 14.42 28.06
N VAL D 135 -7.20 13.97 28.71
CA VAL D 135 -7.19 13.57 30.12
C VAL D 135 -7.41 14.75 31.06
N ILE D 136 -8.33 14.57 32.05
CA ILE D 136 -8.57 15.56 33.10
C ILE D 136 -7.67 15.16 34.25
N GLY D 137 -6.69 16.01 34.53
CA GLY D 137 -5.69 15.77 35.56
C GLY D 137 -4.41 15.18 35.02
N ARG D 138 -3.83 14.24 35.79
CA ARG D 138 -2.56 13.58 35.45
C ARG D 138 -2.65 12.05 35.46
N GLU D 139 -3.88 11.50 35.45
CA GLU D 139 -4.12 10.05 35.46
C GLU D 139 -5.21 9.66 34.48
N LYS D 140 -4.90 8.72 33.56
CA LYS D 140 -5.85 8.24 32.55
C LYS D 140 -6.67 7.08 33.13
N PHE D 141 -7.82 7.41 33.76
CA PHE D 141 -8.72 6.46 34.39
C PHE D 141 -9.96 6.16 33.52
N HIS D 142 -10.66 5.05 33.83
CA HIS D 142 -11.84 4.58 33.10
C HIS D 142 -13.17 5.06 33.70
N SER D 143 -13.42 4.73 35.00
CA SER D 143 -14.66 5.09 35.69
C SER D 143 -14.50 6.26 36.65
N ARG D 144 -15.54 7.11 36.77
CA ARG D 144 -15.54 8.28 37.66
C ARG D 144 -15.64 7.93 39.15
N PRO D 145 -14.71 8.41 40.02
CA PRO D 145 -14.80 8.07 41.44
C PRO D 145 -15.67 9.01 42.27
N GLN D 146 -16.11 8.53 43.46
CA GLN D 146 -16.91 9.31 44.41
C GLN D 146 -16.02 10.34 45.09
N HIS D 147 -14.83 9.89 45.57
CA HIS D 147 -13.83 10.71 46.24
C HIS D 147 -12.58 10.87 45.38
N GLY D 148 -11.97 12.04 45.46
CA GLY D 148 -10.75 12.38 44.74
C GLY D 148 -10.41 13.85 44.79
N LYS D 149 -9.34 14.24 44.06
CA LYS D 149 -8.88 15.62 43.97
C LYS D 149 -9.88 16.43 43.13
N GLU D 150 -10.31 17.58 43.64
CA GLU D 150 -11.25 18.46 42.95
C GLU D 150 -10.50 19.34 41.95
N LEU D 151 -10.71 19.09 40.65
CA LEU D 151 -10.06 19.84 39.59
C LEU D 151 -11.09 20.58 38.72
N PRO D 152 -10.80 21.84 38.28
CA PRO D 152 -11.78 22.56 37.45
C PRO D 152 -11.96 21.94 36.07
N CYS D 153 -13.22 21.70 35.69
CA CYS D 153 -13.60 21.12 34.40
C CYS D 153 -14.91 21.72 33.91
N SER D 154 -15.19 21.59 32.60
CA SER D 154 -16.43 22.07 32.01
C SER D 154 -17.27 20.90 31.51
N THR D 155 -18.60 21.06 31.56
CA THR D 155 -19.59 20.08 31.12
C THR D 155 -20.84 20.77 30.60
N TYR D 156 -21.70 20.04 29.90
CA TYR D 156 -23.00 20.54 29.45
C TYR D 156 -23.97 20.00 30.50
N VAL D 157 -24.60 20.92 31.26
CA VAL D 157 -25.51 20.56 32.36
C VAL D 157 -26.71 19.70 31.94
N GLN D 158 -27.03 18.67 32.76
CA GLN D 158 -28.11 17.69 32.55
C GLN D 158 -29.51 18.33 32.55
N SER D 159 -29.65 19.54 33.14
CA SER D 159 -30.90 20.30 33.28
C SER D 159 -31.64 20.58 31.97
N THR D 160 -32.98 20.42 32.01
CA THR D 160 -33.92 20.65 30.91
C THR D 160 -33.97 22.15 30.53
N ALA D 161 -33.99 23.04 31.54
CA ALA D 161 -34.07 24.49 31.43
C ALA D 161 -33.16 25.11 30.37
N ALA D 162 -33.72 26.05 29.60
CA ALA D 162 -33.04 26.78 28.52
C ALA D 162 -33.09 28.28 28.84
N THR D 163 -31.96 28.84 29.34
CA THR D 163 -31.88 30.24 29.75
C THR D 163 -30.69 31.06 29.21
N THR D 164 -29.56 30.40 28.89
CA THR D 164 -28.36 31.11 28.41
C THR D 164 -28.05 30.98 26.92
N GLU D 165 -27.66 29.76 26.46
CA GLU D 165 -27.31 29.49 25.06
C GLU D 165 -28.52 29.56 24.12
N GLU D 166 -28.28 29.85 22.82
CA GLU D 166 -29.33 30.01 21.81
C GLU D 166 -28.92 29.56 20.39
N ILE D 167 -29.95 29.38 19.52
CA ILE D 167 -29.80 29.03 18.10
C ILE D 167 -30.69 29.95 17.25
N GLU D 168 -30.30 30.16 15.99
CA GLU D 168 -31.06 30.98 15.05
C GLU D 168 -32.12 30.12 14.37
N VAL D 169 -33.34 30.66 14.23
CA VAL D 169 -34.47 30.00 13.59
C VAL D 169 -35.12 30.92 12.56
N HIS D 170 -35.78 30.33 11.55
CA HIS D 170 -36.51 31.05 10.49
C HIS D 170 -37.55 30.15 9.84
N MET D 171 -38.44 30.74 9.02
CA MET D 171 -39.48 30.03 8.29
C MET D 171 -38.83 29.04 7.30
N PRO D 172 -39.41 27.86 7.16
CA PRO D 172 -38.84 26.74 6.42
C PRO D 172 -38.24 27.10 5.07
N PRO D 173 -37.77 26.07 4.35
CA PRO D 173 -37.16 26.25 3.04
C PRO D 173 -37.98 25.59 1.92
N ASP D 174 -38.00 24.26 1.89
CA ASP D 174 -38.75 23.55 0.86
C ASP D 174 -38.81 22.03 1.03
N THR D 175 -40.04 21.52 1.12
CA THR D 175 -40.30 20.09 1.13
C THR D 175 -40.96 19.63 -0.20
N PRO D 176 -40.24 18.91 -1.09
CA PRO D 176 -40.87 18.49 -2.37
C PRO D 176 -42.01 17.49 -2.18
N ASP D 177 -43.12 17.71 -2.89
CA ASP D 177 -44.31 16.88 -2.84
C ASP D 177 -45.00 16.87 -4.20
N ARG D 178 -44.94 15.74 -4.90
CA ARG D 178 -45.54 15.56 -6.23
C ARG D 178 -47.06 15.39 -6.22
N THR D 179 -47.65 15.09 -5.04
CA THR D 179 -49.10 14.92 -4.87
C THR D 179 -49.87 16.25 -4.98
N LEU D 180 -49.14 17.39 -4.87
CA LEU D 180 -49.69 18.75 -5.00
C LEU D 180 -50.18 19.04 -6.43
N MET D 181 -49.59 18.34 -7.43
CA MET D 181 -49.93 18.49 -8.84
C MET D 181 -50.69 17.31 -9.44
N SER D 182 -51.64 17.63 -10.32
CA SER D 182 -52.50 16.68 -11.04
C SER D 182 -52.78 17.19 -12.47
N GLN D 183 -53.22 16.28 -13.37
CA GLN D 183 -53.50 16.60 -14.77
C GLN D 183 -54.98 16.97 -15.03
N GLN D 184 -55.24 18.23 -15.44
CA GLN D 184 -56.60 18.70 -15.75
C GLN D 184 -56.81 19.44 -17.09
N SER D 185 -57.17 18.74 -18.18
CA SER D 185 -57.32 17.28 -18.26
C SER D 185 -56.00 16.72 -18.81
N GLY D 186 -55.31 17.56 -19.57
CA GLY D 186 -53.99 17.32 -20.15
C GLY D 186 -53.05 18.48 -19.85
N ASN D 187 -53.37 19.25 -18.80
CA ASN D 187 -52.64 20.42 -18.31
C ASN D 187 -52.22 20.18 -16.84
N VAL D 188 -51.52 21.15 -16.20
CA VAL D 188 -51.05 21.00 -14.81
C VAL D 188 -51.90 21.81 -13.83
N LYS D 189 -52.44 21.14 -12.78
CA LYS D 189 -53.23 21.73 -11.72
C LYS D 189 -52.46 21.62 -10.41
N ILE D 190 -52.18 22.78 -9.77
CA ILE D 190 -51.46 22.84 -8.49
C ILE D 190 -52.44 23.25 -7.38
N THR D 191 -52.82 22.28 -6.54
CA THR D 191 -53.75 22.49 -5.43
C THR D 191 -52.98 22.72 -4.12
N VAL D 192 -52.96 23.99 -3.68
CA VAL D 192 -52.25 24.52 -2.52
C VAL D 192 -52.60 23.91 -1.14
N ASN D 193 -53.91 23.63 -0.89
CA ASN D 193 -54.45 23.09 0.38
C ASN D 193 -54.09 23.90 1.64
N GLY D 194 -54.27 25.21 1.55
CA GLY D 194 -54.01 26.16 2.64
C GLY D 194 -52.57 26.28 3.08
N GLN D 195 -51.63 26.04 2.15
CA GLN D 195 -50.19 26.10 2.38
C GLN D 195 -49.52 27.06 1.40
N THR D 196 -48.21 27.32 1.59
CA THR D 196 -47.40 28.15 0.70
C THR D 196 -46.59 27.15 -0.14
N VAL D 197 -46.84 27.12 -1.46
CA VAL D 197 -46.18 26.17 -2.36
C VAL D 197 -45.30 26.88 -3.40
N ARG D 198 -44.03 26.46 -3.49
CA ARG D 198 -43.08 26.97 -4.48
C ARG D 198 -43.11 26.03 -5.68
N TYR D 199 -43.50 26.56 -6.85
CA TYR D 199 -43.59 25.77 -8.07
C TYR D 199 -42.77 26.30 -9.23
N LYS D 200 -42.25 25.37 -10.06
CA LYS D 200 -41.45 25.65 -11.25
C LYS D 200 -41.84 24.65 -12.34
N CYS D 201 -42.25 25.17 -13.51
CA CYS D 201 -42.66 24.35 -14.66
C CYS D 201 -41.79 24.63 -15.87
N ASN D 202 -41.48 23.56 -16.65
CA ASN D 202 -40.67 23.65 -17.86
C ASN D 202 -41.57 24.05 -19.07
N CYS D 203 -42.41 25.09 -18.85
CA CYS D 203 -43.37 25.63 -19.82
C CYS D 203 -43.39 27.17 -19.74
N GLY D 204 -43.93 27.80 -20.79
CA GLY D 204 -44.03 29.25 -20.88
C GLY D 204 -45.14 29.86 -20.04
N GLY D 205 -45.23 31.19 -20.07
CA GLY D 205 -46.22 31.96 -19.33
C GLY D 205 -45.83 32.23 -17.89
N SER D 206 -46.41 31.46 -16.96
CA SER D 206 -46.14 31.60 -15.53
C SER D 206 -45.54 30.30 -14.97
N ASN D 207 -44.35 30.42 -14.34
CA ASN D 207 -43.62 29.29 -13.75
C ASN D 207 -42.88 29.65 -12.45
N GLU D 208 -43.22 30.79 -11.84
CA GLU D 208 -42.60 31.26 -10.59
C GLU D 208 -43.59 31.19 -9.41
N GLY D 209 -43.16 31.62 -8.21
CA GLY D 209 -43.95 31.57 -6.99
C GLY D 209 -43.77 30.23 -6.29
N LEU D 210 -44.06 30.07 -4.97
CA LEU D 210 -44.57 31.00 -3.95
C LEU D 210 -45.97 31.54 -4.17
N THR D 211 -46.96 30.70 -3.85
CA THR D 211 -48.39 30.99 -3.96
C THR D 211 -49.16 30.47 -2.75
N THR D 212 -50.20 31.23 -2.35
CA THR D 212 -51.08 30.88 -1.23
C THR D 212 -52.46 30.45 -1.76
N THR D 213 -52.60 30.44 -3.11
CA THR D 213 -53.81 30.08 -3.84
C THR D 213 -53.50 29.03 -4.93
N ASP D 214 -54.56 28.34 -5.44
CA ASP D 214 -54.46 27.32 -6.49
C ASP D 214 -54.06 27.94 -7.83
N LYS D 215 -53.15 27.26 -8.56
CA LYS D 215 -52.66 27.70 -9.86
C LYS D 215 -52.76 26.63 -10.93
N VAL D 216 -53.06 27.05 -12.17
CA VAL D 216 -53.19 26.16 -13.33
C VAL D 216 -52.22 26.56 -14.46
N ILE D 217 -51.54 25.56 -15.05
CA ILE D 217 -50.58 25.76 -16.14
C ILE D 217 -51.11 25.03 -17.39
N ASN D 218 -51.69 25.79 -18.33
CA ASN D 218 -52.28 25.27 -19.57
C ASN D 218 -51.23 24.78 -20.58
N ASN D 219 -51.53 23.67 -21.27
CA ASN D 219 -50.69 23.00 -22.28
C ASN D 219 -49.29 22.64 -21.77
N CYS D 220 -49.24 22.07 -20.56
CA CYS D 220 -48.02 21.64 -19.87
C CYS D 220 -48.21 20.23 -19.30
N LYS D 221 -47.12 19.45 -19.21
CA LYS D 221 -47.16 18.09 -18.68
C LYS D 221 -46.76 18.06 -17.21
N VAL D 222 -47.35 17.12 -16.42
CA VAL D 222 -47.09 16.96 -14.98
C VAL D 222 -45.62 16.62 -14.65
N ASP D 223 -44.93 15.92 -15.58
CA ASP D 223 -43.51 15.54 -15.45
C ASP D 223 -42.58 16.73 -15.62
N GLN D 224 -43.02 17.78 -16.35
CA GLN D 224 -42.27 19.01 -16.61
C GLN D 224 -42.29 20.00 -15.43
N CYS D 225 -43.11 19.70 -14.39
CA CYS D 225 -43.27 20.56 -13.23
C CYS D 225 -42.67 20.02 -11.92
N HIS D 226 -42.34 20.95 -10.99
CA HIS D 226 -41.75 20.67 -9.68
C HIS D 226 -42.52 21.46 -8.61
N ALA D 227 -43.00 20.76 -7.57
CA ALA D 227 -43.76 21.37 -6.46
C ALA D 227 -43.11 21.07 -5.12
N ALA D 228 -43.09 22.08 -4.23
CA ALA D 228 -42.51 21.97 -2.90
C ALA D 228 -43.23 22.87 -1.89
N VAL D 229 -43.52 22.31 -0.68
CA VAL D 229 -44.20 23.02 0.41
C VAL D 229 -43.17 23.89 1.17
N THR D 230 -43.46 25.20 1.24
CA THR D 230 -42.64 26.20 1.95
C THR D 230 -43.01 26.12 3.44
N ASN D 231 -44.81 27.02 3.62
CA ASN D 231 -44.96 26.82 5.07
C ASN D 231 -45.46 28.08 5.77
N HIS D 232 -44.57 29.06 6.06
CA HIS D 232 -44.85 30.36 6.70
C HIS D 232 -45.46 30.35 8.13
N LYS D 233 -46.11 29.25 8.52
CA LYS D 233 -46.74 29.10 9.85
C LYS D 233 -45.79 28.51 10.89
N LYS D 234 -44.69 27.89 10.45
CA LYS D 234 -43.72 27.24 11.35
C LYS D 234 -42.31 27.84 11.30
N TRP D 235 -41.50 27.51 12.31
CA TRP D 235 -40.10 27.92 12.45
C TRP D 235 -39.22 26.68 12.31
N GLN D 236 -37.97 26.89 11.87
CA GLN D 236 -36.98 25.84 11.66
C GLN D 236 -35.61 26.40 11.93
N TYR D 237 -34.70 25.57 12.47
CA TYR D 237 -33.32 25.98 12.75
C TYR D 237 -32.66 26.49 11.46
N ASN D 238 -31.92 27.60 11.55
CA ASN D 238 -31.19 28.22 10.43
C ASN D 238 -30.05 27.27 10.02
N SER D 239 -30.44 26.18 9.34
CA SER D 239 -29.58 25.08 8.91
C SER D 239 -28.89 25.34 7.58
N PRO D 240 -27.55 25.14 7.50
CA PRO D 240 -26.86 25.30 6.20
C PRO D 240 -27.13 24.12 5.24
N LEU D 241 -27.84 23.07 5.72
CA LEU D 241 -28.20 21.87 4.97
C LEU D 241 -29.61 21.97 4.34
N VAL D 242 -30.32 23.06 4.61
CA VAL D 242 -31.68 23.35 4.13
C VAL D 242 -31.64 24.73 3.42
N PRO D 243 -32.26 24.94 2.23
CA PRO D 243 -32.17 26.26 1.59
C PRO D 243 -32.94 27.37 2.31
N ARG D 244 -32.53 28.63 2.10
CA ARG D 244 -33.16 29.82 2.67
C ARG D 244 -34.48 30.11 1.94
N ASN D 245 -35.44 30.76 2.62
CA ASN D 245 -36.70 31.13 1.98
C ASN D 245 -36.43 32.32 1.05
N ALA D 246 -36.63 32.12 -0.27
CA ALA D 246 -36.37 33.10 -1.32
C ALA D 246 -37.23 34.37 -1.26
N GLU D 247 -38.53 34.22 -0.94
CA GLU D 247 -39.50 35.34 -0.87
C GLU D 247 -39.10 36.39 0.17
N LEU D 248 -38.94 35.98 1.44
CA LEU D 248 -38.53 36.88 2.53
C LEU D 248 -37.01 37.11 2.50
N GLY D 249 -36.57 38.26 3.02
CA GLY D 249 -35.16 38.65 3.06
C GLY D 249 -34.35 37.91 4.12
N ASP D 250 -33.64 38.67 4.95
CA ASP D 250 -32.81 38.09 6.01
C ASP D 250 -33.56 38.05 7.35
N ARG D 251 -34.83 37.59 7.30
CA ARG D 251 -35.71 37.47 8.48
C ARG D 251 -35.26 36.32 9.35
N LYS D 252 -34.90 36.63 10.61
CA LYS D 252 -34.39 35.67 11.59
C LYS D 252 -35.16 35.73 12.90
N GLY D 253 -35.17 34.60 13.59
CA GLY D 253 -35.74 34.41 14.93
C GLY D 253 -34.70 33.72 15.78
N LYS D 254 -34.87 33.71 17.10
CA LYS D 254 -33.93 33.03 18.00
C LYS D 254 -34.62 32.37 19.20
N ILE D 255 -34.16 31.18 19.58
CA ILE D 255 -34.74 30.40 20.68
C ILE D 255 -33.65 29.90 21.63
N HIS D 256 -33.94 29.84 22.94
CA HIS D 256 -32.99 29.32 23.93
C HIS D 256 -32.87 27.80 23.80
N ILE D 257 -31.68 27.25 24.08
CA ILE D 257 -31.42 25.82 23.94
C ILE D 257 -31.04 25.13 25.25
N PRO D 258 -31.38 23.83 25.45
CA PRO D 258 -31.00 23.15 26.69
C PRO D 258 -29.51 22.77 26.72
N PHE D 259 -29.05 22.30 27.90
CA PHE D 259 -27.69 21.81 28.17
C PHE D 259 -26.55 22.81 27.85
N PRO D 260 -26.51 24.03 28.45
CA PRO D 260 -25.39 24.94 28.16
C PRO D 260 -24.09 24.53 28.85
N LEU D 261 -22.95 24.99 28.32
CA LEU D 261 -21.64 24.71 28.90
C LEU D 261 -21.44 25.58 30.14
N ALA D 262 -20.93 24.98 31.23
CA ALA D 262 -20.69 25.66 32.50
C ALA D 262 -19.48 25.08 33.23
N ASN D 263 -18.81 25.91 34.06
CA ASN D 263 -17.65 25.53 34.87
C ASN D 263 -18.13 24.73 36.09
N VAL D 264 -17.63 23.49 36.24
CA VAL D 264 -17.95 22.58 37.34
C VAL D 264 -16.67 21.97 37.92
N THR D 265 -16.82 20.90 38.74
CA THR D 265 -15.71 20.18 39.35
C THR D 265 -15.72 18.71 38.94
N CYS D 266 -14.54 18.17 38.59
CA CYS D 266 -14.36 16.78 38.19
C CYS D 266 -13.53 16.06 39.25
N ARG D 267 -14.03 14.92 39.77
CA ARG D 267 -13.34 14.13 40.77
C ARG D 267 -12.34 13.22 40.07
N VAL D 268 -11.06 13.30 40.47
CA VAL D 268 -9.98 12.50 39.89
C VAL D 268 -9.29 11.62 40.96
N PRO D 269 -8.74 10.43 40.61
CA PRO D 269 -7.98 9.55 41.57
C PRO D 269 -6.40 9.60 41.73
N LYS D 270 -5.74 8.59 42.36
CA LYS D 270 -4.25 8.59 42.71
C LYS D 270 -3.43 7.24 42.90
N ALA D 271 -2.25 7.27 43.58
CA ALA D 271 -1.28 6.10 43.71
C ALA D 271 -0.31 5.95 44.97
N ARG D 272 0.76 5.12 44.91
CA ARG D 272 1.61 4.81 46.07
C ARG D 272 3.00 5.44 46.00
N ASN D 273 3.47 6.01 47.13
CA ASN D 273 4.76 6.67 47.25
C ASN D 273 5.91 5.73 46.88
N PRO D 274 6.74 6.10 45.87
CA PRO D 274 7.84 5.20 45.46
C PRO D 274 8.96 5.09 46.49
N THR D 275 9.71 3.97 46.44
CA THR D 275 10.85 3.73 47.33
C THR D 275 11.98 4.65 46.89
N VAL D 276 12.33 5.61 47.76
CA VAL D 276 13.32 6.64 47.47
C VAL D 276 14.73 6.38 48.02
N THR D 277 15.74 6.52 47.15
CA THR D 277 17.17 6.37 47.45
C THR D 277 17.92 7.61 46.96
N TYR D 278 18.85 8.12 47.77
CA TYR D 278 19.60 9.34 47.45
C TYR D 278 21.07 9.12 47.08
N GLY D 279 21.62 10.06 46.32
CA GLY D 279 23.01 10.09 45.86
C GLY D 279 23.53 11.50 45.77
N LYS D 280 24.82 11.66 45.39
CA LYS D 280 25.50 12.95 45.25
C LYS D 280 24.82 13.81 44.17
N ASN D 281 24.07 14.85 44.61
CA ASN D 281 23.31 15.80 43.79
C ASN D 281 22.27 15.13 42.86
N GLN D 282 21.75 13.96 43.29
CA GLN D 282 20.77 13.18 42.52
C GLN D 282 19.81 12.36 43.39
N VAL D 283 18.59 12.12 42.86
CA VAL D 283 17.53 11.34 43.51
C VAL D 283 17.13 10.14 42.62
N ILE D 284 17.02 8.94 43.23
CA ILE D 284 16.65 7.72 42.51
C ILE D 284 15.30 7.20 43.05
N MET D 285 14.31 7.07 42.15
CA MET D 285 12.96 6.61 42.48
C MET D 285 12.59 5.33 41.73
N LEU D 286 12.12 4.31 42.47
CA LEU D 286 11.65 3.05 41.91
C LEU D 286 10.13 3.14 41.81
N LEU D 287 9.63 3.48 40.62
CA LEU D 287 8.19 3.67 40.36
C LEU D 287 7.47 2.35 40.07
N TYR D 288 6.40 2.08 40.83
CA TYR D 288 5.57 0.88 40.68
C TYR D 288 4.10 1.31 40.42
N PRO D 289 3.74 1.70 39.18
CA PRO D 289 2.36 2.12 38.92
C PRO D 289 1.40 0.95 38.64
N ASP D 290 0.15 1.07 39.14
CA ASP D 290 -0.90 0.08 38.95
C ASP D 290 -1.72 0.41 37.69
N HIS D 291 -1.54 1.66 37.19
CA HIS D 291 -2.21 2.23 36.01
C HIS D 291 -1.36 3.40 35.47
N PRO D 292 -1.58 3.91 34.21
CA PRO D 292 -0.75 5.05 33.72
C PRO D 292 -0.75 6.24 34.67
N THR D 293 0.46 6.68 35.06
CA THR D 293 0.68 7.76 36.03
C THR D 293 1.64 8.81 35.48
N LEU D 294 1.25 10.10 35.53
CA LEU D 294 2.06 11.22 35.05
C LEU D 294 3.16 11.53 36.07
N LEU D 295 4.40 11.60 35.58
CA LEU D 295 5.58 11.93 36.37
C LEU D 295 6.15 13.23 35.80
N SER D 296 6.13 14.30 36.61
CA SER D 296 6.64 15.61 36.21
C SER D 296 7.66 16.15 37.21
N TYR D 297 8.64 16.94 36.71
CA TYR D 297 9.69 17.52 37.54
C TYR D 297 10.23 18.85 37.00
N ARG D 298 10.73 19.70 37.91
CA ARG D 298 11.29 21.02 37.60
C ARG D 298 12.32 21.46 38.63
N ASN D 299 13.31 22.26 38.18
CA ASN D 299 14.32 22.86 39.04
C ASN D 299 13.70 24.10 39.68
N GLY D 301 15.02 26.95 40.47
CA GLY D 301 15.86 28.11 40.17
C GLY D 301 15.40 28.88 38.95
N GLU D 302 16.30 29.67 38.36
CA GLU D 302 16.07 30.51 37.18
C GLU D 302 15.68 29.70 35.94
N GLU D 303 16.31 28.53 35.75
CA GLU D 303 16.04 27.62 34.64
C GLU D 303 15.29 26.39 35.19
N PRO D 304 13.93 26.37 35.14
CA PRO D 304 13.18 25.23 35.69
C PRO D 304 13.33 23.93 34.90
N ASN D 305 13.47 24.01 33.56
CA ASN D 305 13.63 22.89 32.63
C ASN D 305 12.58 21.79 32.88
N TYR D 306 11.31 22.14 32.68
CA TYR D 306 10.17 21.25 32.89
C TYR D 306 10.20 20.04 31.97
N GLN D 307 10.04 18.85 32.56
CA GLN D 307 10.02 17.58 31.85
C GLN D 307 8.87 16.71 32.39
N GLU D 308 8.17 16.00 31.48
CA GLU D 308 7.07 15.12 31.84
C GLU D 308 7.06 13.82 31.04
N GLU D 309 6.60 12.74 31.68
CA GLU D 309 6.48 11.41 31.07
C GLU D 309 5.40 10.57 31.77
N TRP D 310 4.59 9.86 30.97
CA TRP D 310 3.55 8.97 31.49
C TRP D 310 4.19 7.62 31.77
N VAL D 311 4.20 7.21 33.04
CA VAL D 311 4.80 5.95 33.48
C VAL D 311 3.72 4.85 33.44
N MET D 312 3.95 3.82 32.61
CA MET D 312 3.02 2.71 32.39
C MET D 312 3.29 1.50 33.28
N HIS D 313 4.56 1.06 33.35
CA HIS D 313 4.97 -0.08 34.17
C HIS D 313 6.19 0.26 35.05
N LYS D 314 6.82 -0.77 35.67
CA LYS D 314 7.99 -0.63 36.55
C LYS D 314 9.16 0.09 35.86
N LYS D 315 9.54 1.26 36.40
CA LYS D 315 10.63 2.07 35.85
C LYS D 315 11.41 2.80 36.94
N GLU D 316 12.76 2.74 36.85
CA GLU D 316 13.67 3.42 37.76
C GLU D 316 14.07 4.76 37.13
N VAL D 317 13.87 5.86 37.86
CA VAL D 317 14.20 7.21 37.37
C VAL D 317 15.32 7.89 38.17
N VAL D 318 16.36 8.35 37.46
CA VAL D 318 17.51 9.04 38.06
C VAL D 318 17.39 10.52 37.68
N LEU D 319 17.15 11.37 38.69
CA LEU D 319 16.96 12.81 38.54
C LEU D 319 18.04 13.59 39.25
N THR D 320 18.60 14.61 38.58
CA THR D 320 19.64 15.47 39.15
C THR D 320 19.01 16.56 40.02
N VAL D 321 19.44 16.65 41.29
CA VAL D 321 18.94 17.64 42.25
C VAL D 321 19.92 18.83 42.31
N PRO D 322 19.55 20.00 41.73
CA PRO D 322 20.48 21.16 41.80
C PRO D 322 20.42 21.86 43.16
N THR D 323 21.41 22.74 43.44
CA THR D 323 21.54 23.50 44.69
C THR D 323 20.28 24.31 45.02
N GLU D 324 19.61 24.85 43.98
CA GLU D 324 18.36 25.63 44.08
C GLU D 324 17.17 24.76 44.51
N GLY D 325 17.21 23.47 44.20
CA GLY D 325 16.18 22.51 44.56
C GLY D 325 15.45 21.88 43.39
N LEU D 326 14.83 20.72 43.64
CA LEU D 326 14.06 19.97 42.64
C LEU D 326 12.67 19.60 43.19
N GLU D 327 11.63 19.91 42.41
CA GLU D 327 10.24 19.60 42.73
C GLU D 327 9.76 18.46 41.82
N VAL D 328 9.27 17.36 42.41
CA VAL D 328 8.81 16.17 41.66
C VAL D 328 7.35 15.85 42.00
N THR D 329 6.50 15.72 40.95
CA THR D 329 5.08 15.39 41.10
C THR D 329 4.81 14.02 40.48
N TRP D 330 4.37 13.07 41.32
CA TRP D 330 4.06 11.70 40.92
C TRP D 330 2.56 11.46 41.01
N GLY D 331 1.89 11.56 39.87
CA GLY D 331 0.44 11.40 39.75
C GLY D 331 -0.33 12.47 40.49
N ASN D 332 -1.40 12.04 41.19
CA ASN D 332 -2.28 12.94 41.95
C ASN D 332 -1.74 13.29 43.36
N ASN D 333 -0.54 12.82 43.70
CA ASN D 333 0.11 13.11 44.99
C ASN D 333 0.60 14.56 45.02
N GLU D 334 0.75 15.12 46.24
CA GLU D 334 1.27 16.47 46.44
C GLU D 334 2.76 16.47 46.03
N PRO D 335 3.27 17.56 45.40
CA PRO D 335 4.67 17.53 44.94
C PRO D 335 5.73 17.31 46.02
N TYR D 336 6.73 16.46 45.72
CA TYR D 336 7.86 16.18 46.62
C TYR D 336 8.94 17.19 46.33
N LYS D 337 9.58 17.73 47.37
CA LYS D 337 10.65 18.71 47.22
C LYS D 337 11.97 18.15 47.72
N TYR D 338 13.03 18.27 46.90
CA TYR D 338 14.37 17.77 47.20
C TYR D 338 15.43 18.85 47.14
N TRP D 339 16.37 18.85 48.09
CA TRP D 339 17.48 19.79 48.19
C TRP D 339 18.78 19.07 48.54
N PRO D 340 19.95 19.46 47.97
CA PRO D 340 21.20 18.79 48.34
C PRO D 340 21.74 19.25 49.69
N GLN D 341 22.56 18.40 50.34
CA GLN D 341 23.17 18.70 51.64
C GLN D 341 24.45 19.51 51.45
N LEU D 342 24.62 20.57 52.27
CA LEU D 342 25.80 21.44 52.23
C LEU D 342 27.02 20.77 52.84
N SER D 343 26.90 20.17 53.94
N TYR E 1 47.60 -54.28 28.78
CA TYR E 1 48.29 -53.05 28.43
C TYR E 1 47.38 -51.82 28.62
N GLU E 2 47.86 -50.84 29.39
CA GLU E 2 47.10 -49.62 29.67
C GLU E 2 47.41 -48.52 28.65
N HIS E 3 46.40 -48.09 27.90
CA HIS E 3 46.49 -47.02 26.92
C HIS E 3 45.87 -45.76 27.52
N VAL E 4 46.67 -44.70 27.66
CA VAL E 4 46.24 -43.42 28.23
C VAL E 4 46.24 -42.35 27.13
N THR E 5 45.09 -41.69 26.94
CA THR E 5 44.91 -40.62 25.94
C THR E 5 44.00 -39.52 26.47
N VAL E 6 43.98 -38.35 25.81
CA VAL E 6 43.17 -37.20 26.19
C VAL E 6 42.42 -36.67 24.96
N ILE E 7 41.08 -36.59 25.06
CA ILE E 7 40.23 -36.07 23.98
C ILE E 7 39.50 -34.80 24.45
N PRO E 8 39.22 -33.81 23.57
CA PRO E 8 38.48 -32.62 24.03
C PRO E 8 37.04 -33.00 24.44
N ASN E 9 36.47 -32.29 25.42
CA ASN E 9 35.10 -32.54 25.89
C ASN E 9 34.08 -31.99 24.88
N THR E 10 33.95 -32.68 23.73
CA THR E 10 33.05 -32.32 22.65
C THR E 10 32.31 -33.58 22.17
N VAL E 11 30.98 -33.54 22.26
CA VAL E 11 30.07 -34.63 21.90
C VAL E 11 29.82 -34.66 20.38
N GLY E 12 29.73 -35.87 19.82
CA GLY E 12 29.44 -36.10 18.41
C GLY E 12 30.64 -35.99 17.47
N VAL E 13 31.85 -36.03 18.04
CA VAL E 13 33.10 -35.96 17.26
C VAL E 13 33.91 -37.26 17.46
N PRO E 14 34.02 -38.12 16.43
CA PRO E 14 34.81 -39.36 16.60
C PRO E 14 36.31 -39.08 16.57
N TYR E 15 37.04 -39.57 17.57
CA TYR E 15 38.50 -39.40 17.69
C TYR E 15 39.21 -40.74 17.52
N LYS E 16 40.31 -40.73 16.76
CA LYS E 16 41.13 -41.92 16.50
C LYS E 16 42.35 -41.93 17.39
N THR E 17 42.57 -43.06 18.08
CA THR E 17 43.72 -43.23 18.96
C THR E 17 44.53 -44.48 18.58
N LEU E 18 45.85 -44.31 18.42
CA LEU E 18 46.75 -45.39 18.05
C LEU E 18 47.35 -46.06 19.29
N VAL E 19 47.02 -47.35 19.47
CA VAL E 19 47.52 -48.15 20.58
C VAL E 19 48.72 -48.93 20.07
N ASN E 20 49.91 -48.59 20.58
CA ASN E 20 51.15 -49.24 20.20
C ASN E 20 51.79 -49.96 21.38
N ARG E 21 51.52 -51.26 21.50
CA ARG E 21 52.08 -52.13 22.53
C ARG E 21 53.38 -52.71 21.94
N PRO E 22 54.55 -52.50 22.59
CA PRO E 22 55.81 -53.01 22.02
C PRO E 22 55.82 -54.51 21.75
N GLY E 23 56.19 -54.87 20.51
CA GLY E 23 56.23 -56.25 20.04
C GLY E 23 54.89 -56.78 19.56
N TYR E 24 53.88 -55.89 19.46
CA TYR E 24 52.53 -56.22 19.02
C TYR E 24 52.06 -55.25 17.94
N SER E 25 51.27 -55.76 16.98
CA SER E 25 50.73 -54.97 15.86
C SER E 25 49.91 -53.77 16.34
N PRO E 26 50.06 -52.57 15.72
CA PRO E 26 49.30 -51.39 16.18
C PRO E 26 47.79 -51.59 16.13
N MET E 27 47.09 -50.97 17.08
CA MET E 27 45.64 -51.07 17.24
C MET E 27 45.02 -49.67 17.15
N VAL E 28 44.02 -49.48 16.29
CA VAL E 28 43.34 -48.20 16.15
C VAL E 28 41.96 -48.27 16.79
N LEU E 29 41.72 -47.41 17.78
CA LEU E 29 40.43 -47.34 18.48
C LEU E 29 39.76 -46.00 18.17
N GLU E 30 38.48 -46.06 17.77
CA GLU E 30 37.67 -44.88 17.50
C GLU E 30 36.84 -44.63 18.76
N MET E 31 36.95 -43.42 19.33
CA MET E 31 36.21 -43.02 20.53
C MET E 31 35.36 -41.80 20.26
N GLU E 32 34.09 -41.86 20.67
CA GLU E 32 33.13 -40.77 20.49
C GLU E 32 32.29 -40.58 21.73
N LEU E 33 32.28 -39.37 22.27
CA LEU E 33 31.50 -39.07 23.47
C LEU E 33 30.02 -38.90 23.14
N LEU E 34 29.30 -40.00 23.09
CA LEU E 34 27.87 -39.97 22.77
C LEU E 34 27.21 -38.73 23.36
N SER E 35 27.23 -38.63 24.69
CA SER E 35 26.63 -37.49 25.37
C SER E 35 27.41 -37.12 26.62
N VAL E 36 27.66 -35.83 26.79
CA VAL E 36 28.41 -35.34 27.95
C VAL E 36 27.50 -34.56 28.90
N THR E 37 27.33 -35.10 30.09
CA THR E 37 26.48 -34.46 31.10
C THR E 37 27.29 -33.85 32.26
N LEU E 38 27.02 -32.56 32.56
CA LEU E 38 27.63 -31.82 33.65
C LEU E 38 26.51 -31.50 34.64
N GLU E 39 26.37 -32.34 35.68
CA GLU E 39 25.33 -32.19 36.70
C GLU E 39 25.90 -31.54 37.98
N PRO E 40 25.58 -30.26 38.26
CA PRO E 40 26.11 -29.63 39.47
C PRO E 40 25.35 -30.05 40.73
N THR E 41 26.01 -30.00 41.89
CA THR E 41 25.39 -30.33 43.18
C THR E 41 24.57 -29.12 43.61
N LEU E 42 23.27 -29.34 43.86
CA LEU E 42 22.34 -28.27 44.24
C LEU E 42 22.00 -28.22 45.71
N SER E 43 21.86 -27.00 46.24
CA SER E 43 21.46 -26.72 47.62
C SER E 43 20.37 -25.65 47.56
N LEU E 44 19.11 -26.05 47.81
CA LEU E 44 17.96 -25.16 47.76
C LEU E 44 17.97 -24.13 48.89
N ASP E 45 18.04 -22.84 48.51
CA ASP E 45 18.01 -21.72 49.44
C ASP E 45 16.57 -21.36 49.76
N TYR E 46 15.74 -21.17 48.70
CA TYR E 46 14.31 -20.84 48.81
C TYR E 46 13.55 -21.06 47.49
N ILE E 47 12.22 -20.97 47.60
CA ILE E 47 11.23 -21.05 46.53
C ILE E 47 10.55 -19.68 46.47
N THR E 48 10.24 -19.21 45.25
CA THR E 48 9.50 -17.98 45.04
C THR E 48 8.35 -18.22 44.07
N CYS E 49 7.26 -17.47 44.24
CA CYS E 49 6.03 -17.59 43.46
C CYS E 49 5.21 -16.31 43.60
N GLU E 50 3.99 -16.28 43.04
CA GLU E 50 3.09 -15.15 43.14
C GLU E 50 2.55 -15.08 44.57
N TYR E 51 2.50 -13.88 45.16
CA TYR E 51 2.01 -13.71 46.52
C TYR E 51 0.49 -13.58 46.55
N LYS E 52 -0.11 -13.72 47.75
CA LYS E 52 -1.53 -13.56 47.99
C LYS E 52 -1.72 -12.58 49.13
N THR E 53 -2.37 -10.35 48.12
CA THR E 53 -2.62 -9.36 49.16
C THR E 53 -3.91 -9.76 49.86
N VAL E 54 -3.78 -10.40 51.04
CA VAL E 54 -4.92 -10.86 51.82
C VAL E 54 -5.53 -9.69 52.57
N ILE E 55 -6.73 -9.30 52.14
CA ILE E 55 -7.47 -8.19 52.73
C ILE E 55 -8.81 -8.70 53.28
N PRO E 56 -8.95 -8.83 54.62
CA PRO E 56 -10.24 -9.26 55.16
C PRO E 56 -11.24 -8.10 55.16
N SER E 57 -12.48 -8.36 55.62
CA SER E 57 -13.52 -7.35 55.75
C SER E 57 -13.03 -6.27 56.74
N PRO E 58 -13.13 -4.96 56.40
CA PRO E 58 -12.62 -3.94 57.32
C PRO E 58 -13.45 -3.82 58.59
N TYR E 59 -12.77 -3.61 59.74
CA TYR E 59 -13.46 -3.47 61.01
C TYR E 59 -13.96 -2.04 61.20
N VAL E 60 -15.25 -1.83 60.85
CA VAL E 60 -15.91 -0.53 61.00
C VAL E 60 -16.50 -0.50 62.41
N LYS E 61 -15.81 0.20 63.34
CA LYS E 61 -16.26 0.33 64.72
C LYS E 61 -17.18 1.54 64.83
N CYS E 62 -18.49 1.29 64.85
CA CYS E 62 -19.51 2.33 64.98
C CYS E 62 -19.53 2.85 66.39
N CYS E 63 -19.49 4.19 66.54
CA CYS E 63 -19.51 4.93 67.81
C CYS E 63 -18.28 4.70 68.71
N GLY E 64 -17.21 4.14 68.15
CA GLY E 64 -15.98 3.86 68.89
C GLY E 64 -14.71 3.97 68.07
N THR E 65 -13.56 3.86 68.75
CA THR E 65 -12.24 3.93 68.14
C THR E 65 -11.57 2.57 68.13
N ALA E 66 -11.26 2.05 66.92
CA ALA E 66 -10.60 0.76 66.74
C ALA E 66 -9.11 0.90 67.05
N GLU E 67 -8.45 -0.20 67.45
CA GLU E 67 -7.02 -0.21 67.79
C GLU E 67 -6.22 -1.21 66.97
N CYS E 68 -5.13 -0.73 66.33
CA CYS E 68 -4.24 -1.56 65.52
C CYS E 68 -3.22 -2.27 66.40
N LYS E 69 -3.13 -3.60 66.25
CA LYS E 69 -2.17 -4.43 66.98
C LYS E 69 -1.09 -4.95 66.04
N ASP E 70 0.17 -4.96 66.50
CA ASP E 70 1.31 -5.42 65.71
C ASP E 70 1.28 -6.93 65.49
N LYS E 71 0.91 -7.35 64.27
CA LYS E 71 0.81 -8.76 63.88
C LYS E 71 2.04 -9.20 63.10
N ASN E 72 2.63 -10.35 63.50
CA ASN E 72 3.81 -10.91 62.84
C ASN E 72 3.41 -11.64 61.55
N LEU E 73 3.14 -10.86 60.50
CA LEU E 73 2.73 -11.33 59.18
C LEU E 73 3.56 -10.62 58.10
N PRO E 74 3.82 -11.23 56.93
CA PRO E 74 4.63 -10.55 55.90
C PRO E 74 3.90 -9.34 55.30
N ASP E 75 4.59 -8.18 55.28
CA ASP E 75 4.08 -6.88 54.81
C ASP E 75 2.78 -6.47 55.53
N TYR E 76 2.69 -6.77 56.86
CA TYR E 76 1.52 -6.43 57.65
C TYR E 76 1.31 -4.93 57.73
N SER E 77 0.12 -4.49 57.35
CA SER E 77 -0.27 -3.09 57.33
C SER E 77 -1.60 -2.91 58.06
N CYS E 78 -1.64 -1.94 58.99
CA CYS E 78 -2.83 -1.61 59.77
C CYS E 78 -2.95 -0.11 59.92
N LYS E 79 -4.16 0.42 59.70
CA LYS E 79 -4.45 1.84 59.80
C LYS E 79 -5.89 2.07 60.24
N VAL E 80 -6.08 2.94 61.27
CA VAL E 80 -7.40 3.30 61.80
C VAL E 80 -7.74 4.71 61.29
N PHE E 81 -8.82 4.81 60.52
CA PHE E 81 -9.29 6.07 59.93
C PHE E 81 -10.45 6.66 60.71
N THR E 82 -10.32 7.93 61.16
CA THR E 82 -11.33 8.64 61.95
C THR E 82 -12.26 9.49 61.07
N GLY E 83 -13.45 9.78 61.59
CA GLY E 83 -14.46 10.60 60.91
C GLY E 83 -15.10 9.91 59.72
N VAL E 84 -15.28 8.59 59.82
CA VAL E 84 -15.85 7.74 58.77
C VAL E 84 -17.38 7.60 59.00
N TYR E 85 -18.18 7.74 57.93
CA TYR E 85 -19.63 7.59 57.97
C TYR E 85 -20.04 6.73 56.76
N PRO E 86 -19.89 5.39 56.85
CA PRO E 86 -20.20 4.54 55.69
C PRO E 86 -21.66 4.20 55.49
N PHE E 87 -22.04 3.98 54.23
CA PHE E 87 -23.39 3.64 53.81
C PHE E 87 -23.45 2.27 53.15
N MET E 88 -24.58 1.58 53.36
CA MET E 88 -24.92 0.31 52.72
C MET E 88 -26.16 0.60 51.86
N TRP E 89 -26.76 -0.42 51.21
CA TRP E 89 -27.93 -0.22 50.34
C TRP E 89 -29.14 0.43 51.03
N GLY E 90 -29.39 0.06 52.30
CA GLY E 90 -30.50 0.55 53.09
C GLY E 90 -30.16 1.64 54.10
N GLY E 91 -29.24 2.52 53.73
CA GLY E 91 -28.82 3.63 54.56
C GLY E 91 -27.47 3.46 55.24
N ALA E 92 -27.21 4.31 56.24
CA ALA E 92 -25.97 4.34 57.02
C ALA E 92 -25.78 3.09 57.88
N TYR E 93 -24.54 2.58 57.93
CA TYR E 93 -24.15 1.40 58.69
C TYR E 93 -23.99 1.72 60.19
N CYS E 94 -23.59 2.96 60.52
CA CYS E 94 -23.39 3.40 61.90
C CYS E 94 -24.50 4.32 62.42
N PHE E 95 -24.83 4.20 63.70
CA PHE E 95 -25.84 5.01 64.39
C PHE E 95 -25.33 6.44 64.62
N CYS E 96 -24.04 6.58 64.94
CA CYS E 96 -23.38 7.88 65.20
C CYS E 96 -23.02 8.60 63.91
N ASP E 97 -23.07 9.94 63.95
CA ASP E 97 -22.70 10.81 62.82
C ASP E 97 -21.17 10.94 62.79
N ALA E 98 -20.57 11.26 63.95
CA ALA E 98 -19.14 11.39 64.19
C ALA E 98 -18.68 10.22 65.10
N GLU E 99 -17.38 10.13 65.39
CA GLU E 99 -16.78 9.11 66.27
C GLU E 99 -16.84 7.64 65.79
N ASN E 100 -16.97 7.44 64.47
CA ASN E 100 -16.96 6.10 63.88
C ASN E 100 -15.60 5.91 63.20
N THR E 101 -14.95 4.77 63.44
CA THR E 101 -13.63 4.48 62.88
C THR E 101 -13.62 3.23 62.02
N GLN E 102 -12.75 3.20 61.00
CA GLN E 102 -12.56 2.03 60.16
C GLN E 102 -11.14 1.52 60.30
N LEU E 103 -11.00 0.25 60.69
CA LEU E 103 -9.70 -0.41 60.83
C LEU E 103 -9.46 -1.19 59.55
N SER E 104 -8.46 -0.75 58.76
CA SER E 104 -8.08 -1.41 57.52
C SER E 104 -6.89 -2.34 57.80
N GLU E 105 -7.03 -3.62 57.41
CA GLU E 105 -6.03 -4.67 57.63
C GLU E 105 -5.60 -5.31 56.32
N ALA E 106 -4.29 -5.61 56.19
CA ALA E 106 -3.72 -6.26 55.01
C ALA E 106 -2.36 -6.89 55.30
N HIS E 107 -2.10 -8.04 54.63
CA HIS E 107 -0.83 -8.77 54.69
C HIS E 107 -0.58 -9.50 53.37
N VAL E 108 0.69 -9.82 53.10
CA VAL E 108 1.10 -10.51 51.88
C VAL E 108 1.50 -11.95 52.18
N GLU E 109 0.88 -14.00 52.18
CA GLU E 109 1.21 -15.42 52.24
C GLU E 109 1.31 -15.99 50.82
N LYS E 110 1.74 -17.27 50.69
CA LYS E 110 1.87 -17.91 49.39
C LYS E 110 0.51 -18.06 48.73
N SER E 111 0.38 -17.82 47.43
CA SER E 111 -0.84 -17.97 46.65
C SER E 111 -1.10 -19.47 46.44
N GLU E 112 -2.34 -19.82 46.06
CA GLU E 112 -2.77 -21.21 45.77
C GLU E 112 -1.96 -21.79 44.61
N SER E 113 -1.43 -20.90 43.76
CA SER E 113 -0.62 -21.19 42.58
C SER E 113 0.81 -21.63 42.88
N CYS E 114 1.32 -21.35 44.10
CA CYS E 114 2.69 -21.65 44.52
C CYS E 114 3.17 -23.10 44.38
N LYS E 115 2.25 -24.07 44.40
CA LYS E 115 2.55 -25.49 44.23
C LYS E 115 2.72 -25.84 42.74
N THR E 116 2.06 -25.05 41.86
CA THR E 116 2.06 -25.23 40.41
C THR E 116 3.04 -24.28 39.70
N GLU E 117 2.94 -22.97 39.98
CA GLU E 117 3.77 -21.92 39.38
C GLU E 117 4.78 -21.38 40.40
N PHE E 118 6.05 -21.79 40.27
CA PHE E 118 7.12 -21.38 41.18
C PHE E 118 8.51 -21.44 40.55
N ALA E 119 9.44 -20.65 41.11
CA ALA E 119 10.85 -20.60 40.73
C ALA E 119 11.68 -21.02 41.95
N SER E 120 12.74 -21.81 41.72
CA SER E 120 13.59 -22.31 42.80
C SER E 120 14.98 -21.67 42.76
N ALA E 121 15.43 -21.14 43.91
CA ALA E 121 16.75 -20.52 44.05
C ALA E 121 17.74 -21.55 44.62
N TYR E 122 18.70 -21.98 43.79
CA TYR E 122 19.70 -23.00 44.15
C TYR E 122 21.13 -22.47 44.21
N ARG E 123 21.95 -23.08 45.07
CA ARG E 123 23.38 -22.81 45.19
C ARG E 123 24.09 -23.95 44.46
N ALA E 124 24.64 -23.65 43.27
CA ALA E 124 25.34 -24.63 42.43
C ALA E 124 26.84 -24.67 42.72
N HIS E 125 27.38 -25.87 42.98
CA HIS E 125 28.80 -26.07 43.30
C HIS E 125 29.30 -27.45 42.88
N THR E 126 30.57 -27.50 42.40
CA THR E 126 31.31 -28.68 41.94
C THR E 126 30.51 -29.62 41.03
N ALA E 127 30.53 -29.33 39.71
CA ALA E 127 29.82 -30.11 38.70
C ALA E 127 30.47 -31.48 38.46
N SER E 128 29.65 -32.55 38.49
CA SER E 128 30.10 -33.91 38.24
C SER E 128 29.94 -34.24 36.76
N ALA E 129 31.05 -34.50 36.07
CA ALA E 129 31.08 -34.79 34.64
C ALA E 129 30.91 -36.28 34.36
N SER E 130 29.97 -36.62 33.48
CA SER E 130 29.68 -38.00 33.06
C SER E 130 29.54 -38.07 31.54
N ALA E 131 29.92 -39.20 30.95
CA ALA E 131 29.82 -39.35 29.49
C ALA E 131 30.00 -40.80 29.05
N LYS E 132 29.05 -41.28 28.25
CA LYS E 132 29.13 -42.62 27.68
C LYS E 132 29.93 -42.58 26.38
N LEU E 133 31.11 -43.20 26.39
CA LEU E 133 32.01 -43.14 25.24
C LEU E 133 31.87 -44.34 24.32
N ARG E 134 31.24 -44.12 23.18
CA ARG E 134 31.15 -45.15 22.13
C ARG E 134 32.57 -45.49 21.70
N VAL E 135 32.94 -46.77 21.78
CA VAL E 135 34.28 -47.24 21.40
C VAL E 135 34.18 -48.30 20.31
N LEU E 136 34.86 -48.09 19.17
CA LEU E 136 34.93 -49.07 18.08
C LEU E 136 36.02 -50.05 18.53
N TYR E 137 35.60 -51.14 19.18
CA TYR E 137 36.48 -52.15 19.76
C TYR E 137 36.24 -53.52 19.10
N GLN E 138 37.27 -54.03 18.41
CA GLN E 138 37.28 -55.31 17.68
C GLN E 138 36.21 -55.40 16.57
N GLY E 139 36.07 -54.29 15.83
CA GLY E 139 35.12 -54.16 14.73
C GLY E 139 33.67 -53.97 15.15
N ASN E 140 33.43 -53.82 16.46
CA ASN E 140 32.10 -53.63 17.05
C ASN E 140 32.06 -52.39 17.93
N ASN E 141 30.88 -51.75 18.00
CA ASN E 141 30.67 -50.56 18.82
C ASN E 141 30.25 -50.95 20.24
N ILE E 142 31.05 -50.54 21.23
CA ILE E 142 30.77 -50.80 22.64
C ILE E 142 30.46 -49.48 23.37
N THR E 143 29.46 -49.51 24.27
CA THR E 143 29.06 -48.34 25.04
C THR E 143 29.55 -48.45 26.47
N VAL E 144 30.27 -47.42 26.93
CA VAL E 144 30.82 -47.34 28.29
C VAL E 144 30.23 -46.13 29.00
N THR E 145 29.52 -46.38 30.13
CA THR E 145 28.93 -45.33 30.96
C THR E 145 29.67 -45.31 32.28
N ALA E 146 30.45 -44.23 32.52
CA ALA E 146 31.26 -44.09 33.72
C ALA E 146 31.29 -42.65 34.24
N TYR E 147 31.54 -42.49 35.56
CA TYR E 147 31.69 -41.20 36.19
C TYR E 147 33.06 -40.63 35.80
N ALA E 148 33.08 -39.40 35.25
CA ALA E 148 34.29 -38.73 34.80
C ALA E 148 35.11 -38.11 35.95
N ASN E 149 35.40 -38.93 36.97
CA ASN E 149 36.14 -38.55 38.17
C ASN E 149 37.54 -39.18 38.24
N GLY E 150 37.80 -40.15 37.36
CA GLY E 150 39.07 -40.87 37.31
C GLY E 150 39.20 -41.94 38.37
N ASP E 151 38.10 -42.28 39.06
CA ASP E 151 38.04 -43.28 40.12
C ASP E 151 36.77 -44.15 40.03
N HIS E 152 36.43 -44.57 38.81
CA HIS E 152 35.28 -45.42 38.51
C HIS E 152 35.62 -46.29 37.30
N ALA E 153 36.06 -47.52 37.58
CA ALA E 153 36.45 -48.48 36.56
C ALA E 153 35.24 -49.27 36.05
N VAL E 154 34.99 -49.19 34.74
CA VAL E 154 33.90 -49.89 34.05
C VAL E 154 34.53 -50.84 33.03
N THR E 155 34.24 -52.14 33.18
CA THR E 155 34.80 -53.19 32.31
C THR E 155 33.76 -53.71 31.32
N VAL E 156 34.06 -53.54 30.02
CA VAL E 156 33.23 -53.97 28.89
C VAL E 156 34.14 -54.80 27.97
N LYS E 157 33.77 -56.07 27.71
CA LYS E 157 34.51 -57.04 26.89
C LYS E 157 35.96 -57.22 27.37
N ASP E 158 36.13 -57.31 28.70
CA ASP E 158 37.40 -57.46 29.44
C ASP E 158 38.34 -56.24 29.43
N ALA E 159 37.93 -55.14 28.75
CA ALA E 159 38.70 -53.89 28.69
C ALA E 159 38.22 -52.94 29.80
N LYS E 160 39.12 -52.59 30.73
CA LYS E 160 38.83 -51.72 31.86
C LYS E 160 38.94 -50.24 31.47
N PHE E 161 37.86 -49.47 31.67
CA PHE E 161 37.81 -48.06 31.33
C PHE E 161 37.76 -47.16 32.56
N ILE E 162 38.66 -46.15 32.58
CA ILE E 162 38.74 -45.14 33.64
C ILE E 162 38.63 -43.79 32.91
N VAL E 163 37.47 -43.13 33.08
CA VAL E 163 37.13 -41.86 32.44
C VAL E 163 37.38 -40.69 33.42
N GLY E 164 38.03 -39.65 32.92
CA GLY E 164 38.35 -38.44 33.69
C GLY E 164 39.64 -38.53 34.48
N PRO E 165 39.88 -37.62 35.45
CA PRO E 165 39.02 -36.49 35.89
C PRO E 165 38.97 -35.33 34.89
N MET E 166 37.80 -34.66 34.82
CA MET E 166 37.51 -33.52 33.95
C MET E 166 38.52 -32.39 34.19
N SER E 167 39.06 -31.79 33.11
CA SER E 167 40.03 -30.69 33.20
C SER E 167 39.37 -29.41 33.75
N SER E 168 38.07 -29.24 33.45
CA SER E 168 37.27 -28.11 33.90
C SER E 168 36.19 -28.60 34.87
N ALA E 169 36.10 -27.95 36.04
CA ALA E 169 35.10 -28.24 37.08
C ALA E 169 33.90 -27.27 36.96
N TRP E 170 33.81 -26.58 35.83
CA TRP E 170 32.73 -25.62 35.61
C TRP E 170 31.57 -26.27 34.87
N THR E 171 30.59 -25.45 34.50
CA THR E 171 29.41 -25.93 33.79
C THR E 171 28.39 -24.81 33.59
N PRO E 172 28.18 -24.43 32.33
CA PRO E 172 27.23 -23.36 32.00
C PRO E 172 26.41 -22.93 33.22
N PHE E 173 27.05 -22.89 34.39
CA PHE E 173 26.37 -22.49 35.61
C PHE E 173 27.28 -21.72 36.55
N ASP E 174 26.74 -20.65 37.15
CA ASP E 174 27.42 -19.82 38.14
C ASP E 174 27.18 -20.41 39.54
N ASN E 175 27.65 -19.75 40.61
CA ASN E 175 27.47 -20.19 42.00
C ASN E 175 25.99 -20.16 42.40
N LYS E 176 25.25 -19.17 41.92
CA LYS E 176 23.82 -18.98 42.21
C LYS E 176 22.99 -19.16 40.94
N ILE E 177 22.01 -20.09 40.98
CA ILE E 177 21.13 -20.38 39.84
C ILE E 177 19.63 -20.35 40.22
N VAL E 178 18.77 -20.06 39.23
CA VAL E 178 17.32 -20.01 39.39
C VAL E 178 16.65 -20.94 38.36
N VAL E 179 15.78 -21.85 38.84
CA VAL E 179 15.11 -22.84 38.00
C VAL E 179 13.60 -22.62 37.93
N TYR E 180 13.06 -22.49 36.70
CA TYR E 180 11.63 -22.36 36.43
C TYR E 180 11.23 -23.39 35.38
N LYS E 181 10.52 -24.44 35.82
CA LYS E 181 10.04 -25.57 35.01
C LYS E 181 11.21 -26.26 34.25
N GLY E 182 11.32 -26.03 32.94
CA GLY E 182 12.38 -26.60 32.12
C GLY E 182 13.48 -25.62 31.78
N ASP E 183 13.47 -24.43 32.40
CA ASP E 183 14.45 -23.36 32.17
C ASP E 183 15.31 -23.05 33.38
N VAL E 184 16.63 -22.91 33.15
CA VAL E 184 17.63 -22.58 34.18
C VAL E 184 18.22 -21.20 33.85
N TYR E 185 18.41 -20.37 34.88
CA TYR E 185 18.95 -19.02 34.73
C TYR E 185 20.09 -18.78 35.70
N ASN E 186 21.17 -18.12 35.22
CA ASN E 186 22.29 -17.71 36.05
C ASN E 186 21.86 -16.38 36.66
N MET E 187 21.57 -16.39 37.96
CA MET E 187 21.10 -15.18 38.64
C MET E 187 21.63 -15.06 40.06
N ASP E 188 22.19 -13.89 40.39
CA ASP E 188 22.68 -13.58 41.73
C ASP E 188 21.45 -13.12 42.53
N TYR E 189 20.55 -14.09 42.84
CA TYR E 189 19.29 -13.87 43.54
C TYR E 189 19.51 -13.29 44.94
N PRO E 190 18.59 -12.42 45.45
CA PRO E 190 18.79 -11.88 46.80
C PRO E 190 18.69 -12.97 47.87
N PRO E 191 19.48 -12.92 48.96
CA PRO E 191 19.35 -13.96 50.00
C PRO E 191 17.99 -13.93 50.70
N PHE E 192 17.67 -15.01 51.46
CA PHE E 192 16.40 -15.10 52.19
C PHE E 192 16.33 -13.96 53.22
N GLY E 193 15.20 -13.26 53.21
CA GLY E 193 14.95 -12.14 54.09
C GLY E 193 15.54 -10.82 53.61
N ALA E 194 15.88 -10.75 52.31
CA ALA E 194 16.49 -9.58 51.69
C ALA E 194 15.83 -9.20 50.34
N GLY E 195 14.72 -9.87 50.01
CA GLY E 195 13.96 -9.63 48.78
C GLY E 195 13.29 -8.28 48.74
N ARG E 196 13.33 -7.62 47.58
CA ARG E 196 12.77 -6.28 47.36
C ARG E 196 11.34 -6.30 46.77
N PRO E 197 10.50 -5.27 47.03
CA PRO E 197 9.13 -5.26 46.47
C PRO E 197 9.11 -5.11 44.95
N GLY E 198 8.19 -5.84 44.31
CA GLY E 198 8.03 -5.85 42.86
C GLY E 198 9.14 -6.53 42.09
N GLN E 199 10.08 -7.17 42.82
CA GLN E 199 11.23 -7.85 42.24
C GLN E 199 11.27 -9.32 42.67
N PHE E 200 12.11 -10.13 42.01
CA PHE E 200 12.31 -11.55 42.30
C PHE E 200 12.72 -11.69 43.77
N GLY E 201 11.87 -12.37 44.54
CA GLY E 201 12.10 -12.59 45.96
C GLY E 201 11.29 -11.72 46.88
N ASP E 202 10.26 -11.01 46.35
CA ASP E 202 9.35 -10.16 47.15
C ASP E 202 8.64 -11.02 48.21
N ILE E 203 8.45 -12.30 47.89
CA ILE E 203 7.93 -13.36 48.74
C ILE E 203 8.92 -14.53 48.66
N GLN E 204 9.43 -14.97 49.81
CA GLN E 204 10.40 -16.08 49.86
C GLN E 204 9.95 -17.17 50.83
N SER E 205 9.90 -18.42 50.33
CA SER E 205 9.54 -19.60 51.10
C SER E 205 10.71 -20.57 51.02
N ARG E 206 11.30 -20.94 52.17
CA ARG E 206 12.45 -21.85 52.26
C ARG E 206 12.25 -23.18 51.53
N THR E 207 11.04 -23.76 51.65
CA THR E 207 10.61 -25.00 51.01
C THR E 207 9.19 -24.80 50.45
N PRO E 208 8.70 -25.58 49.45
CA PRO E 208 7.32 -25.37 48.97
C PRO E 208 6.22 -25.77 49.97
N GLU E 209 6.61 -26.47 51.06
CA GLU E 209 5.71 -26.94 52.12
C GLU E 209 5.73 -26.02 53.36
N SER E 210 6.72 -25.10 53.43
CA SER E 210 6.94 -24.14 54.52
C SER E 210 5.69 -23.34 54.92
N LYS E 211 5.50 -23.15 56.24
CA LYS E 211 4.36 -22.42 56.79
C LYS E 211 4.63 -20.92 56.88
N ASP E 212 5.76 -20.53 57.49
CA ASP E 212 6.16 -19.13 57.62
C ASP E 212 7.00 -18.69 56.43
N VAL E 213 6.51 -17.66 55.72
CA VAL E 213 7.17 -17.12 54.53
C VAL E 213 7.67 -15.69 54.77
N TYR E 214 8.71 -15.25 54.03
CA TYR E 214 9.19 -13.88 54.12
C TYR E 214 8.44 -13.05 53.09
N ALA E 215 8.05 -11.82 53.46
CA ALA E 215 7.33 -10.92 52.56
C ALA E 215 7.73 -9.45 52.73
N ASN E 216 8.00 -8.80 51.60
CA ASN E 216 8.35 -7.40 51.50
C ASN E 216 7.74 -6.91 50.19
N THR E 217 6.44 -6.58 50.23
CA THR E 217 5.65 -6.17 49.07
C THR E 217 5.20 -4.70 49.12
N GLN E 218 5.80 -2.88 49.11
CA GLN E 218 5.45 -1.48 49.36
C GLN E 218 3.93 -1.29 49.56
N LEU E 219 3.34 -2.15 50.40
CA LEU E 219 1.91 -2.12 50.72
C LEU E 219 1.63 -0.93 51.62
N VAL E 220 0.78 0.00 51.15
CA VAL E 220 0.38 1.21 51.88
C VAL E 220 -1.14 1.34 51.79
N LEU E 221 -1.82 1.28 52.95
CA LEU E 221 -3.29 1.39 52.99
C LEU E 221 -3.74 2.85 52.91
N GLN E 222 -4.78 3.11 52.12
CA GLN E 222 -5.32 4.46 51.89
C GLN E 222 -6.66 4.67 52.61
N ARG E 223 -7.02 5.95 52.84
CA ARG E 223 -8.27 6.31 53.49
C ARG E 223 -9.45 5.98 52.56
N PRO E 224 -10.50 5.26 53.06
CA PRO E 224 -11.64 4.93 52.20
C PRO E 224 -12.43 6.15 51.75
N ALA E 225 -13.12 6.02 50.59
CA ALA E 225 -13.96 7.06 49.99
C ALA E 225 -15.16 7.34 50.90
N ALA E 226 -15.67 8.60 50.86
CA ALA E 226 -16.80 9.05 51.67
C ALA E 226 -18.03 8.17 51.49
N GLY E 227 -18.53 7.64 52.60
CA GLY E 227 -19.70 6.75 52.64
C GLY E 227 -19.54 5.43 51.92
N THR E 228 -18.29 4.98 51.74
CA THR E 228 -17.97 3.76 51.01
C THR E 228 -17.20 2.75 51.87
N VAL E 229 -17.69 1.50 51.91
CA VAL E 229 -17.02 0.41 52.62
C VAL E 229 -16.17 -0.33 51.59
N HIS E 230 -14.86 -0.15 51.69
CA HIS E 230 -13.82 -0.77 50.85
C HIS E 230 -12.46 -0.53 51.50
N VAL E 231 -11.43 -1.28 51.04
CA VAL E 231 -10.07 -1.14 51.58
C VAL E 231 -9.13 -0.69 50.45
N PRO E 232 -9.05 0.64 50.18
CA PRO E 232 -8.13 1.10 49.12
C PRO E 232 -6.68 1.02 49.57
N TYR E 233 -5.79 0.66 48.64
CA TYR E 233 -4.35 0.51 48.92
C TYR E 233 -3.50 0.77 47.68
N SER E 234 -2.22 1.12 47.93
CA SER E 234 -1.20 1.32 46.90
C SER E 234 -0.14 0.25 47.11
N GLN E 235 0.21 -0.46 46.03
CA GLN E 235 1.18 -1.56 46.09
C GLN E 235 1.88 -1.72 44.75
N ALA E 236 3.12 -3.12 45.78
CA ALA E 236 3.96 -3.33 44.60
C ALA E 236 3.54 -4.64 43.92
N PRO E 237 3.29 -4.65 42.58
CA PRO E 237 2.83 -5.89 41.92
C PRO E 237 3.81 -7.06 42.03
N SER E 238 3.29 -8.31 41.89
CA SER E 238 4.04 -9.56 42.00
C SER E 238 5.41 -9.57 41.32
N GLY E 239 6.44 -9.80 42.13
CA GLY E 239 7.82 -9.88 41.69
C GLY E 239 8.10 -11.09 40.82
N PHE E 240 7.41 -12.21 41.11
CA PHE E 240 7.51 -13.45 40.35
C PHE E 240 6.89 -13.28 38.96
N LYS E 241 5.70 -12.62 38.88
CA LYS E 241 5.02 -12.32 37.62
C LYS E 241 5.89 -11.37 36.80
N TYR E 242 6.54 -10.41 37.48
CA TYR E 242 7.44 -9.44 36.85
C TYR E 242 8.69 -10.14 36.33
N TRP E 243 9.27 -11.08 37.11
CA TRP E 243 10.44 -11.84 36.68
C TRP E 243 10.12 -12.74 35.48
N LEU E 244 8.92 -13.35 35.45
CA LEU E 244 8.49 -14.23 34.34
C LEU E 244 8.56 -13.56 32.97
N LYS E 245 8.36 -12.24 32.91
CA LYS E 245 8.43 -11.47 31.65
C LYS E 245 9.79 -10.77 31.46
N GLU E 246 10.55 -10.55 32.56
CA GLU E 246 11.84 -9.86 32.55
C GLU E 246 13.07 -10.79 32.60
N ARG E 247 12.85 -12.12 32.79
CA ARG E 247 13.91 -13.12 32.88
C ARG E 247 14.86 -13.20 31.70
N GLY E 248 14.35 -12.93 30.50
CA GLY E 248 15.11 -13.01 29.26
C GLY E 248 15.26 -14.44 28.81
N ALA E 249 16.22 -14.70 27.90
CA ALA E 249 16.48 -16.05 27.40
C ALA E 249 17.21 -16.89 28.44
N SER E 250 16.82 -18.16 28.57
CA SER E 250 17.43 -19.12 29.51
C SER E 250 18.80 -19.60 29.04
N LEU E 251 19.53 -20.32 29.91
CA LEU E 251 20.86 -20.86 29.61
C LEU E 251 20.92 -21.75 28.35
N GLN E 252 19.80 -22.45 28.02
CA GLN E 252 19.65 -23.29 26.83
C GLN E 252 19.91 -22.49 25.54
N HIS E 253 19.63 -21.18 25.58
CA HIS E 253 19.78 -20.25 24.45
C HIS E 253 21.02 -19.35 24.55
N THR E 254 21.48 -19.01 25.77
CA THR E 254 22.61 -18.08 25.96
C THR E 254 23.98 -18.71 26.25
N ALA E 255 24.03 -19.95 26.76
CA ALA E 255 25.28 -20.61 27.13
C ALA E 255 26.26 -20.82 25.98
N PRO E 256 27.58 -20.54 26.21
CA PRO E 256 28.58 -20.77 25.15
C PRO E 256 28.81 -22.27 24.89
N PHE E 257 29.62 -22.59 23.86
CA PHE E 257 30.01 -23.94 23.44
C PHE E 257 28.84 -24.88 23.04
N GLY E 258 27.71 -24.29 22.66
CA GLY E 258 26.52 -25.01 22.23
C GLY E 258 25.87 -25.90 23.28
N CYS E 259 25.94 -25.48 24.57
CA CYS E 259 25.37 -26.23 25.70
C CYS E 259 23.86 -26.38 25.57
N GLN E 260 23.36 -27.59 25.87
CA GLN E 260 21.94 -27.91 25.92
C GLN E 260 21.62 -28.00 27.41
N ILE E 261 20.58 -27.30 27.86
CA ILE E 261 20.23 -27.30 29.29
C ILE E 261 18.94 -28.07 29.54
N ALA E 262 19.01 -29.02 30.49
CA ALA E 262 17.89 -29.88 30.90
C ALA E 262 17.62 -29.72 32.39
N THR E 263 16.41 -30.14 32.84
CA THR E 263 15.98 -30.08 34.24
C THR E 263 15.57 -31.46 34.75
N ASN E 264 15.38 -31.58 36.08
CA ASN E 264 14.99 -32.81 36.80
C ASN E 264 15.92 -34.03 36.51
N PRO E 265 17.22 -34.00 36.89
CA PRO E 265 17.97 -32.94 37.59
C PRO E 265 18.55 -31.89 36.63
N VAL E 266 18.92 -30.70 37.14
CA VAL E 266 19.52 -29.66 36.28
C VAL E 266 20.91 -30.09 35.81
N ARG E 267 21.15 -30.00 34.49
CA ARG E 267 22.40 -30.44 33.88
C ARG E 267 22.74 -29.73 32.56
N ALA E 268 24.03 -29.65 32.27
CA ALA E 268 24.57 -29.09 31.03
C ALA E 268 24.92 -30.27 30.14
N VAL E 269 24.23 -30.40 29.00
CA VAL E 269 24.41 -31.51 28.06
C VAL E 269 25.08 -31.03 26.77
N ASN E 270 26.09 -31.79 26.30
CA ASN E 270 26.84 -31.57 25.06
C ASN E 270 27.54 -30.22 24.91
N CYS E 271 28.23 -29.79 25.97
CA CYS E 271 28.95 -28.52 25.96
C CYS E 271 30.40 -28.72 25.51
N ALA E 272 31.14 -27.62 25.42
CA ALA E 272 32.53 -27.66 25.01
C ALA E 272 33.42 -26.89 25.98
N VAL E 273 33.71 -27.49 27.12
CA VAL E 273 34.55 -26.86 28.14
C VAL E 273 35.58 -27.84 28.69
N GLY E 274 36.85 -27.58 28.41
CA GLY E 274 37.92 -28.43 28.88
C GLY E 274 38.02 -29.73 28.11
N ASN E 275 38.92 -30.60 28.53
CA ASN E 275 39.10 -31.90 27.88
C ASN E 275 38.77 -33.06 28.80
N MET E 276 38.95 -34.27 28.30
CA MET E 276 38.67 -35.48 29.07
C MET E 276 39.73 -36.57 28.91
N PRO E 277 40.49 -36.91 29.98
CA PRO E 277 41.47 -38.01 29.88
C PRO E 277 40.76 -39.37 29.90
N ILE E 278 41.25 -40.31 29.07
CA ILE E 278 40.71 -41.66 28.96
C ILE E 278 41.80 -42.71 29.14
N SER E 279 41.57 -43.65 30.08
CA SER E 279 42.47 -44.76 30.38
C SER E 279 41.77 -46.07 30.02
N ILE E 280 42.38 -46.86 29.11
CA ILE E 280 41.85 -48.15 28.67
C ILE E 280 42.86 -49.27 28.91
N ASP E 281 42.52 -50.19 29.82
CA ASP E 281 43.36 -51.35 30.12
C ASP E 281 42.90 -52.48 29.20
N ILE E 282 43.52 -52.55 28.01
CA ILE E 282 43.20 -53.52 26.95
C ILE E 282 43.78 -54.91 27.29
N PRO E 283 42.93 -55.98 27.31
CA PRO E 283 43.46 -57.32 27.62
C PRO E 283 44.40 -57.89 26.57
N GLU E 284 45.27 -58.76 26.97
CA GLU E 284 46.29 -59.45 26.17
C GLU E 284 45.73 -60.14 24.91
N ALA E 285 44.54 -60.78 25.01
CA ALA E 285 43.85 -61.48 23.93
C ALA E 285 43.47 -60.61 22.74
N ALA E 286 43.20 -59.32 22.98
CA ALA E 286 42.83 -58.35 21.95
C ALA E 286 44.01 -58.02 21.02
N PHE E 287 45.25 -58.14 21.53
CA PHE E 287 46.47 -57.86 20.77
C PHE E 287 46.93 -59.04 19.93
N THR E 288 47.50 -58.72 18.76
CA THR E 288 48.06 -59.69 17.82
C THR E 288 49.54 -59.33 17.60
N ARG E 289 50.42 -60.33 17.69
CA ARG E 289 51.87 -60.15 17.53
C ARG E 289 52.23 -59.71 16.12
N VAL E 290 53.34 -58.95 15.97
CA VAL E 290 53.86 -58.44 14.70
C VAL E 290 54.14 -59.55 13.67
N VAL E 291 54.60 -60.73 14.16
CA VAL E 291 54.89 -61.92 13.35
C VAL E 291 53.55 -62.56 12.92
N ASP E 292 52.54 -62.57 13.81
CA ASP E 292 51.20 -63.11 13.56
C ASP E 292 50.37 -62.19 12.64
N ALA E 293 50.78 -60.92 12.50
CA ALA E 293 50.14 -59.92 11.66
C ALA E 293 50.84 -59.85 10.29
N PRO E 294 50.14 -59.51 9.18
CA PRO E 294 50.81 -59.45 7.87
C PRO E 294 51.87 -58.35 7.76
N SER E 295 52.91 -58.60 6.94
CA SER E 295 54.01 -57.65 6.70
C SER E 295 53.76 -56.86 5.43
N LEU E 296 53.80 -55.52 5.51
CA LEU E 296 53.55 -54.60 4.40
C LEU E 296 54.84 -54.18 3.69
N THR E 297 54.89 -54.37 2.38
CA THR E 297 56.03 -54.03 1.51
C THR E 297 55.55 -53.46 0.16
N ASP E 298 56.46 -52.76 -0.57
CA ASP E 298 56.23 -52.14 -1.88
C ASP E 298 54.96 -51.26 -1.92
N MET E 299 54.84 -50.35 -0.95
CA MET E 299 53.69 -49.47 -0.81
C MET E 299 53.81 -48.15 -1.57
N SER E 300 52.70 -47.74 -2.19
CA SER E 300 52.55 -46.50 -2.93
C SER E 300 51.17 -45.89 -2.65
N CYS E 301 51.08 -44.56 -2.65
CA CYS E 301 49.82 -43.85 -2.35
C CYS E 301 49.48 -42.79 -3.39
N GLU E 302 48.22 -42.80 -3.85
CA GLU E 302 47.69 -41.84 -4.81
C GLU E 302 46.37 -41.24 -4.33
N VAL E 303 46.19 -39.92 -4.50
CA VAL E 303 45.01 -39.19 -4.07
C VAL E 303 44.23 -38.71 -5.33
N PRO E 304 43.21 -39.48 -5.78
CA PRO E 304 42.47 -39.08 -7.00
C PRO E 304 41.47 -37.93 -6.78
N ALA E 305 41.01 -37.73 -5.53
CA ALA E 305 40.04 -36.70 -5.19
C ALA E 305 40.21 -36.17 -3.77
N CYS E 306 40.26 -34.82 -3.61
CA CYS E 306 40.36 -34.17 -2.30
C CYS E 306 39.73 -32.80 -2.23
N THR E 307 39.02 -32.57 -1.11
CA THR E 307 38.36 -31.32 -0.75
C THR E 307 38.67 -31.10 0.73
N HIS E 308 39.35 -29.99 1.07
CA HIS E 308 39.68 -29.68 2.46
C HIS E 308 38.46 -29.11 3.20
N SER E 309 37.87 -29.92 4.09
CA SER E 309 36.67 -29.58 4.86
C SER E 309 36.63 -30.29 6.22
N SER E 310 35.56 -30.06 7.00
CA SER E 310 35.34 -30.66 8.33
C SER E 310 35.08 -32.17 8.23
N ASP E 311 34.41 -32.62 7.16
CA ASP E 311 34.11 -34.04 6.92
C ASP E 311 35.20 -34.72 6.08
N PHE E 312 35.01 -36.02 5.77
CA PHE E 312 35.97 -36.79 4.99
C PHE E 312 35.84 -36.51 3.49
N GLY E 313 36.41 -35.39 3.06
CA GLY E 313 36.40 -34.93 1.67
C GLY E 313 37.51 -35.47 0.81
N GLY E 314 38.48 -36.15 1.44
CA GLY E 314 39.62 -36.74 0.75
C GLY E 314 39.50 -38.23 0.54
N VAL E 315 39.97 -38.70 -0.63
CA VAL E 315 39.96 -40.11 -1.05
C VAL E 315 41.40 -40.50 -1.40
N ALA E 316 41.92 -41.61 -0.82
CA ALA E 316 43.27 -42.09 -1.11
C ALA E 316 43.31 -43.59 -1.40
N ILE E 317 44.02 -43.96 -2.49
CA ILE E 317 44.18 -45.36 -2.92
C ILE E 317 45.62 -45.79 -2.62
N ILE E 318 45.76 -46.80 -1.73
CA ILE E 318 47.06 -47.32 -1.32
C ILE E 318 47.28 -48.73 -1.86
N LYS E 319 48.30 -48.89 -2.72
CA LYS E 319 48.69 -50.17 -3.31
C LYS E 319 49.71 -50.83 -2.39
N TYR E 320 49.60 -52.16 -2.21
CA TYR E 320 50.46 -52.93 -1.30
C TYR E 320 50.83 -54.33 -1.77
N ALA E 321 51.78 -54.95 -1.06
CA ALA E 321 52.26 -56.31 -1.26
C ALA E 321 52.48 -56.92 0.13
N ALA E 322 51.37 -57.61 0.64
CA ALA E 322 51.21 -58.26 1.94
C ALA E 322 51.74 -59.70 1.94
N SER E 323 52.47 -60.08 3.01
CA SER E 323 53.06 -61.41 3.19
C SER E 323 52.00 -62.50 3.37
N LYS E 324 50.94 -62.40 4.00
CA LYS E 324 49.75 -63.21 4.33
C LYS E 324 48.44 -62.39 4.43
N LYS E 325 47.30 -63.09 4.53
CA LYS E 325 45.97 -62.51 4.67
C LYS E 325 45.71 -62.24 6.16
N GLY E 326 45.06 -61.11 6.46
CA GLY E 326 44.74 -60.71 7.82
C GLY E 326 44.30 -59.26 7.96
N LYS E 327 43.83 -58.89 9.16
CA LYS E 327 43.38 -57.54 9.45
C LYS E 327 44.54 -56.61 9.78
N CYS E 328 44.52 -55.40 9.19
CA CYS E 328 45.53 -54.35 9.39
C CYS E 328 44.89 -53.05 9.86
N ALA E 329 45.53 -52.38 10.83
CA ALA E 329 45.07 -51.11 11.37
C ALA E 329 45.54 -49.95 10.48
N VAL E 330 44.64 -48.98 10.23
CA VAL E 330 44.93 -47.80 9.42
C VAL E 330 44.99 -46.56 10.33
N HIS E 331 46.09 -45.81 10.28
CA HIS E 331 46.27 -44.60 11.09
C HIS E 331 47.15 -43.57 10.41
N SER E 332 46.76 -42.30 10.53
CA SER E 332 47.50 -41.16 9.97
C SER E 332 48.61 -40.78 10.95
N MET E 333 49.86 -40.75 10.47
CA MET E 333 51.03 -40.40 11.26
C MET E 333 51.22 -38.88 11.33
N THR E 334 50.43 -38.12 10.54
CA THR E 334 50.42 -36.67 10.49
C THR E 334 49.14 -36.20 11.18
N ASN E 335 49.29 -35.35 12.21
CA ASN E 335 48.18 -34.83 13.00
C ASN E 335 47.26 -33.87 12.24
N ALA E 336 47.72 -33.37 11.07
CA ALA E 336 46.98 -32.46 10.20
C ALA E 336 45.82 -33.17 9.49
N VAL E 337 45.93 -34.49 9.24
CA VAL E 337 44.89 -35.29 8.59
C VAL E 337 44.40 -36.48 9.44
N THR E 338 43.11 -36.85 9.30
CA THR E 338 42.49 -37.96 10.05
C THR E 338 41.79 -38.92 9.08
N ILE E 339 42.01 -40.24 9.25
CA ILE E 339 41.42 -41.29 8.41
C ILE E 339 40.15 -41.87 9.05
N ARG E 340 39.08 -42.01 8.24
CA ARG E 340 37.76 -42.52 8.62
C ARG E 340 37.79 -43.98 9.10
N GLU E 341 38.45 -44.88 8.35
CA GLU E 341 38.53 -46.29 8.70
C GLU E 341 39.68 -46.63 9.63
N ALA E 342 39.38 -47.48 10.63
CA ALA E 342 40.32 -47.94 11.66
C ALA E 342 40.96 -49.28 11.32
N GLU E 343 40.24 -50.15 10.57
CA GLU E 343 40.70 -51.49 10.19
C GLU E 343 40.29 -51.87 8.77
N ILE E 344 41.22 -52.51 8.03
CA ILE E 344 40.98 -53.00 6.66
C ILE E 344 41.44 -54.46 6.50
N GLU E 345 40.73 -55.22 5.65
CA GLU E 345 41.09 -56.62 5.38
C GLU E 345 42.14 -56.65 4.27
N VAL E 346 43.36 -57.12 4.63
CA VAL E 346 44.49 -57.22 3.73
C VAL E 346 44.51 -58.61 3.02
N GLU E 347 44.89 -58.65 1.73
CA GLU E 347 44.89 -59.90 0.94
C GLU E 347 46.28 -60.36 0.46
N GLY E 348 46.76 -59.81 -0.64
CA GLY E 348 48.05 -60.14 -1.25
C GLY E 348 48.65 -58.97 -1.99
N ASN E 349 48.70 -59.08 -3.33
CA ASN E 349 49.18 -58.03 -4.23
C ASN E 349 47.99 -57.19 -4.72
N SER E 350 47.23 -56.64 -3.75
CA SER E 350 46.02 -55.85 -3.97
C SER E 350 46.18 -54.38 -3.54
N GLN E 351 45.08 -53.62 -3.55
CA GLN E 351 45.02 -52.21 -3.18
C GLN E 351 43.87 -51.90 -2.21
N LEU E 352 44.03 -50.86 -1.37
CA LEU E 352 43.02 -50.43 -0.41
C LEU E 352 42.59 -48.96 -0.63
N GLN E 353 41.33 -48.63 -0.30
CA GLN E 353 40.80 -47.27 -0.44
C GLN E 353 40.41 -46.71 0.92
N ILE E 354 40.93 -45.52 1.26
CA ILE E 354 40.65 -44.83 2.52
C ILE E 354 40.03 -43.45 2.32
N SER E 355 39.26 -42.99 3.34
CA SER E 355 38.63 -41.68 3.37
C SER E 355 39.33 -40.84 4.44
N PHE E 356 39.76 -39.62 4.08
CA PHE E 356 40.48 -38.74 5.02
C PHE E 356 39.92 -37.32 5.10
N SER E 357 40.12 -36.66 6.25
CA SER E 357 39.69 -35.29 6.52
C SER E 357 40.89 -34.41 6.83
N THR E 358 40.99 -33.25 6.16
CA THR E 358 42.07 -32.26 6.34
C THR E 358 41.59 -30.83 6.08
N ALA E 359 42.33 -29.84 6.59
CA ALA E 359 42.03 -28.42 6.41
C ALA E 359 43.05 -27.76 5.49
N LEU E 360 44.20 -28.43 5.27
CA LEU E 360 45.31 -27.98 4.43
C LEU E 360 45.03 -28.13 2.94
N ALA E 361 45.43 -27.12 2.14
CA ALA E 361 45.28 -27.12 0.69
C ALA E 361 46.29 -28.08 0.07
N SER E 362 47.52 -28.12 0.64
CA SER E 362 48.60 -29.02 0.23
C SER E 362 48.82 -29.98 1.40
N ALA E 363 48.18 -31.16 1.31
CA ALA E 363 48.22 -32.18 2.36
C ALA E 363 49.33 -33.23 2.18
N GLU E 364 50.35 -33.15 3.05
CA GLU E 364 51.47 -34.10 3.09
C GLU E 364 51.28 -34.97 4.32
N PHE E 365 50.96 -36.26 4.11
CA PHE E 365 50.69 -37.18 5.22
C PHE E 365 51.19 -38.61 5.03
N ARG E 366 51.53 -39.26 6.16
CA ARG E 366 52.01 -40.64 6.20
C ARG E 366 50.90 -41.54 6.75
N VAL E 367 50.60 -42.65 6.04
CA VAL E 367 49.58 -43.61 6.45
C VAL E 367 50.25 -44.90 6.91
N GLN E 368 49.98 -45.31 8.16
CA GLN E 368 50.54 -46.54 8.70
C GLN E 368 49.52 -47.67 8.61
N VAL E 369 49.74 -48.60 7.66
CA VAL E 369 48.91 -49.79 7.46
C VAL E 369 49.71 -50.91 8.11
N CYS E 370 49.18 -51.45 9.23
CA CYS E 370 49.81 -52.44 10.11
C CYS E 370 51.09 -51.82 10.73
N SER E 371 52.30 -52.31 10.37
CA SER E 371 53.55 -51.78 10.91
C SER E 371 54.44 -51.02 9.91
N THR E 372 53.94 -50.77 8.68
CA THR E 372 54.69 -50.05 7.64
C THR E 372 54.00 -48.74 7.25
N GLN E 373 54.80 -47.68 7.01
CA GLN E 373 54.31 -46.35 6.64
C GLN E 373 54.43 -46.07 5.13
N VAL E 374 53.46 -45.31 4.60
CA VAL E 374 53.40 -44.90 3.20
C VAL E 374 53.09 -43.40 3.08
N HIS E 375 53.85 -42.65 2.26
CA HIS E 375 53.66 -41.23 2.06
C HIS E 375 52.58 -40.94 1.03
N CYS E 376 51.64 -40.04 1.37
CA CYS E 376 50.53 -39.60 0.52
C CYS E 376 50.68 -38.11 0.19
N ALA E 377 50.59 -37.76 -1.10
CA ALA E 377 50.66 -36.39 -1.58
C ALA E 377 49.27 -35.99 -2.08
N ALA E 378 48.66 -34.96 -1.46
CA ALA E 378 47.32 -34.51 -1.80
C ALA E 378 47.20 -33.01 -2.05
N GLU E 379 46.52 -32.66 -3.15
CA GLU E 379 46.23 -31.28 -3.51
C GLU E 379 44.72 -31.11 -3.32
N CYS E 380 44.33 -30.67 -2.12
CA CYS E 380 42.94 -30.49 -1.74
C CYS E 380 42.39 -29.11 -2.08
N HIS E 381 41.16 -29.08 -2.61
CA HIS E 381 40.49 -27.87 -3.08
C HIS E 381 39.44 -27.32 -2.09
N PRO E 382 39.12 -26.00 -2.12
CA PRO E 382 38.14 -25.45 -1.16
C PRO E 382 36.70 -25.94 -1.33
N PRO E 383 35.97 -26.05 -0.23
CA PRO E 383 34.57 -26.50 -0.28
C PRO E 383 33.69 -25.50 -1.02
N LYS E 384 32.45 -25.90 -1.31
CA LYS E 384 31.52 -25.03 -2.01
C LYS E 384 30.68 -24.21 -1.05
N ASP E 385 30.25 -24.83 0.05
CA ASP E 385 29.45 -24.17 1.05
C ASP E 385 30.30 -23.64 2.20
N HIS E 386 30.30 -22.32 2.39
CA HIS E 386 31.06 -21.70 3.44
C HIS E 386 30.52 -22.08 4.81
N ILE E 387 29.22 -22.31 4.88
CA ILE E 387 28.56 -22.70 6.13
C ILE E 387 27.87 -24.07 5.98
N VAL E 388 28.06 -24.96 6.97
CA VAL E 388 27.48 -26.30 7.01
C VAL E 388 26.55 -26.49 8.24
N ASN E 389 25.56 -27.39 8.13
CA ASN E 389 24.60 -27.70 9.20
C ASN E 389 24.86 -29.08 9.84
N TYR E 390 26.12 -29.58 9.72
CA TYR E 390 26.62 -30.86 10.23
C TYR E 390 25.95 -32.09 9.60
N PRO E 391 24.80 -32.41 9.96
N VAL F 8 -22.51 -26.78 49.82
CA VAL F 8 -21.90 -25.67 50.55
C VAL F 8 -22.74 -24.37 50.45
N TYR F 9 -23.55 -24.27 49.38
CA TYR F 9 -24.42 -23.12 49.09
C TYR F 9 -25.64 -22.96 49.99
N LYS F 10 -25.89 -23.96 50.87
CA LYS F 10 -26.99 -23.88 51.84
C LYS F 10 -26.59 -22.92 52.98
N ALA F 11 -25.27 -22.82 53.27
CA ALA F 11 -24.70 -21.94 54.30
C ALA F 11 -24.30 -20.58 53.75
N THR F 12 -23.82 -20.52 52.49
CA THR F 12 -23.39 -19.28 51.84
C THR F 12 -24.56 -18.59 51.14
N ARG F 13 -24.39 -17.31 50.76
CA ARG F 13 -25.41 -16.53 50.08
C ARG F 13 -24.83 -15.46 49.14
N PRO F 14 -25.55 -15.03 48.07
CA PRO F 14 -25.03 -13.92 47.24
C PRO F 14 -25.17 -12.62 48.02
N TYR F 15 -24.37 -11.59 47.68
CA TYR F 15 -24.42 -10.33 48.44
C TYR F 15 -24.26 -9.07 47.59
N LEU F 16 -24.51 -7.91 48.23
CA LEU F 16 -24.35 -6.58 47.63
C LEU F 16 -23.05 -6.00 48.18
N ALA F 17 -22.19 -5.49 47.29
CA ALA F 17 -20.89 -4.91 47.66
C ALA F 17 -20.57 -3.71 46.78
N HIS F 18 -19.62 -2.87 47.22
CA HIS F 18 -19.19 -1.68 46.50
C HIS F 18 -18.57 -1.97 45.14
N CYS F 19 -18.99 -1.19 44.15
CA CYS F 19 -18.50 -1.21 42.77
C CYS F 19 -18.23 0.24 42.35
N PRO F 20 -17.03 0.58 41.83
CA PRO F 20 -16.76 1.97 41.45
C PRO F 20 -17.50 2.48 40.22
N ASP F 21 -17.91 1.56 39.32
CA ASP F 21 -18.62 1.89 38.09
C ASP F 21 -19.73 0.89 37.76
N CYS F 22 -20.98 1.28 38.05
CA CYS F 22 -22.17 0.47 37.80
C CYS F 22 -22.83 0.86 36.46
N GLY F 23 -22.19 1.79 35.76
CA GLY F 23 -22.65 2.34 34.49
C GLY F 23 -22.49 3.84 34.45
N GLU F 24 -21.85 4.35 33.38
CA GLU F 24 -21.56 5.78 33.15
C GLU F 24 -20.68 6.43 34.24
N GLY F 25 -19.76 5.65 34.80
CA GLY F 25 -18.81 6.09 35.82
C GLY F 25 -19.37 6.34 37.21
N HIS F 26 -20.61 5.92 37.49
CA HIS F 26 -21.26 6.12 38.78
C HIS F 26 -21.19 4.89 39.69
N SER F 27 -20.79 5.10 40.95
CA SER F 27 -20.64 4.06 41.97
C SER F 27 -22.01 3.63 42.52
N CYS F 28 -22.12 2.34 42.94
CA CYS F 28 -23.35 1.76 43.49
C CYS F 28 -23.09 0.53 44.37
N HIS F 29 -24.12 0.08 45.12
CA HIS F 29 -24.11 -1.13 45.93
C HIS F 29 -24.58 -2.20 44.95
N SER F 30 -23.62 -2.84 44.28
CA SER F 30 -23.84 -3.80 43.20
C SER F 30 -24.13 -5.25 43.58
N PRO F 31 -25.12 -5.90 42.92
CA PRO F 31 -25.36 -7.34 43.16
C PRO F 31 -24.46 -8.22 42.28
N VAL F 32 -23.60 -7.59 41.46
CA VAL F 32 -22.65 -8.21 40.52
C VAL F 32 -21.24 -7.56 40.72
N ALA F 33 -20.95 -7.12 41.98
CA ALA F 33 -19.69 -6.48 42.34
C ALA F 33 -18.47 -7.38 42.12
N LEU F 34 -17.39 -6.79 41.57
CA LEU F 34 -16.14 -7.51 41.31
C LEU F 34 -15.25 -7.51 42.54
N GLU F 35 -14.82 -8.72 42.94
CA GLU F 35 -13.96 -8.93 44.10
C GLU F 35 -12.49 -9.02 43.74
N ARG F 36 -12.14 -9.95 42.83
CA ARG F 36 -10.78 -10.23 42.40
C ARG F 36 -10.75 -10.85 41.01
N ILE F 37 -9.79 -10.41 40.18
CA ILE F 37 -9.56 -10.94 38.84
C ILE F 37 -8.20 -11.61 38.86
N ARG F 38 -8.18 -12.94 38.62
CA ARG F 38 -6.95 -13.73 38.60
C ARG F 38 -6.53 -14.02 37.17
N ASN F 39 -5.24 -13.75 36.86
CA ASN F 39 -4.67 -13.93 35.53
C ASN F 39 -3.29 -14.63 35.57
N GLU F 40 -3.21 -15.70 36.37
CA GLU F 40 -1.98 -16.49 36.52
C GLU F 40 -1.82 -17.53 35.42
N ALA F 41 -2.94 -17.91 34.76
CA ALA F 41 -2.99 -18.87 33.66
C ALA F 41 -2.28 -18.30 32.44
N THR F 42 -1.22 -18.99 31.99
CA THR F 42 -0.41 -18.57 30.83
C THR F 42 -1.18 -18.67 29.51
N ASP F 43 -2.24 -19.52 29.46
CA ASP F 43 -3.09 -19.68 28.28
C ASP F 43 -4.03 -18.47 28.04
N GLY F 44 -4.05 -17.53 28.98
CA GLY F 44 -4.84 -16.30 28.89
C GLY F 44 -6.17 -16.32 29.60
N THR F 45 -6.57 -17.48 30.17
CA THR F 45 -7.84 -17.65 30.89
C THR F 45 -7.88 -16.79 32.16
N LEU F 46 -9.00 -16.06 32.36
CA LEU F 46 -9.20 -15.20 33.52
C LEU F 46 -10.17 -15.86 34.50
N LYS F 47 -9.77 -15.92 35.79
CA LYS F 47 -10.61 -16.45 36.86
C LYS F 47 -11.17 -15.21 37.58
N ILE F 48 -12.45 -14.92 37.36
CA ILE F 48 -13.13 -13.73 37.89
C ILE F 48 -14.02 -14.07 39.08
N GLN F 49 -13.87 -13.32 40.19
CA GLN F 49 -14.69 -13.48 41.40
C GLN F 49 -15.70 -12.36 41.48
N VAL F 50 -16.98 -12.74 41.63
CA VAL F 50 -18.13 -11.83 41.68
C VAL F 50 -18.96 -11.98 42.97
N SER F 51 -19.78 -10.97 43.32
CA SER F 51 -20.60 -11.00 44.55
C SER F 51 -21.83 -11.94 44.47
N LEU F 52 -22.31 -12.26 43.25
CA LEU F 52 -23.44 -13.18 43.06
C LEU F 52 -22.99 -14.64 42.93
N GLN F 53 -23.95 -15.58 42.86
CA GLN F 53 -23.68 -17.02 42.74
C GLN F 53 -24.39 -17.65 41.54
N ILE F 54 -23.61 -18.15 40.55
CA ILE F 54 -24.10 -18.77 39.31
C ILE F 54 -24.25 -20.28 39.46
N GLY F 55 -25.33 -20.82 38.92
CA GLY F 55 -25.63 -22.25 38.93
C GLY F 55 -26.34 -22.76 40.16
N ILE F 56 -26.81 -21.84 41.02
CA ILE F 56 -27.51 -22.15 42.27
C ILE F 56 -28.77 -21.28 42.37
N LYS F 57 -29.90 -21.91 42.74
CA LYS F 57 -31.19 -21.24 42.94
C LYS F 57 -31.31 -20.77 44.39
N THR F 58 -32.34 -19.95 44.71
CA THR F 58 -32.60 -19.42 46.06
C THR F 58 -32.86 -20.51 47.09
N ASP F 59 -33.44 -21.66 46.64
CA ASP F 59 -33.72 -22.83 47.50
C ASP F 59 -32.48 -23.73 47.69
N ASP F 60 -31.30 -23.25 47.24
CA ASP F 60 -29.95 -23.87 47.31
C ASP F 60 -29.66 -24.95 46.25
N SER F 61 -30.70 -25.41 45.51
CA SER F 61 -30.56 -26.43 44.46
C SER F 61 -29.67 -25.97 43.31
N HIS F 62 -28.89 -26.91 42.75
CA HIS F 62 -27.98 -26.64 41.64
C HIS F 62 -28.71 -26.71 40.30
N ASP F 63 -28.64 -25.61 39.53
CA ASP F 63 -29.26 -25.48 38.21
C ASP F 63 -28.40 -24.56 37.36
N TRP F 64 -27.71 -25.13 36.35
CA TRP F 64 -26.79 -24.41 35.46
C TRP F 64 -27.43 -23.28 34.64
N THR F 65 -28.75 -23.36 34.39
CA THR F 65 -29.50 -22.33 33.64
C THR F 65 -29.90 -21.14 34.53
N LYS F 66 -29.71 -21.28 35.86
CA LYS F 66 -30.09 -20.25 36.84
C LYS F 66 -28.89 -19.55 37.49
N LEU F 67 -29.17 -18.38 38.10
CA LEU F 67 -28.22 -17.50 38.76
C LEU F 67 -28.91 -16.87 39.97
N ARG F 68 -28.21 -16.76 41.12
CA ARG F 68 -28.78 -16.09 42.29
C ARG F 68 -27.97 -14.87 42.72
N TYR F 69 -28.67 -13.75 42.90
CA TYR F 69 -28.12 -12.46 43.27
C TYR F 69 -28.90 -11.86 44.44
N MET F 70 -28.29 -10.95 45.21
CA MET F 70 -28.97 -10.29 46.32
C MET F 70 -29.86 -9.16 45.80
N ASP F 71 -31.18 -9.35 45.87
CA ASP F 71 -32.17 -8.37 45.43
C ASP F 71 -32.61 -7.54 46.65
N ASN F 72 -31.86 -6.44 46.89
CA ASN F 72 -32.05 -5.51 48.00
C ASN F 72 -31.97 -6.20 49.37
N HIS F 73 -33.12 -6.70 49.88
CA HIS F 73 -33.22 -7.37 51.18
C HIS F 73 -32.99 -8.88 51.15
N MET F 74 -33.53 -9.59 50.14
CA MET F 74 -33.43 -11.04 50.02
C MET F 74 -32.90 -11.52 48.66
N PRO F 75 -32.24 -12.71 48.57
CA PRO F 75 -31.76 -13.19 47.26
C PRO F 75 -32.88 -13.57 46.29
N ALA F 76 -32.65 -13.35 44.98
CA ALA F 76 -33.62 -13.66 43.92
C ALA F 76 -32.96 -14.42 42.76
N ASP F 77 -33.78 -15.12 41.96
CA ASP F 77 -33.32 -15.91 40.81
C ASP F 77 -33.26 -15.08 39.53
N ALA F 78 -32.25 -15.35 38.70
CA ALA F 78 -31.99 -14.72 37.41
C ALA F 78 -31.48 -15.77 36.41
N GLU F 79 -31.58 -15.46 35.11
CA GLU F 79 -31.14 -16.37 34.04
C GLU F 79 -29.64 -16.33 33.81
N ARG F 80 -29.03 -17.50 33.56
CA ARG F 80 -27.60 -17.65 33.28
C ARG F 80 -27.27 -17.12 31.88
N ALA F 81 -28.23 -17.19 30.93
CA ALA F 81 -28.08 -16.70 29.55
C ALA F 81 -27.85 -15.20 29.49
N GLY F 82 -28.42 -14.47 30.45
CA GLY F 82 -28.30 -13.01 30.56
C GLY F 82 -26.98 -12.53 31.13
N LEU F 83 -26.17 -13.46 31.69
CA LEU F 83 -24.85 -13.16 32.25
C LEU F 83 -23.85 -12.87 31.12
N PHE F 84 -23.09 -11.77 31.24
CA PHE F 84 -22.11 -11.36 30.26
C PHE F 84 -20.82 -10.85 30.89
N VAL F 85 -19.70 -11.07 30.18
CA VAL F 85 -18.35 -10.62 30.57
C VAL F 85 -17.77 -9.90 29.35
N ARG F 86 -17.19 -8.70 29.55
CA ARG F 86 -16.60 -7.90 28.48
C ARG F 86 -15.43 -7.03 28.94
N THR F 87 -14.48 -6.79 28.02
CA THR F 87 -13.32 -5.92 28.25
C THR F 87 -13.49 -4.72 27.33
N SER F 88 -12.87 -4.74 26.14
CA SER F 88 -13.02 -3.71 25.11
C SER F 88 -14.12 -4.18 24.15
N ALA F 89 -14.40 -5.50 24.17
CA ALA F 89 -15.39 -6.22 23.37
C ALA F 89 -15.89 -7.44 24.19
N PRO F 90 -17.01 -8.12 23.83
CA PRO F 90 -17.47 -9.26 24.64
C PRO F 90 -16.48 -10.43 24.78
N CYS F 91 -16.49 -11.09 25.94
CA CYS F 91 -15.63 -12.24 26.26
C CYS F 91 -16.34 -13.55 26.00
N THR F 92 -15.57 -14.66 25.91
CA THR F 92 -16.09 -16.00 25.74
C THR F 92 -16.04 -16.67 27.12
N ILE F 93 -17.21 -16.92 27.73
CA ILE F 93 -17.29 -17.55 29.05
C ILE F 93 -17.10 -19.05 28.88
N THR F 94 -16.06 -19.61 29.54
CA THR F 94 -15.71 -21.03 29.46
C THR F 94 -16.21 -21.90 30.63
N GLY F 95 -16.64 -21.26 31.72
CA GLY F 95 -17.14 -21.94 32.90
C GLY F 95 -17.67 -21.00 33.96
N THR F 96 -18.74 -21.42 34.66
CA THR F 96 -19.40 -20.67 35.74
C THR F 96 -19.88 -21.59 36.85
N MET F 97 -19.58 -21.21 38.11
CA MET F 97 -19.97 -21.93 39.33
C MET F 97 -19.77 -21.02 40.55
N GLY F 98 -20.87 -20.75 41.26
CA GLY F 98 -20.90 -19.89 42.43
C GLY F 98 -20.43 -18.48 42.15
N HIS F 99 -19.46 -17.99 42.95
CA HIS F 99 -18.87 -16.66 42.81
C HIS F 99 -17.86 -16.57 41.65
N PHE F 100 -17.56 -17.69 40.97
CA PHE F 100 -16.52 -17.74 39.94
C PHE F 100 -16.95 -17.88 38.50
N ILE F 101 -16.25 -17.14 37.61
CA ILE F 101 -16.43 -17.11 36.17
C ILE F 101 -15.07 -17.31 35.49
N LEU F 102 -15.04 -18.17 34.46
CA LEU F 102 -13.86 -18.39 33.63
C LEU F 102 -14.14 -17.74 32.29
N ALA F 103 -13.23 -16.88 31.82
CA ALA F 103 -13.43 -16.18 30.55
C ALA F 103 -12.15 -15.96 29.74
N ARG F 104 -12.30 -16.01 28.41
CA ARG F 104 -11.26 -15.74 27.43
C ARG F 104 -11.63 -14.38 26.84
N CYS F 105 -10.85 -13.36 27.19
CA CYS F 105 -11.11 -11.98 26.83
C CYS F 105 -10.15 -11.38 25.81
N PRO F 106 -10.61 -10.48 24.91
CA PRO F 106 -9.67 -9.80 24.00
C PRO F 106 -8.93 -8.68 24.76
N LYS F 107 -7.92 -8.05 24.13
CA LYS F 107 -7.12 -6.96 24.72
C LYS F 107 -8.02 -5.81 25.21
N GLY F 108 -7.79 -5.37 26.45
CA GLY F 108 -8.57 -4.29 27.06
C GLY F 108 -7.90 -3.57 28.22
N GLU F 109 -8.57 -2.53 28.72
CA GLU F 109 -8.10 -1.70 29.84
C GLU F 109 -9.06 -1.71 31.04
N THR F 110 -10.27 -2.29 30.84
CA THR F 110 -11.31 -2.43 31.87
C THR F 110 -11.91 -3.84 31.80
N LEU F 111 -12.60 -4.28 32.87
CA LEU F 111 -13.28 -5.57 32.92
C LEU F 111 -14.69 -5.37 33.48
N THR F 112 -15.70 -5.76 32.69
CA THR F 112 -17.12 -5.63 33.04
C THR F 112 -17.80 -6.99 33.12
N VAL F 113 -18.56 -7.22 34.21
CA VAL F 113 -19.36 -8.42 34.44
C VAL F 113 -20.77 -7.95 34.76
N GLY F 114 -21.75 -8.46 34.01
CA GLY F 114 -23.15 -8.09 34.18
C GLY F 114 -24.15 -9.20 34.02
N PHE F 115 -25.44 -8.89 34.27
CA PHE F 115 -26.60 -9.80 34.18
C PHE F 115 -27.95 -9.04 34.08
N THR F 116 -29.07 -9.78 33.98
CA THR F 116 -30.45 -9.29 33.91
C THR F 116 -31.27 -9.91 35.06
N ASP F 117 -32.09 -9.11 35.78
CA ASP F 117 -32.89 -9.54 36.93
C ASP F 117 -34.07 -10.48 36.55
N SER F 118 -35.30 -9.98 36.74
CA SER F 118 -36.58 -10.64 36.47
C SER F 118 -37.47 -9.61 35.76
N ARG F 119 -37.42 -8.34 36.24
CA ARG F 119 -38.13 -7.19 35.69
C ARG F 119 -37.14 -6.43 34.78
N LYS F 120 -36.31 -7.19 34.05
CA LYS F 120 -35.21 -6.76 33.18
C LYS F 120 -34.11 -6.09 34.01
N ILE F 121 -33.90 -4.76 33.87
CA ILE F 121 -32.91 -3.93 34.59
C ILE F 121 -31.50 -4.55 34.62
N SER F 122 -30.64 -4.14 33.68
CA SER F 122 -29.27 -4.64 33.59
C SER F 122 -28.38 -4.07 34.70
N HIS F 123 -27.63 -4.96 35.38
CA HIS F 123 -26.68 -4.60 36.42
C HIS F 123 -25.31 -5.02 35.97
N SER F 124 -24.37 -4.08 35.91
CA SER F 124 -23.00 -4.34 35.49
C SER F 124 -22.00 -3.70 36.46
N CYS F 125 -20.77 -4.24 36.52
CA CYS F 125 -19.71 -3.72 37.37
C CYS F 125 -18.41 -3.63 36.59
N THR F 126 -17.90 -2.40 36.39
CA THR F 126 -16.68 -2.12 35.65
C THR F 126 -15.54 -1.76 36.59
N HIS F 127 -14.40 -2.47 36.44
CA HIS F 127 -13.17 -2.27 37.21
C HIS F 127 -12.01 -2.04 36.24
N PRO F 128 -11.05 -1.12 36.56
CA PRO F 128 -9.90 -0.95 35.66
C PRO F 128 -8.97 -2.16 35.74
N PHE F 129 -8.80 -2.86 34.60
CA PHE F 129 -7.96 -4.06 34.53
C PHE F 129 -7.24 -4.15 33.19
N HIS F 130 -5.91 -4.09 33.21
CA HIS F 130 -5.09 -4.20 32.00
C HIS F 130 -4.99 -5.66 31.55
N HIS F 131 -5.68 -6.00 30.46
CA HIS F 131 -5.68 -7.35 29.91
C HIS F 131 -5.06 -7.37 28.52
N ASP F 132 -3.90 -8.02 28.41
CA ASP F 132 -3.14 -8.23 27.19
C ASP F 132 -2.31 -9.49 27.49
N PRO F 133 -2.93 -10.70 27.34
CA PRO F 133 -2.20 -11.93 27.71
C PRO F 133 -0.94 -12.22 26.90
N PRO F 134 0.16 -12.64 27.56
CA PRO F 134 1.40 -12.92 26.82
C PRO F 134 1.30 -14.13 25.90
N VAL F 135 2.11 -14.13 24.83
CA VAL F 135 2.15 -15.19 23.82
C VAL F 135 2.70 -16.51 24.39
N ILE F 136 2.00 -17.62 24.10
CA ILE F 136 2.44 -18.97 24.46
C ILE F 136 3.22 -19.48 23.26
N GLY F 137 4.52 -19.66 23.46
CA GLY F 137 5.43 -20.10 22.41
C GLY F 137 6.15 -18.95 21.74
N ARG F 138 6.32 -19.06 20.41
CA ARG F 138 7.03 -18.06 19.60
C ARG F 138 6.21 -17.56 18.40
N GLU F 139 4.89 -17.82 18.40
CA GLU F 139 3.97 -17.41 17.33
C GLU F 139 2.68 -16.82 17.90
N LYS F 140 2.34 -15.59 17.47
CA LYS F 140 1.13 -14.90 17.91
C LYS F 140 -0.05 -15.29 17.01
N PHE F 141 -0.75 -16.37 17.37
CA PHE F 141 -1.90 -16.90 16.64
C PHE F 141 -3.25 -16.51 17.25
N HIS F 142 -4.34 -16.65 16.47
CA HIS F 142 -5.70 -16.28 16.88
C HIS F 142 -6.51 -17.46 17.43
N SER F 143 -6.67 -18.55 16.64
CA SER F 143 -7.45 -19.73 17.02
C SER F 143 -6.56 -20.91 17.45
N ARG F 144 -7.03 -21.71 18.43
CA ARG F 144 -6.30 -22.87 18.95
C ARG F 144 -6.32 -24.07 17.97
N PRO F 145 -5.15 -24.64 17.61
CA PRO F 145 -5.15 -25.77 16.67
C PRO F 145 -5.30 -27.14 17.34
N GLN F 146 -5.71 -28.16 16.55
CA GLN F 146 -5.85 -29.54 16.99
C GLN F 146 -4.47 -30.18 17.15
N HIS F 147 -3.59 -29.99 16.15
CA HIS F 147 -2.22 -30.49 16.11
C HIS F 147 -1.22 -29.33 16.20
N GLY F 148 -0.11 -29.60 16.89
CA GLY F 148 0.98 -28.64 17.07
C GLY F 148 1.99 -29.09 18.10
N LYS F 149 2.97 -28.21 18.38
CA LYS F 149 4.03 -28.43 19.37
C LYS F 149 3.43 -28.37 20.78
N GLU F 150 3.71 -29.39 21.60
CA GLU F 150 3.21 -29.44 22.98
C GLU F 150 4.12 -28.63 23.89
N LEU F 151 3.59 -27.50 24.39
CA LEU F 151 4.33 -26.60 25.28
C LEU F 151 3.67 -26.52 26.66
N PRO F 152 4.46 -26.48 27.77
CA PRO F 152 3.84 -26.38 29.10
C PRO F 152 3.15 -25.04 29.33
N CYS F 153 1.88 -25.09 29.79
CA CYS F 153 1.06 -23.91 30.08
C CYS F 153 0.14 -24.19 31.27
N SER F 154 -0.38 -23.12 31.89
CA SER F 154 -1.31 -23.25 33.00
C SER F 154 -2.69 -22.72 32.62
N THR F 155 -3.74 -23.31 33.20
CA THR F 155 -5.14 -22.94 32.98
C THR F 155 -5.96 -23.22 34.24
N TYR F 156 -7.18 -22.66 34.29
CA TYR F 156 -8.11 -22.93 35.38
C TYR F 156 -9.03 -24.01 34.79
N VAL F 157 -9.00 -25.22 35.37
CA VAL F 157 -9.78 -26.38 34.89
C VAL F 157 -11.29 -26.15 34.82
N GLN F 158 -11.92 -26.60 33.72
CA GLN F 158 -13.36 -26.48 33.44
C GLN F 158 -14.25 -27.22 34.44
N SER F 159 -13.69 -28.21 35.18
CA SER F 159 -14.37 -29.06 36.15
C SER F 159 -15.08 -28.32 37.28
N THR F 160 -16.30 -28.79 37.62
CA THR F 160 -17.17 -28.27 38.67
C THR F 160 -16.56 -28.49 40.06
N ALA F 161 -15.98 -29.69 40.29
CA ALA F 161 -15.35 -30.13 41.54
C ALA F 161 -14.45 -29.10 42.23
N ALA F 162 -14.60 -28.98 43.55
CA ALA F 162 -13.84 -28.07 44.41
C ALA F 162 -13.10 -28.89 45.47
N THR F 163 -11.78 -29.10 45.27
CA THR F 163 -10.95 -29.92 46.16
C THR F 163 -9.63 -29.32 46.65
N THR F 164 -9.04 -28.37 45.87
CA THR F 164 -7.74 -27.78 46.24
C THR F 164 -7.80 -26.33 46.74
N GLU F 165 -8.12 -25.37 45.86
CA GLU F 165 -8.20 -23.94 46.19
C GLU F 165 -9.35 -23.60 47.14
N GLU F 166 -9.22 -22.50 47.90
CA GLU F 166 -10.21 -22.08 48.89
C GLU F 166 -10.33 -20.55 49.10
N ILE F 167 -11.43 -20.11 49.73
CA ILE F 167 -11.72 -18.72 50.08
C ILE F 167 -12.18 -18.64 51.55
N GLU F 168 -11.95 -17.49 52.19
CA GLU F 168 -12.37 -17.26 53.56
C GLU F 168 -13.80 -16.75 53.59
N VAL F 169 -14.61 -17.28 54.53
CA VAL F 169 -16.01 -16.92 54.71
C VAL F 169 -16.30 -16.59 56.19
N HIS F 170 -17.31 -15.76 56.45
CA HIS F 170 -17.77 -15.39 57.79
C HIS F 170 -19.20 -14.88 57.76
N MET F 171 -19.82 -14.73 58.95
CA MET F 171 -21.19 -14.21 59.10
C MET F 171 -21.27 -12.78 58.57
N PRO F 172 -22.37 -12.46 57.89
CA PRO F 172 -22.53 -11.22 57.12
C PRO F 172 -22.20 -9.93 57.89
N PRO F 173 -22.41 -8.80 57.21
CA PRO F 173 -22.13 -7.48 57.79
C PRO F 173 -23.41 -6.72 58.13
N ASP F 174 -23.93 -5.95 57.17
CA ASP F 174 -25.14 -5.18 57.43
C ASP F 174 -25.75 -4.50 56.19
N THR F 175 -26.98 -4.90 55.87
CA THR F 175 -27.80 -4.25 54.86
C THR F 175 -28.69 -3.14 55.48
N PRO F 176 -28.38 -1.84 55.25
CA PRO F 176 -29.22 -0.78 55.84
C PRO F 176 -30.65 -0.75 55.30
N ASP F 177 -31.63 -0.61 56.19
CA ASP F 177 -33.05 -0.57 55.87
C ASP F 177 -33.79 0.32 56.86
N ARG F 178 -34.24 1.50 56.38
CA ARG F 178 -34.96 2.47 57.21
C ARG F 178 -36.43 2.11 57.49
N THR F 179 -36.99 1.14 56.74
CA THR F 179 -38.37 0.67 56.91
C THR F 179 -38.54 -0.16 58.20
N LEU F 180 -37.42 -0.61 58.81
CA LEU F 180 -37.39 -1.38 60.07
C LEU F 180 -37.83 -0.51 61.26
N MET F 181 -37.65 0.82 61.15
CA MET F 181 -38.01 1.79 62.19
C MET F 181 -39.22 2.65 61.86
N SER F 182 -40.04 2.92 62.89
CA SER F 182 -41.25 3.73 62.82
C SER F 182 -41.43 4.55 64.13
N GLN F 183 -42.25 5.62 64.09
CA GLN F 183 -42.50 6.49 65.23
C GLN F 183 -43.72 6.08 66.08
N GLN F 184 -43.49 5.69 67.36
CA GLN F 184 -44.57 5.29 68.27
C GLN F 184 -44.56 5.94 69.69
N SER F 185 -45.27 7.07 69.89
CA SER F 185 -45.99 7.84 68.86
C SER F 185 -45.05 8.96 68.40
N GLY F 186 -44.14 9.33 69.28
CA GLY F 186 -43.09 10.32 69.07
C GLY F 186 -41.74 9.77 69.52
N ASN F 187 -41.64 8.42 69.57
CA ASN F 187 -40.47 7.63 69.96
C ASN F 187 -40.07 6.69 68.82
N VAL F 188 -38.98 5.89 68.97
CA VAL F 188 -38.50 4.98 67.92
C VAL F 188 -38.89 3.52 68.20
N LYS F 189 -39.56 2.88 67.22
CA LYS F 189 -39.96 1.47 67.27
C LYS F 189 -39.20 0.69 66.20
N ILE F 190 -38.44 -0.33 66.63
CA ILE F 190 -37.65 -1.18 65.72
C ILE F 190 -38.29 -2.57 65.66
N THR F 191 -38.97 -2.86 64.54
CA THR F 191 -39.64 -4.14 64.30
C THR F 191 -38.74 -5.08 63.49
N VAL F 192 -38.20 -6.09 64.20
CA VAL F 192 -37.25 -7.08 63.71
C VAL F 192 -37.70 -7.99 62.54
N ASN F 193 -38.98 -8.44 62.55
CA ASN F 193 -39.59 -9.33 61.55
C ASN F 193 -38.84 -10.66 61.32
N GLY F 194 -38.49 -11.32 62.43
CA GLY F 194 -37.80 -12.61 62.43
C GLY F 194 -36.39 -12.60 61.87
N GLN F 195 -35.70 -11.44 61.96
CA GLN F 195 -34.34 -11.26 61.47
C GLN F 195 -33.41 -10.76 62.59
N THR F 196 -32.10 -10.65 62.30
CA THR F 196 -31.10 -10.12 63.23
C THR F 196 -30.83 -8.70 62.74
N VAL F 197 -31.16 -7.69 63.55
CA VAL F 197 -31.02 -6.29 63.17
C VAL F 197 -30.02 -5.56 64.08
N ARG F 198 -29.03 -4.89 63.45
CA ARG F 198 -28.03 -4.08 64.15
C ARG F 198 -28.53 -2.63 64.15
N TYR F 199 -28.76 -2.08 65.35
CA TYR F 199 -29.27 -0.71 65.50
C TYR F 199 -28.38 0.18 66.34
N LYS F 200 -28.35 1.48 65.98
CA LYS F 200 -27.60 2.53 66.66
C LYS F 200 -28.44 3.81 66.66
N CYS F 201 -28.70 4.38 67.85
CA CYS F 201 -29.50 5.60 68.02
C CYS F 201 -28.68 6.69 68.68
N ASN F 202 -28.88 7.95 68.25
CA ASN F 202 -28.20 9.12 68.81
C ASN F 202 -28.96 9.63 70.07
N CYS F 203 -29.30 8.67 70.96
CA CYS F 203 -30.04 8.89 72.21
C CYS F 203 -29.44 8.04 73.34
N GLY F 204 -29.76 8.39 74.59
CA GLY F 204 -29.28 7.69 75.77
C GLY F 204 -29.98 6.38 76.05
N GLY F 205 -29.53 5.70 77.10
CA GLY F 205 -30.09 4.42 77.54
C GLY F 205 -29.51 3.23 76.80
N SER F 206 -30.27 2.70 75.82
CA SER F 206 -29.86 1.55 75.00
C SER F 206 -29.77 1.95 73.53
N ASN F 207 -28.60 1.73 72.92
CA ASN F 207 -28.33 2.05 71.51
C ASN F 207 -27.40 1.03 70.81
N GLU F 208 -27.22 -0.15 71.42
CA GLU F 208 -26.37 -1.22 70.87
C GLU F 208 -27.22 -2.43 70.39
N GLY F 209 -26.55 -3.47 69.90
CA GLY F 209 -27.20 -4.67 69.36
C GLY F 209 -27.51 -4.49 67.89
N LEU F 210 -27.73 -5.56 67.08
CA LEU F 210 -27.75 -7.01 67.32
C LEU F 210 -28.83 -7.53 68.26
N THR F 211 -30.05 -7.64 67.71
CA THR F 211 -31.25 -8.12 68.40
C THR F 211 -32.06 -9.05 67.52
N THR F 212 -32.68 -10.07 68.13
CA THR F 212 -33.54 -11.05 67.46
C THR F 212 -35.01 -10.79 67.84
N THR F 213 -35.25 -9.76 68.66
CA THR F 213 -36.56 -9.32 69.16
C THR F 213 -36.78 -7.83 68.91
N ASP F 214 -38.05 -7.38 68.98
CA ASP F 214 -38.45 -5.98 68.79
C ASP F 214 -37.95 -5.10 69.94
N LYS F 215 -37.45 -3.89 69.60
CA LYS F 215 -36.92 -2.92 70.56
C LYS F 215 -37.53 -1.54 70.40
N VAL F 216 -37.73 -0.84 71.53
CA VAL F 216 -38.29 0.51 71.57
C VAL F 216 -37.34 1.50 72.25
N ILE F 217 -37.16 2.69 71.65
CA ILE F 217 -36.29 3.75 72.18
C ILE F 217 -37.15 4.97 72.50
N ASN F 218 -37.46 5.18 73.80
CA ASN F 218 -38.30 6.27 74.29
C ASN F 218 -37.61 7.64 74.21
N ASN F 219 -38.39 8.69 73.87
CA ASN F 219 -37.97 10.09 73.71
C ASN F 219 -36.79 10.27 72.74
N CYS F 220 -36.88 9.61 71.59
CA CYS F 220 -35.88 9.63 70.52
C CYS F 220 -36.57 9.83 69.17
N LYS F 221 -35.88 10.48 68.22
CA LYS F 221 -36.41 10.74 66.88
C LYS F 221 -35.95 9.69 65.88
N VAL F 222 -36.79 9.36 64.88
CA VAL F 222 -36.51 8.36 63.83
C VAL F 222 -35.27 8.70 62.96
N ASP F 223 -34.99 10.01 62.79
CA ASP F 223 -33.85 10.52 62.02
C ASP F 223 -32.52 10.32 62.77
N GLN F 224 -32.57 10.23 64.11
CA GLN F 224 -31.42 10.03 65.00
C GLN F 224 -30.95 8.57 65.04
N CYS F 225 -31.73 7.64 64.45
CA CYS F 225 -31.44 6.20 64.47
C CYS F 225 -31.01 5.62 63.13
N HIS F 226 -30.26 4.49 63.19
CA HIS F 226 -29.73 3.74 62.04
C HIS F 226 -30.04 2.25 62.23
N ALA F 227 -30.68 1.62 61.22
CA ALA F 227 -31.04 0.20 61.25
C ALA F 227 -30.45 -0.53 60.05
N ALA F 228 -29.97 -1.76 60.30
CA ALA F 228 -29.38 -2.62 59.27
C ALA F 228 -29.60 -4.11 59.56
N VAL F 229 -29.99 -4.87 58.51
CA VAL F 229 -30.25 -6.32 58.60
C VAL F 229 -28.91 -7.08 58.53
N THR F 230 -28.63 -7.89 59.56
CA THR F 230 -27.45 -8.74 59.68
C THR F 230 -27.69 -10.01 58.85
N ASN F 231 -28.00 -11.12 60.86
CA ASN F 231 -27.98 -12.35 60.05
C ASN F 231 -27.68 -13.59 60.90
N HIS F 232 -26.40 -13.84 61.23
CA HIS F 232 -25.89 -14.96 62.05
C HIS F 232 -26.17 -16.40 61.58
N LYS F 233 -27.20 -16.60 60.74
CA LYS F 233 -27.59 -17.91 60.21
C LYS F 233 -26.90 -18.26 58.89
N LYS F 234 -26.32 -17.25 58.21
CA LYS F 234 -25.66 -17.42 56.91
C LYS F 234 -24.18 -17.09 56.92
N TRP F 235 -23.47 -17.53 55.86
CA TRP F 235 -22.05 -17.27 55.63
C TRP F 235 -21.91 -16.40 54.38
N GLN F 236 -20.81 -15.62 54.32
CA GLN F 236 -20.53 -14.71 53.24
C GLN F 236 -19.01 -14.64 53.05
N TYR F 237 -18.55 -14.47 51.80
CA TYR F 237 -17.13 -14.34 51.51
C TYR F 237 -16.53 -13.17 52.30
N ASN F 238 -15.33 -13.36 52.88
CA ASN F 238 -14.60 -12.36 53.65
C ASN F 238 -14.15 -11.25 52.69
N SER F 239 -15.13 -10.42 52.28
CA SER F 239 -14.99 -9.34 51.31
C SER F 239 -14.50 -8.03 51.91
N PRO F 240 -13.46 -7.40 51.31
CA PRO F 240 -13.01 -6.09 51.81
C PRO F 240 -13.98 -4.95 51.43
N LEU F 241 -15.02 -5.26 50.62
CA LEU F 241 -16.04 -4.31 50.15
C LEU F 241 -17.30 -4.33 51.04
N VAL F 242 -17.34 -5.22 52.04
CA VAL F 242 -18.45 -5.39 52.99
C VAL F 242 -17.85 -5.26 54.41
N PRO F 243 -18.48 -4.54 55.39
CA PRO F 243 -17.87 -4.43 56.71
C PRO F 243 -17.87 -5.73 57.54
N ARG F 244 -16.94 -5.84 58.49
CA ARG F 244 -16.81 -6.99 59.39
C ARG F 244 -17.92 -6.95 60.44
N ASN F 245 -18.31 -8.12 60.99
CA ASN F 245 -19.32 -8.17 62.04
C ASN F 245 -18.66 -7.70 63.34
N ALA F 246 -19.16 -6.57 63.89
CA ALA F 246 -18.64 -5.91 65.09
C ALA F 246 -18.74 -6.73 66.37
N GLU F 247 -19.87 -7.44 66.58
CA GLU F 247 -20.15 -8.25 67.77
C GLU F 247 -19.12 -9.37 67.98
N LEU F 248 -18.96 -10.25 66.97
CA LEU F 248 -18.00 -11.36 67.02
C LEU F 248 -16.58 -10.85 66.67
N GLY F 249 -15.56 -11.54 67.18
CA GLY F 249 -14.17 -11.20 66.96
C GLY F 249 -13.65 -11.54 65.58
N ASP F 250 -12.53 -12.27 65.52
CA ASP F 250 -11.92 -12.67 64.26
C ASP F 250 -12.36 -14.09 63.84
N ARG F 251 -13.69 -14.35 63.94
CA ARG F 251 -14.30 -15.64 63.60
C ARG F 251 -14.32 -15.81 62.10
N LYS F 252 -13.65 -16.87 61.61
CA LYS F 252 -13.53 -17.18 60.18
C LYS F 252 -13.93 -18.62 59.87
N GLY F 253 -14.38 -18.81 58.64
CA GLY F 253 -14.73 -20.09 58.04
C GLY F 253 -14.02 -20.20 56.71
N LYS F 254 -13.95 -21.40 56.12
CA LYS F 254 -13.33 -21.58 54.80
C LYS F 254 -14.05 -22.62 53.95
N ILE F 255 -14.16 -22.35 52.64
CA ILE F 255 -14.85 -23.25 51.70
C ILE F 255 -14.01 -23.48 50.45
N HIS F 256 -14.07 -24.69 49.87
CA HIS F 256 -13.34 -25.01 48.64
C HIS F 256 -14.00 -24.31 47.45
N ILE F 257 -13.20 -23.92 46.45
CA ILE F 257 -13.69 -23.19 45.28
C ILE F 257 -13.48 -23.93 43.95
N PRO F 258 -14.37 -23.76 42.94
CA PRO F 258 -14.16 -24.45 41.67
C PRO F 258 -13.08 -23.79 40.81
N PHE F 259 -12.72 -24.46 39.70
CA PHE F 259 -11.74 -24.03 38.69
C PHE F 259 -10.32 -23.69 39.24
N PRO F 260 -9.60 -24.62 39.91
CA PRO F 260 -8.24 -24.26 40.37
C PRO F 260 -7.21 -24.24 39.25
N LEU F 261 -6.10 -23.52 39.46
CA LEU F 261 -5.02 -23.44 38.49
C LEU F 261 -4.21 -24.74 38.51
N ALA F 262 -3.89 -25.28 37.32
CA ALA F 262 -3.13 -26.52 37.15
C ALA F 262 -2.25 -26.50 35.90
N ASN F 263 -1.14 -27.26 35.93
CA ASN F 263 -0.19 -27.39 34.82
C ASN F 263 -0.79 -28.32 33.76
N VAL F 264 -0.93 -27.83 32.52
CA VAL F 264 -1.47 -28.57 31.38
C VAL F 264 -0.57 -28.38 30.14
N THR F 265 -1.08 -28.76 28.96
CA THR F 265 -0.38 -28.61 27.68
C THR F 265 -1.18 -27.75 26.70
N CYS F 266 -0.49 -26.81 26.04
CA CYS F 266 -1.07 -25.92 25.05
C CYS F 266 -0.53 -26.27 23.66
N ARG F 267 -1.42 -26.46 22.70
CA ARG F 267 -1.02 -26.79 21.33
C ARG F 267 -0.67 -25.53 20.55
N VAL F 268 0.30 -25.65 19.64
CA VAL F 268 0.73 -24.52 18.83
C VAL F 268 1.04 -24.97 17.40
N PRO F 269 1.35 -24.00 16.55
CA PRO F 269 1.69 -24.28 15.14
C PRO F 269 3.13 -23.94 14.81
N LYS F 270 3.46 -23.89 13.53
CA LYS F 270 4.81 -23.57 13.09
C LYS F 270 4.80 -22.75 11.80
N ALA F 271 5.94 -22.17 11.46
CA ALA F 271 6.06 -21.36 10.26
C ALA F 271 6.76 -22.12 9.15
N ARG F 272 7.02 -21.44 8.04
CA ARG F 272 7.69 -22.06 6.90
C ARG F 272 9.20 -21.85 6.97
N ASN F 273 9.95 -22.77 6.37
CA ASN F 273 11.41 -22.68 6.36
C ASN F 273 11.91 -21.63 5.36
N PRO F 274 12.66 -20.61 5.84
CA PRO F 274 13.12 -19.54 4.92
C PRO F 274 14.17 -20.00 3.91
N THR F 275 14.26 -19.30 2.77
CA THR F 275 15.25 -19.57 1.72
C THR F 275 16.62 -19.17 2.25
N VAL F 276 17.50 -20.15 2.46
CA VAL F 276 18.82 -19.95 3.05
C VAL F 276 19.98 -19.85 2.04
N THR F 277 20.81 -18.80 2.20
CA THR F 277 22.01 -18.51 1.40
C THR F 277 23.20 -18.30 2.35
N TYR F 278 24.36 -18.87 2.01
CA TYR F 278 25.56 -18.80 2.85
C TYR F 278 26.67 -17.89 2.31
N GLY F 279 27.50 -17.40 3.22
CA GLY F 279 28.65 -16.54 2.96
C GLY F 279 29.78 -16.80 3.93
N LYS F 280 30.92 -16.10 3.75
CA LYS F 280 32.12 -16.23 4.59
C LYS F 280 31.81 -15.85 6.06
N ASN F 281 31.74 -16.86 6.93
CA ASN F 281 31.42 -16.77 8.37
C ASN F 281 30.08 -16.07 8.67
N GLN F 282 29.11 -16.19 7.74
CA GLN F 282 27.79 -15.58 7.85
C GLN F 282 26.67 -16.34 7.14
N VAL F 283 25.43 -16.21 7.66
CA VAL F 283 24.23 -16.83 7.12
C VAL F 283 23.17 -15.76 6.75
N ILE F 284 22.58 -15.87 5.56
CA ILE F 284 21.57 -14.93 5.07
C ILE F 284 20.22 -15.66 4.90
N MET F 285 19.19 -15.17 5.61
CA MET F 285 17.84 -15.75 5.58
C MET F 285 16.80 -14.74 5.07
N LEU F 286 15.99 -15.17 4.08
CA LEU F 286 14.91 -14.38 3.53
C LEU F 286 13.62 -14.85 4.21
N LEU F 287 13.19 -14.11 5.25
CA LEU F 287 12.01 -14.44 6.06
C LEU F 287 10.71 -13.95 5.43
N TYR F 288 9.75 -14.86 5.24
CA TYR F 288 8.44 -14.58 4.67
C TYR F 288 7.33 -15.01 5.67
N PRO F 289 7.05 -14.20 6.73
CA PRO F 289 6.02 -14.62 7.70
C PRO F 289 4.60 -14.27 7.28
N ASP F 290 3.64 -15.16 7.57
CA ASP F 290 2.22 -14.99 7.28
C ASP F 290 1.52 -14.30 8.47
N HIS F 291 2.21 -14.28 9.62
CA HIS F 291 1.76 -13.70 10.90
C HIS F 291 2.99 -13.37 11.78
N PRO F 292 2.88 -12.55 12.87
CA PRO F 292 4.08 -12.27 13.70
C PRO F 292 4.80 -13.53 14.18
N THR F 293 6.10 -13.62 13.89
CA THR F 293 6.94 -14.78 14.19
C THR F 293 8.22 -14.37 14.94
N LEU F 294 8.51 -15.03 16.08
CA LEU F 294 9.69 -14.76 16.89
C LEU F 294 10.92 -15.38 16.23
N LEU F 295 11.97 -14.55 16.06
CA LEU F 295 13.25 -14.97 15.50
C LEU F 295 14.30 -14.75 16.60
N SER F 296 14.92 -15.85 17.06
CA SER F 296 15.95 -15.82 18.10
C SER F 296 17.21 -16.53 17.66
N TYR F 297 18.37 -16.08 18.15
CA TYR F 297 19.67 -16.65 17.83
C TYR F 297 20.71 -16.49 18.94
N ARG F 298 21.68 -17.43 18.98
CA ARG F 298 22.76 -17.46 19.97
C ARG F 298 24.01 -18.16 19.43
N ASN F 299 25.19 -17.73 19.92
CA ASN F 299 26.48 -18.35 19.59
C ASN F 299 26.62 -19.58 20.50
N GLY F 301 29.24 -20.87 21.88
CA GLY F 301 30.50 -20.75 22.62
C GLY F 301 30.31 -20.14 23.99
N GLU F 302 31.41 -19.62 24.58
CA GLU F 302 31.45 -18.99 25.90
C GLU F 302 30.56 -17.75 26.01
N GLU F 303 30.51 -16.94 24.94
CA GLU F 303 29.70 -15.73 24.87
C GLU F 303 28.52 -16.01 23.90
N PRO F 304 27.33 -16.42 24.42
CA PRO F 304 26.21 -16.73 23.53
C PRO F 304 25.59 -15.52 22.82
N ASN F 305 25.58 -14.34 23.49
CA ASN F 305 25.05 -13.06 23.00
C ASN F 305 23.64 -13.23 22.39
N TYR F 306 22.67 -13.61 23.25
CA TYR F 306 21.30 -13.86 22.85
C TYR F 306 20.60 -12.59 22.35
N GLN F 307 19.97 -12.73 21.17
CA GLN F 307 19.23 -11.64 20.52
C GLN F 307 17.90 -12.18 20.00
N GLU F 308 16.83 -11.37 20.14
CA GLU F 308 15.49 -11.73 19.68
C GLU F 308 14.74 -10.56 19.05
N GLU F 309 13.91 -10.86 18.05
CA GLU F 309 13.08 -9.89 17.33
C GLU F 309 11.83 -10.54 16.73
N TRP F 310 10.68 -9.86 16.86
CA TRP F 310 9.42 -10.33 16.29
C TRP F 310 9.35 -9.85 14.85
N VAL F 311 9.33 -10.80 13.89
CA VAL F 311 9.29 -10.51 12.46
C VAL F 311 7.82 -10.43 12.01
N MET F 312 7.41 -9.25 11.52
CA MET F 312 6.03 -8.96 11.11
C MET F 312 5.80 -9.19 9.62
N HIS F 313 6.69 -8.67 8.76
CA HIS F 313 6.59 -8.79 7.30
C HIS F 313 7.93 -9.28 6.68
N LYS F 314 8.06 -9.21 5.34
CA LYS F 314 9.24 -9.62 4.58
C LYS F 314 10.51 -8.90 5.06
N LYS F 315 11.49 -9.66 5.57
CA LYS F 315 12.75 -9.12 6.09
C LYS F 315 13.92 -10.07 5.84
N GLU F 316 15.04 -9.51 5.34
CA GLU F 316 16.28 -10.24 5.09
C GLU F 316 17.19 -10.06 6.31
N VAL F 317 17.66 -11.17 6.90
CA VAL F 317 18.53 -11.13 8.08
C VAL F 317 19.92 -11.70 7.82
N VAL F 318 20.96 -10.91 8.13
CA VAL F 318 22.37 -11.29 7.97
C VAL F 318 22.94 -11.55 9.36
N LEU F 319 23.28 -12.82 9.63
CA LEU F 319 23.78 -13.29 10.92
C LEU F 319 25.20 -13.82 10.79
N THR F 320 26.10 -13.43 11.72
CA THR F 320 27.49 -13.89 11.73
C THR F 320 27.58 -15.26 12.40
N VAL F 321 28.16 -16.25 11.69
CA VAL F 321 28.35 -17.61 12.19
C VAL F 321 29.77 -17.78 12.74
N PRO F 322 29.95 -17.84 14.09
CA PRO F 322 31.32 -18.00 14.62
C PRO F 322 31.79 -19.47 14.54
N THR F 323 33.11 -19.69 14.73
CA THR F 323 33.75 -21.01 14.68
C THR F 323 33.10 -22.03 15.63
N GLU F 324 32.65 -21.56 16.81
CA GLU F 324 31.97 -22.36 17.83
C GLU F 324 30.58 -22.82 17.38
N GLY F 325 29.94 -22.06 16.49
CA GLY F 325 28.63 -22.37 15.94
C GLY F 325 27.54 -21.36 16.29
N LEU F 326 26.47 -21.35 15.48
CA LEU F 326 25.31 -20.48 15.65
C LEU F 326 24.00 -21.28 15.61
N GLU F 327 23.15 -21.08 16.62
CA GLU F 327 21.83 -21.72 16.74
C GLU F 327 20.76 -20.67 16.47
N VAL F 328 19.88 -20.92 15.48
CA VAL F 328 18.80 -20.00 15.08
C VAL F 328 17.43 -20.68 15.22
N THR F 329 16.50 -20.01 15.93
CA THR F 329 15.13 -20.50 16.12
C THR F 329 14.14 -19.55 15.44
N TRP F 330 13.41 -20.07 14.44
CA TRP F 330 12.42 -19.32 13.66
C TRP F 330 11.02 -19.82 13.99
N GLY F 331 10.34 -19.10 14.87
CA GLY F 331 9.00 -19.42 15.35
C GLY F 331 8.94 -20.73 16.12
N ASN F 332 7.91 -21.54 15.84
CA ASN F 332 7.69 -22.83 16.49
C ASN F 332 8.49 -23.99 15.90
N ASN F 333 9.37 -23.71 14.90
CA ASN F 333 10.22 -24.71 14.27
C ASN F 333 11.36 -25.11 15.22
N GLU F 334 11.92 -26.32 15.02
CA GLU F 334 13.06 -26.82 15.79
C GLU F 334 14.29 -25.95 15.44
N PRO F 335 15.18 -25.63 16.41
CA PRO F 335 16.31 -24.75 16.10
C PRO F 335 17.26 -25.25 15.00
N TYR F 336 17.68 -24.33 14.10
CA TYR F 336 18.62 -24.61 13.03
C TYR F 336 20.03 -24.37 13.57
N LYS F 337 20.97 -25.26 13.25
CA LYS F 337 22.36 -25.13 13.70
C LYS F 337 23.29 -24.90 12.52
N TYR F 338 24.16 -23.88 12.63
CA TYR F 338 25.10 -23.50 11.58
C TYR F 338 26.53 -23.48 12.08
N TRP F 339 27.47 -23.97 11.25
CA TRP F 339 28.91 -24.04 11.55
C TRP F 339 29.72 -23.62 10.32
N PRO F 340 30.85 -22.88 10.48
CA PRO F 340 31.66 -22.52 9.30
C PRO F 340 32.51 -23.69 8.80
N GLN F 341 32.90 -23.65 7.51
CA GLN F 341 33.73 -24.66 6.89
C GLN F 341 35.22 -24.38 7.14
N LEU F 342 35.99 -25.42 7.52
CA LEU F 342 37.42 -25.31 7.80
C LEU F 342 38.23 -25.17 6.51
N SER F 343 37.97 -25.93 5.55
N TYR G 1 13.33 33.69 -47.78
CA TYR G 1 14.48 33.86 -46.90
C TYR G 1 14.42 32.89 -45.72
N GLU G 2 15.50 32.11 -45.53
CA GLU G 2 15.59 31.13 -44.45
C GLU G 2 16.23 31.74 -43.20
N HIS G 3 15.45 31.76 -42.11
CA HIS G 3 15.90 32.24 -40.80
C HIS G 3 16.19 31.03 -39.91
N VAL G 4 17.44 30.90 -39.46
CA VAL G 4 17.89 29.81 -38.61
C VAL G 4 18.23 30.35 -37.22
N THR G 5 17.60 29.77 -36.18
CA THR G 5 17.81 30.15 -34.78
C THR G 5 17.76 28.92 -33.86
N VAL G 6 18.23 29.07 -32.61
CA VAL G 6 18.26 27.99 -31.62
C VAL G 6 17.67 28.49 -30.30
N ILE G 7 16.64 27.80 -29.79
CA ILE G 7 15.99 28.14 -28.53
C ILE G 7 16.18 26.99 -27.52
N PRO G 8 16.28 27.25 -26.18
CA PRO G 8 16.40 26.13 -25.24
C PRO G 8 15.12 25.31 -25.20
N ASN G 9 15.23 23.99 -24.96
CA ASN G 9 14.09 23.09 -24.89
C ASN G 9 13.32 23.29 -23.56
N THR G 10 12.61 24.42 -23.46
CA THR G 10 11.82 24.80 -22.28
C THR G 10 10.46 25.30 -22.75
N VAL G 11 9.40 24.64 -22.26
CA VAL G 11 8.00 24.91 -22.58
C VAL G 11 7.46 26.07 -21.72
N GLY G 12 6.61 26.91 -22.33
CA GLY G 12 5.97 28.04 -21.67
C GLY G 12 6.80 29.30 -21.56
N VAL G 13 7.90 29.38 -22.33
CA VAL G 13 8.79 30.54 -22.33
C VAL G 13 8.80 31.18 -23.73
N PRO G 14 8.22 32.39 -23.90
CA PRO G 14 8.24 33.02 -25.24
C PRO G 14 9.61 33.61 -25.55
N TYR G 15 10.16 33.27 -26.74
CA TYR G 15 11.47 33.75 -27.19
C TYR G 15 11.31 34.67 -28.40
N LYS G 16 12.05 35.78 -28.41
CA LYS G 16 12.03 36.77 -29.49
C LYS G 16 13.21 36.56 -30.41
N THR G 17 12.93 36.49 -31.73
CA THR G 17 13.97 36.32 -32.75
C THR G 17 13.89 37.42 -33.80
N LEU G 18 15.03 38.06 -34.08
CA LEU G 18 15.12 39.15 -35.05
C LEU G 18 15.50 38.61 -36.43
N VAL G 19 14.60 38.77 -37.40
CA VAL G 19 14.80 38.34 -38.78
C VAL G 19 15.27 39.56 -39.56
N ASN G 20 16.53 39.54 -40.00
CA ASN G 20 17.11 40.63 -40.77
C ASN G 20 17.51 40.17 -42.17
N ARG G 21 16.60 40.41 -43.13
CA ARG G 21 16.81 40.11 -44.54
C ARG G 21 17.46 41.36 -45.16
N PRO G 22 18.67 41.26 -45.77
CA PRO G 22 19.32 42.47 -46.33
C PRO G 22 18.45 43.21 -47.35
N GLY G 23 18.31 44.52 -47.13
CA GLY G 23 17.51 45.41 -47.97
C GLY G 23 16.02 45.40 -47.63
N TYR G 24 15.65 44.74 -46.52
CA TYR G 24 14.26 44.63 -46.05
C TYR G 24 14.17 44.98 -44.57
N SER G 25 13.06 45.60 -44.16
CA SER G 25 12.80 46.03 -42.79
C SER G 25 12.87 44.85 -41.80
N PRO G 26 13.51 45.02 -40.62
CA PRO G 26 13.60 43.89 -39.67
C PRO G 26 12.25 43.34 -39.23
N MET G 27 12.20 42.03 -38.99
CA MET G 27 11.00 41.29 -38.60
C MET G 27 11.22 40.60 -37.25
N VAL G 28 10.31 40.83 -36.29
CA VAL G 28 10.41 40.19 -34.97
C VAL G 28 9.37 39.08 -34.86
N LEU G 29 9.85 37.86 -34.61
CA LEU G 29 8.99 36.69 -34.45
C LEU G 29 9.08 36.19 -33.01
N GLU G 30 7.91 35.99 -32.37
CA GLU G 30 7.83 35.43 -31.02
C GLU G 30 7.55 33.94 -31.17
N MET G 31 8.41 33.10 -30.57
CA MET G 31 8.27 31.64 -30.62
C MET G 31 8.16 31.07 -29.23
N GLU G 32 7.17 30.20 -29.01
CA GLU G 32 6.93 29.56 -27.72
C GLU G 32 6.61 28.08 -27.90
N LEU G 33 7.36 27.21 -27.24
CA LEU G 33 7.13 25.78 -27.32
C LEU G 33 6.52 25.25 -26.03
N LEU G 34 5.20 25.06 -26.03
CA LEU G 34 4.50 24.59 -24.85
C LEU G 34 5.06 23.28 -24.32
N SER G 35 4.39 22.18 -24.66
CA SER G 35 4.79 20.85 -24.19
C SER G 35 5.87 20.23 -25.07
N VAL G 36 6.78 19.46 -24.45
CA VAL G 36 7.85 18.72 -25.12
C VAL G 36 7.72 17.28 -24.63
N THR G 37 7.34 16.38 -25.55
CA THR G 37 7.08 14.97 -25.26
C THR G 37 8.18 14.05 -25.78
N LEU G 38 8.70 13.18 -24.89
CA LEU G 38 9.72 12.17 -25.20
C LEU G 38 9.05 10.81 -25.00
N GLU G 39 8.54 10.23 -26.11
CA GLU G 39 7.85 8.94 -26.09
C GLU G 39 8.78 7.80 -26.54
N PRO G 40 9.27 6.94 -25.61
CA PRO G 40 10.15 5.84 -26.04
C PRO G 40 9.39 4.68 -26.68
N THR G 41 10.07 3.92 -27.56
CA THR G 41 9.47 2.75 -28.22
C THR G 41 9.51 1.59 -27.22
N LEU G 42 8.33 1.02 -26.92
CA LEU G 42 8.20 -0.07 -25.95
C LEU G 42 8.06 -1.45 -26.54
N SER G 43 8.67 -2.43 -25.88
CA SER G 43 8.60 -3.85 -26.24
C SER G 43 8.29 -4.62 -24.95
N LEU G 44 7.06 -5.12 -24.83
CA LEU G 44 6.59 -5.85 -23.65
C LEU G 44 7.28 -7.22 -23.50
N ASP G 45 8.02 -7.38 -22.40
CA ASP G 45 8.70 -8.63 -22.07
C ASP G 45 7.72 -9.57 -21.35
N TYR G 46 7.06 -9.05 -20.29
CA TYR G 46 6.08 -9.77 -19.49
C TYR G 46 5.22 -8.85 -18.60
N ILE G 47 4.17 -9.45 -18.01
CA ILE G 47 3.22 -8.87 -17.08
C ILE G 47 3.44 -9.61 -15.75
N THR G 48 3.34 -8.89 -14.63
CA THR G 48 3.40 -9.47 -13.29
C THR G 48 2.24 -8.97 -12.45
N CYS G 49 1.76 -9.79 -11.52
CA CYS G 49 0.62 -9.52 -10.66
C CYS G 49 0.66 -10.47 -9.45
N GLU G 50 -0.38 -10.43 -8.59
CA GLU G 50 -0.48 -11.29 -7.43
C GLU G 50 -0.76 -12.72 -7.91
N TYR G 51 -0.08 -13.71 -7.33
CA TYR G 51 -0.29 -15.11 -7.71
C TYR G 51 -1.47 -15.74 -6.97
N LYS G 52 -1.94 -16.89 -7.45
CA LYS G 52 -3.02 -17.67 -6.84
C LYS G 52 -2.53 -19.10 -6.66
N THR G 53 -2.70 -20.10 -5.32
CA THR G 53 -2.18 -21.43 -5.00
C THR G 53 -3.33 -22.42 -5.19
N VAL G 54 -3.36 -23.10 -6.35
CA VAL G 54 -4.40 -24.06 -6.66
C VAL G 54 -4.14 -25.37 -5.94
N ILE G 55 -4.98 -25.66 -4.96
CA ILE G 55 -4.87 -26.87 -4.15
C ILE G 55 -6.15 -27.71 -4.29
N PRO G 56 -6.10 -28.84 -5.04
CA PRO G 56 -7.31 -29.67 -5.16
C PRO G 56 -7.49 -30.52 -3.90
N SER G 57 -8.56 -31.32 -3.86
CA SER G 57 -8.84 -32.24 -2.75
C SER G 57 -7.67 -33.25 -2.65
N PRO G 58 -7.09 -33.49 -1.45
CA PRO G 58 -5.95 -34.41 -1.37
C PRO G 58 -6.34 -35.86 -1.64
N TYR G 59 -5.47 -36.60 -2.34
CA TYR G 59 -5.73 -38.00 -2.65
C TYR G 59 -5.34 -38.89 -1.47
N VAL G 60 -6.32 -39.22 -0.62
CA VAL G 60 -6.14 -40.09 0.53
C VAL G 60 -6.35 -41.53 0.04
N LYS G 61 -5.25 -42.25 -0.20
CA LYS G 61 -5.30 -43.64 -0.66
C LYS G 61 -5.37 -44.57 0.55
N CYS G 62 -6.58 -45.04 0.86
CA CYS G 62 -6.82 -45.96 1.98
C CYS G 62 -6.30 -47.34 1.62
N CYS G 63 -5.51 -47.93 2.55
CA CYS G 63 -4.90 -49.26 2.44
C CYS G 63 -3.86 -49.40 1.30
N GLY G 64 -3.39 -48.28 0.77
CA GLY G 64 -2.40 -48.26 -0.31
C GLY G 64 -1.45 -47.09 -0.29
N THR G 65 -0.45 -47.13 -1.18
CA THR G 65 0.57 -46.09 -1.32
C THR G 65 0.36 -45.30 -2.61
N ALA G 66 0.12 -43.99 -2.47
CA ALA G 66 -0.08 -43.08 -3.61
C ALA G 66 1.28 -42.76 -4.25
N GLU G 67 1.28 -42.42 -5.55
CA GLU G 67 2.51 -42.10 -6.29
C GLU G 67 2.48 -40.70 -6.92
N CYS G 68 3.51 -39.89 -6.64
CA CYS G 68 3.65 -38.54 -7.18
C CYS G 68 4.25 -38.58 -8.58
N LYS G 69 3.57 -37.93 -9.54
CA LYS G 69 4.03 -37.83 -10.93
C LYS G 69 4.46 -36.40 -11.23
N ASP G 70 5.57 -36.24 -11.99
CA ASP G 70 6.12 -34.94 -12.35
C ASP G 70 5.22 -34.22 -13.37
N LYS G 71 4.48 -33.21 -12.89
CA LYS G 71 3.56 -32.42 -13.70
C LYS G 71 4.19 -31.09 -14.10
N ASN G 72 4.11 -30.75 -15.41
CA ASN G 72 4.66 -29.50 -15.95
C ASN G 72 3.69 -28.34 -15.65
N LEU G 73 3.72 -27.86 -14.40
CA LEU G 73 2.89 -26.76 -13.90
C LEU G 73 3.77 -25.78 -13.11
N PRO G 74 3.44 -24.46 -13.05
CA PRO G 74 4.30 -23.52 -12.31
C PRO G 74 4.26 -23.78 -10.80
N ASP G 75 5.45 -23.89 -10.18
CA ASP G 75 5.65 -24.19 -8.76
C ASP G 75 4.95 -25.49 -8.33
N TYR G 76 4.94 -26.51 -9.22
CA TYR G 76 4.31 -27.79 -8.92
C TYR G 76 4.98 -28.51 -7.76
N SER G 77 4.16 -28.85 -6.76
CA SER G 77 4.62 -29.50 -5.54
C SER G 77 3.76 -30.74 -5.28
N CYS G 78 4.41 -31.88 -5.02
CA CYS G 78 3.76 -33.15 -4.72
C CYS G 78 4.51 -33.88 -3.62
N LYS G 79 3.77 -34.40 -2.64
CA LYS G 79 4.32 -35.12 -1.49
C LYS G 79 3.35 -36.19 -1.01
N VAL G 80 3.85 -37.43 -0.82
CA VAL G 80 3.07 -38.56 -0.32
C VAL G 80 3.47 -38.80 1.14
N PHE G 81 2.50 -38.65 2.06
CA PHE G 81 2.70 -38.82 3.50
C PHE G 81 2.21 -40.18 3.97
N THR G 82 3.08 -40.95 4.64
CA THR G 82 2.79 -42.29 5.15
C THR G 82 2.35 -42.27 6.62
N GLY G 83 1.62 -43.32 7.04
CA GLY G 83 1.12 -43.47 8.40
C GLY G 83 0.01 -42.50 8.76
N VAL G 84 -0.85 -42.19 7.78
CA VAL G 84 -1.96 -41.25 7.92
C VAL G 84 -3.24 -42.03 8.29
N TYR G 85 -4.02 -41.53 9.27
CA TYR G 85 -5.28 -42.12 9.71
C TYR G 85 -6.29 -40.99 9.86
N PRO G 86 -6.89 -40.50 8.74
CA PRO G 86 -7.81 -39.36 8.84
C PRO G 86 -9.23 -39.69 9.25
N PHE G 87 -9.88 -38.72 9.91
CA PHE G 87 -11.25 -38.81 10.40
C PHE G 87 -12.17 -37.80 9.73
N MET G 88 -13.43 -38.19 9.55
CA MET G 88 -14.51 -37.34 9.07
C MET G 88 -15.52 -37.26 10.22
N TRP G 89 -16.69 -36.59 10.02
CA TRP G 89 -17.69 -36.45 11.10
C TRP G 89 -18.20 -37.77 11.69
N GLY G 90 -18.38 -38.78 10.83
CA GLY G 90 -18.88 -40.09 11.22
C GLY G 90 -17.84 -41.18 11.37
N GLY G 91 -16.67 -40.80 11.86
CA GLY G 91 -15.56 -41.73 12.10
C GLY G 91 -14.43 -41.66 11.09
N ALA G 92 -13.58 -42.70 11.10
CA ALA G 92 -12.41 -42.83 10.22
C ALA G 92 -12.80 -43.00 8.75
N TYR G 93 -12.05 -42.32 7.86
CA TYR G 93 -12.24 -42.36 6.42
C TYR G 93 -11.67 -43.66 5.80
N CYS G 94 -10.60 -44.22 6.40
CA CYS G 94 -9.95 -45.44 5.92
C CYS G 94 -10.27 -46.66 6.77
N PHE G 95 -10.38 -47.84 6.13
CA PHE G 95 -10.64 -49.13 6.77
C PHE G 95 -9.40 -49.63 7.54
N CYS G 96 -8.21 -49.40 6.97
CA CYS G 96 -6.92 -49.80 7.54
C CYS G 96 -6.45 -48.85 8.64
N ASP G 97 -5.75 -49.39 9.64
CA ASP G 97 -5.17 -48.60 10.75
C ASP G 97 -3.86 -47.99 10.27
N ALA G 98 -2.99 -48.83 9.66
CA ALA G 98 -1.71 -48.45 9.07
C ALA G 98 -1.81 -48.59 7.54
N GLU G 99 -0.74 -48.25 6.80
CA GLU G 99 -0.65 -48.36 5.33
C GLU G 99 -1.58 -47.46 4.51
N ASN G 100 -2.04 -46.33 5.11
CA ASN G 100 -2.86 -45.35 4.41
C ASN G 100 -1.97 -44.15 4.11
N THR G 101 -2.03 -43.65 2.85
CA THR G 101 -1.20 -42.53 2.43
C THR G 101 -2.03 -41.35 1.93
N GLN G 102 -1.51 -40.12 2.12
CA GLN G 102 -2.15 -38.92 1.60
C GLN G 102 -1.23 -38.25 0.59
N LEU G 103 -1.74 -38.05 -0.63
CA LEU G 103 -1.02 -37.38 -1.71
C LEU G 103 -1.47 -35.92 -1.70
N SER G 104 -0.56 -35.01 -1.35
CA SER G 104 -0.82 -33.56 -1.34
C SER G 104 -0.31 -32.97 -2.64
N GLU G 105 -1.19 -32.25 -3.36
CA GLU G 105 -0.91 -31.62 -4.65
C GLU G 105 -1.14 -30.11 -4.60
N ALA G 106 -0.26 -29.34 -5.27
CA ALA G 106 -0.34 -27.88 -5.34
C ALA G 106 0.47 -27.31 -6.51
N HIS G 107 -0.06 -26.24 -7.12
CA HIS G 107 0.59 -25.49 -8.21
C HIS G 107 0.16 -24.02 -8.16
N VAL G 108 0.98 -23.14 -8.75
CA VAL G 108 0.72 -21.69 -8.77
C VAL G 108 0.32 -21.25 -10.18
N GLU G 109 -0.92 -20.16 -10.45
CA GLU G 109 -1.44 -19.53 -11.65
C GLU G 109 -1.78 -18.07 -11.35
N LYS G 110 -2.18 -17.28 -12.39
CA LYS G 110 -2.52 -15.89 -12.22
C LYS G 110 -3.79 -15.76 -11.37
N SER G 111 -3.84 -14.79 -10.47
CA SER G 111 -5.02 -14.51 -9.64
C SER G 111 -6.09 -13.83 -10.49
N GLU G 112 -7.34 -13.80 -10.00
CA GLU G 112 -8.48 -13.16 -10.67
C GLU G 112 -8.23 -11.66 -10.83
N SER G 113 -7.37 -11.10 -9.95
CA SER G 113 -6.96 -9.70 -9.89
C SER G 113 -6.00 -9.27 -11.01
N CYS G 114 -5.32 -10.23 -11.66
CA CYS G 114 -4.32 -9.98 -12.71
C CYS G 114 -4.74 -9.10 -13.89
N LYS G 115 -6.05 -9.06 -14.20
CA LYS G 115 -6.61 -8.23 -15.27
C LYS G 115 -6.79 -6.78 -14.81
N THR G 116 -6.95 -6.58 -13.48
CA THR G 116 -7.17 -5.29 -12.84
C THR G 116 -5.89 -4.73 -12.20
N GLU G 117 -5.22 -5.53 -11.36
CA GLU G 117 -3.99 -5.16 -10.64
C GLU G 117 -2.79 -5.87 -11.23
N PHE G 118 -1.98 -5.14 -12.02
CA PHE G 118 -0.78 -5.69 -12.67
C PHE G 118 0.29 -4.65 -12.99
N ALA G 119 1.54 -5.10 -13.12
CA ALA G 119 2.70 -4.30 -13.50
C ALA G 119 3.24 -4.86 -14.81
N SER G 120 3.66 -3.97 -15.72
CA SER G 120 4.18 -4.38 -17.03
C SER G 120 5.67 -4.11 -17.16
N ALA G 121 6.43 -5.13 -17.58
CA ALA G 121 7.88 -5.03 -17.79
C ALA G 121 8.16 -4.74 -19.27
N TYR G 122 8.66 -3.52 -19.56
CA TYR G 122 8.95 -3.07 -20.92
C TYR G 122 10.42 -2.82 -21.19
N ARG G 123 10.83 -3.00 -22.46
CA ARG G 123 12.18 -2.70 -22.94
C ARG G 123 12.07 -1.38 -23.69
N ALA G 124 12.59 -0.29 -23.10
CA ALA G 124 12.55 1.06 -23.66
C ALA G 124 13.80 1.36 -24.49
N HIS G 125 13.59 1.82 -25.74
CA HIS G 125 14.68 2.14 -26.67
C HIS G 125 14.29 3.23 -27.67
N THR G 126 15.27 4.10 -28.00
CA THR G 126 15.18 5.23 -28.94
C THR G 126 13.93 6.10 -28.79
N ALA G 127 13.99 7.10 -27.89
CA ALA G 127 12.89 8.01 -27.61
C ALA G 127 12.64 9.00 -28.76
N SER G 128 11.37 9.12 -29.18
CA SER G 128 10.96 10.03 -30.24
C SER G 128 10.53 11.35 -29.61
N ALA G 129 11.25 12.43 -29.92
CA ALA G 129 10.98 13.77 -29.39
C ALA G 129 9.99 14.54 -30.25
N SER G 130 8.95 15.10 -29.61
CA SER G 130 7.90 15.90 -30.26
C SER G 130 7.63 17.16 -29.44
N ALA G 131 7.29 18.26 -30.12
CA ALA G 131 7.03 19.55 -29.46
C ALA G 131 5.75 20.24 -29.92
N LYS G 132 5.07 20.90 -29.00
CA LYS G 132 3.97 21.79 -29.33
C LYS G 132 4.48 23.23 -29.32
N LEU G 133 4.16 24.00 -30.36
CA LEU G 133 4.71 25.35 -30.49
C LEU G 133 3.67 26.44 -30.71
N ARG G 134 4.15 27.65 -31.00
CA ARG G 134 3.31 28.83 -31.21
C ARG G 134 4.21 29.93 -31.78
N VAL G 135 3.86 30.47 -32.95
CA VAL G 135 4.61 31.53 -33.61
C VAL G 135 3.73 32.77 -33.83
N LEU G 136 4.18 33.94 -33.32
CA LEU G 136 3.48 35.21 -33.54
C LEU G 136 3.94 35.65 -34.93
N TYR G 137 3.14 35.30 -35.95
CA TYR G 137 3.44 35.56 -37.37
C TYR G 137 2.38 36.48 -37.99
N GLN G 138 2.82 37.68 -38.41
CA GLN G 138 1.98 38.73 -39.03
C GLN G 138 0.83 39.21 -38.13
N GLY G 139 1.15 39.38 -36.83
CA GLY G 139 0.20 39.82 -35.80
C GLY G 139 -0.79 38.78 -35.35
N ASN G 140 -0.63 37.53 -35.82
CA ASN G 140 -1.49 36.40 -35.49
C ASN G 140 -0.68 35.22 -34.97
N ASN G 141 -1.29 34.42 -34.08
CA ASN G 141 -0.65 33.23 -33.51
C ASN G 141 -0.91 32.01 -34.38
N ILE G 142 0.18 31.39 -34.87
CA ILE G 142 0.10 30.19 -35.70
C ILE G 142 0.71 29.00 -34.95
N THR G 143 0.07 27.82 -35.07
CA THR G 143 0.51 26.60 -34.41
C THR G 143 1.17 25.66 -35.42
N VAL G 144 2.41 25.25 -35.13
CA VAL G 144 3.18 24.33 -35.97
C VAL G 144 3.49 23.07 -35.19
N THR G 145 3.02 21.92 -35.71
CA THR G 145 3.26 20.60 -35.11
C THR G 145 4.18 19.82 -36.05
N ALA G 146 5.43 19.59 -35.62
CA ALA G 146 6.43 18.89 -36.43
C ALA G 146 7.33 17.98 -35.61
N TYR G 147 7.89 16.96 -36.26
CA TYR G 147 8.84 16.04 -35.64
C TYR G 147 10.18 16.77 -35.51
N ALA G 148 10.74 16.80 -34.28
CA ALA G 148 12.00 17.49 -33.97
C ALA G 148 13.24 16.67 -34.39
N ASN G 149 13.26 16.24 -35.67
CA ASN G 149 14.32 15.43 -36.27
C ASN G 149 15.14 16.21 -37.31
N GLY G 150 14.65 17.39 -37.70
CA GLY G 150 15.29 18.24 -38.70
C GLY G 150 15.06 17.79 -40.13
N ASP G 151 14.11 16.85 -40.33
CA ASP G 151 13.76 16.30 -41.64
C ASP G 151 12.24 16.11 -41.79
N HIS G 152 11.48 17.12 -41.34
CA HIS G 152 10.02 17.16 -41.43
C HIS G 152 9.58 18.61 -41.60
N ALA G 153 9.33 18.99 -42.85
CA ALA G 153 8.93 20.35 -43.22
C ALA G 153 7.41 20.51 -43.11
N VAL G 154 6.98 21.46 -42.28
CA VAL G 154 5.56 21.79 -42.06
C VAL G 154 5.36 23.24 -42.51
N THR G 155 4.46 23.44 -43.48
CA THR G 155 4.16 24.76 -44.04
C THR G 155 2.83 25.32 -43.55
N VAL G 156 2.89 26.46 -42.85
CA VAL G 156 1.74 27.18 -42.29
C VAL G 156 1.85 28.64 -42.79
N LYS G 157 0.82 29.13 -43.51
CA LYS G 157 0.74 30.48 -44.09
C LYS G 157 1.94 30.78 -45.03
N ASP G 158 2.31 29.77 -45.85
CA ASP G 158 3.41 29.77 -46.82
C ASP G 158 4.83 29.78 -46.21
N ALA G 159 4.94 29.77 -44.86
CA ALA G 159 6.22 29.73 -44.15
C ALA G 159 6.58 28.27 -43.82
N LYS G 160 7.69 27.78 -44.36
CA LYS G 160 8.16 26.40 -44.16
C LYS G 160 8.96 26.28 -42.86
N PHE G 161 8.53 25.36 -41.98
CA PHE G 161 9.16 25.13 -40.68
C PHE G 161 9.87 23.78 -40.60
N ILE G 162 11.14 23.80 -40.18
CA ILE G 162 11.96 22.61 -39.97
C ILE G 162 12.44 22.70 -38.51
N VAL G 163 11.89 21.82 -37.66
CA VAL G 163 12.16 21.76 -36.22
C VAL G 163 13.19 20.66 -35.92
N GLY G 164 14.18 21.00 -35.09
CA GLY G 164 15.24 20.09 -34.68
C GLY G 164 16.42 20.03 -35.64
N PRO G 165 17.31 19.02 -35.51
CA PRO G 165 17.30 17.89 -34.56
C PRO G 165 17.65 18.28 -33.13
N MET G 166 17.05 17.60 -32.14
CA MET G 166 17.23 17.80 -30.70
C MET G 166 18.71 17.66 -30.32
N SER G 167 19.24 18.58 -29.51
CA SER G 167 20.65 18.54 -29.07
C SER G 167 20.90 17.37 -28.12
N SER G 168 19.86 16.98 -27.35
CA SER G 168 19.90 15.86 -26.42
C SER G 168 18.97 14.75 -26.90
N ALA G 169 19.49 13.52 -26.97
CA ALA G 169 18.74 12.33 -27.36
C ALA G 169 18.25 11.56 -26.11
N TRP G 170 18.29 12.24 -24.95
CA TRP G 170 17.88 11.70 -23.64
C TRP G 170 16.39 11.38 -23.57
N THR G 171 16.07 10.26 -22.95
CA THR G 171 14.68 9.85 -22.73
C THR G 171 14.55 9.21 -21.36
N PRO G 172 14.00 9.97 -20.42
CA PRO G 172 13.86 9.52 -19.03
C PRO G 172 13.24 8.12 -18.91
N PHE G 173 14.02 7.10 -19.28
CA PHE G 173 13.55 5.71 -19.21
C PHE G 173 14.69 4.76 -19.56
N ASP G 174 15.49 4.39 -18.56
CA ASP G 174 16.61 3.48 -18.80
C ASP G 174 16.18 2.44 -19.87
N ASN G 175 17.03 1.44 -20.16
CA ASN G 175 16.75 0.39 -21.14
C ASN G 175 15.58 -0.50 -20.69
N LYS G 176 15.48 -0.76 -19.38
CA LYS G 176 14.43 -1.58 -18.78
C LYS G 176 13.54 -0.73 -17.87
N ILE G 177 12.21 -0.74 -18.14
CA ILE G 177 11.23 0.01 -17.35
C ILE G 177 10.06 -0.85 -16.88
N VAL G 178 9.41 -0.44 -15.76
CA VAL G 178 8.25 -1.11 -15.17
C VAL G 178 7.11 -0.10 -15.02
N VAL G 179 5.92 -0.44 -15.55
CA VAL G 179 4.73 0.43 -15.53
C VAL G 179 3.60 -0.15 -14.67
N TYR G 180 3.14 0.65 -13.68
CA TYR G 180 2.01 0.31 -12.83
C TYR G 180 1.02 1.48 -12.85
N LYS G 181 -0.13 1.27 -13.52
CA LYS G 181 -1.22 2.25 -13.70
C LYS G 181 -0.69 3.57 -14.31
N GLY G 182 -0.58 4.61 -13.49
CA GLY G 182 -0.10 5.92 -13.92
C GLY G 182 1.33 6.21 -13.52
N ASP G 183 2.04 5.20 -12.99
CA ASP G 183 3.42 5.32 -12.52
C ASP G 183 4.41 4.47 -13.31
N VAL G 184 5.56 5.08 -13.66
CA VAL G 184 6.65 4.44 -14.41
C VAL G 184 7.89 4.37 -13.50
N TYR G 185 8.59 3.22 -13.52
CA TYR G 185 9.78 3.00 -12.70
C TYR G 185 10.94 2.49 -13.54
N ASN G 186 12.15 3.02 -13.27
CA ASN G 186 13.37 2.56 -13.91
C ASN G 186 13.81 1.35 -13.09
N MET G 187 13.67 0.15 -13.65
CA MET G 187 14.01 -1.08 -12.93
C MET G 187 14.63 -2.14 -13.84
N ASP G 188 15.77 -2.69 -13.41
CA ASP G 188 16.46 -3.77 -14.11
C ASP G 188 15.77 -5.06 -13.66
N TYR G 189 14.51 -5.25 -14.13
CA TYR G 189 13.66 -6.37 -13.81
C TYR G 189 14.27 -7.72 -14.22
N PRO G 190 14.04 -8.83 -13.46
CA PRO G 190 14.61 -10.11 -13.87
C PRO G 190 14.01 -10.60 -15.18
N PRO G 191 14.78 -11.27 -16.08
CA PRO G 191 14.17 -11.76 -17.33
C PRO G 191 13.12 -12.85 -17.09
N PHE G 192 12.33 -13.17 -18.13
CA PHE G 192 11.29 -14.20 -18.04
C PHE G 192 11.94 -15.55 -17.73
N GLY G 193 11.40 -16.24 -16.71
CA GLY G 193 11.89 -17.52 -16.25
C GLY G 193 13.07 -17.42 -15.31
N ALA G 194 13.29 -16.23 -14.72
CA ALA G 194 14.39 -15.97 -13.79
C ALA G 194 13.95 -15.22 -12.52
N GLY G 195 12.64 -15.07 -12.34
CA GLY G 195 12.05 -14.41 -11.19
C GLY G 195 12.24 -15.16 -9.89
N ARG G 196 12.54 -14.44 -8.81
CA ARG G 196 12.81 -14.98 -7.48
C ARG G 196 11.57 -15.00 -6.56
N PRO G 197 11.48 -15.93 -5.57
CA PRO G 197 10.31 -15.95 -4.67
C PRO G 197 10.24 -14.72 -3.75
N GLY G 198 9.02 -14.22 -3.53
CA GLY G 198 8.77 -13.05 -2.70
C GLY G 198 9.24 -11.74 -3.28
N GLN G 199 9.72 -11.75 -4.53
CA GLN G 199 10.25 -10.59 -5.22
C GLN G 199 9.49 -10.35 -6.52
N PHE G 200 9.69 -9.15 -7.13
CA PHE G 200 9.09 -8.76 -8.41
C PHE G 200 9.46 -9.79 -9.47
N GLY G 201 8.45 -10.47 -10.01
CA GLY G 201 8.62 -11.50 -11.02
C GLY G 201 8.51 -12.92 -10.52
N ASP G 202 8.02 -13.12 -9.27
CA ASP G 202 7.81 -14.46 -8.69
C ASP G 202 6.83 -15.26 -9.57
N ILE G 203 5.93 -14.53 -10.24
CA ILE G 203 4.97 -15.02 -11.24
C ILE G 203 5.13 -14.12 -12.47
N GLN G 204 5.40 -14.73 -13.64
CA GLN G 204 5.59 -13.99 -14.88
C GLN G 204 4.68 -14.52 -15.99
N SER G 205 3.91 -13.61 -16.60
CA SER G 205 3.01 -13.90 -17.72
C SER G 205 3.44 -13.03 -18.89
N ARG G 206 3.82 -13.65 -20.03
CA ARG G 206 4.26 -12.94 -21.24
C ARG G 206 3.30 -11.86 -21.72
N THR G 207 1.98 -12.16 -21.68
CA THR G 207 0.88 -11.26 -22.06
C THR G 207 -0.22 -11.38 -20.99
N PRO G 208 -1.15 -10.39 -20.81
CA PRO G 208 -2.21 -10.57 -19.79
C PRO G 208 -3.25 -11.64 -20.14
N GLU G 209 -3.25 -12.14 -21.40
CA GLU G 209 -4.16 -13.17 -21.90
C GLU G 209 -3.53 -14.58 -21.91
N SER G 210 -2.19 -14.65 -21.70
CA SER G 210 -1.38 -15.89 -21.69
C SER G 210 -1.93 -16.99 -20.78
N LYS G 211 -1.87 -18.24 -21.26
CA LYS G 211 -2.37 -19.41 -20.52
C LYS G 211 -1.30 -19.99 -19.60
N ASP G 212 -0.10 -20.27 -20.14
CA ASP G 212 1.03 -20.80 -19.37
C ASP G 212 1.85 -19.67 -18.78
N VAL G 213 1.98 -19.67 -17.44
CA VAL G 213 2.73 -18.64 -16.71
C VAL G 213 3.95 -19.25 -16.01
N TYR G 214 4.99 -18.43 -15.76
CA TYR G 214 6.17 -18.89 -15.03
C TYR G 214 5.93 -18.63 -13.54
N ALA G 215 6.32 -19.58 -12.68
CA ALA G 215 6.16 -19.43 -11.23
C ALA G 215 7.31 -20.03 -10.44
N ASN G 216 7.82 -19.24 -9.48
CA ASN G 216 8.89 -19.60 -8.56
C ASN G 216 8.54 -18.90 -7.24
N THR G 217 7.65 -19.54 -6.46
CA THR G 217 7.14 -19.01 -5.19
C THR G 217 7.59 -19.80 -3.96
N GLN G 218 8.24 -20.20 -3.39
CA GLN G 218 8.77 -21.07 -2.32
C GLN G 218 7.67 -21.94 -1.70
N LEU G 219 6.85 -22.58 -2.56
CA LEU G 219 5.76 -23.45 -2.16
C LEU G 219 6.35 -24.77 -1.63
N VAL G 220 6.08 -25.07 -0.34
CA VAL G 220 6.55 -26.28 0.33
C VAL G 220 5.35 -26.89 1.06
N LEU G 221 4.96 -28.12 0.68
CA LEU G 221 3.83 -28.82 1.31
C LEU G 221 4.25 -29.48 2.62
N GLN G 222 3.39 -29.36 3.65
CA GLN G 222 3.65 -29.89 4.99
C GLN G 222 2.80 -31.12 5.29
N ARG G 223 3.25 -31.93 6.27
CA ARG G 223 2.53 -33.13 6.70
C ARG G 223 1.22 -32.75 7.40
N PRO G 224 0.06 -33.34 6.99
CA PRO G 224 -1.20 -32.99 7.65
C PRO G 224 -1.28 -33.39 9.12
N ALA G 225 -2.10 -32.68 9.90
CA ALA G 225 -2.33 -32.92 11.32
C ALA G 225 -3.00 -34.27 11.52
N ALA G 226 -2.73 -34.92 12.68
CA ALA G 226 -3.27 -36.23 13.04
C ALA G 226 -4.80 -36.28 12.96
N GLY G 227 -5.30 -37.22 12.16
CA GLY G 227 -6.73 -37.43 11.92
C GLY G 227 -7.44 -36.27 11.25
N THR G 228 -6.71 -35.44 10.51
CA THR G 228 -7.23 -34.25 9.85
C THR G 228 -7.01 -34.27 8.35
N VAL G 229 -8.09 -34.05 7.56
CA VAL G 229 -8.01 -33.95 6.11
C VAL G 229 -7.90 -32.48 5.76
N HIS G 230 -6.70 -32.06 5.34
CA HIS G 230 -6.35 -30.71 4.92
C HIS G 230 -4.99 -30.75 4.23
N VAL G 231 -4.63 -29.67 3.50
CA VAL G 231 -3.36 -29.59 2.79
C VAL G 231 -2.53 -28.43 3.36
N PRO G 232 -1.79 -28.64 4.47
CA PRO G 232 -0.98 -27.55 5.03
C PRO G 232 0.25 -27.28 4.16
N TYR G 233 0.62 -26.00 4.05
CA TYR G 233 1.76 -25.57 3.22
C TYR G 233 2.39 -24.29 3.74
N SER G 234 3.67 -24.06 3.37
CA SER G 234 4.43 -22.85 3.67
C SER G 234 4.75 -22.20 2.34
N GLN G 235 4.46 -20.89 2.23
CA GLN G 235 4.66 -20.13 1.00
C GLN G 235 4.91 -18.67 1.32
N ALA G 236 6.47 -18.37 -0.13
CA ALA G 236 6.96 -16.99 -0.02
C ALA G 236 5.82 -16.04 -0.42
N PRO G 237 5.51 -15.00 0.39
CA PRO G 237 4.38 -14.10 0.04
C PRO G 237 4.54 -13.36 -1.29
N SER G 238 3.41 -12.94 -1.89
CA SER G 238 3.33 -12.24 -3.18
C SER G 238 4.40 -11.19 -3.43
N GLY G 239 5.18 -11.41 -4.48
CA GLY G 239 6.25 -10.51 -4.91
C GLY G 239 5.73 -9.19 -5.44
N PHE G 240 4.56 -9.23 -6.11
CA PHE G 240 3.89 -8.05 -6.65
C PHE G 240 3.37 -7.17 -5.51
N LYS G 241 2.75 -7.79 -4.48
CA LYS G 241 2.25 -7.10 -3.29
C LYS G 241 3.43 -6.48 -2.54
N TYR G 242 4.56 -7.21 -2.49
CA TYR G 242 5.79 -6.76 -1.85
C TYR G 242 6.38 -5.58 -2.62
N TRP G 243 6.41 -5.66 -3.97
CA TRP G 243 6.91 -4.58 -4.82
C TRP G 243 6.05 -3.31 -4.68
N LEU G 244 4.71 -3.46 -4.58
CA LEU G 244 3.77 -2.33 -4.44
C LEU G 244 4.10 -1.42 -3.26
N LYS G 245 4.66 -1.98 -2.17
CA LYS G 245 5.05 -1.20 -0.98
C LYS G 245 6.54 -0.83 -0.98
N GLU G 246 7.39 -1.59 -1.73
CA GLU G 246 8.84 -1.39 -1.79
C GLU G 246 9.34 -0.62 -3.02
N ARG G 247 8.43 -0.31 -3.99
CA ARG G 247 8.75 0.38 -5.23
C ARG G 247 9.39 1.75 -5.08
N GLY G 248 9.02 2.47 -4.02
CA GLY G 248 9.51 3.81 -3.75
C GLY G 248 8.80 4.83 -4.61
N ALA G 249 9.36 6.04 -4.73
CA ALA G 249 8.80 7.11 -5.55
C ALA G 249 9.01 6.83 -7.04
N SER G 250 7.98 7.09 -7.86
CA SER G 250 8.03 6.89 -9.31
C SER G 250 8.87 7.98 -10.02
N LEU G 251 9.14 7.81 -11.32
CA LEU G 251 9.91 8.75 -12.14
C LEU G 251 9.35 10.18 -12.14
N GLN G 252 8.02 10.34 -11.98
CA GLN G 252 7.32 11.64 -11.90
C GLN G 252 7.88 12.49 -10.74
N HIS G 253 8.39 11.83 -9.69
CA HIS G 253 8.94 12.45 -8.48
C HIS G 253 10.47 12.45 -8.42
N THR G 254 11.14 11.45 -9.02
CA THR G 254 12.60 11.31 -8.95
C THR G 254 13.41 11.81 -10.15
N ALA G 255 12.80 11.90 -11.35
CA ALA G 255 13.50 12.30 -12.57
C ALA G 255 14.10 13.71 -12.55
N PRO G 256 15.35 13.87 -13.04
CA PRO G 256 15.96 15.21 -13.08
C PRO G 256 15.30 16.12 -14.12
N PHE G 257 15.70 17.41 -14.16
CA PHE G 257 15.24 18.45 -15.08
C PHE G 257 13.72 18.75 -15.05
N GLY G 258 13.08 18.42 -13.93
CA GLY G 258 11.65 18.65 -13.69
C GLY G 258 10.72 17.90 -14.62
N CYS G 259 11.11 16.67 -15.04
CA CYS G 259 10.31 15.81 -15.92
C CYS G 259 8.97 15.44 -15.31
N GLN G 260 7.91 15.51 -16.13
CA GLN G 260 6.57 15.09 -15.75
C GLN G 260 6.37 13.76 -16.47
N ILE G 261 5.95 12.71 -15.76
CA ILE G 261 5.77 11.38 -16.35
C ILE G 261 4.29 11.02 -16.50
N ALA G 262 3.89 10.63 -17.71
CA ALA G 262 2.53 10.23 -18.07
C ALA G 262 2.51 8.81 -18.64
N THR G 263 1.33 8.18 -18.63
CA THR G 263 1.11 6.82 -19.15
C THR G 263 0.04 6.81 -20.25
N ASN G 264 -0.07 5.67 -20.96
CA ASN G 264 -1.01 5.42 -22.07
C ASN G 264 -0.96 6.48 -23.19
N PRO G 265 0.17 6.62 -23.96
CA PRO G 265 1.44 5.87 -23.88
C PRO G 265 2.42 6.46 -22.87
N VAL G 266 3.44 5.68 -22.43
CA VAL G 266 4.42 6.20 -21.49
C VAL G 266 5.30 7.26 -22.16
N ARG G 267 5.45 8.42 -21.49
CA ARG G 267 6.18 9.56 -22.03
C ARG G 267 6.74 10.50 -20.97
N ALA G 268 7.85 11.18 -21.31
CA ALA G 268 8.50 12.19 -20.48
C ALA G 268 8.05 13.55 -21.02
N VAL G 269 7.32 14.31 -20.20
CA VAL G 269 6.77 15.61 -20.59
C VAL G 269 7.49 16.74 -19.85
N ASN G 270 7.85 17.80 -20.57
CA ASN G 270 8.53 18.93 -19.98
C ASN G 270 9.86 18.54 -19.34
N CYS G 271 10.62 17.71 -20.03
CA CYS G 271 11.92 17.26 -19.53
C CYS G 271 13.03 18.25 -19.90
N ALA G 272 12.69 19.53 -19.88
CA ALA G 272 13.66 20.57 -20.21
C ALA G 272 15.07 20.00 -20.32
N VAL G 273 15.38 19.41 -21.46
CA VAL G 273 16.69 18.83 -21.69
C VAL G 273 17.29 19.30 -23.01
N GLY G 274 18.39 20.04 -22.92
CA GLY G 274 19.06 20.55 -24.12
C GLY G 274 18.37 21.71 -24.79
N ASN G 275 18.70 21.93 -26.07
CA ASN G 275 18.17 23.01 -26.90
C ASN G 275 17.51 22.49 -28.18
N MET G 276 16.81 23.38 -28.89
CA MET G 276 16.11 23.03 -30.12
C MET G 276 16.35 24.02 -31.28
N PRO G 277 17.03 23.58 -32.37
CA PRO G 277 17.21 24.46 -33.52
C PRO G 277 15.92 24.61 -34.32
N ILE G 278 15.65 25.83 -34.81
CA ILE G 278 14.45 26.16 -35.58
C ILE G 278 14.83 26.85 -36.90
N SER G 279 14.33 26.29 -38.02
CA SER G 279 14.54 26.83 -39.36
C SER G 279 13.20 27.28 -39.94
N ILE G 280 13.08 28.56 -40.30
CA ILE G 280 11.87 29.14 -40.86
C ILE G 280 12.15 29.77 -42.23
N ASP G 281 11.57 29.20 -43.29
CA ASP G 281 11.70 29.71 -44.65
C ASP G 281 10.53 30.67 -44.87
N ILE G 282 10.75 31.95 -44.54
CA ILE G 282 9.74 33.02 -44.62
C ILE G 282 9.54 33.48 -46.09
N PRO G 283 8.29 33.46 -46.61
CA PRO G 283 8.07 33.89 -48.00
C PRO G 283 8.33 35.38 -48.23
N GLU G 284 8.66 35.72 -49.44
CA GLU G 284 8.96 37.08 -49.94
C GLU G 284 7.86 38.11 -49.61
N ALA G 285 6.56 37.72 -49.72
CA ALA G 285 5.39 38.56 -49.45
C ALA G 285 5.30 39.08 -48.02
N ALA G 286 5.81 38.31 -47.04
CA ALA G 286 5.81 38.68 -45.63
C ALA G 286 6.75 39.85 -45.33
N PHE G 287 7.81 40.01 -46.15
CA PHE G 287 8.80 41.08 -45.99
C PHE G 287 8.38 42.39 -46.63
N THR G 288 8.77 43.50 -45.98
CA THR G 288 8.51 44.86 -46.46
C THR G 288 9.86 45.56 -46.61
N ARG G 289 10.07 46.22 -47.76
CA ARG G 289 11.32 46.93 -48.07
C ARG G 289 11.55 48.11 -47.13
N VAL G 290 12.83 48.45 -46.88
CA VAL G 290 13.26 49.56 -46.02
C VAL G 290 12.67 50.92 -46.46
N VAL G 291 12.53 51.13 -47.78
CA VAL G 291 11.96 52.34 -48.39
C VAL G 291 10.43 52.33 -48.17
N ASP G 292 9.80 51.14 -48.26
CA ASP G 292 8.36 50.95 -48.05
C ASP G 292 7.97 51.04 -46.57
N ALA G 293 8.96 50.88 -45.67
CA ALA G 293 8.78 50.96 -44.22
C ALA G 293 9.11 52.38 -43.72
N PRO G 294 8.48 52.87 -42.62
CA PRO G 294 8.79 54.24 -42.14
C PRO G 294 10.22 54.41 -41.63
N SER G 295 10.77 55.64 -41.77
CA SER G 295 12.12 55.98 -41.33
C SER G 295 12.06 56.66 -39.96
N LEU G 296 12.84 56.14 -38.99
CA LEU G 296 12.88 56.64 -37.61
C LEU G 296 14.01 57.64 -37.41
N THR G 297 13.68 58.83 -36.89
CA THR G 297 14.61 59.93 -36.58
C THR G 297 14.23 60.63 -35.27
N ASP G 298 15.19 61.40 -34.70
CA ASP G 298 15.06 62.17 -33.44
C ASP G 298 14.48 61.35 -32.29
N MET G 299 15.08 60.17 -32.04
CA MET G 299 14.63 59.25 -31.01
C MET G 299 15.28 59.47 -29.64
N SER G 300 14.45 59.35 -28.59
CA SER G 300 14.83 59.48 -27.19
C SER G 300 14.09 58.42 -26.36
N CYS G 301 14.73 57.92 -25.29
CA CYS G 301 14.14 56.89 -24.44
C CYS G 301 14.21 57.22 -22.96
N GLU G 302 13.07 57.06 -22.27
CA GLU G 302 12.95 57.29 -20.83
C GLU G 302 12.28 56.10 -20.13
N VAL G 303 12.81 55.72 -18.96
CA VAL G 303 12.31 54.59 -18.17
C VAL G 303 11.67 55.12 -16.86
N PRO G 304 10.33 55.32 -16.85
CA PRO G 304 9.68 55.85 -15.63
C PRO G 304 9.53 54.84 -14.50
N ALA G 305 9.51 53.53 -14.82
CA ALA G 305 9.33 52.46 -13.84
C ALA G 305 10.06 51.18 -14.23
N CYS G 306 10.85 50.61 -13.29
CA CYS G 306 11.57 49.35 -13.50
C CYS G 306 11.79 48.52 -12.24
N THR G 307 11.57 47.22 -12.38
CA THR G 307 11.78 46.18 -11.38
C THR G 307 12.45 45.01 -12.08
N HIS G 308 13.68 44.65 -11.65
CA HIS G 308 14.40 43.54 -12.25
C HIS G 308 13.86 42.20 -11.74
N SER G 309 13.14 41.47 -12.61
CA SER G 309 12.50 40.18 -12.30
C SER G 309 12.38 39.29 -13.54
N SER G 310 11.79 38.09 -13.37
CA SER G 310 11.56 37.11 -14.44
C SER G 310 10.53 37.59 -15.46
N ASP G 311 9.51 38.35 -15.01
CA ASP G 311 8.46 38.90 -15.86
C ASP G 311 8.81 40.31 -16.35
N PHE G 312 7.90 40.94 -17.13
CA PHE G 312 8.12 42.27 -17.68
C PHE G 312 7.82 43.36 -16.63
N GLY G 313 8.81 43.58 -15.77
CA GLY G 313 8.75 44.57 -14.68
C GLY G 313 9.20 45.96 -15.07
N GLY G 314 9.76 46.09 -16.27
CA GLY G 314 10.24 47.37 -16.80
C GLY G 314 9.29 48.01 -17.78
N VAL G 315 9.18 49.35 -17.72
CA VAL G 315 8.34 50.18 -18.59
C VAL G 315 9.23 51.24 -19.25
N ALA G 316 9.17 51.37 -20.59
CA ALA G 316 9.98 52.36 -21.30
C ALA G 316 9.15 53.14 -22.32
N ILE G 317 9.29 54.48 -22.32
CA ILE G 317 8.59 55.39 -23.23
C ILE G 317 9.60 55.92 -24.26
N ILE G 318 9.38 55.60 -25.53
CA ILE G 318 10.25 56.01 -26.63
C ILE G 318 9.56 57.05 -27.52
N LYS G 319 10.14 58.27 -27.58
CA LYS G 319 9.64 59.37 -28.40
C LYS G 319 10.31 59.28 -29.78
N TYR G 320 9.55 59.54 -30.85
CA TYR G 320 10.03 59.43 -32.22
C TYR G 320 9.50 60.47 -33.20
N ALA G 321 10.10 60.51 -34.41
CA ALA G 321 9.72 61.36 -35.52
C ALA G 321 9.87 60.50 -36.79
N ALA G 322 8.70 59.83 -37.18
CA ALA G 322 8.49 58.91 -38.31
C ALA G 322 8.17 59.65 -39.60
N SER G 323 8.79 59.21 -40.72
CA SER G 323 8.59 59.77 -42.06
C SER G 323 7.18 59.54 -42.61
N LYS G 324 6.50 58.51 -42.47
CA LYS G 324 5.17 58.00 -42.82
C LYS G 324 4.55 57.07 -41.75
N LYS G 325 3.26 56.72 -41.93
CA LYS G 325 2.50 55.82 -41.05
C LYS G 325 2.76 54.37 -41.53
N GLY G 326 2.89 53.46 -40.57
CA GLY G 326 3.14 52.04 -40.85
C GLY G 326 3.57 51.24 -39.64
N LYS G 327 3.64 49.91 -39.80
CA LYS G 327 4.05 48.99 -38.74
C LYS G 327 5.58 48.91 -38.61
N CYS G 328 6.07 48.97 -37.36
CA CYS G 328 7.50 48.88 -37.04
C CYS G 328 7.77 47.77 -36.04
N ALA G 329 8.85 47.02 -36.27
CA ALA G 329 9.27 45.93 -35.39
C ALA G 329 10.08 46.47 -34.21
N VAL G 330 9.83 45.94 -33.00
CA VAL G 330 10.51 46.34 -31.77
C VAL G 330 11.40 45.18 -31.32
N HIS G 331 12.71 45.44 -31.11
CA HIS G 331 13.67 44.44 -30.67
C HIS G 331 14.80 45.03 -29.84
N SER G 332 15.18 44.32 -28.78
CA SER G 332 16.27 44.71 -27.89
C SER G 332 17.59 44.25 -28.50
N MET G 333 18.52 45.20 -28.70
CA MET G 333 19.84 44.93 -29.26
C MET G 333 20.82 44.42 -28.19
N THR G 334 20.41 44.49 -26.92
CA THR G 334 21.17 44.02 -25.76
C THR G 334 20.51 42.71 -25.30
N ASN G 335 21.31 41.64 -25.22
CA ASN G 335 20.85 40.30 -24.82
C ASN G 335 20.44 40.21 -23.34
N ALA G 336 20.85 41.20 -22.52
CA ALA G 336 20.53 41.28 -21.09
C ALA G 336 19.05 41.61 -20.84
N VAL G 337 18.39 42.32 -21.79
CA VAL G 337 16.98 42.69 -21.67
C VAL G 337 16.12 42.17 -22.85
N THR G 338 14.83 41.84 -22.59
CA THR G 338 13.90 41.35 -23.60
C THR G 338 12.60 42.17 -23.59
N ILE G 339 12.12 42.58 -24.77
CA ILE G 339 10.90 43.39 -24.93
C ILE G 339 9.68 42.49 -25.24
N ARG G 340 8.56 42.75 -24.54
CA ARG G 340 7.29 42.03 -24.64
C ARG G 340 6.63 42.15 -26.03
N GLU G 341 6.55 43.37 -26.56
CA GLU G 341 5.92 43.60 -27.87
C GLU G 341 6.87 43.45 -29.05
N ALA G 342 6.39 42.78 -30.11
CA ALA G 342 7.13 42.50 -31.34
C ALA G 342 6.86 43.54 -32.44
N GLU G 343 5.66 44.13 -32.45
CA GLU G 343 5.25 45.11 -33.46
C GLU G 343 4.41 46.24 -32.87
N ILE G 344 4.66 47.49 -33.32
CA ILE G 344 3.93 48.70 -32.91
C ILE G 344 3.48 49.52 -34.11
N GLU G 345 2.32 50.19 -34.01
CA GLU G 345 1.81 51.05 -35.07
C GLU G 345 2.42 52.44 -34.92
N VAL G 346 3.23 52.84 -35.90
CA VAL G 346 3.92 54.13 -35.94
C VAL G 346 3.05 55.19 -36.65
N GLU G 347 3.07 56.45 -36.16
CA GLU G 347 2.24 57.53 -36.71
C GLU G 347 3.03 58.69 -37.34
N GLY G 348 3.49 59.64 -36.51
CA GLY G 348 4.23 60.82 -36.93
C GLY G 348 5.19 61.29 -35.87
N ASN G 349 4.89 62.46 -35.27
CA ASN G 349 5.66 63.06 -34.18
C ASN G 349 5.02 62.65 -32.83
N SER G 350 4.89 61.32 -32.63
CA SER G 350 4.28 60.70 -31.47
C SER G 350 5.28 59.91 -30.61
N GLN G 351 4.79 59.16 -29.61
CA GLN G 351 5.58 58.34 -28.69
C GLN G 351 5.00 56.93 -28.53
N LEU G 352 5.86 55.94 -28.22
CA LEU G 352 5.46 54.55 -28.01
C LEU G 352 5.85 54.05 -26.60
N GLN G 353 5.07 53.10 -26.06
CA GLN G 353 5.33 52.51 -24.74
C GLN G 353 5.59 51.02 -24.87
N ILE G 354 6.74 50.56 -24.31
CA ILE G 354 7.14 49.15 -24.34
C ILE G 354 7.32 48.57 -22.93
N SER G 355 7.15 47.23 -22.82
CA SER G 355 7.34 46.48 -21.59
C SER G 355 8.59 45.61 -21.76
N PHE G 356 9.52 45.67 -20.79
CA PHE G 356 10.76 44.90 -20.86
C PHE G 356 11.08 44.10 -19.60
N SER G 357 11.85 43.01 -19.76
CA SER G 357 12.28 42.12 -18.68
C SER G 357 13.80 42.09 -18.61
N THR G 358 14.36 42.27 -17.40
CA THR G 358 15.80 42.27 -17.13
C THR G 358 16.11 41.77 -15.72
N ALA G 359 17.37 41.33 -15.49
CA ALA G 359 17.84 40.85 -14.19
C ALA G 359 18.84 41.85 -13.57
N LEU G 360 19.36 42.75 -14.41
CA LEU G 360 20.34 43.77 -14.04
C LEU G 360 19.71 44.95 -13.28
N ALA G 361 20.41 45.44 -12.24
CA ALA G 361 19.98 46.58 -11.42
C ALA G 361 20.16 47.87 -12.23
N SER G 362 21.27 47.96 -13.00
CA SER G 362 21.61 49.07 -13.88
C SER G 362 21.51 48.53 -15.31
N ALA G 363 20.34 48.73 -15.94
CA ALA G 363 20.05 48.23 -17.28
C ALA G 363 20.35 49.23 -18.40
N GLU G 364 21.41 48.94 -19.18
CA GLU G 364 21.84 49.72 -20.34
C GLU G 364 21.47 48.92 -21.58
N PHE G 365 20.48 49.40 -22.35
CA PHE G 365 20.01 48.68 -23.54
C PHE G 365 19.61 49.55 -24.72
N ARG G 366 19.78 48.99 -25.94
CA ARG G 366 19.45 49.64 -27.20
C ARG G 366 18.18 49.00 -27.77
N VAL G 367 17.20 49.84 -28.15
CA VAL G 367 15.92 49.38 -28.72
C VAL G 367 15.89 49.75 -30.21
N GLN G 368 15.71 48.74 -31.07
CA GLN G 368 15.62 48.96 -32.50
C GLN G 368 14.16 48.98 -32.95
N VAL G 369 13.65 50.19 -33.27
CA VAL G 369 12.28 50.39 -33.76
C VAL G 369 12.49 50.60 -35.26
N CYS G 370 12.00 49.61 -36.06
CA CYS G 370 12.18 49.52 -37.52
C CYS G 370 13.68 49.35 -37.83
N SER G 371 14.34 50.34 -38.47
CA SER G 371 15.77 50.26 -38.80
C SER G 371 16.69 51.23 -38.02
N THR G 372 16.15 51.93 -37.01
CA THR G 372 16.93 52.88 -36.20
C THR G 372 16.98 52.45 -34.72
N GLN G 373 18.15 52.63 -34.08
CA GLN G 373 18.38 52.27 -32.68
C GLN G 373 18.30 53.46 -31.73
N VAL G 374 17.81 53.22 -30.50
CA VAL G 374 17.69 54.22 -29.44
C VAL G 374 18.20 53.65 -28.10
N HIS G 375 19.05 54.42 -27.40
CA HIS G 375 19.62 54.00 -26.12
C HIS G 375 18.66 54.29 -24.96
N CYS G 376 18.46 53.27 -24.09
CA CYS G 376 17.59 53.35 -22.91
C CYS G 376 18.43 53.16 -21.65
N ALA G 377 18.28 54.07 -20.68
CA ALA G 377 18.96 54.03 -19.39
C ALA G 377 17.93 53.70 -18.31
N ALA G 378 18.13 52.56 -17.62
CA ALA G 378 17.19 52.09 -16.60
C ALA G 378 17.83 51.73 -15.26
N GLU G 379 17.24 52.22 -14.17
CA GLU G 379 17.66 51.92 -12.81
C GLU G 379 16.55 51.04 -12.23
N CYS G 380 16.72 49.72 -12.35
CA CYS G 380 15.75 48.73 -11.91
C CYS G 380 15.97 48.30 -10.46
N HIS G 381 14.87 48.19 -9.71
CA HIS G 381 14.86 47.86 -8.28
C HIS G 381 14.50 46.39 -7.98
N PRO G 382 14.94 45.82 -6.83
CA PRO G 382 14.64 44.40 -6.54
C PRO G 382 13.16 44.08 -6.30
N PRO G 383 12.69 42.86 -6.67
CA PRO G 383 11.28 42.51 -6.40
C PRO G 383 11.06 42.01 -4.97
N LYS G 384 9.79 41.78 -4.57
CA LYS G 384 9.46 41.32 -3.22
C LYS G 384 9.80 39.86 -2.92
N ASP G 385 9.61 38.98 -3.91
CA ASP G 385 9.90 37.56 -3.73
C ASP G 385 11.15 37.36 -2.85
N HIS G 386 10.98 36.64 -1.75
CA HIS G 386 9.69 36.08 -1.40
C HIS G 386 9.42 34.78 -2.16
N ILE G 387 8.16 34.56 -2.51
CA ILE G 387 7.77 33.36 -3.26
C ILE G 387 6.49 33.63 -4.08
N VAL G 388 6.49 33.20 -5.35
CA VAL G 388 5.37 33.34 -6.28
C VAL G 388 4.84 31.96 -6.76
N ASN G 389 3.55 31.89 -7.14
CA ASN G 389 2.89 30.67 -7.64
C ASN G 389 2.62 30.73 -9.15
N TYR G 390 3.39 31.58 -9.88
CA TYR G 390 3.33 31.82 -11.34
C TYR G 390 2.01 32.44 -11.81
N PRO G 391 1.00 31.72 -11.89
N VAL H 8 -27.86 -24.03 -10.76
CA VAL H 8 -26.63 -24.78 -10.53
C VAL H 8 -26.62 -25.52 -9.18
N TYR H 9 -27.42 -25.03 -8.22
CA TYR H 9 -27.54 -25.56 -6.86
C TYR H 9 -28.30 -26.88 -6.76
N LYS H 10 -28.90 -27.36 -7.86
CA LYS H 10 -29.58 -28.66 -7.89
C LYS H 10 -28.53 -29.77 -7.93
N ALA H 11 -27.35 -29.50 -8.52
CA ALA H 11 -26.22 -30.43 -8.63
C ALA H 11 -25.25 -30.30 -7.47
N THR H 12 -25.05 -29.07 -6.95
CA THR H 12 -24.13 -28.81 -5.83
C THR H 12 -24.83 -28.98 -4.48
N ARG H 13 -24.05 -29.05 -3.38
CA ARG H 13 -24.59 -29.21 -2.03
C ARG H 13 -23.68 -28.58 -0.96
N PRO H 14 -24.23 -28.14 0.21
CA PRO H 14 -23.35 -27.64 1.28
C PRO H 14 -22.61 -28.83 1.91
N TYR H 15 -21.45 -28.59 2.55
CA TYR H 15 -20.67 -29.68 3.11
C TYR H 15 -20.01 -29.39 4.46
N LEU H 16 -19.46 -30.44 5.10
CA LEU H 16 -18.71 -30.37 6.34
C LEU H 16 -17.22 -30.48 5.98
N ALA H 17 -16.41 -29.57 6.51
CA ALA H 17 -14.97 -29.54 6.24
C ALA H 17 -14.20 -29.10 7.49
N HIS H 18 -12.88 -29.38 7.51
CA HIS H 18 -12.00 -29.04 8.62
C HIS H 18 -11.89 -27.54 8.89
N CYS H 19 -11.99 -27.17 10.17
CA CYS H 19 -11.85 -25.82 10.69
C CYS H 19 -10.90 -25.89 11.90
N PRO H 20 -9.83 -25.07 11.97
CA PRO H 20 -8.90 -25.16 13.11
C PRO H 20 -9.47 -24.63 14.43
N ASP H 21 -10.45 -23.72 14.37
CA ASP H 21 -11.07 -23.12 15.56
C ASP H 21 -12.58 -22.95 15.40
N CYS H 22 -13.35 -23.86 16.03
CA CYS H 22 -14.81 -23.86 16.03
C CYS H 22 -15.37 -23.17 17.27
N GLY H 23 -14.46 -22.66 18.11
CA GLY H 23 -14.76 -22.00 19.37
C GLY H 23 -13.81 -22.45 20.45
N GLU H 24 -13.19 -21.48 21.15
CA GLU H 24 -12.22 -21.68 22.25
C GLU H 24 -10.95 -22.46 21.82
N GLY H 25 -10.53 -22.26 20.57
CA GLY H 25 -9.33 -22.85 19.99
C GLY H 25 -9.39 -24.34 19.66
N HIS H 26 -10.61 -24.94 19.68
CA HIS H 26 -10.80 -26.35 19.40
C HIS H 26 -11.26 -26.63 17.97
N SER H 27 -10.58 -27.58 17.30
CA SER H 27 -10.85 -27.99 15.92
C SER H 27 -12.11 -28.87 15.82
N CYS H 28 -12.84 -28.78 14.68
CA CYS H 28 -14.06 -29.56 14.43
C CYS H 28 -14.37 -29.73 12.93
N HIS H 29 -15.33 -30.62 12.61
CA HIS H 29 -15.83 -30.84 11.26
C HIS H 29 -16.98 -29.84 11.16
N SER H 30 -16.66 -28.64 10.65
CA SER H 30 -17.56 -27.50 10.59
C SER H 30 -18.52 -27.40 9.40
N PRO H 31 -19.80 -27.02 9.65
CA PRO H 31 -20.73 -26.81 8.54
C PRO H 31 -20.64 -25.37 7.98
N VAL H 32 -19.73 -24.56 8.57
CA VAL H 32 -19.46 -23.15 8.23
C VAL H 32 -17.92 -22.96 8.05
N ALA H 33 -17.22 -24.03 7.61
CA ALA H 33 -15.76 -24.04 7.41
C ALA H 33 -15.30 -23.02 6.37
N LEU H 34 -14.19 -22.32 6.68
CA LEU H 34 -13.62 -21.31 5.80
C LEU H 34 -12.67 -21.95 4.80
N GLU H 35 -12.91 -21.67 3.51
CA GLU H 35 -12.12 -22.19 2.40
C GLU H 35 -11.03 -21.23 1.95
N ARG H 36 -11.40 -19.98 1.60
CA ARG H 36 -10.52 -18.96 1.09
C ARG H 36 -11.08 -17.57 1.35
N ILE H 37 -10.20 -16.64 1.74
CA ILE H 37 -10.54 -15.23 1.97
C ILE H 37 -9.79 -14.43 0.91
N ARG H 38 -10.54 -13.73 0.04
CA ARG H 38 -9.97 -12.91 -1.03
C ARG H 38 -10.03 -11.44 -0.65
N ASN H 39 -8.89 -10.74 -0.79
CA ASN H 39 -8.74 -9.33 -0.44
C ASN H 39 -8.01 -8.51 -1.52
N GLU H 40 -8.38 -8.75 -2.79
CA GLU H 40 -7.77 -8.08 -3.94
C GLU H 40 -8.40 -6.70 -4.20
N ALA H 41 -9.64 -6.50 -3.70
CA ALA H 41 -10.40 -5.27 -3.82
C ALA H 41 -9.73 -4.15 -3.03
N THR H 42 -9.32 -3.08 -3.72
CA THR H 42 -8.63 -1.93 -3.10
C THR H 42 -9.56 -1.13 -2.18
N ASP H 43 -10.89 -1.23 -2.38
CA ASP H 43 -11.88 -0.54 -1.54
C ASP H 43 -12.04 -1.18 -0.13
N GLY H 44 -11.37 -2.31 0.09
CA GLY H 44 -11.37 -3.02 1.37
C GLY H 44 -12.33 -4.18 1.49
N THR H 45 -13.20 -4.39 0.47
CA THR H 45 -14.20 -5.46 0.45
C THR H 45 -13.55 -6.85 0.44
N LEU H 46 -14.01 -7.74 1.32
CA LEU H 46 -13.52 -9.11 1.43
C LEU H 46 -14.49 -10.09 0.79
N LYS H 47 -13.97 -10.96 -0.09
CA LYS H 47 -14.76 -12.02 -0.73
C LYS H 47 -14.41 -13.31 0.04
N ILE H 48 -15.34 -13.76 0.88
CA ILE H 48 -15.16 -14.93 1.75
C ILE H 48 -15.85 -16.17 1.21
N GLN H 49 -15.12 -17.30 1.12
CA GLN H 49 -15.67 -18.59 0.68
C GLN H 49 -15.88 -19.50 1.88
N VAL H 50 -17.10 -20.03 2.01
CA VAL H 50 -17.53 -20.87 3.12
C VAL H 50 -18.07 -22.25 2.65
N SER H 51 -18.13 -23.26 3.53
CA SER H 51 -18.61 -24.61 3.18
C SER H 51 -20.13 -24.72 2.99
N LEU H 52 -20.92 -23.80 3.59
CA LEU H 52 -22.38 -23.77 3.45
C LEU H 52 -22.84 -22.94 2.23
N GLN H 53 -24.15 -22.95 1.93
CA GLN H 53 -24.74 -22.22 0.81
C GLN H 53 -25.88 -21.29 1.26
N ILE H 54 -25.68 -19.96 1.09
CA ILE H 54 -26.63 -18.91 1.47
C ILE H 54 -27.56 -18.54 0.31
N GLY H 55 -28.84 -18.35 0.61
CA GLY H 55 -29.85 -17.96 -0.35
C GLY H 55 -30.50 -19.10 -1.10
N ILE H 56 -30.23 -20.35 -0.69
CA ILE H 56 -30.75 -21.57 -1.32
C ILE H 56 -31.30 -22.49 -0.22
N LYS H 57 -32.50 -23.06 -0.46
CA LYS H 57 -33.15 -24.01 0.45
C LYS H 57 -32.74 -25.44 0.08
N THR H 58 -33.07 -26.43 0.94
CA THR H 58 -32.77 -27.85 0.72
C THR H 58 -33.40 -28.42 -0.56
N ASP H 59 -34.56 -27.88 -0.96
CA ASP H 59 -35.29 -28.27 -2.17
C ASP H 59 -34.74 -27.59 -3.44
N ASP H 60 -33.58 -26.88 -3.30
CA ASP H 60 -32.81 -26.15 -4.34
C ASP H 60 -33.35 -24.75 -4.70
N SER H 61 -34.58 -24.40 -4.25
CA SER H 61 -35.21 -23.11 -4.53
C SER H 61 -34.43 -21.95 -3.91
N HIS H 62 -34.40 -20.80 -4.62
CA HIS H 62 -33.71 -19.60 -4.18
C HIS H 62 -34.57 -18.77 -3.24
N ASP H 63 -34.06 -18.50 -2.03
CA ASP H 63 -34.73 -17.73 -0.99
C ASP H 63 -33.67 -16.99 -0.18
N TRP H 64 -33.59 -15.65 -0.35
CA TRP H 64 -32.61 -14.78 0.31
C TRP H 64 -32.66 -14.79 1.84
N THR H 65 -33.82 -15.11 2.44
CA THR H 65 -34.01 -15.18 3.90
C THR H 65 -33.53 -16.52 4.48
N LYS H 66 -33.22 -17.49 3.60
CA LYS H 66 -32.79 -18.84 3.99
C LYS H 66 -31.30 -19.12 3.72
N LEU H 67 -30.79 -20.18 4.38
CA LEU H 67 -29.40 -20.65 4.32
C LEU H 67 -29.42 -22.18 4.44
N ARG H 68 -28.59 -22.87 3.63
CA ARG H 68 -28.48 -24.33 3.72
C ARG H 68 -27.08 -24.79 4.11
N TYR H 69 -27.00 -25.65 5.12
CA TYR H 69 -25.78 -26.19 5.70
C TYR H 69 -25.89 -27.71 5.83
N MET H 70 -24.76 -28.42 5.87
CA MET H 70 -24.75 -29.87 6.03
C MET H 70 -24.95 -30.24 7.52
N ASP H 71 -26.14 -30.78 7.84
CA ASP H 71 -26.48 -31.19 9.20
C ASP H 71 -26.17 -32.68 9.36
N ASN H 72 -24.92 -32.97 9.77
CA ASN H 72 -24.36 -34.31 9.96
C ASN H 72 -24.43 -35.16 8.67
N HIS H 73 -25.56 -35.89 8.47
CA HIS H 73 -25.77 -36.76 7.32
C HIS H 73 -26.41 -36.08 6.10
N MET H 74 -27.42 -35.22 6.32
CA MET H 74 -28.16 -34.55 5.25
C MET H 74 -28.22 -33.01 5.40
N PRO H 75 -28.36 -32.24 4.30
CA PRO H 75 -28.46 -30.77 4.45
C PRO H 75 -29.75 -30.30 5.10
N ALA H 76 -29.68 -29.20 5.88
CA ALA H 76 -30.82 -28.62 6.59
C ALA H 76 -30.91 -27.10 6.37
N ASP H 77 -32.10 -26.53 6.58
CA ASP H 77 -32.36 -25.09 6.42
C ASP H 77 -32.08 -24.31 7.70
N ALA H 78 -31.54 -23.09 7.54
CA ALA H 78 -31.21 -22.14 8.60
C ALA H 78 -31.55 -20.72 8.15
N GLU H 79 -31.68 -19.78 9.11
CA GLU H 79 -32.01 -18.38 8.81
C GLU H 79 -30.80 -17.57 8.38
N ARG H 80 -31.00 -16.68 7.39
CA ARG H 80 -29.95 -15.79 6.89
C ARG H 80 -29.64 -14.68 7.90
N ALA H 81 -30.63 -14.28 8.71
CA ALA H 81 -30.49 -13.25 9.75
C ALA H 81 -29.48 -13.64 10.84
N GLY H 82 -29.38 -14.95 11.09
CA GLY H 82 -28.47 -15.53 12.08
C GLY H 82 -27.02 -15.62 11.62
N LEU H 83 -26.77 -15.39 10.32
CA LEU H 83 -25.42 -15.41 9.73
C LEU H 83 -24.66 -14.16 10.17
N PHE H 84 -23.41 -14.35 10.63
CA PHE H 84 -22.55 -13.26 11.09
C PHE H 84 -21.10 -13.42 10.63
N VAL H 85 -20.43 -12.28 10.40
CA VAL H 85 -19.02 -12.20 10.01
C VAL H 85 -18.36 -11.21 10.98
N ARG H 86 -17.20 -11.57 11.54
CA ARG H 86 -16.47 -10.71 12.48
C ARG H 86 -14.95 -10.93 12.45
N THR H 87 -14.20 -9.85 12.73
CA THR H 87 -12.74 -9.87 12.82
C THR H 87 -12.38 -9.62 14.28
N SER H 88 -12.10 -8.36 14.65
CA SER H 88 -11.84 -7.95 16.02
C SER H 88 -13.17 -7.45 16.62
N ALA H 89 -14.11 -7.09 15.73
CA ALA H 89 -15.45 -6.59 15.99
C ALA H 89 -16.39 -7.04 14.83
N PRO H 90 -17.74 -6.96 14.94
CA PRO H 90 -18.60 -7.41 13.83
C PRO H 90 -18.40 -6.67 12.50
N CYS H 91 -18.56 -7.40 11.38
CA CYS H 91 -18.43 -6.88 10.01
C CYS H 91 -19.78 -6.49 9.44
N THR H 92 -19.77 -5.69 8.36
CA THR H 92 -20.97 -5.27 7.63
C THR H 92 -21.03 -6.15 6.38
N ILE H 93 -22.02 -7.06 6.32
CA ILE H 93 -22.20 -7.96 5.18
C ILE H 93 -22.90 -7.19 4.06
N THR H 94 -22.24 -7.10 2.89
CA THR H 94 -22.74 -6.36 1.72
C THR H 94 -23.41 -7.23 0.65
N GLY H 95 -23.22 -8.55 0.72
CA GLY H 95 -23.81 -9.49 -0.23
C GLY H 95 -23.53 -10.94 0.12
N THR H 96 -24.53 -11.81 -0.14
CA THR H 96 -24.46 -13.27 0.11
C THR H 96 -25.16 -14.05 -0.99
N MET H 97 -24.49 -15.11 -1.49
CA MET H 97 -24.98 -16.03 -2.53
C MET H 97 -24.11 -17.28 -2.56
N GLY H 98 -24.73 -18.43 -2.31
CA GLY H 98 -24.07 -19.73 -2.27
C GLY H 98 -22.96 -19.81 -1.24
N HIS H 99 -21.78 -20.24 -1.67
CA HIS H 99 -20.59 -20.36 -0.83
C HIS H 99 -19.91 -19.02 -0.54
N PHE H 100 -20.40 -17.92 -1.14
CA PHE H 100 -19.76 -16.61 -1.04
C PHE H 100 -20.45 -15.53 -0.21
N ILE H 101 -19.61 -14.78 0.55
CA ILE H 101 -20.01 -13.67 1.40
C ILE H 101 -19.12 -12.45 1.09
N LEU H 102 -19.74 -11.27 0.97
CA LEU H 102 -19.05 -10.01 0.79
C LEU H 102 -19.16 -9.24 2.10
N ALA H 103 -18.03 -8.79 2.64
CA ALA H 103 -18.03 -8.08 3.91
C ALA H 103 -17.01 -6.94 4.02
N ARG H 104 -17.40 -5.88 4.73
CA ARG H 104 -16.56 -4.72 5.05
C ARG H 104 -16.23 -4.90 6.53
N CYS H 105 -14.97 -5.22 6.82
CA CYS H 105 -14.49 -5.54 8.16
C CYS H 105 -13.55 -4.51 8.77
N PRO H 106 -13.60 -4.29 10.10
CA PRO H 106 -12.62 -3.39 10.73
C PRO H 106 -11.26 -4.11 10.88
N LYS H 107 -10.21 -3.39 11.31
CA LYS H 107 -8.86 -3.94 11.50
C LYS H 107 -8.88 -5.15 12.45
N GLY H 108 -8.21 -6.24 12.04
CA GLY H 108 -8.16 -7.47 12.83
C GLY H 108 -7.02 -8.41 12.49
N GLU H 109 -6.91 -9.49 13.28
CA GLU H 109 -5.87 -10.53 13.13
C GLU H 109 -6.47 -11.91 12.85
N THR H 110 -7.79 -12.06 12.99
CA THR H 110 -8.55 -13.29 12.75
C THR H 110 -9.83 -12.98 11.96
N LEU H 111 -10.43 -14.00 11.33
CA LEU H 111 -11.69 -13.85 10.60
C LEU H 111 -12.64 -14.99 10.99
N THR H 112 -13.81 -14.63 11.51
CA THR H 112 -14.85 -15.55 11.98
C THR H 112 -16.14 -15.41 11.18
N VAL H 113 -16.68 -16.55 10.72
CA VAL H 113 -17.95 -16.64 10.00
C VAL H 113 -18.80 -17.68 10.74
N GLY H 114 -20.01 -17.28 11.14
CA GLY H 114 -20.92 -18.15 11.87
C GLY H 114 -22.38 -18.03 11.51
N PHE H 115 -23.23 -18.90 12.12
CA PHE H 115 -24.68 -18.98 11.92
C PHE H 115 -25.38 -19.75 13.08
N THR H 116 -26.73 -19.86 12.99
CA THR H 116 -27.60 -20.57 13.96
C THR H 116 -28.40 -21.64 13.18
N ASP H 117 -28.52 -22.88 13.73
CA ASP H 117 -29.21 -24.01 13.11
C ASP H 117 -30.75 -23.86 13.06
N SER H 118 -31.46 -24.72 13.82
CA SER H 118 -32.91 -24.80 13.96
C SER H 118 -33.20 -24.95 15.46
N ARG H 119 -32.38 -25.78 16.14
CA ARG H 119 -32.43 -26.06 17.58
C ARG H 119 -31.36 -25.17 18.25
N LYS H 120 -31.22 -23.92 17.73
CA LYS H 120 -30.24 -22.89 18.10
C LYS H 120 -28.82 -23.37 17.73
N ILE H 121 -27.95 -23.65 18.73
CA ILE H 121 -26.57 -24.13 18.58
C ILE H 121 -25.74 -23.33 17.55
N SER H 122 -24.98 -22.34 18.02
CA SER H 122 -24.15 -21.51 17.17
C SER H 122 -22.91 -22.24 16.65
N HIS H 123 -22.67 -22.18 15.34
CA HIS H 123 -21.52 -22.77 14.68
C HIS H 123 -20.69 -21.66 14.06
N SER H 124 -19.42 -21.56 14.44
CA SER H 124 -18.52 -20.54 13.93
C SER H 124 -17.18 -21.16 13.52
N CYS H 125 -16.47 -20.49 12.61
CA CYS H 125 -15.16 -20.92 12.13
C CYS H 125 -14.17 -19.77 12.11
N THR H 126 -13.13 -19.84 12.94
CA THR H 126 -12.11 -18.81 13.07
C THR H 126 -10.80 -19.24 12.39
N HIS H 127 -10.29 -18.38 11.50
CA HIS H 127 -9.04 -18.57 10.76
C HIS H 127 -8.13 -17.36 10.99
N PRO H 128 -6.80 -17.55 11.15
CA PRO H 128 -5.91 -16.38 11.31
C PRO H 128 -5.80 -15.61 9.99
N PHE H 129 -6.24 -14.34 10.00
CA PHE H 129 -6.22 -13.49 8.81
C PHE H 129 -5.92 -12.04 9.17
N HIS H 130 -4.79 -11.52 8.68
CA HIS H 130 -4.40 -10.13 8.93
C HIS H 130 -5.19 -9.19 8.02
N HIS H 131 -6.13 -8.44 8.62
CA HIS H 131 -6.97 -7.50 7.89
C HIS H 131 -6.71 -6.07 8.37
N ASP H 132 -6.14 -5.26 7.48
CA ASP H 132 -5.86 -3.84 7.68
C ASP H 132 -5.82 -3.27 6.26
N PRO H 133 -7.00 -2.98 5.66
CA PRO H 133 -7.02 -2.52 4.26
C PRO H 133 -6.28 -1.22 3.98
N PRO H 134 -5.50 -1.14 2.88
CA PRO H 134 -4.77 0.10 2.57
C PRO H 134 -5.68 1.26 2.20
N VAL H 135 -5.21 2.48 2.45
CA VAL H 135 -5.92 3.73 2.16
C VAL H 135 -6.09 3.97 0.66
N ILE H 136 -7.33 4.32 0.24
CA ILE H 136 -7.63 4.70 -1.13
C ILE H 136 -7.49 6.22 -1.18
N GLY H 137 -6.49 6.67 -1.93
CA GLY H 137 -6.17 8.08 -2.06
C GLY H 137 -5.08 8.51 -1.12
N ARG H 138 -5.22 9.73 -0.56
CA ARG H 138 -4.24 10.34 0.34
C ARG H 138 -4.85 10.81 1.67
N GLU H 139 -6.07 10.34 1.99
CA GLU H 139 -6.78 10.69 3.23
C GLU H 139 -7.42 9.46 3.87
N LYS H 140 -7.10 9.22 5.17
CA LYS H 140 -7.64 8.09 5.92
C LYS H 140 -8.97 8.48 6.56
N PHE H 141 -10.08 8.28 5.82
CA PHE H 141 -11.45 8.61 6.26
C PHE H 141 -12.22 7.38 6.75
N HIS H 142 -13.32 7.62 7.49
CA HIS H 142 -14.17 6.57 8.07
C HIS H 142 -15.38 6.19 7.20
N SER H 143 -16.24 7.18 6.87
CA SER H 143 -17.45 6.97 6.07
C SER H 143 -17.31 7.42 4.62
N ARG H 144 -17.95 6.70 3.68
CA ARG H 144 -17.90 7.01 2.25
C ARG H 144 -18.74 8.24 1.87
N PRO H 145 -18.15 9.25 1.18
CA PRO H 145 -18.94 10.44 0.82
C PRO H 145 -19.69 10.33 -0.51
N GLN H 146 -20.72 11.19 -0.69
CA GLN H 146 -21.53 11.25 -1.92
C GLN H 146 -20.71 11.94 -3.02
N HIS H 147 -20.07 13.08 -2.68
CA HIS H 147 -19.22 13.87 -3.58
C HIS H 147 -17.75 13.78 -3.14
N GLY H 148 -16.86 13.78 -4.14
CA GLY H 148 -15.43 13.75 -3.94
C GLY H 148 -14.66 13.47 -5.21
N LYS H 149 -13.32 13.35 -5.08
CA LYS H 149 -12.42 13.06 -6.19
C LYS H 149 -12.62 11.61 -6.65
N GLU H 150 -12.80 11.41 -7.96
CA GLU H 150 -13.00 10.09 -8.54
C GLU H 150 -11.65 9.42 -8.76
N LEU H 151 -11.37 8.36 -7.97
CA LEU H 151 -10.12 7.61 -8.07
C LEU H 151 -10.37 6.16 -8.46
N PRO H 152 -9.50 5.55 -9.33
CA PRO H 152 -9.73 4.15 -9.72
C PRO H 152 -9.52 3.18 -8.57
N CYS H 153 -10.50 2.28 -8.35
CA CYS H 153 -10.48 1.27 -7.30
C CYS H 153 -11.18 -0.01 -7.78
N SER H 154 -10.91 -1.14 -7.10
CA SER H 154 -11.55 -2.41 -7.42
C SER H 154 -12.44 -2.87 -6.29
N THR H 155 -13.52 -3.57 -6.64
CA THR H 155 -14.51 -4.12 -5.69
C THR H 155 -15.11 -5.40 -6.24
N TYR H 156 -15.80 -6.17 -5.39
CA TYR H 156 -16.53 -7.36 -5.80
C TYR H 156 -17.96 -6.88 -5.94
N VAL H 157 -18.50 -6.90 -7.17
CA VAL H 157 -19.85 -6.40 -7.49
C VAL H 157 -20.97 -7.07 -6.69
N GLN H 158 -21.94 -6.26 -6.21
CA GLN H 158 -23.09 -6.68 -5.41
C GLN H 158 -24.05 -7.62 -6.15
N SER H 159 -24.00 -7.63 -7.50
CA SER H 159 -24.85 -8.42 -8.39
C SER H 159 -24.83 -9.92 -8.15
N THR H 160 -26.02 -10.54 -8.21
CA THR H 160 -26.28 -11.97 -8.04
C THR H 160 -25.65 -12.80 -9.18
N ALA H 161 -25.78 -12.30 -10.43
CA ALA H 161 -25.29 -12.90 -11.68
C ALA H 161 -23.88 -13.46 -11.61
N ALA H 162 -23.69 -14.68 -12.17
CA ALA H 162 -22.43 -15.40 -12.23
C ALA H 162 -22.08 -15.67 -13.69
N THR H 163 -21.15 -14.86 -14.27
CA THR H 163 -20.77 -14.96 -15.67
C THR H 163 -19.26 -15.02 -15.98
N THR H 164 -18.40 -14.47 -15.11
CA THR H 164 -16.95 -14.45 -15.35
C THR H 164 -16.12 -15.42 -14.52
N GLU H 165 -16.02 -15.17 -13.18
CA GLU H 165 -15.23 -16.01 -12.26
C GLU H 165 -15.83 -17.40 -12.06
N GLU H 166 -14.98 -18.38 -11.69
CA GLU H 166 -15.39 -19.78 -11.50
C GLU H 166 -14.62 -20.55 -10.41
N ILE H 167 -15.17 -21.71 -9.99
CA ILE H 167 -14.58 -22.62 -9.02
C ILE H 167 -14.65 -24.06 -9.56
N GLU H 168 -13.72 -24.92 -9.11
CA GLU H 168 -13.70 -26.33 -9.51
C GLU H 168 -14.59 -27.13 -8.59
N VAL H 169 -15.37 -28.06 -9.17
CA VAL H 169 -16.29 -28.94 -8.44
C VAL H 169 -16.09 -30.40 -8.87
N HIS H 170 -16.42 -31.35 -7.98
CA HIS H 170 -16.35 -32.79 -8.23
C HIS H 170 -17.26 -33.56 -7.28
N MET H 171 -17.47 -34.86 -7.56
CA MET H 171 -18.27 -35.76 -6.73
C MET H 171 -17.66 -35.87 -5.32
N PRO H 172 -18.49 -35.89 -4.29
CA PRO H 172 -18.06 -35.75 -2.90
C PRO H 172 -17.13 -36.85 -2.39
N PRO H 173 -16.75 -36.76 -1.13
CA PRO H 173 -15.86 -37.72 -0.49
C PRO H 173 -16.62 -38.71 0.40
N ASP H 174 -16.59 -38.51 1.71
CA ASP H 174 -17.27 -39.42 2.62
C ASP H 174 -17.37 -38.94 4.07
N THR H 175 -18.53 -38.41 4.44
CA THR H 175 -18.87 -38.11 5.82
C THR H 175 -18.83 -39.40 6.69
N PRO H 176 -17.82 -39.58 7.58
CA PRO H 176 -17.79 -40.81 8.40
C PRO H 176 -18.92 -40.90 9.40
N ASP H 177 -19.55 -42.09 9.48
CA ASP H 177 -20.67 -42.38 10.38
C ASP H 177 -20.62 -43.84 10.83
N ARG H 178 -20.30 -44.05 12.11
CA ARG H 178 -20.19 -45.39 12.70
C ARG H 178 -21.54 -46.06 13.00
N THR H 179 -22.65 -45.27 12.99
CA THR H 179 -24.01 -45.77 13.24
C THR H 179 -24.53 -46.62 12.07
N LEU H 180 -23.87 -46.53 10.88
CA LEU H 180 -24.21 -47.28 9.66
C LEU H 180 -23.92 -48.79 9.85
N MET H 181 -22.97 -49.13 10.75
CA MET H 181 -22.57 -50.50 11.04
C MET H 181 -23.03 -51.01 12.40
N SER H 182 -23.43 -52.30 12.43
CA SER H 182 -23.88 -53.03 13.62
C SER H 182 -23.41 -54.49 13.57
N GLN H 183 -23.41 -55.18 14.74
CA GLN H 183 -22.98 -56.57 14.86
C GLN H 183 -24.11 -57.60 14.70
N GLN H 184 -24.06 -58.44 13.64
CA GLN H 184 -25.08 -59.48 13.40
C GLN H 184 -24.55 -60.91 13.09
N SER H 185 -24.40 -61.77 14.11
CA SER H 185 -24.58 -61.49 15.54
C SER H 185 -23.21 -61.15 16.11
N GLY H 186 -22.17 -61.69 15.46
CA GLY H 186 -20.77 -61.47 15.76
C GLY H 186 -20.01 -61.12 14.49
N ASN H 187 -20.75 -60.63 13.48
CA ASN H 187 -20.26 -60.20 12.15
C ASN H 187 -20.63 -58.72 11.92
N VAL H 188 -20.25 -58.13 10.76
CA VAL H 188 -20.52 -56.72 10.45
C VAL H 188 -21.69 -56.55 9.47
N LYS H 189 -22.69 -55.75 9.86
CA LYS H 189 -23.87 -55.42 9.05
C LYS H 189 -23.83 -53.93 8.71
N ILE H 190 -23.81 -53.60 7.41
CA ILE H 190 -23.81 -52.21 6.92
C ILE H 190 -25.16 -51.89 6.29
N THR H 191 -25.97 -51.10 7.02
CA THR H 191 -27.30 -50.67 6.57
C THR H 191 -27.24 -49.30 5.91
N VAL H 192 -27.36 -49.30 4.57
CA VAL H 192 -27.26 -48.15 3.68
C VAL H 192 -28.27 -46.99 3.89
N ASN H 193 -29.55 -47.33 4.20
CA ASN H 193 -30.66 -46.38 4.39
C ASN H 193 -30.91 -45.39 3.22
N GLY H 194 -30.94 -45.94 2.02
CA GLY H 194 -31.18 -45.19 0.78
C GLY H 194 -30.11 -44.18 0.40
N GLN H 195 -28.86 -44.43 0.83
CA GLN H 195 -27.71 -43.55 0.57
C GLN H 195 -26.58 -44.33 -0.12
N THR H 196 -25.52 -43.63 -0.53
CA THR H 196 -24.32 -44.22 -1.13
C THR H 196 -23.29 -44.23 0.00
N VAL H 197 -22.86 -45.45 0.41
CA VAL H 197 -21.91 -45.59 1.53
C VAL H 197 -20.61 -46.24 1.08
N ARG H 198 -19.47 -45.59 1.40
CA ARG H 198 -18.14 -46.10 1.11
C ARG H 198 -17.65 -46.83 2.35
N TYR H 199 -17.39 -48.14 2.22
CA TYR H 199 -16.93 -48.96 3.33
C TYR H 199 -15.61 -49.69 3.09
N LYS H 200 -14.83 -49.85 4.16
CA LYS H 200 -13.54 -50.54 4.17
C LYS H 200 -13.42 -51.33 5.47
N CYS H 201 -13.17 -52.65 5.35
CA CYS H 201 -13.04 -53.56 6.49
C CYS H 201 -11.67 -54.23 6.51
N ASN H 202 -11.10 -54.41 7.71
CA ASN H 202 -9.80 -55.06 7.90
C ASN H 202 -9.98 -56.60 7.95
N CYS H 203 -10.75 -57.13 6.98
CA CYS H 203 -11.09 -58.55 6.82
C CYS H 203 -11.05 -58.94 5.33
N GLY H 204 -10.98 -60.25 5.07
CA GLY H 204 -10.92 -60.81 3.72
C GLY H 204 -12.25 -60.82 3.00
N GLY H 205 -12.22 -61.27 1.74
CA GLY H 205 -13.40 -61.36 0.88
C GLY H 205 -13.73 -60.06 0.18
N SER H 206 -14.74 -59.34 0.68
CA SER H 206 -15.18 -58.06 0.13
C SER H 206 -15.01 -56.93 1.15
N ASN H 207 -14.27 -55.88 0.77
CA ASN H 207 -13.99 -54.71 1.61
C ASN H 207 -13.93 -53.39 0.82
N GLU H 208 -14.46 -53.38 -0.42
CA GLU H 208 -14.49 -52.18 -1.27
C GLU H 208 -15.94 -51.66 -1.46
N GLY H 209 -16.09 -50.59 -2.25
CA GLY H 209 -17.38 -49.94 -2.48
C GLY H 209 -17.65 -48.88 -1.42
N LEU H 210 -18.54 -47.88 -1.63
CA LEU H 210 -19.43 -47.55 -2.75
C LEU H 210 -20.51 -48.57 -3.09
N THR H 211 -21.59 -48.52 -2.30
CA THR H 211 -22.76 -49.39 -2.42
C THR H 211 -24.05 -48.61 -2.21
N THR H 212 -25.10 -48.98 -2.95
CA THR H 212 -26.43 -48.38 -2.86
C THR H 212 -27.40 -49.35 -2.19
N THR H 213 -26.89 -50.53 -1.77
CA THR H 213 -27.61 -51.62 -1.11
C THR H 213 -26.89 -52.05 0.17
N ASP H 214 -27.61 -52.77 1.06
CA ASP H 214 -27.08 -53.30 2.32
C ASP H 214 -26.05 -54.40 2.09
N LYS H 215 -24.95 -54.38 2.87
CA LYS H 215 -23.86 -55.35 2.77
C LYS H 215 -23.52 -55.98 4.12
N VAL H 216 -23.14 -57.26 4.11
CA VAL H 216 -22.77 -58.03 5.30
C VAL H 216 -21.34 -58.62 5.15
N ILE H 217 -20.53 -58.48 6.22
CA ILE H 217 -19.15 -58.99 6.25
C ILE H 217 -19.06 -60.06 7.35
N ASN H 218 -19.07 -61.34 6.95
CA ASN H 218 -19.01 -62.50 7.86
C ASN H 218 -17.65 -62.68 8.51
N ASN H 219 -17.65 -63.09 9.80
CA ASN H 219 -16.48 -63.32 10.67
C ASN H 219 -15.51 -62.12 10.74
N CYS H 220 -16.10 -60.93 10.94
CA CYS H 220 -15.39 -59.65 11.04
C CYS H 220 -15.93 -58.86 12.23
N LYS H 221 -15.06 -58.04 12.86
CA LYS H 221 -15.45 -57.22 14.01
C LYS H 221 -15.81 -55.80 13.58
N VAL H 222 -16.76 -55.16 14.29
CA VAL H 222 -17.24 -53.79 14.02
C VAL H 222 -16.14 -52.71 14.13
N ASP H 223 -15.13 -52.95 14.99
CA ASP H 223 -13.99 -52.05 15.21
C ASP H 223 -13.00 -52.09 14.03
N GLN H 224 -12.98 -53.21 13.28
CA GLN H 224 -12.11 -53.43 12.11
C GLN H 224 -12.63 -52.74 10.83
N CYS H 225 -13.87 -52.19 10.89
CA CYS H 225 -14.52 -51.56 9.74
C CYS H 225 -14.65 -50.03 9.83
N HIS H 226 -14.74 -49.37 8.66
CA HIS H 226 -14.88 -47.93 8.49
C HIS H 226 -16.02 -47.64 7.50
N ALA H 227 -16.99 -46.80 7.91
CA ALA H 227 -18.14 -46.42 7.08
C ALA H 227 -18.23 -44.92 6.92
N ALA H 228 -18.59 -44.47 5.71
CA ALA H 228 -18.72 -43.05 5.37
C ALA H 228 -19.79 -42.82 4.29
N VAL H 229 -20.63 -41.81 4.47
CA VAL H 229 -21.66 -41.50 3.49
C VAL H 229 -21.11 -41.52 2.07
N THR H 230 -21.82 -42.21 1.17
CA THR H 230 -21.41 -42.30 -0.23
C THR H 230 -22.07 -41.20 -1.07
N ASN H 231 -22.01 -41.33 -2.38
CA ASN H 231 -22.61 -40.34 -3.26
C ASN H 231 -22.64 -40.69 -4.76
N HIS H 232 -21.97 -39.86 -5.54
CA HIS H 232 -22.01 -39.92 -7.01
C HIS H 232 -23.12 -39.11 -7.73
N LYS H 233 -24.21 -38.78 -7.04
CA LYS H 233 -25.34 -38.03 -7.60
C LYS H 233 -25.19 -36.51 -7.42
N LYS H 234 -24.29 -36.08 -6.53
CA LYS H 234 -24.09 -34.66 -6.23
C LYS H 234 -22.67 -34.16 -6.56
N TRP H 235 -22.52 -32.82 -6.61
CA TRP H 235 -21.26 -32.12 -6.84
C TRP H 235 -20.89 -31.35 -5.58
N GLN H 236 -19.59 -31.11 -5.40
CA GLN H 236 -19.04 -30.42 -4.23
C GLN H 236 -17.79 -29.67 -4.67
N TYR H 237 -17.54 -28.49 -4.07
CA TYR H 237 -16.35 -27.69 -4.36
C TYR H 237 -15.09 -28.52 -4.13
N ASN H 238 -14.12 -28.42 -5.06
CA ASN H 238 -12.84 -29.12 -5.00
C ASN H 238 -12.02 -28.54 -3.82
N SER H 239 -12.44 -28.92 -2.60
CA SER H 239 -11.92 -28.46 -1.33
C SER H 239 -10.69 -29.22 -0.84
N PRO H 240 -9.60 -28.51 -0.46
CA PRO H 240 -8.43 -29.22 0.09
C PRO H 240 -8.66 -29.74 1.52
N LEU H 241 -9.81 -29.39 2.12
CA LEU H 241 -10.23 -29.77 3.48
C LEU H 241 -11.10 -31.04 3.49
N VAL H 242 -11.45 -31.55 2.30
CA VAL H 242 -12.28 -32.74 2.10
C VAL H 242 -11.48 -33.73 1.20
N PRO H 243 -11.42 -35.06 1.48
CA PRO H 243 -10.63 -35.94 0.62
C PRO H 243 -11.19 -36.15 -0.79
N ARG H 244 -10.32 -36.51 -1.74
CA ARG H 244 -10.68 -36.78 -3.13
C ARG H 244 -11.39 -38.14 -3.23
N ASN H 245 -12.25 -38.33 -4.25
CA ASN H 245 -12.93 -39.61 -4.45
C ASN H 245 -11.90 -40.59 -5.03
N ALA H 246 -11.59 -41.66 -4.28
CA ALA H 246 -10.59 -42.67 -4.63
C ALA H 246 -10.90 -43.49 -5.88
N GLU H 247 -12.18 -43.88 -6.09
CA GLU H 247 -12.64 -44.69 -7.23
C GLU H 247 -12.37 -44.01 -8.58
N LEU H 248 -12.90 -42.79 -8.77
CA LEU H 248 -12.70 -42.02 -10.00
C LEU H 248 -11.34 -41.32 -9.99
N GLY H 249 -10.79 -41.05 -11.17
CA GLY H 249 -9.49 -40.41 -11.35
C GLY H 249 -9.50 -38.92 -11.07
N ASP H 250 -8.99 -38.12 -12.02
CA ASP H 250 -8.94 -36.68 -11.89
C ASP H 250 -10.14 -36.00 -12.57
N ARG H 251 -11.35 -36.55 -12.30
CA ARG H 251 -12.62 -36.05 -12.85
C ARG H 251 -13.01 -34.75 -12.17
N LYS H 252 -13.12 -33.68 -12.97
CA LYS H 252 -13.44 -32.33 -12.50
C LYS H 252 -14.60 -31.71 -13.26
N GLY H 253 -15.30 -30.82 -12.59
CA GLY H 253 -16.39 -30.00 -13.10
C GLY H 253 -16.11 -28.55 -12.75
N LYS H 254 -16.82 -27.60 -13.37
CA LYS H 254 -16.63 -26.18 -13.05
C LYS H 254 -17.93 -25.39 -13.10
N ILE H 255 -18.12 -24.46 -12.16
CA ILE H 255 -19.33 -23.64 -12.07
C ILE H 255 -18.98 -22.16 -11.90
N HIS H 256 -19.80 -21.26 -12.49
CA HIS H 256 -19.59 -19.81 -12.36
C HIS H 256 -19.96 -19.36 -10.95
N ILE H 257 -19.27 -18.34 -10.43
CA ILE H 257 -19.48 -17.84 -9.07
C ILE H 257 -19.96 -16.38 -9.01
N PRO H 258 -20.76 -15.98 -8.00
CA PRO H 258 -21.19 -14.58 -7.92
C PRO H 258 -20.10 -13.66 -7.39
N PHE H 259 -20.36 -12.34 -7.45
CA PHE H 259 -19.50 -11.25 -6.98
C PHE H 259 -18.06 -11.23 -7.55
N PRO H 260 -17.85 -11.14 -8.89
CA PRO H 260 -16.48 -11.07 -9.40
C PRO H 260 -15.82 -9.71 -9.18
N LEU H 261 -14.48 -9.69 -9.19
CA LEU H 261 -13.71 -8.46 -9.04
C LEU H 261 -13.76 -7.65 -10.35
N ALA H 262 -14.01 -6.33 -10.23
CA ALA H 262 -14.10 -5.42 -11.38
C ALA H 262 -13.58 -4.02 -11.05
N ASN H 263 -13.08 -3.30 -12.07
CA ASN H 263 -12.57 -1.94 -11.95
C ASN H 263 -13.76 -0.96 -11.86
N VAL H 264 -13.81 -0.17 -10.77
CA VAL H 264 -14.87 0.81 -10.51
C VAL H 264 -14.25 2.15 -10.06
N THR H 265 -15.08 3.07 -9.53
CA THR H 265 -14.65 4.36 -9.02
C THR H 265 -15.00 4.52 -7.54
N CYS H 266 -14.05 5.03 -6.75
CA CYS H 266 -14.22 5.27 -5.31
C CYS H 266 -14.20 6.77 -5.05
N ARG H 267 -15.23 7.28 -4.36
CA ARG H 267 -15.35 8.70 -4.02
C ARG H 267 -14.52 8.97 -2.76
N VAL H 268 -13.58 9.94 -2.84
CA VAL H 268 -12.71 10.30 -1.72
C VAL H 268 -12.87 11.79 -1.35
N PRO H 269 -12.94 12.09 -0.06
CA PRO H 269 -13.13 13.47 0.41
C PRO H 269 -11.89 14.34 0.19
N LYS H 270 -11.90 15.54 0.76
CA LYS H 270 -10.79 16.48 0.63
C LYS H 270 -10.52 17.23 1.93
N ALA H 271 -10.08 18.49 1.81
CA ALA H 271 -9.77 19.30 2.98
C ALA H 271 -9.82 20.80 2.68
N ARG H 272 -9.23 21.59 3.56
CA ARG H 272 -9.21 23.05 3.41
C ARG H 272 -7.81 23.63 3.19
N ASN H 273 -7.70 24.58 2.24
CA ASN H 273 -6.44 25.24 1.87
C ASN H 273 -5.79 25.93 3.09
N PRO H 274 -4.54 25.55 3.43
CA PRO H 274 -3.90 26.15 4.61
C PRO H 274 -3.52 27.62 4.43
N THR H 275 -3.41 28.37 5.55
CA THR H 275 -3.01 29.78 5.55
C THR H 275 -1.53 29.84 5.21
N VAL H 276 -1.22 30.41 4.02
CA VAL H 276 0.14 30.47 3.50
C VAL H 276 0.88 31.80 3.72
N THR H 277 2.13 31.70 4.24
CA THR H 277 3.04 32.82 4.51
C THR H 277 4.38 32.51 3.84
N TYR H 278 5.00 33.52 3.19
CA TYR H 278 6.25 33.36 2.46
C TYR H 278 7.46 34.02 3.13
N GLY H 279 8.65 33.48 2.81
CA GLY H 279 9.94 33.95 3.30
C GLY H 279 11.03 33.77 2.25
N LYS H 280 12.26 34.20 2.57
CA LYS H 280 13.43 34.10 1.67
C LYS H 280 13.76 32.63 1.35
N ASN H 281 13.44 32.21 0.10
CA ASN H 281 13.62 30.87 -0.44
C ASN H 281 12.92 29.76 0.39
N GLN H 282 11.80 30.12 1.05
CA GLN H 282 11.03 29.21 1.89
C GLN H 282 9.53 29.53 1.97
N VAL H 283 8.71 28.49 2.19
CA VAL H 283 7.26 28.58 2.33
C VAL H 283 6.79 28.04 3.70
N ILE H 284 5.92 28.78 4.38
CA ILE H 284 5.39 28.40 5.70
C ILE H 284 3.88 28.16 5.61
N MET H 285 3.45 26.94 5.97
CA MET H 285 2.04 26.53 5.92
C MET H 285 1.52 26.14 7.31
N LEU H 286 0.37 26.71 7.70
CA LEU H 286 -0.30 26.40 8.96
C LEU H 286 -1.42 25.41 8.63
N LEU H 287 -1.13 24.11 8.83
CA LEU H 287 -2.05 23.01 8.52
C LEU H 287 -3.06 22.76 9.63
N TYR H 288 -4.36 22.78 9.28
CA TYR H 288 -5.47 22.54 10.19
C TYR H 288 -6.33 21.35 9.67
N PRO H 289 -5.89 20.09 9.88
CA PRO H 289 -6.68 18.95 9.39
C PRO H 289 -7.81 18.53 10.31
N ASP H 290 -8.95 18.14 9.72
CA ASP H 290 -10.14 17.66 10.45
C ASP H 290 -10.06 16.14 10.62
N HIS H 291 -9.16 15.49 9.85
CA HIS H 291 -8.91 14.05 9.82
C HIS H 291 -7.49 13.78 9.28
N PRO H 292 -6.88 12.55 9.42
CA PRO H 292 -5.52 12.35 8.86
C PRO H 292 -5.40 12.70 7.39
N THR H 293 -4.44 13.57 7.05
CA THR H 293 -4.22 14.10 5.71
C THR H 293 -2.76 13.93 5.29
N LEU H 294 -2.52 13.36 4.09
CA LEU H 294 -1.19 13.14 3.54
C LEU H 294 -0.63 14.46 2.99
N LEU H 295 0.58 14.81 3.43
CA LEU H 295 1.30 16.00 2.99
C LEU H 295 2.57 15.51 2.29
N SER H 296 2.68 15.79 0.98
CA SER H 296 3.84 15.39 0.17
C SER H 296 4.43 16.59 -0.58
N TYR H 297 5.75 16.55 -0.81
CA TYR H 297 6.48 17.62 -1.51
C TYR H 297 7.71 17.15 -2.25
N ARG H 298 8.08 17.86 -3.32
CA ARG H 298 9.24 17.56 -4.17
C ARG H 298 9.79 18.81 -4.85
N ASN H 299 11.11 18.82 -5.11
CA ASN H 299 11.79 19.88 -5.84
C ASN H 299 11.57 19.62 -7.33
N GLY H 301 13.52 20.13 -9.87
CA GLY H 301 14.81 20.06 -10.53
C GLY H 301 15.32 18.64 -10.67
N GLU H 302 16.65 18.49 -10.86
CA GLU H 302 17.35 17.21 -11.04
C GLU H 302 17.24 16.31 -9.82
N GLU H 303 17.30 16.88 -8.61
CA GLU H 303 17.18 16.17 -7.34
C GLU H 303 15.80 16.51 -6.73
N PRO H 304 14.76 15.67 -6.96
CA PRO H 304 13.43 15.99 -6.41
C PRO H 304 13.31 15.88 -4.89
N ASN H 305 14.05 14.93 -4.28
CA ASN H 305 14.08 14.66 -2.82
C ASN H 305 12.66 14.57 -2.23
N TYR H 306 11.91 13.54 -2.68
CA TYR H 306 10.54 13.31 -2.26
C TYR H 306 10.44 12.99 -0.77
N GLN H 307 9.53 13.70 -0.09
CA GLN H 307 9.26 13.53 1.34
C GLN H 307 7.74 13.52 1.57
N GLU H 308 7.29 12.65 2.48
CA GLU H 308 5.87 12.53 2.83
C GLU H 308 5.64 12.30 4.32
N GLU H 309 4.52 12.85 4.83
CA GLU H 309 4.11 12.72 6.24
C GLU H 309 2.59 12.85 6.38
N TRP H 310 1.99 11.99 7.23
CA TRP H 310 0.56 12.03 7.50
C TRP H 310 0.34 13.03 8.64
N VAL H 311 -0.39 14.11 8.36
CA VAL H 311 -0.67 15.18 9.33
C VAL H 311 -1.98 14.84 10.06
N MET H 312 -1.88 14.66 11.38
CA MET H 312 -3.01 14.27 12.25
C MET H 312 -3.72 15.47 12.88
N HIS H 313 -2.95 16.40 13.46
CA HIS H 313 -3.50 17.60 14.12
C HIS H 313 -2.79 18.87 13.63
N LYS H 314 -3.02 20.02 14.31
CA LYS H 314 -2.43 21.33 14.00
C LYS H 314 -0.90 21.28 13.96
N LYS H 315 -0.32 21.57 12.79
CA LYS H 315 1.14 21.55 12.59
C LYS H 315 1.59 22.61 11.58
N GLU H 316 2.66 23.35 11.94
CA GLU H 316 3.26 24.37 11.09
C GLU H 316 4.45 23.73 10.36
N VAL H 317 4.46 23.84 9.02
CA VAL H 317 5.52 23.26 8.19
C VAL H 317 6.34 24.31 7.44
N VAL H 318 7.68 24.26 7.61
CA VAL H 318 8.62 25.18 6.96
C VAL H 318 9.34 24.38 5.87
N LEU H 319 9.09 24.74 4.61
CA LEU H 319 9.64 24.08 3.42
C LEU H 319 10.52 25.02 2.62
N THR H 320 11.71 24.54 2.21
CA THR H 320 12.64 25.33 1.40
C THR H 320 12.24 25.27 -0.07
N VAL H 321 12.06 26.45 -0.69
CA VAL H 321 11.69 26.58 -2.11
C VAL H 321 12.95 26.85 -2.95
N PRO H 322 13.44 25.84 -3.72
CA PRO H 322 14.64 26.09 -4.55
C PRO H 322 14.31 26.87 -5.83
N THR H 323 15.34 27.40 -6.51
CA THR H 323 15.23 28.18 -7.76
C THR H 323 14.46 27.43 -8.86
N GLU H 324 14.63 26.09 -8.93
CA GLU H 324 13.96 25.21 -9.88
C GLU H 324 12.45 25.09 -9.60
N GLY H 325 12.05 25.26 -8.35
CA GLY H 325 10.65 25.22 -7.92
C GLY H 325 10.33 24.09 -6.95
N LEU H 326 9.23 24.27 -6.21
CA LEU H 326 8.73 23.29 -5.24
C LEU H 326 7.24 23.00 -5.47
N GLU H 327 6.90 21.70 -5.55
CA GLU H 327 5.53 21.21 -5.73
C GLU H 327 5.06 20.59 -4.41
N VAL H 328 3.93 21.07 -3.86
CA VAL H 328 3.38 20.60 -2.58
C VAL H 328 1.95 20.07 -2.77
N THR H 329 1.68 18.83 -2.31
CA THR H 329 0.37 18.21 -2.38
C THR H 329 -0.18 18.00 -0.96
N TRP H 330 -1.32 18.64 -0.66
CA TRP H 330 -1.99 18.58 0.63
C TRP H 330 -3.32 17.83 0.49
N GLY H 331 -3.29 16.55 0.84
CA GLY H 331 -4.43 15.65 0.75
C GLY H 331 -4.90 15.43 -0.67
N ASN H 332 -6.23 15.45 -0.88
CA ASN H 332 -6.85 15.24 -2.19
C ASN H 332 -6.90 16.49 -3.08
N ASN H 333 -6.31 17.62 -2.61
CA ASN H 333 -6.24 18.86 -3.37
C ASN H 333 -5.24 18.74 -4.51
N GLU H 334 -5.41 19.57 -5.56
CA GLU H 334 -4.50 19.64 -6.70
C GLU H 334 -3.15 20.20 -6.20
N PRO H 335 -1.99 19.71 -6.70
CA PRO H 335 -0.70 20.19 -6.17
C PRO H 335 -0.44 21.70 -6.31
N TYR H 336 0.09 22.32 -5.25
CA TYR H 336 0.45 23.73 -5.22
C TYR H 336 1.88 23.86 -5.73
N LYS H 337 2.16 24.86 -6.57
CA LYS H 337 3.49 25.08 -7.12
C LYS H 337 4.06 26.41 -6.62
N TYR H 338 5.30 26.38 -6.11
CA TYR H 338 5.99 27.55 -5.57
C TYR H 338 7.33 27.80 -6.25
N TRP H 339 7.64 29.07 -6.52
CA TRP H 339 8.89 29.51 -7.16
C TRP H 339 9.43 30.77 -6.45
N PRO H 340 10.77 30.91 -6.28
CA PRO H 340 11.29 32.13 -5.64
C PRO H 340 11.31 33.32 -6.60
N GLN H 341 11.29 34.55 -6.04
CA GLN H 341 11.34 35.79 -6.80
C GLN H 341 12.77 36.17 -7.15
N LEU H 342 13.02 36.56 -8.42
CA LEU H 342 14.34 36.96 -8.90
C LEU H 342 14.72 38.34 -8.39
N SER H 343 13.88 39.27 -8.45
#